data_9RAV
#
_entry.id   9RAV
#
_cell.length_a   97.574
_cell.length_b   98.985
_cell.length_c   103.231
_cell.angle_alpha   77.680
_cell.angle_beta   75.950
_cell.angle_gamma   67.510
#
_symmetry.space_group_name_H-M   'P 1'
#
loop_
_entity.id
_entity.type
_entity.pdbx_description
1 polymer 'NADP-dependent glyceraldehyde-3-phosphate dehydrogenase'
2 non-polymer 'SULFATE ION'
3 non-polymer 4-hydroxypyridazine
4 non-polymer GLYCEROL
5 water water
#
_entity_poly.entity_id   1
_entity_poly.type   'polypeptide(L)'
_entity_poly.pdbx_seq_one_letter_code
;ASWSHPQFEKIEGRRDRGPEFLAKQYKNLVNGEWKLSENEITIYAPATGEELGSVPAMTQAEVDAVYASAKKALSDWRTL
SYVERAAYLHKAADILVRDAEKIGAILSKEVAKGHKAAVSEVIRTAEIINYAAEEGLRMEGEVLEGGSFEAASKKKIAIV
RREPVGLVLAISPFNYPVNLAGSKIAPALIAGNVVALKPPTQGSISGLLLAEAFAEAGIPAGVFNTITGRGSVIGDYIVE
HEAVNFINFTGSTPIGEGIGKLAGMRPIMLELGGKDSAIVLEDADLALAAKNIVAGAFGYSGQRSTAVKRVLVMDKVADQ
LAAEIKTLVEKLSVGMPEDDADITPLIDTSAADFVEGLIKDATDKGATALTAFNREGNLISPVLFDHVTTDMRLAWEEPF
GPVLPIIRVTTVEEAIKISNESEYGLQASIFTTNFPKAFGIAEQLEVGTVHLNNKTQRGTDNFPFLGAKKSGAGVQGVKY
SIEAMTTVKSVVFDIQ
;
_entity_poly.pdbx_strand_id   A,B,C,D,E,F,G,H
#
loop_
_chem_comp.id
_chem_comp.type
_chem_comp.name
_chem_comp.formula
A1JDY non-polymer 4-hydroxypyridazine 'C4 H4 N2 O'
GOL non-polymer GLYCEROL 'C3 H8 O3'
SO4 non-polymer 'SULFATE ION' 'O4 S -2'
#
# COMPACT_ATOMS: atom_id res chain seq x y z
N ALA A 23 39.95 -55.68 14.45
CA ALA A 23 38.54 -55.82 14.08
C ALA A 23 37.78 -56.58 15.17
N LYS A 24 36.76 -55.94 15.72
CA LYS A 24 36.02 -56.44 16.87
C LYS A 24 34.58 -56.74 16.46
N GLN A 25 33.98 -57.70 17.15
CA GLN A 25 32.56 -58.00 17.01
C GLN A 25 31.81 -57.10 18.00
N TYR A 26 31.22 -56.03 17.50
CA TYR A 26 30.56 -55.06 18.35
C TYR A 26 29.16 -55.54 18.71
N LYS A 27 28.66 -55.04 19.84
CA LYS A 27 27.38 -55.45 20.38
C LYS A 27 26.54 -54.21 20.67
N ASN A 28 25.23 -54.40 20.71
CA ASN A 28 24.33 -53.31 21.06
C ASN A 28 24.16 -53.21 22.57
N LEU A 29 24.00 -51.99 23.05
CA LEU A 29 23.66 -51.75 24.46
C LEU A 29 22.16 -51.92 24.63
N VAL A 30 21.75 -52.96 25.34
CA VAL A 30 20.33 -53.25 25.54
C VAL A 30 20.13 -53.57 27.00
N ASN A 31 19.42 -52.71 27.70
CA ASN A 31 19.07 -52.92 29.11
C ASN A 31 20.31 -53.21 29.94
N GLY A 32 21.30 -52.35 29.82
CA GLY A 32 22.51 -52.44 30.60
C GLY A 32 23.43 -53.58 30.23
N GLU A 33 23.09 -54.36 29.20
CA GLU A 33 23.89 -55.48 28.75
CA GLU A 33 23.90 -55.48 28.75
C GLU A 33 24.30 -55.26 27.29
N TRP A 34 25.40 -55.87 26.90
CA TRP A 34 25.92 -55.76 25.54
C TRP A 34 25.52 -57.02 24.78
N LYS A 35 24.59 -56.89 23.85
CA LYS A 35 23.94 -58.03 23.22
C LYS A 35 24.39 -58.23 21.78
N LEU A 36 24.71 -59.47 21.46
CA LEU A 36 24.92 -59.85 20.07
C LEU A 36 23.58 -60.30 19.49
N SER A 37 23.52 -60.31 18.16
CA SER A 37 22.40 -60.87 17.43
C SER A 37 22.86 -62.12 16.70
N GLU A 38 21.89 -62.89 16.19
CA GLU A 38 22.22 -64.11 15.46
C GLU A 38 23.01 -63.78 14.20
N ASN A 39 22.59 -62.75 13.46
CA ASN A 39 23.28 -62.30 12.26
C ASN A 39 23.98 -60.97 12.55
N GLU A 40 24.92 -60.62 11.68
CA GLU A 40 25.69 -59.40 11.86
C GLU A 40 26.10 -58.84 10.51
N ILE A 41 26.55 -57.58 10.52
CA ILE A 41 26.91 -56.84 9.32
C ILE A 41 28.37 -56.43 9.46
N THR A 42 29.21 -56.90 8.54
CA THR A 42 30.61 -56.53 8.56
C THR A 42 30.77 -55.13 7.95
N ILE A 43 31.57 -54.29 8.61
CA ILE A 43 31.77 -52.90 8.22
CA ILE A 43 31.76 -52.90 8.24
C ILE A 43 33.19 -52.74 7.71
N TYR A 44 33.33 -52.09 6.55
CA TYR A 44 34.62 -51.85 5.94
C TYR A 44 34.89 -50.35 5.84
N ALA A 45 36.14 -49.98 5.92
CA ALA A 45 36.53 -48.57 5.80
C ALA A 45 36.39 -48.13 4.36
N PRO A 46 35.60 -47.10 4.07
CA PRO A 46 35.33 -46.75 2.66
C PRO A 46 36.55 -46.32 1.87
N ALA A 47 37.60 -45.83 2.51
CA ALA A 47 38.78 -45.38 1.79
C ALA A 47 39.78 -46.50 1.52
N THR A 48 39.79 -47.54 2.34
CA THR A 48 40.77 -48.61 2.22
C THR A 48 40.18 -49.98 1.95
N GLY A 49 38.93 -50.22 2.31
CA GLY A 49 38.38 -51.56 2.29
C GLY A 49 38.76 -52.39 3.49
N GLU A 50 39.50 -51.83 4.43
CA GLU A 50 39.86 -52.53 5.65
C GLU A 50 38.62 -52.95 6.42
N GLU A 51 38.62 -54.18 6.91
CA GLU A 51 37.53 -54.68 7.74
C GLU A 51 37.71 -54.14 9.15
N LEU A 52 36.73 -53.37 9.62
CA LEU A 52 36.81 -52.74 10.94
C LEU A 52 36.12 -53.55 12.02
N GLY A 53 35.15 -54.37 11.66
CA GLY A 53 34.40 -55.13 12.64
C GLY A 53 33.02 -55.40 12.11
N SER A 54 32.18 -55.94 12.98
CA SER A 54 30.80 -56.25 12.65
C SER A 54 29.88 -55.69 13.73
N VAL A 55 28.68 -55.30 13.33
CA VAL A 55 27.64 -54.86 14.25
C VAL A 55 26.47 -55.81 14.10
N PRO A 56 25.61 -55.93 15.12
CA PRO A 56 24.49 -56.86 15.05
C PRO A 56 23.49 -56.46 13.98
N ALA A 57 22.85 -57.48 13.39
CA ALA A 57 21.73 -57.28 12.48
C ALA A 57 20.50 -57.70 13.26
N MET A 58 19.87 -56.74 13.93
CA MET A 58 18.80 -57.03 14.86
C MET A 58 17.52 -57.46 14.15
N THR A 59 16.73 -58.26 14.84
CA THR A 59 15.41 -58.66 14.39
C THR A 59 14.36 -57.73 14.98
N GLN A 60 13.15 -57.80 14.43
CA GLN A 60 12.07 -56.99 14.99
C GLN A 60 11.79 -57.37 16.44
N ALA A 61 12.00 -58.65 16.79
CA ALA A 61 11.79 -59.05 18.19
C ALA A 61 12.84 -58.43 19.10
N GLU A 62 14.07 -58.30 18.60
CA GLU A 62 15.12 -57.67 19.39
C GLU A 62 14.86 -56.17 19.52
N VAL A 63 14.27 -55.57 18.49
CA VAL A 63 13.83 -54.18 18.63
C VAL A 63 12.78 -54.06 19.72
N ASP A 64 11.80 -54.96 19.73
CA ASP A 64 10.79 -54.93 20.79
C ASP A 64 11.45 -54.98 22.16
N ALA A 65 12.47 -55.83 22.32
CA ALA A 65 13.12 -55.98 23.62
C ALA A 65 13.83 -54.69 24.03
N VAL A 66 14.39 -53.97 23.07
CA VAL A 66 15.00 -52.68 23.36
C VAL A 66 13.94 -51.71 23.88
N TYR A 67 12.85 -51.55 23.12
CA TYR A 67 11.81 -50.60 23.52
C TYR A 67 11.16 -51.02 24.83
N ALA A 68 10.99 -52.34 25.03
CA ALA A 68 10.44 -52.82 26.30
C ALA A 68 11.32 -52.41 27.47
N SER A 69 12.64 -52.58 27.33
CA SER A 69 13.55 -52.18 28.39
C SER A 69 13.46 -50.68 28.65
N ALA A 70 13.42 -49.89 27.58
CA ALA A 70 13.37 -48.44 27.73
C ALA A 70 12.10 -48.00 28.45
N LYS A 71 10.94 -48.53 28.03
CA LYS A 71 9.70 -48.10 28.67
C LYS A 71 9.66 -48.51 30.12
N LYS A 72 10.29 -49.64 30.46
CA LYS A 72 10.34 -50.06 31.85
C LYS A 72 11.27 -49.18 32.66
N ALA A 73 12.34 -48.67 32.04
CA ALA A 73 13.30 -47.83 32.75
C ALA A 73 12.83 -46.39 32.88
N LEU A 74 11.82 -46.01 32.10
CA LEU A 74 11.44 -44.60 32.02
C LEU A 74 10.96 -44.04 33.35
N SER A 75 10.13 -44.79 34.08
CA SER A 75 9.54 -44.24 35.30
C SER A 75 10.62 -43.88 36.33
N ASP A 76 11.53 -44.81 36.58
CA ASP A 76 12.58 -44.52 37.55
C ASP A 76 13.49 -43.39 37.08
N TRP A 77 13.66 -43.26 35.77
CA TRP A 77 14.60 -42.28 35.25
C TRP A 77 14.00 -40.89 35.26
N ARG A 78 12.72 -40.77 34.93
CA ARG A 78 12.07 -39.45 34.93
C ARG A 78 11.85 -38.92 36.33
N THR A 79 11.83 -39.80 37.35
CA THR A 79 11.65 -39.36 38.73
C THR A 79 12.95 -38.93 39.39
N LEU A 80 14.10 -39.30 38.82
CA LEU A 80 15.36 -38.75 39.30
C LEU A 80 15.33 -37.24 39.22
N SER A 81 16.17 -36.60 40.04
CA SER A 81 16.28 -35.15 39.97
C SER A 81 17.08 -34.80 38.73
N TYR A 82 16.93 -33.55 38.29
CA TYR A 82 17.74 -33.06 37.18
C TYR A 82 19.22 -33.24 37.46
N VAL A 83 19.66 -32.92 38.67
CA VAL A 83 21.10 -32.97 38.96
C VAL A 83 21.59 -34.39 38.86
N GLU A 84 20.76 -35.38 39.20
CA GLU A 84 21.17 -36.77 39.09
C GLU A 84 21.32 -37.20 37.64
N ARG A 85 20.40 -36.76 36.78
CA ARG A 85 20.55 -37.08 35.37
C ARG A 85 21.74 -36.38 34.76
N ALA A 86 21.96 -35.11 35.14
CA ALA A 86 23.10 -34.36 34.64
C ALA A 86 24.40 -35.03 35.00
N ALA A 87 24.48 -35.61 36.20
CA ALA A 87 25.70 -36.24 36.65
C ALA A 87 26.13 -37.35 35.71
N TYR A 88 25.16 -38.14 35.24
CA TYR A 88 25.47 -39.19 34.27
C TYR A 88 26.00 -38.60 32.97
N LEU A 89 25.39 -37.49 32.52
CA LEU A 89 25.81 -36.90 31.25
C LEU A 89 27.23 -36.36 31.35
N HIS A 90 27.54 -35.66 32.44
CA HIS A 90 28.92 -35.17 32.60
C HIS A 90 29.92 -36.31 32.60
N LYS A 91 29.60 -37.39 33.31
CA LYS A 91 30.52 -38.53 33.36
C LYS A 91 30.74 -39.12 31.98
N ALA A 92 29.67 -39.21 31.18
CA ALA A 92 29.82 -39.77 29.83
C ALA A 92 30.69 -38.86 28.97
N ALA A 93 30.53 -37.55 29.12
CA ALA A 93 31.35 -36.62 28.37
C ALA A 93 32.80 -36.72 28.78
N ASP A 94 33.08 -36.85 30.09
CA ASP A 94 34.45 -37.02 30.55
C ASP A 94 35.09 -38.27 29.92
N ILE A 95 34.33 -39.35 29.85
CA ILE A 95 34.84 -40.57 29.25
C ILE A 95 35.11 -40.37 27.76
N LEU A 96 34.26 -39.60 27.08
CA LEU A 96 34.46 -39.36 25.66
C LEU A 96 35.73 -38.57 25.45
N VAL A 97 35.95 -37.52 26.25
CA VAL A 97 37.18 -36.74 26.14
C VAL A 97 38.38 -37.65 26.32
N ARG A 98 38.33 -38.51 27.34
CA ARG A 98 39.42 -39.43 27.61
C ARG A 98 39.74 -40.28 26.39
N ASP A 99 38.71 -40.82 25.75
CA ASP A 99 38.87 -41.77 24.66
C ASP A 99 38.71 -41.13 23.29
N ALA A 100 38.92 -39.82 23.18
CA ALA A 100 38.68 -39.14 21.91
C ALA A 100 39.58 -39.71 20.81
N GLU A 101 40.86 -39.89 21.11
CA GLU A 101 41.76 -40.46 20.12
C GLU A 101 41.31 -41.86 19.72
N LYS A 102 41.02 -42.71 20.71
CA LYS A 102 40.64 -44.09 20.44
C LYS A 102 39.38 -44.15 19.58
N ILE A 103 38.38 -43.30 19.90
CA ILE A 103 37.13 -43.31 19.15
C ILE A 103 37.34 -42.64 17.78
N GLY A 104 37.99 -41.48 17.79
CA GLY A 104 38.24 -40.78 16.52
C GLY A 104 38.98 -41.62 15.50
N ALA A 105 39.92 -42.44 15.97
CA ALA A 105 40.69 -43.27 15.06
C ALA A 105 39.79 -44.24 14.31
N ILE A 106 38.82 -44.82 15.02
CA ILE A 106 37.91 -45.78 14.38
C ILE A 106 36.86 -45.05 13.55
N LEU A 107 36.36 -43.94 14.08
CA LEU A 107 35.41 -43.12 13.34
C LEU A 107 36.00 -42.63 12.03
N SER A 108 37.27 -42.21 12.05
CA SER A 108 37.94 -41.80 10.82
C SER A 108 37.86 -42.88 9.76
N LYS A 109 38.21 -44.12 10.11
CA LYS A 109 38.17 -45.21 9.14
C LYS A 109 36.75 -45.50 8.68
N GLU A 110 35.80 -45.48 9.61
CA GLU A 110 34.47 -46.00 9.28
C GLU A 110 33.78 -45.13 8.24
N VAL A 111 33.95 -43.80 8.32
CA VAL A 111 33.26 -42.90 7.42
C VAL A 111 34.24 -42.07 6.58
N ALA A 112 35.50 -42.51 6.52
CA ALA A 112 36.50 -41.88 5.66
C ALA A 112 36.60 -40.39 5.95
N LYS A 113 36.63 -40.06 7.24
CA LYS A 113 36.77 -38.70 7.71
C LYS A 113 38.21 -38.50 8.15
N GLY A 114 38.75 -37.31 7.89
CA GLY A 114 40.10 -37.00 8.31
C GLY A 114 40.30 -37.36 9.76
N HIS A 115 41.46 -37.92 10.11
CA HIS A 115 41.68 -38.43 11.46
C HIS A 115 41.48 -37.32 12.49
N LYS A 116 42.19 -36.21 12.32
CA LYS A 116 42.05 -35.10 13.27
C LYS A 116 40.62 -34.58 13.29
N ALA A 117 39.95 -34.53 12.14
CA ALA A 117 38.57 -34.09 12.13
C ALA A 117 37.67 -35.06 12.89
N ALA A 118 37.96 -36.37 12.80
CA ALA A 118 37.16 -37.35 13.53
C ALA A 118 37.36 -37.21 15.04
N VAL A 119 38.60 -36.98 15.48
CA VAL A 119 38.83 -36.70 16.89
C VAL A 119 38.12 -35.41 17.28
N SER A 120 38.17 -34.38 16.44
CA SER A 120 37.50 -33.13 16.76
C SER A 120 36.01 -33.36 16.95
N GLU A 121 35.42 -34.26 16.15
CA GLU A 121 34.00 -34.54 16.28
C GLU A 121 33.68 -35.09 17.67
N VAL A 122 34.50 -36.01 18.16
CA VAL A 122 34.27 -36.60 19.48
C VAL A 122 34.39 -35.54 20.56
N ILE A 123 35.40 -34.66 20.46
CA ILE A 123 35.56 -33.58 21.44
C ILE A 123 34.35 -32.66 21.43
N ARG A 124 33.88 -32.29 20.25
CA ARG A 124 32.68 -31.46 20.15
C ARG A 124 31.46 -32.16 20.74
N THR A 125 31.35 -33.48 20.58
CA THR A 125 30.22 -34.20 21.14
C THR A 125 30.23 -34.12 22.66
N ALA A 126 31.40 -34.20 23.28
CA ALA A 126 31.49 -34.04 24.72
C ALA A 126 31.07 -32.63 25.13
N GLU A 127 31.48 -31.62 24.37
CA GLU A 127 31.06 -30.25 24.65
C GLU A 127 29.53 -30.15 24.65
N ILE A 128 28.89 -30.75 23.64
CA ILE A 128 27.43 -30.69 23.53
C ILE A 128 26.77 -31.44 24.68
N ILE A 129 27.33 -32.58 25.07
CA ILE A 129 26.74 -33.37 26.14
C ILE A 129 26.81 -32.60 27.45
N ASN A 130 27.96 -32.01 27.75
CA ASN A 130 28.09 -31.23 28.98
C ASN A 130 27.16 -30.03 28.96
N TYR A 131 27.08 -29.34 27.82
CA TYR A 131 26.22 -28.16 27.72
C TYR A 131 24.76 -28.54 27.86
N ALA A 132 24.36 -29.64 27.23
CA ALA A 132 22.98 -30.08 27.35
C ALA A 132 22.64 -30.40 28.80
N ALA A 133 23.56 -31.04 29.51
CA ALA A 133 23.31 -31.38 30.91
C ALA A 133 22.99 -30.14 31.74
N GLU A 134 23.79 -29.09 31.59
CA GLU A 134 23.63 -27.90 32.41
C GLU A 134 22.50 -27.01 31.91
N GLU A 135 22.22 -27.04 30.61
CA GLU A 135 21.10 -26.28 30.09
C GLU A 135 19.79 -26.88 30.59
N GLY A 136 19.67 -28.20 30.53
CA GLY A 136 18.43 -28.84 30.86
C GLY A 136 18.14 -28.92 32.32
N LEU A 137 19.16 -28.86 33.16
CA LEU A 137 18.91 -29.05 34.59
C LEU A 137 18.32 -27.83 35.26
N ARG A 138 18.46 -26.65 34.65
CA ARG A 138 17.92 -25.42 35.20
C ARG A 138 16.70 -24.93 34.43
N MET A 139 16.09 -25.82 33.64
CA MET A 139 14.86 -25.47 32.95
C MET A 139 13.79 -25.19 33.99
N GLU A 140 12.88 -24.30 33.63
CA GLU A 140 11.88 -23.83 34.57
C GLU A 140 10.48 -24.01 34.00
N GLY A 141 9.51 -23.99 34.91
CA GLY A 141 8.12 -23.87 34.55
C GLY A 141 7.61 -22.45 34.70
N GLU A 142 6.32 -22.29 34.44
CA GLU A 142 5.70 -20.98 34.49
C GLU A 142 4.42 -21.07 35.30
N VAL A 143 4.02 -19.93 35.85
CA VAL A 143 2.79 -19.79 36.61
C VAL A 143 1.97 -18.72 35.90
N LEU A 144 0.81 -19.11 35.40
CA LEU A 144 -0.06 -18.23 34.64
C LEU A 144 -1.25 -17.81 35.49
N GLU A 145 -1.69 -16.56 35.31
CA GLU A 145 -2.74 -15.96 36.13
C GLU A 145 -4.06 -15.97 35.36
N GLY A 146 -5.06 -16.63 35.92
CA GLY A 146 -6.39 -16.56 35.34
C GLY A 146 -6.86 -15.13 35.19
N GLY A 147 -6.45 -14.27 36.11
CA GLY A 147 -6.84 -12.87 36.07
C GLY A 147 -6.20 -12.07 34.95
N SER A 148 -5.24 -12.67 34.24
CA SER A 148 -4.71 -12.05 33.05
C SER A 148 -5.73 -12.08 31.91
N PHE A 149 -6.69 -13.00 31.97
CA PHE A 149 -7.65 -13.20 30.89
C PHE A 149 -9.08 -12.83 31.27
N GLU A 150 -9.51 -13.11 32.50
CA GLU A 150 -10.84 -12.73 32.91
C GLU A 150 -10.89 -12.51 34.42
N ALA A 151 -11.62 -11.47 34.82
CA ALA A 151 -11.62 -11.07 36.22
C ALA A 151 -12.16 -12.17 37.13
N ALA A 152 -13.14 -12.94 36.63
CA ALA A 152 -13.76 -13.96 37.46
C ALA A 152 -12.80 -15.07 37.83
N SER A 153 -11.74 -15.29 37.05
CA SER A 153 -10.77 -16.34 37.33
C SER A 153 -9.49 -15.82 37.99
N LYS A 154 -9.56 -14.68 38.66
CA LYS A 154 -8.34 -14.09 39.20
C LYS A 154 -7.68 -14.95 40.27
N LYS A 155 -8.47 -15.81 40.94
CA LYS A 155 -7.92 -16.72 41.94
C LYS A 155 -7.43 -18.03 41.34
N LYS A 156 -7.62 -18.25 40.05
CA LYS A 156 -7.20 -19.47 39.40
C LYS A 156 -5.82 -19.27 38.79
N ILE A 157 -4.90 -20.17 39.13
CA ILE A 157 -3.55 -20.13 38.58
C ILE A 157 -3.21 -21.51 38.01
N ALA A 158 -2.36 -21.51 37.00
CA ALA A 158 -1.89 -22.72 36.33
C ALA A 158 -0.41 -22.87 36.65
N ILE A 159 -0.04 -24.01 37.24
CA ILE A 159 1.34 -24.36 37.51
C ILE A 159 1.80 -25.28 36.39
N VAL A 160 2.62 -24.76 35.49
CA VAL A 160 3.01 -25.45 34.27
C VAL A 160 4.47 -25.89 34.40
N ARG A 161 4.68 -27.20 34.46
CA ARG A 161 6.00 -27.78 34.62
C ARG A 161 6.32 -28.67 33.42
N ARG A 162 7.61 -28.83 33.18
CA ARG A 162 8.06 -29.60 32.05
C ARG A 162 8.11 -31.07 32.42
N GLU A 163 7.86 -31.92 31.42
CA GLU A 163 7.96 -33.37 31.58
C GLU A 163 8.59 -33.94 30.30
N PRO A 164 9.24 -35.09 30.42
CA PRO A 164 9.71 -35.78 29.21
C PRO A 164 8.55 -36.26 28.34
N VAL A 165 8.85 -36.43 27.06
CA VAL A 165 7.87 -37.01 26.15
C VAL A 165 7.82 -38.53 26.26
N GLY A 166 8.92 -39.17 26.63
CA GLY A 166 8.92 -40.60 26.81
C GLY A 166 10.14 -41.25 26.24
N LEU A 167 9.95 -42.18 25.30
CA LEU A 167 11.03 -42.82 24.56
C LEU A 167 11.32 -42.00 23.30
N VAL A 168 12.56 -41.55 23.17
CA VAL A 168 13.03 -40.87 21.98
C VAL A 168 13.81 -41.87 21.12
N LEU A 169 13.42 -41.97 19.86
CA LEU A 169 14.22 -42.70 18.90
C LEU A 169 15.15 -41.70 18.23
N ALA A 170 16.45 -41.91 18.40
CA ALA A 170 17.49 -41.04 17.86
C ALA A 170 18.15 -41.78 16.73
N ILE A 171 18.15 -41.17 15.54
CA ILE A 171 18.70 -41.76 14.33
C ILE A 171 19.81 -40.84 13.84
N SER A 172 21.06 -41.28 13.96
CA SER A 172 22.20 -40.44 13.64
C SER A 172 22.61 -40.65 12.20
N PRO A 173 23.38 -39.70 11.64
CA PRO A 173 23.76 -39.81 10.22
C PRO A 173 25.20 -40.32 10.07
N PHE A 174 25.56 -40.74 8.86
CA PHE A 174 26.89 -41.30 8.66
C PHE A 174 27.98 -40.24 8.78
N ASN A 175 27.67 -38.99 8.46
CA ASN A 175 28.69 -37.97 8.34
C ASN A 175 29.06 -37.39 9.70
N TYR A 176 28.24 -37.63 10.73
CA TYR A 176 28.52 -37.20 12.09
C TYR A 176 27.96 -38.27 13.03
N PRO A 177 28.44 -39.50 12.97
CA PRO A 177 27.76 -40.60 13.68
C PRO A 177 27.91 -40.49 15.18
N VAL A 178 28.83 -39.68 15.69
CA VAL A 178 28.94 -39.41 17.12
C VAL A 178 28.32 -38.07 17.48
N ASN A 179 28.72 -37.00 16.78
CA ASN A 179 28.23 -35.66 17.12
C ASN A 179 26.72 -35.58 17.01
N LEU A 180 26.15 -36.09 15.93
CA LEU A 180 24.71 -35.97 15.69
C LEU A 180 23.97 -37.20 16.19
N ALA A 181 24.65 -38.04 16.97
CA ALA A 181 23.99 -38.96 17.91
C ALA A 181 23.93 -38.35 19.29
N GLY A 182 25.05 -37.80 19.76
CA GLY A 182 25.08 -37.14 21.05
C GLY A 182 24.21 -35.91 21.10
N SER A 183 24.09 -35.18 19.98
CA SER A 183 23.24 -34.00 19.97
C SER A 183 21.78 -34.33 20.20
N LYS A 184 21.39 -35.59 20.05
CA LYS A 184 20.05 -36.05 20.33
C LYS A 184 19.97 -36.74 21.68
N ILE A 185 20.97 -37.55 22.02
CA ILE A 185 20.92 -38.33 23.24
C ILE A 185 20.92 -37.43 24.47
N ALA A 186 21.91 -36.54 24.57
CA ALA A 186 22.05 -35.75 25.79
C ALA A 186 20.85 -34.84 26.04
N PRO A 187 20.38 -34.05 25.09
CA PRO A 187 19.18 -33.21 25.36
C PRO A 187 17.96 -34.04 25.72
N ALA A 188 17.82 -35.24 25.15
CA ALA A 188 16.70 -36.09 25.50
C ALA A 188 16.84 -36.61 26.93
N LEU A 189 18.04 -37.08 27.29
CA LEU A 189 18.23 -37.70 28.59
C LEU A 189 18.04 -36.69 29.72
N ILE A 190 18.63 -35.49 29.60
CA ILE A 190 18.58 -34.56 30.73
C ILE A 190 17.13 -34.23 31.11
N ALA A 191 16.25 -34.20 30.11
CA ALA A 191 14.83 -33.91 30.34
C ALA A 191 14.06 -35.08 30.91
N GLY A 192 14.67 -36.24 31.04
CA GLY A 192 14.01 -37.39 31.62
C GLY A 192 13.48 -38.40 30.64
N ASN A 193 13.74 -38.23 29.34
CA ASN A 193 13.36 -39.23 28.36
C ASN A 193 14.32 -40.41 28.44
N VAL A 194 13.85 -41.54 27.95
CA VAL A 194 14.72 -42.69 27.65
C VAL A 194 14.99 -42.65 26.16
N VAL A 195 16.10 -43.26 25.73
CA VAL A 195 16.59 -43.10 24.37
C VAL A 195 16.97 -44.45 23.79
N ALA A 196 16.62 -44.66 22.53
CA ALA A 196 17.18 -45.71 21.70
C ALA A 196 17.88 -45.04 20.53
N LEU A 197 19.18 -45.35 20.34
CA LEU A 197 19.96 -44.79 19.25
C LEU A 197 20.04 -45.82 18.13
N LYS A 198 19.56 -45.44 16.95
CA LYS A 198 19.76 -46.22 15.73
C LYS A 198 20.80 -45.50 14.88
N PRO A 199 22.07 -45.90 14.91
CA PRO A 199 23.04 -45.29 14.01
C PRO A 199 22.90 -45.87 12.61
N PRO A 200 23.44 -45.20 11.61
CA PRO A 200 23.47 -45.80 10.27
C PRO A 200 24.45 -46.97 10.27
N THR A 201 24.16 -47.97 9.45
CA THR A 201 25.05 -49.12 9.38
C THR A 201 26.50 -48.65 9.18
N GLN A 202 26.73 -47.80 8.18
CA GLN A 202 28.03 -47.17 8.00
C GLN A 202 28.13 -46.05 9.03
N GLY A 203 28.68 -46.37 10.19
CA GLY A 203 28.70 -45.44 11.31
C GLY A 203 28.17 -46.09 12.58
N SER A 204 27.77 -47.34 12.48
CA SER A 204 27.25 -48.05 13.64
C SER A 204 28.35 -48.33 14.66
N ILE A 205 29.57 -48.62 14.20
CA ILE A 205 30.67 -48.83 15.14
C ILE A 205 30.91 -47.56 15.94
N SER A 206 30.99 -46.42 15.25
CA SER A 206 31.16 -45.15 15.94
C SER A 206 30.01 -44.89 16.92
N GLY A 207 28.78 -45.15 16.49
CA GLY A 207 27.66 -44.95 17.39
C GLY A 207 27.73 -45.87 18.59
N LEU A 208 28.14 -47.13 18.37
CA LEU A 208 28.26 -48.05 19.50
C LEU A 208 29.44 -47.69 20.40
N LEU A 209 30.50 -47.11 19.82
CA LEU A 209 31.60 -46.62 20.64
C LEU A 209 31.16 -45.47 21.53
N LEU A 210 30.36 -44.54 20.99
CA LEU A 210 29.73 -43.53 21.83
C LEU A 210 28.90 -44.17 22.93
N ALA A 211 28.11 -45.19 22.57
CA ALA A 211 27.27 -45.85 23.56
C ALA A 211 28.11 -46.37 24.72
N GLU A 212 29.32 -46.86 24.43
CA GLU A 212 30.17 -47.39 25.49
C GLU A 212 30.45 -46.35 26.57
N ALA A 213 30.56 -45.08 26.17
CA ALA A 213 30.85 -44.03 27.14
C ALA A 213 29.68 -43.83 28.10
N PHE A 214 28.46 -43.84 27.58
CA PHE A 214 27.28 -43.72 28.44
C PHE A 214 27.16 -44.94 29.36
N ALA A 215 27.42 -46.14 28.84
CA ALA A 215 27.40 -47.32 29.68
C ALA A 215 28.42 -47.23 30.81
N GLU A 216 29.66 -46.87 30.48
CA GLU A 216 30.68 -46.78 31.52
C GLU A 216 30.35 -45.66 32.52
N ALA A 217 29.68 -44.60 32.06
CA ALA A 217 29.25 -43.55 32.96
C ALA A 217 28.20 -44.02 33.96
N GLY A 218 27.66 -45.21 33.79
CA GLY A 218 26.72 -45.77 34.75
C GLY A 218 25.26 -45.52 34.45
N ILE A 219 24.92 -45.15 33.23
CA ILE A 219 23.54 -44.88 32.85
C ILE A 219 22.70 -46.09 33.27
N PRO A 220 21.56 -45.89 33.94
CA PRO A 220 20.76 -47.03 34.39
C PRO A 220 20.30 -47.91 33.24
N ALA A 221 20.19 -49.20 33.52
CA ALA A 221 19.82 -50.17 32.50
C ALA A 221 18.51 -49.77 31.83
N GLY A 222 18.51 -49.75 30.50
CA GLY A 222 17.34 -49.43 29.72
C GLY A 222 17.14 -47.95 29.45
N VAL A 223 17.76 -47.08 30.24
CA VAL A 223 17.62 -45.64 30.00
C VAL A 223 18.20 -45.26 28.65
N PHE A 224 19.28 -45.90 28.23
CA PHE A 224 19.88 -45.64 26.93
C PHE A 224 20.24 -46.98 26.29
N ASN A 225 19.80 -47.19 25.05
CA ASN A 225 20.04 -48.41 24.32
C ASN A 225 20.45 -48.08 22.89
N THR A 226 20.93 -49.08 22.17
CA THR A 226 21.26 -48.93 20.78
C THR A 226 20.55 -50.00 19.97
N ILE A 227 20.28 -49.67 18.69
CA ILE A 227 19.69 -50.58 17.72
C ILE A 227 20.52 -50.51 16.45
N THR A 228 20.95 -51.67 15.93
CA THR A 228 21.65 -51.74 14.66
C THR A 228 21.03 -52.86 13.82
N GLY A 229 20.99 -52.65 12.51
CA GLY A 229 20.42 -53.65 11.64
C GLY A 229 20.19 -53.12 10.25
N ARG A 230 19.68 -53.99 9.40
CA ARG A 230 19.43 -53.67 8.00
C ARG A 230 18.07 -53.00 7.89
N GLY A 231 18.00 -51.94 7.07
CA GLY A 231 16.75 -51.21 6.93
C GLY A 231 15.61 -52.08 6.44
N SER A 232 15.89 -53.06 5.58
CA SER A 232 14.82 -53.89 5.05
C SER A 232 14.12 -54.69 6.14
N VAL A 233 14.80 -54.94 7.25
CA VAL A 233 14.23 -55.73 8.34
C VAL A 233 13.61 -54.86 9.43
N ILE A 234 14.32 -53.80 9.83
CA ILE A 234 13.90 -52.98 10.98
C ILE A 234 13.75 -51.51 10.66
N GLY A 235 14.05 -51.09 9.43
CA GLY A 235 14.01 -49.67 9.11
C GLY A 235 12.71 -49.00 9.46
N ASP A 236 11.62 -49.42 8.82
CA ASP A 236 10.32 -48.85 9.14
C ASP A 236 9.84 -49.31 10.50
N TYR A 237 10.19 -50.52 10.92
CA TYR A 237 9.68 -51.07 12.16
C TYR A 237 10.07 -50.21 13.36
N ILE A 238 11.31 -49.72 13.38
CA ILE A 238 11.75 -48.96 14.54
C ILE A 238 10.98 -47.66 14.66
N VAL A 239 10.52 -47.11 13.54
CA VAL A 239 9.86 -45.81 13.56
C VAL A 239 8.37 -45.95 13.90
N GLU A 240 7.68 -46.90 13.26
CA GLU A 240 6.24 -47.01 13.48
C GLU A 240 5.88 -47.72 14.77
N HIS A 241 6.87 -48.26 15.49
CA HIS A 241 6.59 -48.93 16.76
C HIS A 241 5.92 -47.97 17.74
N GLU A 242 4.84 -48.41 18.36
CA GLU A 242 4.06 -47.50 19.21
C GLU A 242 4.72 -47.21 20.55
N ALA A 243 5.77 -47.96 20.91
CA ALA A 243 6.53 -47.61 22.11
C ALA A 243 7.27 -46.29 21.94
N VAL A 244 7.56 -45.89 20.71
CA VAL A 244 8.34 -44.69 20.45
C VAL A 244 7.42 -43.49 20.52
N ASN A 245 7.80 -42.50 21.32
CA ASN A 245 7.00 -41.31 21.51
C ASN A 245 7.56 -40.10 20.76
N PHE A 246 8.77 -40.19 20.23
CA PHE A 246 9.44 -39.07 19.57
C PHE A 246 10.52 -39.64 18.67
N ILE A 247 10.60 -39.14 17.45
CA ILE A 247 11.62 -39.53 16.48
C ILE A 247 12.48 -38.32 16.18
N ASN A 248 13.79 -38.48 16.34
CA ASN A 248 14.76 -37.40 16.16
C ASN A 248 15.77 -37.89 15.14
N PHE A 249 15.69 -37.37 13.92
CA PHE A 249 16.36 -37.97 12.79
C PHE A 249 17.21 -36.95 12.05
N THR A 250 18.41 -37.38 11.68
CA THR A 250 19.26 -36.67 10.74
C THR A 250 19.61 -37.61 9.61
N GLY A 251 19.40 -37.16 8.37
CA GLY A 251 19.70 -37.99 7.22
C GLY A 251 19.24 -37.30 5.95
N SER A 252 19.05 -38.10 4.90
CA SER A 252 18.72 -37.52 3.62
C SER A 252 17.28 -37.04 3.63
N THR A 253 16.97 -36.12 2.71
CA THR A 253 15.61 -35.63 2.58
C THR A 253 14.64 -36.74 2.22
N PRO A 254 14.89 -37.57 1.21
CA PRO A 254 13.94 -38.65 0.90
C PRO A 254 13.68 -39.57 2.08
N ILE A 255 14.73 -39.98 2.79
CA ILE A 255 14.53 -40.83 3.98
C ILE A 255 13.72 -40.08 5.03
N GLY A 256 14.08 -38.83 5.28
CA GLY A 256 13.33 -38.03 6.23
C GLY A 256 11.86 -37.89 5.85
N GLU A 257 11.59 -37.67 4.57
CA GLU A 257 10.20 -37.63 4.13
C GLU A 257 9.45 -38.89 4.54
N GLY A 258 10.09 -40.05 4.39
CA GLY A 258 9.43 -41.28 4.77
C GLY A 258 9.14 -41.36 6.26
N ILE A 259 9.95 -40.70 7.07
CA ILE A 259 9.73 -40.73 8.52
C ILE A 259 8.51 -39.90 8.90
N GLY A 260 8.37 -38.73 8.28
CA GLY A 260 7.21 -37.91 8.55
C GLY A 260 5.90 -38.64 8.30
N LYS A 261 5.91 -39.61 7.37
CA LYS A 261 4.71 -40.38 7.11
C LYS A 261 4.48 -41.43 8.21
N LEU A 262 5.54 -42.09 8.65
CA LEU A 262 5.43 -43.14 9.66
C LEU A 262 5.30 -42.59 11.07
N ALA A 263 5.42 -41.28 11.26
CA ALA A 263 5.39 -40.70 12.59
C ALA A 263 3.96 -40.60 13.14
N GLY A 264 2.97 -40.49 12.26
CA GLY A 264 1.61 -40.32 12.73
C GLY A 264 1.48 -38.95 13.37
N MET A 265 0.87 -38.89 14.54
CA MET A 265 0.74 -37.66 15.29
C MET A 265 1.93 -37.41 16.20
N ARG A 266 2.87 -38.35 16.27
CA ARG A 266 3.97 -38.23 17.22
C ARG A 266 4.93 -37.13 16.78
N PRO A 267 5.44 -36.33 17.70
CA PRO A 267 6.36 -35.26 17.32
C PRO A 267 7.64 -35.82 16.74
N ILE A 268 8.21 -35.07 15.79
CA ILE A 268 9.46 -35.46 15.14
C ILE A 268 10.36 -34.23 15.01
N MET A 269 11.64 -34.52 14.83
CA MET A 269 12.61 -33.53 14.37
C MET A 269 13.35 -34.15 13.20
N LEU A 270 13.49 -33.39 12.12
CA LEU A 270 14.17 -33.86 10.93
C LEU A 270 15.25 -32.86 10.56
N GLU A 271 16.47 -33.34 10.39
CA GLU A 271 17.61 -32.55 9.91
C GLU A 271 17.99 -33.22 8.60
N LEU A 272 17.63 -32.60 7.47
CA LEU A 272 17.72 -33.21 6.17
C LEU A 272 18.75 -32.46 5.30
N GLY A 273 18.55 -32.50 3.99
CA GLY A 273 19.53 -31.95 3.09
C GLY A 273 19.50 -30.45 3.03
N GLY A 274 20.53 -29.89 2.40
CA GLY A 274 20.60 -28.46 2.17
C GLY A 274 21.24 -28.19 0.83
N LYS A 275 20.99 -27.00 0.32
CA LYS A 275 21.67 -26.45 -0.87
C LYS A 275 21.98 -24.98 -0.55
N ASP A 276 22.72 -24.77 0.53
CA ASP A 276 22.94 -23.42 1.03
C ASP A 276 23.56 -22.52 -0.04
N SER A 277 22.96 -21.35 -0.24
CA SER A 277 23.50 -20.37 -1.18
C SER A 277 24.47 -19.45 -0.45
N ALA A 278 25.52 -19.04 -1.15
CA ALA A 278 26.41 -17.97 -0.73
C ALA A 278 26.19 -16.81 -1.68
N ILE A 279 25.55 -15.74 -1.19
CA ILE A 279 25.22 -14.60 -2.02
C ILE A 279 26.37 -13.60 -1.87
N VAL A 280 27.03 -13.28 -2.97
CA VAL A 280 28.20 -12.39 -2.96
C VAL A 280 27.79 -11.13 -3.71
N LEU A 281 27.72 -10.01 -3.00
CA LEU A 281 27.32 -8.76 -3.60
C LEU A 281 28.55 -7.97 -4.08
N GLU A 282 28.28 -6.87 -4.76
CA GLU A 282 29.34 -6.13 -5.43
C GLU A 282 30.33 -5.51 -4.46
N ASP A 283 29.91 -5.17 -3.25
CA ASP A 283 30.78 -4.55 -2.27
C ASP A 283 31.39 -5.54 -1.30
N ALA A 284 31.33 -6.84 -1.62
CA ALA A 284 31.82 -7.86 -0.71
C ALA A 284 33.35 -7.89 -0.70
N ASP A 285 33.89 -8.35 0.43
CA ASP A 285 35.30 -8.73 0.52
C ASP A 285 35.44 -10.03 -0.25
N LEU A 286 35.95 -9.96 -1.50
CA LEU A 286 35.92 -11.15 -2.35
C LEU A 286 36.89 -12.22 -1.84
N ALA A 287 38.04 -11.82 -1.30
CA ALA A 287 38.97 -12.81 -0.77
C ALA A 287 38.39 -13.52 0.45
N LEU A 288 37.74 -12.76 1.33
CA LEU A 288 37.07 -13.36 2.48
C LEU A 288 35.92 -14.23 2.03
N ALA A 289 35.16 -13.79 1.02
CA ALA A 289 34.08 -14.60 0.49
C ALA A 289 34.62 -15.93 -0.04
N ALA A 290 35.69 -15.88 -0.82
CA ALA A 290 36.26 -17.10 -1.39
C ALA A 290 36.78 -18.02 -0.32
N LYS A 291 37.45 -17.48 0.69
CA LYS A 291 37.95 -18.30 1.77
C LYS A 291 36.83 -19.04 2.48
N ASN A 292 35.76 -18.32 2.83
CA ASN A 292 34.66 -18.95 3.55
C ASN A 292 33.90 -19.92 2.67
N ILE A 293 33.71 -19.56 1.39
CA ILE A 293 32.96 -20.40 0.47
C ILE A 293 33.65 -21.74 0.29
N VAL A 294 34.98 -21.71 0.07
CA VAL A 294 35.72 -22.94 -0.17
C VAL A 294 35.78 -23.79 1.10
N ALA A 295 36.03 -23.15 2.24
CA ALA A 295 36.05 -23.87 3.50
C ALA A 295 34.72 -24.56 3.77
N GLY A 296 33.61 -23.84 3.56
CA GLY A 296 32.30 -24.41 3.85
C GLY A 296 31.82 -25.40 2.81
N ALA A 297 32.19 -25.19 1.55
CA ALA A 297 31.69 -26.04 0.48
C ALA A 297 32.39 -27.39 0.46
N PHE A 298 33.70 -27.41 0.74
CA PHE A 298 34.49 -28.62 0.55
C PHE A 298 34.86 -29.34 1.84
N GLY A 299 34.43 -28.84 2.99
CA GLY A 299 34.64 -29.56 4.22
C GLY A 299 34.06 -30.96 4.16
N TYR A 300 34.84 -31.96 4.59
CA TYR A 300 34.40 -33.36 4.56
C TYR A 300 33.92 -33.71 3.15
N SER A 301 34.65 -33.22 2.16
CA SER A 301 34.35 -33.51 0.75
C SER A 301 32.95 -33.10 0.35
N GLY A 302 32.40 -32.08 1.01
CA GLY A 302 31.07 -31.63 0.71
C GLY A 302 29.96 -32.48 1.29
N GLN A 303 30.28 -33.43 2.16
CA GLN A 303 29.27 -34.36 2.69
C GLN A 303 28.67 -33.81 3.98
N ARG A 304 28.05 -32.64 3.85
CA ARG A 304 27.46 -31.96 4.99
C ARG A 304 26.21 -31.24 4.54
N SER A 305 25.16 -31.29 5.35
CA SER A 305 23.92 -30.57 5.04
C SER A 305 24.14 -29.06 5.06
N THR A 306 24.79 -28.57 6.11
CA THR A 306 25.18 -27.16 6.22
C THR A 306 26.53 -26.99 5.52
N ALA A 307 26.51 -26.36 4.36
CA ALA A 307 27.70 -26.19 3.53
C ALA A 307 27.30 -25.36 2.33
N VAL A 308 28.15 -24.40 1.99
CA VAL A 308 27.92 -23.64 0.77
C VAL A 308 27.84 -24.63 -0.37
N LYS A 309 26.68 -24.67 -1.04
CA LYS A 309 26.50 -25.59 -2.16
C LYS A 309 26.18 -24.89 -3.47
N ARG A 310 26.07 -23.56 -3.47
CA ARG A 310 25.93 -22.80 -4.71
C ARG A 310 26.28 -21.36 -4.41
N VAL A 311 27.11 -20.75 -5.25
CA VAL A 311 27.47 -19.34 -5.13
C VAL A 311 26.56 -18.57 -6.07
N LEU A 312 25.89 -17.55 -5.54
CA LEU A 312 25.07 -16.63 -6.33
C LEU A 312 25.80 -15.29 -6.27
N VAL A 313 26.54 -14.97 -7.32
CA VAL A 313 27.47 -13.84 -7.32
C VAL A 313 27.01 -12.82 -8.36
N MET A 314 27.01 -11.56 -7.95
CA MET A 314 26.68 -10.48 -8.89
C MET A 314 27.70 -10.44 -10.01
N ASP A 315 27.20 -10.22 -11.23
CA ASP A 315 28.03 -10.27 -12.42
C ASP A 315 29.36 -9.54 -12.26
N LYS A 316 29.32 -8.29 -11.79
CA LYS A 316 30.49 -7.43 -11.87
C LYS A 316 31.67 -7.96 -11.07
N VAL A 317 31.44 -8.80 -10.05
CA VAL A 317 32.52 -9.37 -9.27
C VAL A 317 32.69 -10.85 -9.50
N ALA A 318 31.92 -11.45 -10.40
CA ALA A 318 31.96 -12.90 -10.58
C ALA A 318 33.32 -13.35 -11.08
N ASP A 319 33.87 -12.66 -12.09
CA ASP A 319 35.14 -13.08 -12.66
C ASP A 319 36.23 -13.12 -11.61
N GLN A 320 36.36 -12.04 -10.84
CA GLN A 320 37.39 -12.00 -9.81
C GLN A 320 37.11 -13.03 -8.72
N LEU A 321 35.86 -13.16 -8.28
CA LEU A 321 35.56 -14.12 -7.24
C LEU A 321 35.88 -15.54 -7.69
N ALA A 322 35.45 -15.89 -8.91
CA ALA A 322 35.67 -17.24 -9.43
C ALA A 322 37.15 -17.56 -9.45
N ALA A 323 37.99 -16.59 -9.86
CA ALA A 323 39.43 -16.81 -9.87
C ALA A 323 39.96 -17.10 -8.47
N GLU A 324 39.51 -16.34 -7.47
CA GLU A 324 40.01 -16.56 -6.10
C GLU A 324 39.52 -17.88 -5.54
N ILE A 325 38.27 -18.25 -5.82
CA ILE A 325 37.76 -19.54 -5.38
C ILE A 325 38.58 -20.67 -6.04
N LYS A 326 38.82 -20.56 -7.35
CA LYS A 326 39.55 -21.60 -8.06
C LYS A 326 40.91 -21.83 -7.42
N THR A 327 41.65 -20.77 -7.14
CA THR A 327 42.98 -20.93 -6.57
C THR A 327 42.91 -21.64 -5.23
N LEU A 328 41.93 -21.32 -4.40
CA LEU A 328 41.82 -21.96 -3.10
C LEU A 328 41.37 -23.40 -3.23
N VAL A 329 40.54 -23.72 -4.22
CA VAL A 329 40.15 -25.10 -4.45
C VAL A 329 41.36 -25.93 -4.84
N GLU A 330 42.26 -25.36 -5.65
CA GLU A 330 43.44 -26.08 -6.08
C GLU A 330 44.36 -26.39 -4.93
N LYS A 331 44.29 -25.64 -3.82
CA LYS A 331 45.16 -25.89 -2.68
C LYS A 331 44.64 -27.02 -1.81
N LEU A 332 43.38 -27.40 -1.95
CA LEU A 332 42.84 -28.47 -1.14
C LEU A 332 43.61 -29.77 -1.41
N SER A 333 43.95 -30.49 -0.33
CA SER A 333 44.59 -31.78 -0.47
C SER A 333 43.53 -32.84 -0.74
N VAL A 334 43.92 -33.84 -1.52
CA VAL A 334 43.01 -34.88 -1.99
C VAL A 334 43.66 -36.22 -1.69
N GLY A 335 43.14 -36.91 -0.68
CA GLY A 335 43.81 -38.12 -0.25
C GLY A 335 43.08 -38.92 0.80
N MET A 336 43.85 -39.66 1.62
N MET A 336 43.84 -39.67 1.61
CA MET A 336 43.29 -40.62 2.56
CA MET A 336 43.27 -40.63 2.54
C MET A 336 42.98 -39.98 3.90
C MET A 336 42.97 -39.98 3.90
N PRO A 337 41.96 -40.50 4.60
CA PRO A 337 41.65 -39.94 5.93
C PRO A 337 42.83 -39.91 6.88
N GLU A 338 43.66 -40.95 6.88
CA GLU A 338 44.75 -41.02 7.84
C GLU A 338 45.77 -39.92 7.62
N ASP A 339 45.83 -39.33 6.43
CA ASP A 339 46.73 -38.23 6.15
C ASP A 339 46.06 -36.86 6.30
N ASP A 340 44.83 -36.83 6.85
CA ASP A 340 44.13 -35.57 7.10
C ASP A 340 43.95 -34.74 5.83
N ALA A 341 43.62 -35.42 4.74
CA ALA A 341 43.35 -34.72 3.49
C ALA A 341 42.08 -33.89 3.63
N ASP A 342 42.06 -32.76 2.91
CA ASP A 342 40.84 -31.97 2.86
C ASP A 342 39.73 -32.75 2.18
N ILE A 343 40.01 -33.32 1.02
CA ILE A 343 39.07 -34.12 0.24
C ILE A 343 39.42 -35.58 0.43
N THR A 344 38.50 -36.33 1.03
CA THR A 344 38.63 -37.76 1.26
C THR A 344 37.66 -38.52 0.36
N PRO A 345 37.86 -39.84 0.24
CA PRO A 345 36.92 -40.63 -0.56
C PRO A 345 35.50 -40.51 0.00
N LEU A 346 34.52 -40.46 -0.90
CA LEU A 346 33.14 -40.38 -0.47
C LEU A 346 32.73 -41.67 0.24
N ILE A 347 31.55 -41.63 0.85
CA ILE A 347 31.12 -42.68 1.77
C ILE A 347 30.92 -44.00 1.07
N ASP A 348 30.46 -44.02 -0.18
CA ASP A 348 30.29 -45.27 -0.90
C ASP A 348 30.28 -45.00 -2.40
N THR A 349 30.30 -46.08 -3.17
CA THR A 349 30.35 -45.97 -4.62
C THR A 349 29.12 -45.27 -5.16
N SER A 350 27.95 -45.53 -4.57
CA SER A 350 26.75 -44.85 -5.00
C SER A 350 26.89 -43.33 -4.87
N ALA A 351 27.52 -42.87 -3.78
CA ALA A 351 27.68 -41.44 -3.57
C ALA A 351 28.54 -40.82 -4.66
N ALA A 352 29.67 -41.45 -4.99
CA ALA A 352 30.55 -40.91 -6.01
C ALA A 352 29.93 -41.01 -7.40
N ASP A 353 29.21 -42.11 -7.69
CA ASP A 353 28.51 -42.21 -8.96
C ASP A 353 27.54 -41.06 -9.13
N PHE A 354 26.81 -40.71 -8.06
CA PHE A 354 25.84 -39.63 -8.15
C PHE A 354 26.55 -38.29 -8.38
N VAL A 355 27.64 -38.06 -7.67
CA VAL A 355 28.37 -36.80 -7.84
C VAL A 355 28.93 -36.71 -9.24
N GLU A 356 29.48 -37.83 -9.75
CA GLU A 356 30.02 -37.83 -11.12
C GLU A 356 28.93 -37.50 -12.13
N GLY A 357 27.72 -37.99 -11.91
CA GLY A 357 26.64 -37.71 -12.83
C GLY A 357 26.27 -36.24 -12.84
N LEU A 358 26.28 -35.62 -11.66
CA LEU A 358 26.03 -34.19 -11.59
C LEU A 358 27.11 -33.40 -12.30
N ILE A 359 28.38 -33.80 -12.13
CA ILE A 359 29.48 -33.15 -12.82
C ILE A 359 29.31 -33.28 -14.33
N LYS A 360 29.03 -34.49 -14.81
CA LYS A 360 28.87 -34.71 -16.24
C LYS A 360 27.73 -33.89 -16.82
N ASP A 361 26.59 -33.83 -16.12
CA ASP A 361 25.47 -33.03 -16.60
C ASP A 361 25.87 -31.57 -16.75
N ALA A 362 26.61 -31.03 -15.77
CA ALA A 362 27.05 -29.65 -15.87
C ALA A 362 27.99 -29.47 -17.06
N THR A 363 28.92 -30.41 -17.26
CA THR A 363 29.85 -30.31 -18.38
C THR A 363 29.10 -30.36 -19.72
N ASP A 364 28.21 -31.33 -19.87
CA ASP A 364 27.50 -31.48 -21.13
C ASP A 364 26.60 -30.31 -21.43
N LYS A 365 26.25 -29.51 -20.42
CA LYS A 365 25.39 -28.35 -20.61
C LYS A 365 26.16 -27.03 -20.72
N GLY A 366 27.49 -27.09 -20.78
CA GLY A 366 28.28 -25.93 -21.11
C GLY A 366 28.91 -25.19 -19.96
N ALA A 367 28.80 -25.70 -18.73
CA ALA A 367 29.44 -25.05 -17.61
C ALA A 367 30.95 -25.12 -17.75
N THR A 368 31.63 -24.09 -17.25
CA THR A 368 33.08 -24.03 -17.31
C THR A 368 33.66 -24.72 -16.09
N ALA A 369 34.45 -25.76 -16.31
CA ALA A 369 35.10 -26.48 -15.22
C ALA A 369 36.39 -25.76 -14.87
N LEU A 370 36.38 -25.05 -13.74
CA LEU A 370 37.54 -24.29 -13.31
C LEU A 370 38.61 -25.17 -12.68
N THR A 371 38.21 -26.28 -12.07
CA THR A 371 39.14 -27.29 -11.57
C THR A 371 38.77 -28.63 -12.16
N ALA A 372 39.76 -29.52 -12.24
CA ALA A 372 39.64 -30.73 -13.03
C ALA A 372 38.95 -31.84 -12.25
N PHE A 373 38.08 -32.57 -12.94
CA PHE A 373 37.43 -33.73 -12.36
C PHE A 373 38.29 -34.96 -12.56
N ASN A 374 38.68 -35.58 -11.46
CA ASN A 374 39.46 -36.82 -11.48
C ASN A 374 38.89 -37.72 -10.40
N ARG A 375 38.64 -38.98 -10.74
CA ARG A 375 38.11 -39.94 -9.77
C ARG A 375 39.00 -41.16 -9.72
N GLU A 376 39.45 -41.51 -8.52
CA GLU A 376 40.25 -42.70 -8.26
C GLU A 376 39.47 -43.50 -7.21
N GLY A 377 38.82 -44.57 -7.65
CA GLY A 377 37.90 -45.28 -6.77
C GLY A 377 36.71 -44.40 -6.47
N ASN A 378 36.50 -44.09 -5.19
CA ASN A 378 35.45 -43.16 -4.78
C ASN A 378 36.02 -41.82 -4.33
N LEU A 379 37.29 -41.55 -4.64
CA LEU A 379 37.95 -40.30 -4.28
C LEU A 379 37.85 -39.35 -5.45
N ILE A 380 36.93 -38.39 -5.36
CA ILE A 380 36.70 -37.40 -6.40
C ILE A 380 37.44 -36.12 -6.03
N SER A 381 38.21 -35.58 -6.98
CA SER A 381 38.89 -34.32 -6.74
C SER A 381 37.87 -33.19 -6.70
N PRO A 382 38.19 -32.09 -5.99
CA PRO A 382 37.21 -30.98 -5.85
C PRO A 382 37.01 -30.28 -7.19
N VAL A 383 35.77 -30.27 -7.66
CA VAL A 383 35.41 -29.73 -8.95
C VAL A 383 34.67 -28.41 -8.73
N LEU A 384 35.18 -27.34 -9.33
CA LEU A 384 34.55 -26.05 -9.32
C LEU A 384 34.03 -25.74 -10.72
N PHE A 385 32.75 -25.37 -10.80
CA PHE A 385 32.13 -24.99 -12.06
C PHE A 385 31.73 -23.52 -12.01
N ASP A 386 31.94 -22.83 -13.13
CA ASP A 386 31.47 -21.46 -13.31
C ASP A 386 30.43 -21.45 -14.43
N HIS A 387 29.72 -20.33 -14.55
CA HIS A 387 28.68 -20.17 -15.56
C HIS A 387 27.66 -21.30 -15.49
N VAL A 388 27.34 -21.72 -14.26
CA VAL A 388 26.27 -22.67 -14.05
C VAL A 388 24.93 -21.96 -14.18
N THR A 389 23.98 -22.62 -14.83
CA THR A 389 22.67 -22.05 -15.07
C THR A 389 21.60 -22.92 -14.40
N THR A 390 20.39 -22.35 -14.28
CA THR A 390 19.32 -23.03 -13.57
C THR A 390 18.83 -24.26 -14.29
N ASP A 391 19.26 -24.48 -15.54
N ASP A 391 19.25 -24.48 -15.54
CA ASP A 391 18.89 -25.67 -16.29
CA ASP A 391 18.86 -25.68 -16.26
C ASP A 391 19.70 -26.89 -15.88
C ASP A 391 19.71 -26.90 -15.88
N MET A 392 20.85 -26.69 -15.23
CA MET A 392 21.73 -27.77 -14.85
C MET A 392 21.34 -28.36 -13.50
N ARG A 393 21.47 -29.67 -13.38
CA ARG A 393 21.11 -30.33 -12.13
C ARG A 393 21.92 -29.78 -10.96
N LEU A 394 23.19 -29.43 -11.20
CA LEU A 394 24.07 -28.97 -10.13
C LEU A 394 23.57 -27.68 -9.49
N ALA A 395 22.76 -26.91 -10.21
CA ALA A 395 22.20 -25.71 -9.62
C ALA A 395 21.26 -26.00 -8.47
N TRP A 396 20.74 -27.23 -8.38
CA TRP A 396 19.64 -27.52 -7.48
C TRP A 396 19.85 -28.74 -6.59
N GLU A 397 20.34 -29.85 -7.17
CA GLU A 397 20.41 -31.10 -6.44
C GLU A 397 21.59 -31.10 -5.48
N GLU A 398 21.37 -31.65 -4.29
CA GLU A 398 22.40 -31.70 -3.27
C GLU A 398 23.38 -32.80 -3.65
N PRO A 399 24.64 -32.47 -3.95
CA PRO A 399 25.56 -33.53 -4.38
C PRO A 399 25.97 -34.43 -3.24
N PHE A 400 26.25 -33.88 -2.07
CA PHE A 400 26.97 -34.57 -1.01
C PHE A 400 28.30 -35.12 -1.56
N GLY A 401 28.99 -34.25 -2.28
CA GLY A 401 30.32 -34.52 -2.78
C GLY A 401 31.06 -33.24 -3.08
N PRO A 402 32.33 -33.35 -3.49
CA PRO A 402 33.16 -32.14 -3.62
C PRO A 402 33.00 -31.46 -4.98
N VAL A 403 31.83 -30.88 -5.21
CA VAL A 403 31.55 -30.14 -6.43
C VAL A 403 30.75 -28.89 -6.06
N LEU A 404 31.11 -27.75 -6.65
CA LEU A 404 30.55 -26.46 -6.26
C LEU A 404 30.22 -25.67 -7.51
N PRO A 405 28.98 -25.25 -7.70
CA PRO A 405 28.65 -24.39 -8.83
C PRO A 405 28.69 -22.92 -8.47
N ILE A 406 29.08 -22.11 -9.45
CA ILE A 406 29.02 -20.66 -9.36
C ILE A 406 27.95 -20.21 -10.35
N ILE A 407 26.95 -19.51 -9.85
CA ILE A 407 25.82 -19.02 -10.64
C ILE A 407 25.85 -17.50 -10.61
N ARG A 408 25.91 -16.89 -11.78
CA ARG A 408 25.98 -15.44 -11.89
C ARG A 408 24.58 -14.84 -11.94
N VAL A 409 24.40 -13.74 -11.21
CA VAL A 409 23.13 -13.04 -11.17
C VAL A 409 23.37 -11.56 -11.47
N THR A 410 22.30 -10.92 -11.97
CA THR A 410 22.38 -9.52 -12.37
C THR A 410 21.88 -8.57 -11.29
N THR A 411 20.98 -9.02 -10.40
CA THR A 411 20.47 -8.18 -9.34
C THR A 411 20.39 -8.97 -8.04
N VAL A 412 20.30 -8.24 -6.92
CA VAL A 412 20.08 -8.91 -5.64
C VAL A 412 18.72 -9.59 -5.64
N GLU A 413 17.72 -9.01 -6.29
CA GLU A 413 16.41 -9.65 -6.37
C GLU A 413 16.51 -11.00 -7.07
N GLU A 414 17.35 -11.12 -8.08
CA GLU A 414 17.52 -12.38 -8.78
C GLU A 414 18.21 -13.40 -7.89
N ALA A 415 19.16 -12.94 -7.07
CA ALA A 415 19.84 -13.84 -6.13
C ALA A 415 18.85 -14.41 -5.11
N ILE A 416 17.99 -13.57 -4.57
CA ILE A 416 16.98 -14.02 -3.61
C ILE A 416 16.03 -15.01 -4.26
N LYS A 417 15.58 -14.72 -5.48
CA LYS A 417 14.63 -15.58 -6.16
C LYS A 417 15.22 -16.98 -6.41
N ILE A 418 16.42 -17.04 -6.98
CA ILE A 418 17.07 -18.32 -7.24
C ILE A 418 17.31 -19.08 -5.92
N SER A 419 17.79 -18.38 -4.91
CA SER A 419 18.00 -19.02 -3.62
C SER A 419 16.71 -19.66 -3.10
N ASN A 420 15.61 -18.90 -3.12
CA ASN A 420 14.36 -19.40 -2.58
C ASN A 420 13.67 -20.43 -3.47
N GLU A 421 14.03 -20.49 -4.75
CA GLU A 421 13.46 -21.49 -5.65
C GLU A 421 13.88 -22.89 -5.28
N SER A 422 14.96 -23.05 -4.53
CA SER A 422 15.38 -24.37 -4.09
C SER A 422 14.33 -24.98 -3.18
N GLU A 423 14.18 -26.30 -3.25
CA GLU A 423 13.35 -26.99 -2.28
C GLU A 423 14.01 -27.07 -0.91
N TYR A 424 15.30 -26.76 -0.83
CA TYR A 424 16.00 -26.76 0.45
C TYR A 424 16.02 -25.34 1.02
N GLY A 425 16.17 -25.28 2.34
CA GLY A 425 16.20 -24.01 3.04
C GLY A 425 16.87 -24.11 4.39
N LEU A 426 18.10 -24.63 4.42
CA LEU A 426 18.82 -24.80 5.67
C LEU A 426 19.44 -23.47 6.08
N GLN A 427 20.55 -23.09 5.46
CA GLN A 427 21.22 -21.85 5.79
C GLN A 427 21.61 -21.11 4.52
N ALA A 428 22.01 -19.86 4.68
CA ALA A 428 22.54 -19.04 3.60
C ALA A 428 23.67 -18.18 4.15
N SER A 429 24.58 -17.77 3.27
CA SER A 429 25.62 -16.81 3.59
C SER A 429 25.39 -15.58 2.72
N ILE A 430 25.63 -14.41 3.29
CA ILE A 430 25.57 -13.16 2.53
C ILE A 430 26.91 -12.48 2.74
N PHE A 431 27.59 -12.18 1.66
CA PHE A 431 28.86 -11.47 1.70
C PHE A 431 28.64 -10.07 1.14
N THR A 432 28.84 -9.08 2.00
CA THR A 432 28.59 -7.68 1.68
C THR A 432 29.09 -6.88 2.88
N THR A 433 29.40 -5.61 2.62
CA THR A 433 29.74 -4.66 3.68
C THR A 433 28.54 -3.83 4.12
N ASN A 434 27.39 -4.01 3.47
CA ASN A 434 26.17 -3.26 3.82
C ASN A 434 25.33 -4.17 4.70
N PHE A 435 25.52 -4.05 6.01
CA PHE A 435 24.85 -4.95 6.95
CA PHE A 435 24.87 -4.89 7.01
C PHE A 435 23.36 -4.66 7.05
N PRO A 436 22.90 -3.41 7.01
CA PRO A 436 21.44 -3.21 6.99
C PRO A 436 20.79 -3.88 5.80
N LYS A 437 21.39 -3.74 4.61
CA LYS A 437 20.85 -4.42 3.43
C LYS A 437 20.94 -5.93 3.59
N ALA A 438 22.05 -6.43 4.16
CA ALA A 438 22.19 -7.86 4.39
C ALA A 438 21.06 -8.38 5.28
N PHE A 439 20.69 -7.62 6.30
CA PHE A 439 19.60 -8.03 7.17
C PHE A 439 18.29 -8.07 6.42
N GLY A 440 18.04 -7.06 5.56
CA GLY A 440 16.84 -7.07 4.76
C GLY A 440 16.78 -8.22 3.78
N ILE A 441 17.94 -8.65 3.29
CA ILE A 441 18.01 -9.82 2.43
C ILE A 441 17.73 -11.07 3.22
N ALA A 442 18.36 -11.19 4.41
CA ALA A 442 18.14 -12.36 5.26
C ALA A 442 16.68 -12.56 5.58
N GLU A 443 15.94 -11.47 5.83
CA GLU A 443 14.52 -11.58 6.10
C GLU A 443 13.77 -12.27 4.96
N GLN A 444 14.24 -12.12 3.73
CA GLN A 444 13.56 -12.68 2.58
C GLN A 444 14.01 -14.11 2.23
N LEU A 445 15.14 -14.55 2.76
CA LEU A 445 15.69 -15.84 2.40
C LEU A 445 14.97 -16.92 3.21
N GLU A 446 14.45 -17.94 2.50
CA GLU A 446 13.67 -19.01 3.12
C GLU A 446 14.66 -20.05 3.66
N VAL A 447 15.28 -19.70 4.79
CA VAL A 447 16.26 -20.55 5.46
C VAL A 447 16.12 -20.36 6.96
N GLY A 448 16.75 -21.23 7.71
CA GLY A 448 16.76 -21.18 9.16
C GLY A 448 17.75 -20.18 9.71
N THR A 449 18.96 -20.14 9.13
CA THR A 449 20.02 -19.26 9.60
C THR A 449 20.74 -18.61 8.42
N VAL A 450 21.01 -17.32 8.54
CA VAL A 450 21.79 -16.58 7.57
C VAL A 450 23.05 -16.09 8.27
N HIS A 451 24.21 -16.46 7.72
CA HIS A 451 25.50 -16.03 8.24
C HIS A 451 25.99 -14.87 7.40
N LEU A 452 26.39 -13.78 8.05
CA LEU A 452 26.88 -12.59 7.39
C LEU A 452 28.40 -12.63 7.32
N ASN A 453 28.95 -12.56 6.11
CA ASN A 453 30.39 -12.55 5.90
C ASN A 453 31.07 -13.76 6.55
N ASN A 454 30.40 -14.90 6.44
CA ASN A 454 30.93 -16.15 6.97
C ASN A 454 30.25 -17.30 6.24
N LYS A 455 30.95 -18.45 6.19
CA LYS A 455 30.33 -19.64 5.65
C LYS A 455 29.16 -20.05 6.55
N THR A 456 28.26 -20.86 5.99
CA THR A 456 27.20 -21.45 6.80
C THR A 456 27.81 -22.50 7.72
N GLN A 457 27.19 -22.68 8.88
CA GLN A 457 27.72 -23.61 9.86
C GLN A 457 26.65 -23.85 10.91
N ARG A 458 26.65 -25.06 11.47
CA ARG A 458 25.68 -25.39 12.51
C ARG A 458 25.98 -24.66 13.82
N GLY A 459 27.26 -24.42 14.11
CA GLY A 459 27.64 -23.89 15.40
C GLY A 459 27.47 -22.40 15.52
N THR A 460 27.69 -21.91 16.75
CA THR A 460 27.95 -22.68 17.95
C THR A 460 26.71 -23.43 18.36
N ASP A 461 26.90 -24.59 19.01
CA ASP A 461 25.79 -25.52 19.24
C ASP A 461 24.72 -25.00 20.19
N ASN A 462 24.94 -23.86 20.82
CA ASN A 462 23.85 -23.24 21.57
C ASN A 462 22.93 -22.44 20.66
N PHE A 463 23.39 -22.08 19.46
CA PHE A 463 22.54 -21.33 18.55
C PHE A 463 21.46 -22.23 17.96
N PRO A 464 20.34 -21.68 17.52
CA PRO A 464 19.30 -22.51 16.89
C PRO A 464 19.85 -23.09 15.61
N PHE A 465 19.46 -24.33 15.33
CA PHE A 465 19.76 -24.98 14.07
C PHE A 465 18.46 -25.54 13.49
N LEU A 466 18.06 -25.04 12.32
CA LEU A 466 16.81 -25.46 11.73
C LEU A 466 16.87 -25.20 10.24
N GLY A 467 16.01 -25.90 9.50
CA GLY A 467 15.88 -25.68 8.08
C GLY A 467 14.42 -25.56 7.69
N ALA A 468 14.17 -24.72 6.70
CA ALA A 468 12.84 -24.55 6.14
C ALA A 468 12.63 -25.52 4.98
N LYS A 469 11.38 -25.62 4.53
CA LYS A 469 11.02 -26.39 3.33
C LYS A 469 11.55 -27.82 3.49
N LYS A 470 12.24 -28.38 2.51
CA LYS A 470 12.63 -29.78 2.57
C LYS A 470 13.86 -30.02 3.44
N SER A 471 14.39 -29.01 4.11
CA SER A 471 15.59 -29.16 4.90
C SER A 471 15.33 -29.71 6.29
N GLY A 472 14.08 -29.80 6.72
CA GLY A 472 13.78 -30.49 7.96
C GLY A 472 12.55 -29.94 8.64
N ALA A 473 12.45 -30.25 9.93
CA ALA A 473 11.36 -29.84 10.79
C ALA A 473 11.86 -29.82 12.22
N GLY A 474 11.43 -28.82 12.98
CA GLY A 474 11.86 -28.63 14.34
C GLY A 474 13.13 -27.80 14.43
N VAL A 475 13.45 -27.40 15.66
CA VAL A 475 14.58 -26.51 15.91
C VAL A 475 15.53 -27.21 16.88
N GLN A 476 16.79 -27.33 16.47
CA GLN A 476 17.84 -27.92 17.28
C GLN A 476 18.81 -26.80 17.70
N GLY A 477 20.06 -27.16 17.95
CA GLY A 477 20.78 -26.44 19.01
C GLY A 477 20.30 -26.80 20.41
N VAL A 478 21.21 -26.69 21.35
CA VAL A 478 21.04 -27.41 22.61
C VAL A 478 19.69 -27.10 23.27
N LYS A 479 19.48 -25.84 23.66
CA LYS A 479 18.27 -25.57 24.43
C LYS A 479 17.01 -25.89 23.64
N TYR A 480 17.08 -25.74 22.31
CA TYR A 480 15.91 -25.95 21.47
C TYR A 480 15.60 -27.44 21.37
N SER A 481 16.64 -28.28 21.33
CA SER A 481 16.43 -29.72 21.30
CA SER A 481 16.42 -29.71 21.30
C SER A 481 15.80 -30.20 22.60
N ILE A 482 16.27 -29.66 23.73
CA ILE A 482 15.67 -30.02 25.02
C ILE A 482 14.19 -29.63 25.02
N GLU A 483 13.89 -28.41 24.57
CA GLU A 483 12.50 -27.97 24.54
CA GLU A 483 12.50 -27.97 24.54
C GLU A 483 11.65 -28.87 23.65
N ALA A 484 12.19 -29.23 22.48
CA ALA A 484 11.43 -30.06 21.55
C ALA A 484 11.04 -31.39 22.17
N MET A 485 11.96 -31.99 22.93
CA MET A 485 11.76 -33.31 23.51
C MET A 485 11.21 -33.23 24.93
N THR A 486 10.58 -32.12 25.27
CA THR A 486 9.80 -32.01 26.50
C THR A 486 8.36 -31.63 26.14
N THR A 487 7.45 -31.94 27.04
CA THR A 487 6.09 -31.46 27.00
C THR A 487 5.84 -30.71 28.30
N VAL A 488 4.59 -30.27 28.49
CA VAL A 488 4.24 -29.58 29.72
C VAL A 488 3.09 -30.31 30.39
N LYS A 489 3.06 -30.24 31.73
CA LYS A 489 1.96 -30.70 32.57
C LYS A 489 1.48 -29.49 33.35
N SER A 490 0.21 -29.12 33.15
CA SER A 490 -0.39 -27.98 33.83
C SER A 490 -1.28 -28.47 34.97
N VAL A 491 -1.04 -27.94 36.16
CA VAL A 491 -1.88 -28.19 37.32
C VAL A 491 -2.57 -26.87 37.68
N VAL A 492 -3.88 -26.87 37.61
CA VAL A 492 -4.70 -25.68 37.80
C VAL A 492 -5.49 -25.83 39.08
N PHE A 493 -5.51 -24.77 39.89
CA PHE A 493 -6.26 -24.77 41.14
C PHE A 493 -6.64 -23.35 41.50
N ASP A 494 -7.66 -23.23 42.32
CA ASP A 494 -8.16 -21.93 42.77
C ASP A 494 -7.62 -21.63 44.15
N ILE A 495 -7.00 -20.47 44.31
CA ILE A 495 -6.55 -20.01 45.60
C ILE A 495 -7.74 -19.58 46.45
N GLN A 496 -7.71 -19.94 47.73
CA GLN A 496 -8.82 -19.67 48.63
C GLN A 496 -8.37 -18.77 49.74
N ALA B 23 -32.76 -18.58 5.07
CA ALA B 23 -31.91 -19.48 4.30
C ALA B 23 -31.14 -18.74 3.21
N LYS B 24 -30.27 -17.84 3.61
CA LYS B 24 -29.47 -17.13 2.61
C LYS B 24 -28.45 -18.10 1.99
N GLN B 25 -27.96 -17.72 0.82
CA GLN B 25 -26.94 -18.48 0.10
C GLN B 25 -25.60 -17.89 0.53
N TYR B 26 -24.90 -18.56 1.44
CA TYR B 26 -23.65 -18.04 1.93
C TYR B 26 -22.52 -18.20 0.92
N LYS B 27 -21.46 -17.42 1.11
CA LYS B 27 -20.36 -17.36 0.17
C LYS B 27 -19.04 -17.43 0.93
N ASN B 28 -18.01 -17.90 0.24
CA ASN B 28 -16.69 -17.98 0.83
C ASN B 28 -15.93 -16.69 0.62
N LEU B 29 -15.12 -16.32 1.60
CA LEU B 29 -14.20 -15.20 1.48
C LEU B 29 -12.96 -15.70 0.75
N VAL B 30 -12.73 -15.20 -0.46
CA VAL B 30 -11.62 -15.64 -1.28
C VAL B 30 -10.96 -14.41 -1.87
N ASN B 31 -9.72 -14.16 -1.47
CA ASN B 31 -8.94 -13.05 -1.99
C ASN B 31 -9.71 -11.74 -1.91
N GLY B 32 -10.26 -11.49 -0.73
CA GLY B 32 -10.97 -10.24 -0.46
C GLY B 32 -12.35 -10.14 -1.04
N GLU B 33 -12.82 -11.16 -1.76
CA GLU B 33 -14.11 -11.17 -2.43
C GLU B 33 -14.96 -12.31 -1.89
N TRP B 34 -16.28 -12.11 -1.89
CA TRP B 34 -17.23 -13.15 -1.53
C TRP B 34 -17.67 -13.87 -2.80
N LYS B 35 -17.47 -15.18 -2.85
CA LYS B 35 -17.74 -15.93 -4.06
C LYS B 35 -18.52 -17.20 -3.75
N LEU B 36 -19.52 -17.45 -4.58
CA LEU B 36 -20.23 -18.72 -4.60
C LEU B 36 -19.41 -19.72 -5.41
N SER B 37 -19.88 -20.97 -5.41
CA SER B 37 -19.36 -22.01 -6.28
C SER B 37 -20.50 -22.50 -7.17
N GLU B 38 -20.17 -23.36 -8.13
CA GLU B 38 -21.20 -23.89 -9.01
C GLU B 38 -22.28 -24.62 -8.21
N ASN B 39 -21.87 -25.42 -7.23
CA ASN B 39 -22.78 -26.19 -6.40
C ASN B 39 -22.72 -25.72 -4.96
N GLU B 40 -23.75 -26.09 -4.19
CA GLU B 40 -23.89 -25.66 -2.81
C GLU B 40 -24.35 -26.84 -1.96
N ILE B 41 -24.25 -26.66 -0.65
CA ILE B 41 -24.66 -27.62 0.34
C ILE B 41 -25.67 -26.93 1.24
N THR B 42 -26.87 -27.48 1.32
CA THR B 42 -27.90 -26.91 2.19
C THR B 42 -27.69 -27.44 3.61
N ILE B 43 -27.78 -26.53 4.58
CA ILE B 43 -27.56 -26.84 5.98
C ILE B 43 -28.88 -26.66 6.74
N TYR B 44 -29.17 -27.62 7.62
CA TYR B 44 -30.40 -27.64 8.39
C TYR B 44 -30.08 -27.66 9.87
N ALA B 45 -30.96 -27.06 10.65
CA ALA B 45 -30.81 -27.05 12.10
C ALA B 45 -31.03 -28.45 12.65
N PRO B 46 -30.04 -29.04 13.34
CA PRO B 46 -30.23 -30.42 13.81
C PRO B 46 -31.41 -30.61 14.75
N ALA B 47 -31.79 -29.57 15.50
CA ALA B 47 -32.84 -29.73 16.50
C ALA B 47 -34.24 -29.63 15.92
N THR B 48 -34.40 -28.93 14.80
CA THR B 48 -35.71 -28.65 14.24
C THR B 48 -35.88 -29.00 12.75
N GLY B 49 -34.79 -29.22 12.02
CA GLY B 49 -34.87 -29.41 10.60
C GLY B 49 -35.01 -28.14 9.80
N GLU B 50 -35.06 -26.99 10.46
CA GLU B 50 -35.15 -25.72 9.76
C GLU B 50 -34.00 -25.56 8.76
N GLU B 51 -34.32 -25.04 7.58
CA GLU B 51 -33.29 -24.75 6.60
C GLU B 51 -32.64 -23.43 6.94
N LEU B 52 -31.33 -23.45 7.16
CA LEU B 52 -30.59 -22.27 7.58
C LEU B 52 -29.91 -21.57 6.43
N GLY B 53 -29.73 -22.24 5.30
CA GLY B 53 -29.07 -21.67 4.15
C GLY B 53 -28.18 -22.70 3.52
N SER B 54 -27.34 -22.24 2.58
CA SER B 54 -26.43 -23.11 1.86
C SER B 54 -25.03 -22.51 1.90
N VAL B 55 -24.04 -23.38 1.76
CA VAL B 55 -22.63 -22.97 1.63
C VAL B 55 -22.03 -23.56 0.36
N PRO B 56 -20.99 -22.96 -0.20
CA PRO B 56 -20.44 -23.47 -1.46
C PRO B 56 -19.81 -24.84 -1.29
N ALA B 57 -19.92 -25.64 -2.35
CA ALA B 57 -19.27 -26.94 -2.43
C ALA B 57 -18.07 -26.79 -3.36
N MET B 58 -16.98 -26.28 -2.79
CA MET B 58 -15.83 -25.90 -3.58
C MET B 58 -15.19 -27.13 -4.24
N THR B 59 -14.63 -26.91 -5.42
CA THR B 59 -13.87 -27.94 -6.09
C THR B 59 -12.39 -27.83 -5.70
N GLN B 60 -11.61 -28.82 -6.12
CA GLN B 60 -10.18 -28.78 -5.82
C GLN B 60 -9.52 -27.60 -6.52
N ALA B 61 -9.97 -27.29 -7.73
CA ALA B 61 -9.40 -26.16 -8.45
C ALA B 61 -9.69 -24.85 -7.69
N GLU B 62 -10.86 -24.73 -7.10
CA GLU B 62 -11.18 -23.55 -6.31
C GLU B 62 -10.31 -23.48 -5.06
N VAL B 63 -9.98 -24.63 -4.47
CA VAL B 63 -9.04 -24.63 -3.35
C VAL B 63 -7.68 -24.13 -3.81
N ASP B 64 -7.25 -24.54 -5.01
CA ASP B 64 -6.01 -24.04 -5.56
C ASP B 64 -6.01 -22.52 -5.61
N ALA B 65 -7.13 -21.93 -6.05
CA ALA B 65 -7.19 -20.48 -6.18
C ALA B 65 -7.11 -19.80 -4.81
N VAL B 66 -7.83 -20.35 -3.82
CA VAL B 66 -7.72 -19.82 -2.47
C VAL B 66 -6.28 -19.81 -2.02
N TYR B 67 -5.60 -20.97 -2.12
CA TYR B 67 -4.24 -21.06 -1.61
C TYR B 67 -3.29 -20.15 -2.39
N ALA B 68 -3.50 -20.04 -3.70
CA ALA B 68 -2.69 -19.13 -4.50
C ALA B 68 -2.84 -17.71 -4.01
N SER B 69 -4.08 -17.27 -3.78
CA SER B 69 -4.30 -15.89 -3.33
C SER B 69 -3.66 -15.65 -1.97
N ALA B 70 -3.74 -16.64 -1.08
CA ALA B 70 -3.15 -16.51 0.25
C ALA B 70 -1.62 -16.35 0.17
N LYS B 71 -0.95 -17.22 -0.60
CA LYS B 71 0.50 -17.11 -0.72
C LYS B 71 0.88 -15.80 -1.40
N LYS B 72 0.03 -15.30 -2.31
CA LYS B 72 0.33 -14.01 -2.93
C LYS B 72 0.27 -12.89 -1.90
N ALA B 73 -0.68 -12.96 -0.96
CA ALA B 73 -0.84 -11.94 0.07
C ALA B 73 0.18 -12.04 1.19
N LEU B 74 0.87 -13.17 1.31
CA LEU B 74 1.72 -13.40 2.47
C LEU B 74 2.85 -12.37 2.57
N SER B 75 3.46 -12.00 1.45
CA SER B 75 4.61 -11.11 1.53
C SER B 75 4.21 -9.75 2.13
N ASP B 76 3.18 -9.12 1.58
CA ASP B 76 2.75 -7.82 2.09
C ASP B 76 2.20 -7.91 3.51
N TRP B 77 1.68 -9.08 3.88
CA TRP B 77 1.11 -9.23 5.22
C TRP B 77 2.21 -9.38 6.26
N ARG B 78 3.17 -10.27 6.00
CA ARG B 78 4.21 -10.51 7.00
C ARG B 78 5.09 -9.28 7.19
N THR B 79 5.21 -8.44 6.17
CA THR B 79 6.06 -7.24 6.28
C THR B 79 5.35 -6.08 6.96
N LEU B 80 4.04 -6.17 7.18
CA LEU B 80 3.40 -5.17 8.01
C LEU B 80 3.97 -5.22 9.43
N SER B 81 3.80 -4.12 10.17
CA SER B 81 4.18 -4.13 11.57
C SER B 81 3.22 -4.99 12.39
N TYR B 82 3.70 -5.45 13.56
CA TYR B 82 2.79 -6.11 14.49
C TYR B 82 1.61 -5.22 14.83
N VAL B 83 1.87 -3.93 15.08
CA VAL B 83 0.80 -2.98 15.41
C VAL B 83 -0.29 -2.99 14.35
N GLU B 84 0.09 -2.97 13.08
CA GLU B 84 -0.90 -2.92 12.02
C GLU B 84 -1.72 -4.21 11.95
N ARG B 85 -1.07 -5.36 12.14
CA ARG B 85 -1.82 -6.61 12.14
C ARG B 85 -2.73 -6.70 13.35
N ALA B 86 -2.25 -6.25 14.51
CA ALA B 86 -3.08 -6.27 15.72
C ALA B 86 -4.33 -5.41 15.54
N ALA B 87 -4.18 -4.28 14.85
CA ALA B 87 -5.31 -3.39 14.65
C ALA B 87 -6.44 -4.10 13.91
N TYR B 88 -6.12 -4.88 12.87
CA TYR B 88 -7.15 -5.62 12.17
C TYR B 88 -7.87 -6.61 13.10
N LEU B 89 -7.11 -7.29 13.94
CA LEU B 89 -7.71 -8.29 14.83
C LEU B 89 -8.64 -7.63 15.85
N HIS B 90 -8.20 -6.52 16.43
CA HIS B 90 -9.07 -5.85 17.39
C HIS B 90 -10.35 -5.38 16.73
N LYS B 91 -10.25 -4.83 15.51
CA LYS B 91 -11.43 -4.39 14.79
C LYS B 91 -12.38 -5.56 14.54
N ALA B 92 -11.83 -6.70 14.10
CA ALA B 92 -12.66 -7.88 13.85
C ALA B 92 -13.32 -8.35 15.15
N ALA B 93 -12.61 -8.26 16.28
CA ALA B 93 -13.20 -8.66 17.55
C ALA B 93 -14.33 -7.71 17.95
N ASP B 94 -14.12 -6.40 17.78
CA ASP B 94 -15.19 -5.45 18.07
C ASP B 94 -16.46 -5.77 17.26
N ILE B 95 -16.29 -6.08 15.98
CA ILE B 95 -17.44 -6.40 15.13
C ILE B 95 -18.14 -7.67 15.61
N LEU B 96 -17.37 -8.69 16.02
CA LEU B 96 -17.97 -9.88 16.60
C LEU B 96 -18.80 -9.53 17.82
N VAL B 97 -18.26 -8.70 18.70
CA VAL B 97 -19.01 -8.28 19.89
C VAL B 97 -20.29 -7.57 19.49
N ARG B 98 -20.20 -6.71 18.46
CA ARG B 98 -21.37 -5.98 17.99
C ARG B 98 -22.44 -6.92 17.48
N ASP B 99 -22.02 -7.98 16.79
CA ASP B 99 -22.97 -8.89 16.15
C ASP B 99 -23.12 -10.19 16.92
N ALA B 100 -22.70 -10.21 18.19
CA ALA B 100 -22.72 -11.46 18.94
C ALA B 100 -24.12 -12.07 18.95
N GLU B 101 -25.16 -11.24 19.09
CA GLU B 101 -26.51 -11.79 19.15
C GLU B 101 -26.93 -12.40 17.82
N LYS B 102 -26.65 -11.71 16.73
CA LYS B 102 -27.06 -12.19 15.41
C LYS B 102 -26.31 -13.48 15.08
N ILE B 103 -24.99 -13.49 15.28
CA ILE B 103 -24.22 -14.68 14.95
C ILE B 103 -24.61 -15.83 15.86
N GLY B 104 -24.68 -15.56 17.17
CA GLY B 104 -25.02 -16.60 18.11
C GLY B 104 -26.37 -17.23 17.83
N ALA B 105 -27.33 -16.42 17.38
CA ALA B 105 -28.65 -16.96 17.08
C ALA B 105 -28.57 -18.00 15.96
N ILE B 106 -27.71 -17.75 14.97
CA ILE B 106 -27.58 -18.71 13.87
C ILE B 106 -26.74 -19.90 14.32
N LEU B 107 -25.63 -19.62 15.02
CA LEU B 107 -24.80 -20.70 15.56
CA LEU B 107 -24.81 -20.71 15.55
C LEU B 107 -25.64 -21.65 16.40
N SER B 108 -26.53 -21.10 17.24
CA SER B 108 -27.39 -21.92 18.07
C SER B 108 -28.18 -22.93 17.23
N LYS B 109 -28.75 -22.47 16.12
CA LYS B 109 -29.52 -23.38 15.26
C LYS B 109 -28.61 -24.37 14.53
N GLU B 110 -27.46 -23.91 14.05
CA GLU B 110 -26.65 -24.75 13.17
C GLU B 110 -26.10 -25.99 13.87
N VAL B 111 -25.75 -25.87 15.14
CA VAL B 111 -25.14 -26.97 15.89
C VAL B 111 -25.94 -27.35 17.13
N ALA B 112 -27.20 -26.91 17.18
CA ALA B 112 -28.09 -27.30 18.28
C ALA B 112 -27.46 -26.99 19.63
N LYS B 113 -26.86 -25.80 19.73
CA LYS B 113 -26.28 -25.31 20.97
C LYS B 113 -27.23 -24.29 21.57
N GLY B 114 -27.37 -24.34 22.89
CA GLY B 114 -28.23 -23.38 23.55
C GLY B 114 -27.98 -21.97 23.08
N HIS B 115 -29.05 -21.20 22.89
CA HIS B 115 -28.94 -19.84 22.35
C HIS B 115 -27.99 -18.99 23.18
N LYS B 116 -28.15 -19.00 24.51
CA LYS B 116 -27.26 -18.21 25.35
C LYS B 116 -25.83 -18.73 25.28
N ALA B 117 -25.66 -20.05 25.26
CA ALA B 117 -24.32 -20.61 25.14
C ALA B 117 -23.71 -20.22 23.81
N ALA B 118 -24.52 -20.17 22.75
CA ALA B 118 -24.01 -19.80 21.44
C ALA B 118 -23.50 -18.36 21.45
N VAL B 119 -24.28 -17.45 22.02
CA VAL B 119 -23.83 -16.07 22.10
C VAL B 119 -22.55 -15.97 22.93
N SER B 120 -22.51 -16.68 24.07
CA SER B 120 -21.31 -16.67 24.90
C SER B 120 -20.10 -17.16 24.12
N GLU B 121 -20.28 -18.12 23.21
CA GLU B 121 -19.17 -18.60 22.40
C GLU B 121 -18.61 -17.49 21.53
N VAL B 122 -19.49 -16.69 20.94
CA VAL B 122 -19.04 -15.58 20.11
C VAL B 122 -18.30 -14.56 20.96
N ILE B 123 -18.83 -14.24 22.14
CA ILE B 123 -18.17 -13.27 23.02
C ILE B 123 -16.78 -13.77 23.42
N ARG B 124 -16.68 -15.05 23.75
CA ARG B 124 -15.39 -15.62 24.11
C ARG B 124 -14.43 -15.54 22.95
N THR B 125 -14.94 -15.76 21.72
CA THR B 125 -14.06 -15.70 20.55
C THR B 125 -13.46 -14.30 20.40
N ALA B 126 -14.27 -13.26 20.61
CA ALA B 126 -13.73 -11.90 20.59
C ALA B 126 -12.67 -11.70 21.65
N GLU B 127 -12.88 -12.27 22.84
CA GLU B 127 -11.87 -12.18 23.89
C GLU B 127 -10.58 -12.85 23.47
N ILE B 128 -10.69 -14.01 22.81
CA ILE B 128 -9.51 -14.73 22.36
C ILE B 128 -8.79 -13.98 21.27
N ILE B 129 -9.54 -13.34 20.38
CA ILE B 129 -8.90 -12.61 19.28
C ILE B 129 -8.15 -11.40 19.83
N ASN B 130 -8.79 -10.65 20.71
CA ASN B 130 -8.16 -9.47 21.27
C ASN B 130 -6.91 -9.87 22.06
N TYR B 131 -7.00 -10.97 22.80
CA TYR B 131 -5.85 -11.41 23.59
C TYR B 131 -4.72 -11.88 22.67
N ALA B 132 -5.06 -12.55 21.58
CA ALA B 132 -4.05 -13.00 20.64
C ALA B 132 -3.35 -11.81 20.01
N ALA B 133 -4.10 -10.77 19.66
CA ALA B 133 -3.49 -9.59 19.05
C ALA B 133 -2.47 -8.95 19.98
N GLU B 134 -2.79 -8.81 21.26
CA GLU B 134 -1.87 -8.16 22.19
C GLU B 134 -0.77 -9.10 22.67
N GLU B 135 -1.04 -10.40 22.73
CA GLU B 135 0.05 -11.34 23.05
C GLU B 135 1.07 -11.37 21.91
N GLY B 136 0.59 -11.40 20.67
CA GLY B 136 1.47 -11.60 19.54
C GLY B 136 2.29 -10.38 19.20
N LEU B 137 1.77 -9.19 19.46
CA LEU B 137 2.44 -7.99 18.97
C LEU B 137 3.67 -7.66 19.78
N ARG B 138 3.76 -8.12 21.02
CA ARG B 138 4.91 -7.84 21.87
C ARG B 138 5.85 -9.03 22.01
N MET B 139 5.67 -10.07 21.21
N MET B 139 5.70 -10.05 21.17
CA MET B 139 6.62 -11.17 21.22
CA MET B 139 6.62 -11.18 21.21
C MET B 139 7.99 -10.66 20.78
C MET B 139 7.98 -10.76 20.66
N GLU B 140 9.02 -11.34 21.23
CA GLU B 140 10.37 -10.89 21.02
C GLU B 140 11.26 -12.01 20.49
N GLY B 141 12.44 -11.60 20.03
CA GLY B 141 13.50 -12.52 19.70
C GLY B 141 14.55 -12.58 20.79
N GLU B 142 15.65 -13.27 20.49
CA GLU B 142 16.72 -13.47 21.44
C GLU B 142 18.06 -13.25 20.77
N VAL B 143 19.03 -12.88 21.59
CA VAL B 143 20.42 -12.71 21.15
C VAL B 143 21.22 -13.75 21.92
N LEU B 144 21.84 -14.66 21.19
CA LEU B 144 22.64 -15.70 21.80
C LEU B 144 24.11 -15.39 21.62
N GLU B 145 24.89 -15.67 22.66
CA GLU B 145 26.31 -15.36 22.70
C GLU B 145 27.11 -16.59 22.32
N GLY B 146 28.02 -16.43 21.35
CA GLY B 146 28.93 -17.51 21.03
C GLY B 146 29.78 -17.93 22.20
N GLY B 147 30.18 -16.98 23.04
CA GLY B 147 31.06 -17.23 24.16
C GLY B 147 30.43 -18.01 25.29
N SER B 148 29.10 -18.21 25.26
CA SER B 148 28.47 -19.13 26.18
C SER B 148 28.92 -20.56 25.93
N PHE B 149 29.30 -20.88 24.69
CA PHE B 149 29.63 -22.26 24.31
C PHE B 149 31.11 -22.47 24.09
N GLU B 150 31.81 -21.54 23.46
CA GLU B 150 33.24 -21.71 23.25
C GLU B 150 33.93 -20.35 23.21
N ALA B 151 35.10 -20.29 23.84
CA ALA B 151 35.84 -19.03 23.95
C ALA B 151 36.11 -18.44 22.58
N ALA B 152 36.48 -19.28 21.61
CA ALA B 152 36.91 -18.78 20.32
C ALA B 152 35.80 -18.06 19.57
N SER B 153 34.54 -18.26 19.97
CA SER B 153 33.40 -17.67 19.31
C SER B 153 32.77 -16.54 20.11
N LYS B 154 33.55 -15.90 21.00
CA LYS B 154 32.97 -14.89 21.89
C LYS B 154 32.50 -13.65 21.16
N LYS B 155 33.02 -13.38 19.97
CA LYS B 155 32.59 -12.23 19.18
C LYS B 155 31.46 -12.58 18.21
N LYS B 156 31.03 -13.84 18.18
CA LYS B 156 29.97 -14.30 17.29
C LYS B 156 28.65 -14.29 18.06
N ILE B 157 27.66 -13.56 17.55
CA ILE B 157 26.35 -13.52 18.19
C ILE B 157 25.28 -13.92 17.17
N ALA B 158 24.18 -14.43 17.68
CA ALA B 158 23.06 -14.88 16.87
C ALA B 158 21.85 -14.03 17.20
N ILE B 159 21.37 -13.29 16.21
CA ILE B 159 20.15 -12.49 16.36
C ILE B 159 19.00 -13.34 15.86
N VAL B 160 18.17 -13.82 16.77
CA VAL B 160 17.13 -14.80 16.48
C VAL B 160 15.79 -14.09 16.58
N ARG B 161 15.14 -13.88 15.44
CA ARG B 161 13.84 -13.25 15.37
C ARG B 161 12.79 -14.24 14.91
N ARG B 162 11.54 -13.97 15.26
N ARG B 162 11.53 -13.96 15.26
CA ARG B 162 10.43 -14.84 14.93
CA ARG B 162 10.43 -14.85 14.92
C ARG B 162 9.88 -14.48 13.55
C ARG B 162 9.88 -14.48 13.55
N GLU B 163 9.40 -15.48 12.83
CA GLU B 163 8.79 -15.30 11.52
C GLU B 163 7.57 -16.23 11.43
N PRO B 164 6.60 -15.87 10.60
CA PRO B 164 5.47 -16.78 10.37
C PRO B 164 5.92 -18.06 9.67
N VAL B 165 5.10 -19.11 9.82
CA VAL B 165 5.35 -20.34 9.08
C VAL B 165 4.85 -20.25 7.64
N GLY B 166 3.90 -19.36 7.36
CA GLY B 166 3.40 -19.18 6.00
C GLY B 166 1.89 -19.27 5.95
N LEU B 167 1.37 -20.27 5.23
CA LEU B 167 -0.06 -20.47 5.10
C LEU B 167 -0.47 -21.48 6.15
N VAL B 168 -1.35 -21.04 7.05
CA VAL B 168 -1.94 -21.91 8.05
C VAL B 168 -3.32 -22.35 7.57
N LEU B 169 -3.54 -23.65 7.49
CA LEU B 169 -4.87 -24.20 7.28
C LEU B 169 -5.51 -24.43 8.64
N ALA B 170 -6.60 -23.73 8.91
CA ALA B 170 -7.34 -23.85 10.16
C ALA B 170 -8.60 -24.65 9.88
N ILE B 171 -8.81 -25.72 10.64
CA ILE B 171 -9.98 -26.59 10.49
C ILE B 171 -10.69 -26.60 11.82
N SER B 172 -11.81 -25.91 11.91
CA SER B 172 -12.58 -25.79 13.13
C SER B 172 -13.56 -26.95 13.27
N PRO B 173 -14.08 -27.19 14.50
CA PRO B 173 -14.97 -28.32 14.73
C PRO B 173 -16.42 -27.89 14.84
N PHE B 174 -17.36 -28.82 14.73
CA PHE B 174 -18.76 -28.45 14.78
C PHE B 174 -19.17 -27.91 16.15
N ASN B 175 -18.55 -28.41 17.22
CA ASN B 175 -19.04 -28.09 18.56
C ASN B 175 -18.62 -26.69 19.02
N TYR B 176 -17.61 -26.10 18.38
CA TYR B 176 -17.18 -24.73 18.66
C TYR B 176 -16.74 -24.10 17.34
N PRO B 177 -17.66 -23.94 16.39
CA PRO B 177 -17.27 -23.55 15.03
C PRO B 177 -16.83 -22.10 14.90
N VAL B 178 -17.11 -21.26 15.90
CA VAL B 178 -16.58 -19.91 15.96
C VAL B 178 -15.39 -19.82 16.90
N ASN B 179 -15.55 -20.27 18.15
CA ASN B 179 -14.48 -20.18 19.14
C ASN B 179 -13.22 -20.90 18.66
N LEU B 180 -13.35 -22.15 18.21
CA LEU B 180 -12.20 -22.92 17.79
C LEU B 180 -11.88 -22.73 16.31
N ALA B 181 -12.50 -21.75 15.67
CA ALA B 181 -11.94 -21.13 14.47
C ALA B 181 -11.07 -19.93 14.84
N GLY B 182 -11.63 -18.99 15.61
CA GLY B 182 -10.88 -17.81 16.03
C GLY B 182 -9.63 -18.14 16.83
N SER B 183 -9.68 -19.21 17.64
CA SER B 183 -8.53 -19.62 18.41
C SER B 183 -7.37 -20.04 17.54
N LYS B 184 -7.59 -20.27 16.26
CA LYS B 184 -6.55 -20.60 15.29
C LYS B 184 -6.23 -19.43 14.39
N ILE B 185 -7.27 -18.70 13.96
CA ILE B 185 -7.08 -17.61 13.00
C ILE B 185 -6.29 -16.48 13.63
N ALA B 186 -6.67 -16.07 14.85
CA ALA B 186 -6.07 -14.87 15.43
C ALA B 186 -4.60 -15.11 15.79
N PRO B 187 -4.24 -16.15 16.53
CA PRO B 187 -2.80 -16.44 16.72
C PRO B 187 -2.02 -16.51 15.43
N ALA B 188 -2.59 -17.14 14.40
CA ALA B 188 -1.90 -17.24 13.12
C ALA B 188 -1.66 -15.86 12.51
N LEU B 189 -2.70 -15.03 12.49
CA LEU B 189 -2.64 -13.78 11.76
C LEU B 189 -1.69 -12.78 12.42
N ILE B 190 -1.75 -12.66 13.76
CA ILE B 190 -0.87 -11.69 14.42
C ILE B 190 0.60 -11.97 14.13
N ALA B 191 0.97 -13.26 14.00
CA ALA B 191 2.35 -13.63 13.77
C ALA B 191 2.78 -13.42 12.33
N GLY B 192 1.86 -13.00 11.45
CA GLY B 192 2.18 -12.74 10.06
C GLY B 192 1.88 -13.88 9.12
N ASN B 193 1.27 -14.95 9.61
CA ASN B 193 0.80 -15.99 8.72
C ASN B 193 -0.44 -15.51 7.98
N VAL B 194 -0.72 -16.17 6.83
CA VAL B 194 -2.00 -16.05 6.13
C VAL B 194 -2.76 -17.33 6.43
N VAL B 195 -4.08 -17.24 6.37
CA VAL B 195 -4.96 -18.28 6.88
C VAL B 195 -6.02 -18.69 5.87
N ALA B 196 -6.27 -19.98 5.75
CA ALA B 196 -7.47 -20.49 5.11
C ALA B 196 -8.23 -21.26 6.17
N LEU B 197 -9.50 -20.88 6.40
CA LEU B 197 -10.36 -21.55 7.37
C LEU B 197 -11.26 -22.53 6.63
N LYS B 198 -11.16 -23.82 6.97
CA LYS B 198 -12.08 -24.83 6.49
C LYS B 198 -12.98 -25.18 7.67
N PRO B 199 -14.18 -24.63 7.77
CA PRO B 199 -15.08 -25.03 8.82
C PRO B 199 -15.76 -26.34 8.46
N PRO B 200 -16.30 -27.06 9.43
CA PRO B 200 -17.03 -28.27 9.10
C PRO B 200 -18.33 -27.89 8.42
N THR B 201 -18.83 -28.79 7.57
CA THR B 201 -20.06 -28.51 6.84
C THR B 201 -21.17 -28.11 7.80
N GLN B 202 -21.37 -28.91 8.86
CA GLN B 202 -22.29 -28.51 9.91
C GLN B 202 -21.53 -27.56 10.81
N GLY B 203 -21.76 -26.26 10.65
CA GLY B 203 -20.92 -25.25 11.26
C GLY B 203 -20.24 -24.33 10.26
N SER B 204 -20.42 -24.56 8.95
CA SER B 204 -19.84 -23.69 7.94
C SER B 204 -20.51 -22.33 7.92
N ILE B 205 -21.82 -22.27 8.17
CA ILE B 205 -22.48 -20.97 8.20
C ILE B 205 -21.88 -20.11 9.31
N SER B 206 -21.73 -20.69 10.51
CA SER B 206 -21.12 -19.95 11.61
C SER B 206 -19.70 -19.53 11.29
N GLY B 207 -18.92 -20.40 10.67
CA GLY B 207 -17.56 -20.03 10.31
C GLY B 207 -17.52 -18.91 9.30
N LEU B 208 -18.45 -18.92 8.34
CA LEU B 208 -18.53 -17.82 7.40
C LEU B 208 -19.02 -16.53 8.07
N LEU B 209 -19.94 -16.65 9.04
CA LEU B 209 -20.35 -15.48 9.79
C LEU B 209 -19.17 -14.86 10.54
N LEU B 210 -18.30 -15.70 11.10
CA LEU B 210 -17.06 -15.20 11.68
C LEU B 210 -16.22 -14.51 10.63
N ALA B 211 -16.09 -15.12 9.45
CA ALA B 211 -15.28 -14.53 8.40
C ALA B 211 -15.77 -13.13 8.03
N GLU B 212 -17.07 -12.91 8.07
CA GLU B 212 -17.61 -11.59 7.74
C GLU B 212 -17.00 -10.51 8.62
N ALA B 213 -16.80 -10.81 9.91
CA ALA B 213 -16.21 -9.83 10.82
C ALA B 213 -14.79 -9.47 10.38
N PHE B 214 -13.98 -10.47 10.05
CA PHE B 214 -12.62 -10.20 9.58
C PHE B 214 -12.65 -9.41 8.28
N ALA B 215 -13.58 -9.74 7.37
CA ALA B 215 -13.70 -9.00 6.13
C ALA B 215 -14.07 -7.54 6.40
N GLU B 216 -15.11 -7.32 7.21
CA GLU B 216 -15.54 -5.96 7.50
C GLU B 216 -14.46 -5.18 8.24
N ALA B 217 -13.62 -5.88 9.00
CA ALA B 217 -12.50 -5.24 9.67
C ALA B 217 -11.45 -4.76 8.69
N GLY B 218 -11.49 -5.20 7.44
CA GLY B 218 -10.56 -4.74 6.43
C GLY B 218 -9.34 -5.61 6.24
N ILE B 219 -9.37 -6.85 6.72
CA ILE B 219 -8.24 -7.78 6.56
C ILE B 219 -7.86 -7.77 5.09
N PRO B 220 -6.58 -7.63 4.74
CA PRO B 220 -6.22 -7.49 3.33
C PRO B 220 -6.60 -8.72 2.53
N ALA B 221 -6.91 -8.49 1.25
CA ALA B 221 -7.35 -9.57 0.38
C ALA B 221 -6.34 -10.72 0.38
N GLY B 222 -6.84 -11.93 0.58
CA GLY B 222 -6.00 -13.11 0.57
C GLY B 222 -5.35 -13.44 1.90
N VAL B 223 -5.26 -12.48 2.79
CA VAL B 223 -4.67 -12.76 4.09
C VAL B 223 -5.50 -13.76 4.88
N PHE B 224 -6.82 -13.65 4.80
CA PHE B 224 -7.74 -14.59 5.44
C PHE B 224 -8.80 -15.01 4.43
N ASN B 225 -8.95 -16.33 4.27
CA ASN B 225 -9.88 -16.90 3.31
C ASN B 225 -10.66 -18.04 3.97
N THR B 226 -11.75 -18.47 3.32
CA THR B 226 -12.53 -19.60 3.79
C THR B 226 -12.65 -20.61 2.67
N ILE B 227 -12.79 -21.88 3.07
CA ILE B 227 -13.03 -22.99 2.16
C ILE B 227 -14.18 -23.79 2.75
N THR B 228 -15.18 -24.07 1.93
CA THR B 228 -16.26 -24.97 2.29
C THR B 228 -16.47 -25.98 1.17
N GLY B 229 -16.83 -27.20 1.54
CA GLY B 229 -17.07 -28.23 0.55
C GLY B 229 -17.19 -29.59 1.22
N ARG B 230 -17.45 -30.59 0.38
CA ARG B 230 -17.64 -31.96 0.85
C ARG B 230 -16.29 -32.62 1.06
N GLY B 231 -16.19 -33.38 2.14
CA GLY B 231 -14.94 -34.05 2.45
C GLY B 231 -14.48 -35.00 1.37
N SER B 232 -15.42 -35.67 0.69
CA SER B 232 -15.04 -36.58 -0.37
C SER B 232 -14.38 -35.87 -1.54
N VAL B 233 -14.63 -34.57 -1.69
CA VAL B 233 -14.11 -33.81 -2.81
C VAL B 233 -12.82 -33.07 -2.45
N ILE B 234 -12.78 -32.44 -1.27
CA ILE B 234 -11.64 -31.61 -0.89
C ILE B 234 -11.04 -31.99 0.45
N GLY B 235 -11.61 -32.96 1.15
CA GLY B 235 -11.14 -33.31 2.47
C GLY B 235 -9.64 -33.52 2.58
N ASP B 236 -9.11 -34.51 1.88
CA ASP B 236 -7.67 -34.73 1.90
C ASP B 236 -6.93 -33.68 1.08
N TYR B 237 -7.56 -33.17 0.03
CA TYR B 237 -6.87 -32.27 -0.89
C TYR B 237 -6.41 -30.99 -0.19
N ILE B 238 -7.25 -30.44 0.69
CA ILE B 238 -6.88 -29.19 1.35
C ILE B 238 -5.65 -29.36 2.25
N VAL B 239 -5.45 -30.56 2.80
CA VAL B 239 -4.34 -30.83 3.70
C VAL B 239 -3.07 -31.22 2.96
N GLU B 240 -3.19 -32.05 1.91
CA GLU B 240 -2.02 -32.51 1.17
C GLU B 240 -1.40 -31.41 0.33
N HIS B 241 -2.15 -30.34 0.03
CA HIS B 241 -1.68 -29.31 -0.87
C HIS B 241 -0.36 -28.72 -0.36
N GLU B 242 0.62 -28.60 -1.26
CA GLU B 242 1.94 -28.15 -0.87
C GLU B 242 1.99 -26.67 -0.50
N ALA B 243 0.95 -25.91 -0.85
CA ALA B 243 0.93 -24.51 -0.43
C ALA B 243 0.80 -24.37 1.08
N VAL B 244 0.19 -25.36 1.74
CA VAL B 244 -0.07 -25.29 3.16
C VAL B 244 1.22 -25.56 3.92
N ASN B 245 1.55 -24.67 4.87
CA ASN B 245 2.76 -24.77 5.66
C ASN B 245 2.49 -25.25 7.07
N PHE B 246 1.23 -25.27 7.50
CA PHE B 246 0.86 -25.62 8.85
C PHE B 246 -0.62 -26.01 8.82
N ILE B 247 -0.95 -27.07 9.54
CA ILE B 247 -2.33 -27.54 9.66
C ILE B 247 -2.71 -27.49 11.13
N ASN B 248 -3.79 -26.78 11.44
CA ASN B 248 -4.21 -26.54 12.81
C ASN B 248 -5.64 -27.04 12.85
N PHE B 249 -5.85 -28.22 13.46
CA PHE B 249 -7.09 -28.96 13.31
C PHE B 249 -7.67 -29.31 14.67
N THR B 250 -8.99 -29.18 14.78
CA THR B 250 -9.75 -29.68 15.93
C THR B 250 -10.84 -30.60 15.40
N GLY B 251 -10.92 -31.82 15.92
CA GLY B 251 -11.94 -32.75 15.47
C GLY B 251 -11.75 -34.12 16.11
N SER B 252 -12.33 -35.14 15.48
CA SER B 252 -12.27 -36.47 16.06
C SER B 252 -10.87 -37.06 15.91
N THR B 253 -10.56 -37.97 16.83
CA THR B 253 -9.26 -38.63 16.78
C THR B 253 -9.01 -39.32 15.44
N PRO B 254 -9.91 -40.18 14.93
CA PRO B 254 -9.62 -40.83 13.64
C PRO B 254 -9.35 -39.85 12.50
N ILE B 255 -10.15 -38.78 12.38
CA ILE B 255 -9.88 -37.77 11.37
C ILE B 255 -8.50 -37.15 11.62
N GLY B 256 -8.18 -36.85 12.88
CA GLY B 256 -6.90 -36.23 13.18
C GLY B 256 -5.72 -37.16 12.90
N GLU B 257 -5.89 -38.46 13.18
CA GLU B 257 -4.86 -39.41 12.80
C GLU B 257 -4.65 -39.40 11.29
N GLY B 258 -5.73 -39.30 10.53
CA GLY B 258 -5.60 -39.23 9.09
C GLY B 258 -4.82 -38.00 8.64
N ILE B 259 -4.97 -36.89 9.38
CA ILE B 259 -4.26 -35.67 8.99
C ILE B 259 -2.77 -35.81 9.29
N GLY B 260 -2.44 -36.48 10.39
CA GLY B 260 -1.03 -36.69 10.71
C GLY B 260 -0.27 -37.35 9.57
N LYS B 261 -0.90 -38.32 8.91
CA LYS B 261 -0.24 -38.98 7.78
C LYS B 261 -0.08 -38.02 6.60
N LEU B 262 -1.13 -37.26 6.29
CA LEU B 262 -1.10 -36.36 5.14
C LEU B 262 -0.25 -35.12 5.38
N ALA B 263 0.16 -34.86 6.62
CA ALA B 263 0.94 -33.67 6.90
C ALA B 263 2.40 -33.80 6.45
N GLY B 264 2.92 -35.01 6.39
CA GLY B 264 4.31 -35.16 6.03
C GLY B 264 5.20 -34.54 7.08
N MET B 265 6.14 -33.71 6.61
CA MET B 265 7.05 -33.02 7.51
C MET B 265 6.47 -31.72 8.04
N ARG B 266 5.33 -31.28 7.52
CA ARG B 266 4.80 -29.98 7.91
C ARG B 266 4.31 -30.01 9.35
N PRO B 267 4.54 -28.95 10.11
CA PRO B 267 4.06 -28.91 11.49
C PRO B 267 2.54 -28.91 11.54
N ILE B 268 2.02 -29.54 12.59
CA ILE B 268 0.58 -29.64 12.78
C ILE B 268 0.26 -29.44 14.25
N MET B 269 -0.97 -29.00 14.50
CA MET B 269 -1.57 -29.04 15.83
C MET B 269 -2.87 -29.80 15.68
N LEU B 270 -3.12 -30.72 16.60
CA LEU B 270 -4.32 -31.53 16.60
C LEU B 270 -4.95 -31.43 17.98
N GLU B 271 -6.23 -31.09 18.02
CA GLU B 271 -7.04 -31.10 19.23
C GLU B 271 -8.08 -32.17 18.97
N LEU B 272 -7.96 -33.33 19.61
CA LEU B 272 -8.76 -34.50 19.28
C LEU B 272 -9.64 -34.92 20.45
N GLY B 273 -9.92 -36.19 20.54
CA GLY B 273 -10.85 -36.68 21.54
C GLY B 273 -10.27 -36.67 22.96
N GLY B 274 -11.17 -36.88 23.90
CA GLY B 274 -10.81 -37.01 25.30
C GLY B 274 -11.73 -37.96 26.02
N LYS B 275 -11.23 -38.47 27.14
CA LYS B 275 -12.01 -39.32 28.05
C LYS B 275 -11.58 -38.92 29.45
N ASP B 276 -11.72 -37.63 29.75
CA ASP B 276 -11.12 -37.08 30.97
C ASP B 276 -11.66 -37.80 32.19
N SER B 277 -10.76 -38.24 33.07
CA SER B 277 -11.15 -38.89 34.31
CA SER B 277 -11.12 -38.89 34.31
C SER B 277 -11.36 -37.86 35.41
N ALA B 278 -12.35 -38.11 36.24
CA ALA B 278 -12.59 -37.32 37.46
C ALA B 278 -12.33 -38.27 38.61
N ILE B 279 -11.17 -38.13 39.25
CA ILE B 279 -10.74 -39.01 40.33
C ILE B 279 -11.22 -38.40 41.64
N VAL B 280 -12.03 -39.15 42.37
CA VAL B 280 -12.61 -38.69 43.62
C VAL B 280 -12.08 -39.55 44.76
N LEU B 281 -11.34 -38.93 45.66
CA LEU B 281 -10.72 -39.64 46.76
C LEU B 281 -11.62 -39.63 47.98
N GLU B 282 -11.25 -40.42 49.00
CA GLU B 282 -12.12 -40.60 50.14
C GLU B 282 -12.36 -39.30 50.89
N ASP B 283 -11.40 -38.37 50.87
CA ASP B 283 -11.49 -37.13 51.61
C ASP B 283 -12.09 -36.00 50.79
N ALA B 284 -12.65 -36.30 49.63
CA ALA B 284 -13.15 -35.26 48.74
C ALA B 284 -14.38 -34.57 49.31
N ASP B 285 -14.56 -33.31 48.88
CA ASP B 285 -15.79 -32.55 49.05
C ASP B 285 -16.77 -33.08 48.02
N LEU B 286 -17.67 -33.97 48.45
CA LEU B 286 -18.48 -34.71 47.48
C LEU B 286 -19.51 -33.81 46.80
N ALA B 287 -20.09 -32.87 47.56
CA ALA B 287 -21.00 -31.90 46.94
C ALA B 287 -20.29 -31.11 45.85
N LEU B 288 -19.11 -30.58 46.17
CA LEU B 288 -18.33 -29.87 45.16
CA LEU B 288 -18.32 -29.88 45.17
C LEU B 288 -17.99 -30.77 43.99
N ALA B 289 -17.57 -32.01 44.26
CA ALA B 289 -17.21 -32.93 43.19
C ALA B 289 -18.42 -33.21 42.31
N ALA B 290 -19.58 -33.48 42.92
CA ALA B 290 -20.76 -33.80 42.13
C ALA B 290 -21.17 -32.62 41.26
N LYS B 291 -21.11 -31.40 41.81
CA LYS B 291 -21.45 -30.22 41.05
C LYS B 291 -20.53 -30.09 39.83
N ASN B 292 -19.22 -30.19 40.05
CA ASN B 292 -18.28 -29.99 38.95
C ASN B 292 -18.38 -31.11 37.93
N ILE B 293 -18.51 -32.35 38.40
CA ILE B 293 -18.60 -33.49 37.48
C ILE B 293 -19.80 -33.35 36.54
N VAL B 294 -20.96 -32.98 37.08
CA VAL B 294 -22.17 -32.90 36.27
C VAL B 294 -22.06 -31.74 35.28
N ALA B 295 -21.60 -30.59 35.75
CA ALA B 295 -21.45 -29.45 34.84
C ALA B 295 -20.49 -29.80 33.72
N GLY B 296 -19.37 -30.49 34.04
CA GLY B 296 -18.40 -30.78 33.01
C GLY B 296 -18.84 -31.91 32.08
N ALA B 297 -19.45 -32.96 32.65
CA ALA B 297 -19.79 -34.12 31.84
C ALA B 297 -20.91 -33.83 30.87
N PHE B 298 -21.87 -32.99 31.26
CA PHE B 298 -23.10 -32.81 30.49
C PHE B 298 -23.22 -31.47 29.80
N GLY B 299 -22.26 -30.57 29.96
CA GLY B 299 -22.24 -29.36 29.16
C GLY B 299 -22.33 -29.65 27.68
N TYR B 300 -23.21 -28.94 26.98
CA TYR B 300 -23.42 -29.15 25.55
C TYR B 300 -23.68 -30.62 25.26
N SER B 301 -24.45 -31.27 26.15
CA SER B 301 -24.85 -32.67 25.99
C SER B 301 -23.66 -33.62 25.89
N GLY B 302 -22.54 -33.25 26.47
CA GLY B 302 -21.36 -34.06 26.46
C GLY B 302 -20.56 -33.97 25.19
N GLN B 303 -20.91 -33.05 24.29
CA GLN B 303 -20.25 -32.94 22.99
C GLN B 303 -19.03 -32.00 23.09
N ARG B 304 -18.10 -32.40 23.96
CA ARG B 304 -16.89 -31.62 24.18
C ARG B 304 -15.72 -32.57 24.46
N SER B 305 -14.57 -32.25 23.86
CA SER B 305 -13.38 -33.04 24.09
CA SER B 305 -13.38 -33.04 24.09
C SER B 305 -12.94 -32.94 25.54
N THR B 306 -12.96 -31.72 26.10
N THR B 306 -12.99 -31.73 26.09
CA THR B 306 -12.58 -31.47 27.49
CA THR B 306 -12.62 -31.45 27.48
C THR B 306 -13.86 -31.54 28.32
C THR B 306 -13.88 -31.54 28.31
N ALA B 307 -14.10 -32.69 28.93
CA ALA B 307 -15.33 -32.92 29.67
C ALA B 307 -15.07 -34.13 30.53
N VAL B 308 -15.52 -34.09 31.78
CA VAL B 308 -15.50 -35.27 32.62
C VAL B 308 -16.28 -36.34 31.89
N LYS B 309 -15.59 -37.43 31.51
CA LYS B 309 -16.21 -38.54 30.81
C LYS B 309 -16.14 -39.85 31.56
N ARG B 310 -15.50 -39.87 32.73
CA ARG B 310 -15.58 -41.04 33.58
C ARG B 310 -15.20 -40.60 34.99
N VAL B 311 -15.97 -41.09 35.96
CA VAL B 311 -15.69 -40.85 37.37
C VAL B 311 -14.95 -42.07 37.89
N LEU B 312 -13.75 -41.87 38.44
CA LEU B 312 -12.97 -42.91 39.11
C LEU B 312 -13.01 -42.58 40.60
N VAL B 313 -13.88 -43.27 41.34
CA VAL B 313 -14.20 -42.92 42.71
C VAL B 313 -13.83 -44.05 43.67
N MET B 314 -13.15 -43.70 44.76
CA MET B 314 -12.84 -44.68 45.80
C MET B 314 -14.13 -45.27 46.34
N ASP B 315 -14.10 -46.58 46.55
CA ASP B 315 -15.35 -47.27 46.87
CA ASP B 315 -15.33 -47.31 46.91
C ASP B 315 -16.03 -46.68 48.10
N LYS B 316 -15.25 -46.23 49.09
CA LYS B 316 -15.84 -45.81 50.36
C LYS B 316 -16.80 -44.64 50.18
N VAL B 317 -16.61 -43.82 49.14
CA VAL B 317 -17.46 -42.67 48.92
C VAL B 317 -18.28 -42.76 47.63
N ALA B 318 -18.26 -43.92 46.96
CA ALA B 318 -18.91 -44.03 45.65
C ALA B 318 -20.41 -43.92 45.77
N ASP B 319 -21.02 -44.56 46.78
CA ASP B 319 -22.47 -44.58 46.88
C ASP B 319 -23.02 -43.18 47.06
N GLN B 320 -22.43 -42.41 47.98
CA GLN B 320 -22.90 -41.05 48.24
C GLN B 320 -22.60 -40.14 47.05
N LEU B 321 -21.41 -40.25 46.48
CA LEU B 321 -21.11 -39.44 45.31
C LEU B 321 -22.11 -39.71 44.20
N ALA B 322 -22.35 -40.99 43.90
CA ALA B 322 -23.30 -41.34 42.84
C ALA B 322 -24.67 -40.74 43.12
N ALA B 323 -25.12 -40.79 44.36
CA ALA B 323 -26.43 -40.25 44.69
C ALA B 323 -26.47 -38.75 44.45
N GLU B 324 -25.42 -38.03 44.86
CA GLU B 324 -25.41 -36.59 44.67
C GLU B 324 -25.27 -36.22 43.21
N ILE B 325 -24.53 -37.00 42.43
CA ILE B 325 -24.48 -36.76 40.99
C ILE B 325 -25.85 -37.00 40.37
N LYS B 326 -26.50 -38.10 40.76
CA LYS B 326 -27.84 -38.42 40.26
C LYS B 326 -28.81 -37.26 40.46
N THR B 327 -28.85 -36.71 41.67
CA THR B 327 -29.77 -35.61 41.94
C THR B 327 -29.53 -34.46 40.99
N LEU B 328 -28.26 -34.13 40.72
CA LEU B 328 -27.98 -33.02 39.82
C LEU B 328 -28.34 -33.35 38.38
N VAL B 329 -28.05 -34.57 37.93
CA VAL B 329 -28.40 -34.96 36.58
C VAL B 329 -29.90 -34.85 36.38
N GLU B 330 -30.68 -35.26 37.38
CA GLU B 330 -32.14 -35.25 37.24
C GLU B 330 -32.70 -33.84 37.13
N LYS B 331 -31.92 -32.82 37.50
CA LYS B 331 -32.36 -31.43 37.40
C LYS B 331 -32.00 -30.78 36.07
N LEU B 332 -31.16 -31.42 35.27
CA LEU B 332 -30.80 -30.84 33.99
C LEU B 332 -32.04 -30.78 33.10
N SER B 333 -32.23 -29.65 32.43
CA SER B 333 -33.32 -29.52 31.47
C SER B 333 -32.95 -30.25 30.19
N VAL B 334 -33.92 -30.94 29.61
CA VAL B 334 -33.75 -31.70 28.37
C VAL B 334 -34.72 -31.11 27.35
N GLY B 335 -34.18 -30.53 26.28
CA GLY B 335 -35.04 -29.84 25.34
C GLY B 335 -34.31 -29.14 24.22
N MET B 336 -34.84 -28.00 23.78
CA MET B 336 -34.41 -27.40 22.53
C MET B 336 -33.38 -26.30 22.75
N PRO B 337 -32.51 -26.08 21.76
CA PRO B 337 -31.50 -25.02 21.91
C PRO B 337 -32.12 -23.66 22.14
N GLU B 338 -33.25 -23.36 21.48
CA GLU B 338 -33.84 -22.04 21.58
C GLU B 338 -34.27 -21.73 22.99
N ASP B 339 -34.50 -22.76 23.81
CA ASP B 339 -34.94 -22.60 25.19
C ASP B 339 -33.78 -22.75 26.19
N ASP B 340 -32.54 -22.73 25.70
CA ASP B 340 -31.36 -22.78 26.55
C ASP B 340 -31.34 -24.05 27.39
N ALA B 341 -31.84 -25.13 26.82
CA ALA B 341 -31.83 -26.40 27.54
C ALA B 341 -30.41 -26.84 27.83
N ASP B 342 -30.21 -27.44 29.01
CA ASP B 342 -28.90 -28.01 29.34
C ASP B 342 -28.53 -29.10 28.34
N ILE B 343 -29.45 -30.04 28.13
CA ILE B 343 -29.28 -31.15 27.20
C ILE B 343 -30.09 -30.84 25.94
N THR B 344 -29.40 -30.66 24.84
CA THR B 344 -29.98 -30.41 23.54
C THR B 344 -29.78 -31.61 22.62
N PRO B 345 -30.48 -31.66 21.48
CA PRO B 345 -30.31 -32.78 20.57
C PRO B 345 -28.89 -32.84 20.06
N LEU B 346 -28.40 -34.06 19.84
CA LEU B 346 -27.03 -34.24 19.39
C LEU B 346 -26.89 -33.78 17.94
N ILE B 347 -25.66 -33.63 17.49
CA ILE B 347 -25.38 -32.93 16.24
C ILE B 347 -26.05 -33.64 15.07
N ASP B 348 -26.08 -34.96 15.07
CA ASP B 348 -26.73 -35.68 13.98
C ASP B 348 -27.16 -37.07 14.46
N THR B 349 -27.81 -37.81 13.57
CA THR B 349 -28.38 -39.10 13.94
C THR B 349 -27.28 -40.11 14.23
N SER B 350 -26.21 -40.10 13.44
CA SER B 350 -25.10 -41.02 13.67
C SER B 350 -24.56 -40.86 15.08
N ALA B 351 -24.48 -39.62 15.57
CA ALA B 351 -23.96 -39.38 16.91
C ALA B 351 -24.86 -39.99 17.96
N ALA B 352 -26.17 -39.77 17.82
CA ALA B 352 -27.12 -40.34 18.77
C ALA B 352 -27.10 -41.86 18.71
N ASP B 353 -27.08 -42.44 17.50
CA ASP B 353 -27.02 -43.89 17.38
C ASP B 353 -25.80 -44.47 18.12
N PHE B 354 -24.65 -43.81 17.98
CA PHE B 354 -23.44 -44.29 18.62
C PHE B 354 -23.55 -44.22 20.13
N VAL B 355 -24.09 -43.12 20.67
CA VAL B 355 -24.29 -42.99 22.11
C VAL B 355 -25.26 -44.04 22.62
N GLU B 356 -26.35 -44.29 21.89
CA GLU B 356 -27.29 -45.34 22.26
C GLU B 356 -26.61 -46.71 22.30
N GLY B 357 -25.70 -46.97 21.37
CA GLY B 357 -24.97 -48.22 21.37
C GLY B 357 -24.12 -48.41 22.61
N LEU B 358 -23.42 -47.36 23.05
CA LEU B 358 -22.65 -47.44 24.27
C LEU B 358 -23.55 -47.69 25.47
N ILE B 359 -24.68 -46.98 25.54
CA ILE B 359 -25.64 -47.19 26.62
C ILE B 359 -26.10 -48.64 26.63
N LYS B 360 -26.47 -49.18 25.47
CA LYS B 360 -26.97 -50.55 25.42
C LYS B 360 -25.89 -51.52 25.87
N ASP B 361 -24.65 -51.31 25.43
CA ASP B 361 -23.58 -52.20 25.84
C ASP B 361 -23.36 -52.17 27.34
N ALA B 362 -23.45 -50.98 27.95
CA ALA B 362 -23.25 -50.89 29.40
C ALA B 362 -24.38 -51.57 30.14
N THR B 363 -25.62 -51.29 29.73
CA THR B 363 -26.77 -51.95 30.37
C THR B 363 -26.66 -53.47 30.23
N ASP B 364 -26.33 -53.95 29.04
CA ASP B 364 -26.28 -55.39 28.81
C ASP B 364 -25.22 -56.06 29.67
N LYS B 365 -24.16 -55.33 30.00
CA LYS B 365 -23.07 -55.90 30.78
C LYS B 365 -23.24 -55.71 32.29
N GLY B 366 -24.37 -55.16 32.73
CA GLY B 366 -24.70 -55.10 34.14
C GLY B 366 -24.59 -53.74 34.80
N ALA B 367 -24.34 -52.69 34.05
CA ALA B 367 -24.26 -51.37 34.67
C ALA B 367 -25.62 -50.94 35.22
N THR B 368 -25.59 -50.11 36.26
CA THR B 368 -26.80 -49.62 36.91
C THR B 368 -27.17 -48.25 36.35
N ALA B 369 -28.38 -48.14 35.82
CA ALA B 369 -28.85 -46.90 35.22
C ALA B 369 -29.48 -46.05 36.31
N LEU B 370 -28.71 -45.09 36.84
CA LEU B 370 -29.22 -44.20 37.86
C LEU B 370 -30.20 -43.19 37.28
N THR B 371 -30.05 -42.84 36.00
CA THR B 371 -31.05 -42.12 35.23
C THR B 371 -31.33 -42.94 33.98
N ALA B 372 -32.55 -42.84 33.46
CA ALA B 372 -33.00 -43.75 32.44
C ALA B 372 -32.73 -43.19 31.04
N PHE B 373 -32.38 -44.09 30.13
CA PHE B 373 -32.23 -43.70 28.73
C PHE B 373 -33.58 -43.39 28.11
N ASN B 374 -33.64 -42.27 27.39
CA ASN B 374 -34.80 -41.93 26.58
C ASN B 374 -34.29 -41.14 25.39
N ARG B 375 -34.86 -41.40 24.22
CA ARG B 375 -34.42 -40.74 23.00
C ARG B 375 -35.64 -40.32 22.19
N GLU B 376 -35.71 -39.02 21.88
CA GLU B 376 -36.72 -38.45 20.99
C GLU B 376 -35.96 -37.79 19.86
N GLY B 377 -36.09 -38.36 18.66
CA GLY B 377 -35.22 -37.95 17.57
C GLY B 377 -33.78 -38.22 17.94
N ASN B 378 -32.96 -37.16 17.97
CA ASN B 378 -31.58 -37.25 18.43
C ASN B 378 -31.39 -36.60 19.79
N LEU B 379 -32.49 -36.35 20.50
CA LEU B 379 -32.46 -35.75 21.83
C LEU B 379 -32.44 -36.90 22.82
N ILE B 380 -31.27 -37.20 23.36
CA ILE B 380 -31.09 -38.25 24.35
C ILE B 380 -31.08 -37.63 25.73
N SER B 381 -31.88 -38.20 26.63
CA SER B 381 -31.86 -37.76 28.02
C SER B 381 -30.55 -38.16 28.69
N PRO B 382 -30.10 -37.40 29.70
CA PRO B 382 -28.78 -37.65 30.28
C PRO B 382 -28.81 -38.94 31.07
N VAL B 383 -27.86 -39.82 30.78
CA VAL B 383 -27.81 -41.16 31.36
C VAL B 383 -26.59 -41.22 32.27
N LEU B 384 -26.83 -41.54 33.54
CA LEU B 384 -25.78 -41.76 34.52
C LEU B 384 -25.75 -43.26 34.83
N PHE B 385 -24.59 -43.86 34.67
CA PHE B 385 -24.37 -45.27 34.98
C PHE B 385 -23.43 -45.40 36.17
N ASP B 386 -23.79 -46.28 37.10
CA ASP B 386 -22.91 -46.69 38.17
C ASP B 386 -22.49 -48.13 37.94
N HIS B 387 -21.45 -48.55 38.65
CA HIS B 387 -20.92 -49.92 38.54
C HIS B 387 -20.48 -50.21 37.12
N VAL B 388 -19.92 -49.22 36.46
CA VAL B 388 -19.33 -49.44 35.14
C VAL B 388 -18.00 -50.17 35.33
N THR B 389 -17.76 -51.19 34.51
CA THR B 389 -16.54 -51.98 34.59
C THR B 389 -15.74 -51.82 33.31
N THR B 390 -14.46 -52.18 33.40
CA THR B 390 -13.55 -51.92 32.29
C THR B 390 -13.82 -52.82 31.09
N ASP B 391 -14.71 -53.81 31.22
CA ASP B 391 -15.10 -54.59 30.05
C ASP B 391 -16.21 -53.92 29.23
N MET B 392 -16.69 -52.76 29.67
CA MET B 392 -17.75 -52.05 28.98
C MET B 392 -17.13 -50.98 28.10
N ARG B 393 -17.67 -50.84 26.89
CA ARG B 393 -17.18 -49.86 25.95
C ARG B 393 -17.25 -48.46 26.54
N LEU B 394 -18.28 -48.19 27.36
CA LEU B 394 -18.48 -46.87 27.94
C LEU B 394 -17.35 -46.48 28.87
N ALA B 395 -16.60 -47.45 29.40
CA ALA B 395 -15.45 -47.10 30.23
C ALA B 395 -14.34 -46.44 29.43
N TRP B 396 -14.34 -46.59 28.10
CA TRP B 396 -13.18 -46.17 27.32
C TRP B 396 -13.54 -45.29 26.12
N GLU B 397 -14.58 -45.63 25.38
CA GLU B 397 -14.86 -44.92 24.13
C GLU B 397 -15.49 -43.55 24.42
N GLU B 398 -15.12 -42.57 23.62
CA GLU B 398 -15.62 -41.20 23.79
C GLU B 398 -17.00 -41.11 23.18
N PRO B 399 -18.05 -40.92 24.00
CA PRO B 399 -19.40 -40.93 23.41
C PRO B 399 -19.73 -39.69 22.59
N PHE B 400 -19.25 -38.52 22.99
CA PHE B 400 -19.78 -37.26 22.49
C PHE B 400 -21.31 -37.23 22.64
N GLY B 401 -21.77 -37.61 23.82
CA GLY B 401 -23.17 -37.59 24.13
C GLY B 401 -23.36 -37.61 25.62
N PRO B 402 -24.63 -37.45 26.05
CA PRO B 402 -24.92 -37.23 27.48
C PRO B 402 -25.02 -38.52 28.29
N VAL B 403 -23.87 -39.18 28.44
CA VAL B 403 -23.80 -40.41 29.22
C VAL B 403 -22.51 -40.38 30.02
N LEU B 404 -22.60 -40.69 31.31
CA LEU B 404 -21.44 -40.61 32.20
C LEU B 404 -21.30 -41.92 32.97
N PRO B 405 -20.17 -42.60 32.86
CA PRO B 405 -19.95 -43.79 33.69
C PRO B 405 -19.26 -43.49 35.00
N ILE B 406 -19.73 -44.13 36.08
CA ILE B 406 -19.04 -44.11 37.37
C ILE B 406 -18.34 -45.45 37.54
N ILE B 407 -17.03 -45.40 37.73
CA ILE B 407 -16.18 -46.59 37.88
C ILE B 407 -15.59 -46.57 39.27
N ARG B 408 -15.83 -47.64 40.04
CA ARG B 408 -15.38 -47.70 41.41
C ARG B 408 -14.01 -48.35 41.50
N VAL B 409 -13.12 -47.72 42.26
CA VAL B 409 -11.75 -48.19 42.44
C VAL B 409 -11.49 -48.38 43.94
N THR B 410 -10.50 -49.21 44.24
CA THR B 410 -10.19 -49.54 45.62
C THR B 410 -8.99 -48.76 46.16
N THR B 411 -8.11 -48.28 45.28
CA THR B 411 -6.91 -47.57 45.69
C THR B 411 -6.65 -46.45 44.69
N VAL B 412 -5.90 -45.44 45.15
CA VAL B 412 -5.49 -44.37 44.25
C VAL B 412 -4.61 -44.93 43.14
N GLU B 413 -3.77 -45.92 43.47
CA GLU B 413 -2.97 -46.57 42.44
C GLU B 413 -3.84 -47.14 41.33
N GLU B 414 -4.93 -47.80 41.69
CA GLU B 414 -5.85 -48.33 40.68
C GLU B 414 -6.45 -47.20 39.86
N ALA B 415 -6.85 -46.10 40.51
CA ALA B 415 -7.40 -44.98 39.77
C ALA B 415 -6.40 -44.42 38.76
N ILE B 416 -5.12 -44.33 39.14
CA ILE B 416 -4.11 -43.84 38.21
C ILE B 416 -3.95 -44.79 37.04
N LYS B 417 -3.87 -46.10 37.32
CA LYS B 417 -3.74 -47.09 36.26
C LYS B 417 -4.91 -47.02 35.28
N ILE B 418 -6.13 -47.09 35.78
CA ILE B 418 -7.30 -47.05 34.90
C ILE B 418 -7.31 -45.75 34.10
N SER B 419 -6.99 -44.63 34.75
CA SER B 419 -6.96 -43.36 34.04
C SER B 419 -5.97 -43.42 32.88
N ASN B 420 -4.74 -43.89 33.17
CA ASN B 420 -3.69 -43.91 32.16
C ASN B 420 -3.88 -45.02 31.15
N GLU B 421 -4.70 -46.04 31.42
CA GLU B 421 -4.96 -47.08 30.42
C GLU B 421 -5.73 -46.56 29.21
N SER B 422 -6.40 -45.42 29.34
CA SER B 422 -7.10 -44.82 28.21
C SER B 422 -6.12 -44.43 27.12
N GLU B 423 -6.55 -44.57 25.87
CA GLU B 423 -5.77 -44.03 24.77
C GLU B 423 -5.82 -42.50 24.74
N TYR B 424 -6.73 -41.91 25.47
CA TYR B 424 -6.87 -40.46 25.52
C TYR B 424 -6.14 -39.90 26.74
N GLY B 425 -5.77 -38.64 26.63
CA GLY B 425 -5.08 -38.00 27.72
C GLY B 425 -5.14 -36.49 27.63
N LEU B 426 -6.35 -35.96 27.59
CA LEU B 426 -6.53 -34.52 27.47
C LEU B 426 -6.40 -33.81 28.83
N GLN B 427 -7.39 -33.99 29.71
CA GLN B 427 -7.29 -33.45 31.06
C GLN B 427 -7.75 -34.49 32.07
N ALA B 428 -7.59 -34.15 33.34
CA ALA B 428 -8.09 -34.94 34.44
C ALA B 428 -8.47 -34.02 35.58
N SER B 429 -9.41 -34.47 36.40
CA SER B 429 -9.81 -33.77 37.62
C SER B 429 -9.45 -34.65 38.81
N ILE B 430 -8.93 -34.03 39.88
CA ILE B 430 -8.68 -34.73 41.14
C ILE B 430 -9.45 -33.99 42.23
N PHE B 431 -10.35 -34.70 42.92
CA PHE B 431 -11.13 -34.12 44.01
CA PHE B 431 -11.13 -34.12 44.01
C PHE B 431 -10.64 -34.73 45.32
N THR B 432 -10.05 -33.89 46.16
CA THR B 432 -9.47 -34.31 47.42
C THR B 432 -9.08 -33.03 48.16
N THR B 433 -8.89 -33.15 49.47
CA THR B 433 -8.46 -32.05 50.30
C THR B 433 -6.97 -32.07 50.57
N ASN B 434 -6.25 -33.10 50.10
CA ASN B 434 -4.80 -33.22 50.31
C ASN B 434 -4.13 -32.75 49.03
N PHE B 435 -3.75 -31.48 49.01
CA PHE B 435 -3.21 -30.90 47.79
CA PHE B 435 -3.19 -30.86 47.81
C PHE B 435 -1.82 -31.44 47.46
N PRO B 436 -0.89 -31.59 48.39
CA PRO B 436 0.42 -32.17 48.01
C PRO B 436 0.28 -33.56 47.43
N LYS B 437 -0.64 -34.38 47.95
CA LYS B 437 -0.86 -35.70 47.36
C LYS B 437 -1.50 -35.59 45.98
N ALA B 438 -2.44 -34.66 45.80
CA ALA B 438 -3.02 -34.44 44.48
C ALA B 438 -1.97 -34.03 43.46
N PHE B 439 -1.02 -33.19 43.88
CA PHE B 439 0.07 -32.81 42.98
C PHE B 439 0.91 -34.00 42.58
N GLY B 440 1.20 -34.90 43.53
CA GLY B 440 1.93 -36.11 43.18
C GLY B 440 1.16 -37.04 42.25
N ILE B 441 -0.17 -37.13 42.45
CA ILE B 441 -1.00 -37.89 41.52
C ILE B 441 -0.98 -37.25 40.14
N ALA B 442 -1.16 -35.93 40.09
CA ALA B 442 -1.14 -35.21 38.82
C ALA B 442 0.13 -35.50 38.03
N GLU B 443 1.28 -35.55 38.70
CA GLU B 443 2.52 -35.89 38.00
C GLU B 443 2.42 -37.22 37.29
N GLN B 444 1.66 -38.17 37.85
CA GLN B 444 1.57 -39.52 37.30
C GLN B 444 0.51 -39.67 36.21
N LEU B 445 -0.40 -38.72 36.08
CA LEU B 445 -1.48 -38.81 35.10
C LEU B 445 -0.96 -38.40 33.72
N GLU B 446 -1.25 -39.22 32.71
CA GLU B 446 -0.80 -38.96 31.35
C GLU B 446 -1.82 -38.07 30.65
N VAL B 447 -1.83 -36.81 31.06
CA VAL B 447 -2.76 -35.80 30.58
C VAL B 447 -2.02 -34.49 30.41
N GLY B 448 -2.62 -33.57 29.67
CA GLY B 448 -2.04 -32.25 29.53
C GLY B 448 -2.23 -31.35 30.74
N THR B 449 -3.46 -31.30 31.26
CA THR B 449 -3.80 -30.43 32.38
C THR B 449 -4.58 -31.24 33.42
N VAL B 450 -4.27 -30.99 34.68
CA VAL B 450 -4.98 -31.58 35.82
C VAL B 450 -5.59 -30.43 36.60
N HIS B 451 -6.90 -30.48 36.81
CA HIS B 451 -7.64 -29.49 37.59
C HIS B 451 -7.91 -30.05 38.98
N LEU B 452 -7.50 -29.33 40.02
CA LEU B 452 -7.67 -29.79 41.39
C LEU B 452 -8.98 -29.22 41.92
N ASN B 453 -9.88 -30.11 42.36
CA ASN B 453 -11.18 -29.71 42.93
C ASN B 453 -11.98 -28.84 41.96
N ASN B 454 -11.90 -29.16 40.67
CA ASN B 454 -12.69 -28.48 39.67
CA ASN B 454 -12.64 -28.45 39.64
C ASN B 454 -12.79 -29.37 38.44
N LYS B 455 -13.85 -29.15 37.66
CA LYS B 455 -14.06 -29.90 36.44
C LYS B 455 -12.95 -29.54 35.46
N THR B 456 -12.70 -30.45 34.53
CA THR B 456 -11.75 -30.16 33.46
C THR B 456 -12.33 -29.08 32.57
N GLN B 457 -11.44 -28.24 32.04
CA GLN B 457 -11.85 -27.15 31.16
C GLN B 457 -10.64 -26.65 30.39
N ARG B 458 -10.91 -26.09 29.23
CA ARG B 458 -9.82 -25.59 28.39
C ARG B 458 -9.34 -24.22 28.86
N GLY B 459 -10.21 -23.44 29.49
CA GLY B 459 -9.87 -22.11 29.93
C GLY B 459 -9.15 -22.07 31.26
N THR B 460 -8.69 -20.86 31.62
CA THR B 460 -8.81 -19.65 30.82
C THR B 460 -7.91 -19.76 29.61
N ASP B 461 -8.25 -19.02 28.55
CA ASP B 461 -7.62 -19.27 27.25
C ASP B 461 -6.16 -18.83 27.18
N ASN B 462 -5.61 -18.19 28.21
CA ASN B 462 -4.18 -17.96 28.25
C ASN B 462 -3.42 -19.18 28.75
N PHE B 463 -4.10 -20.10 29.45
CA PHE B 463 -3.43 -21.28 29.96
C PHE B 463 -3.12 -22.23 28.82
N PRO B 464 -2.10 -23.09 28.97
CA PRO B 464 -1.86 -24.11 27.95
C PRO B 464 -3.01 -25.08 27.85
N PHE B 465 -3.29 -25.49 26.62
CA PHE B 465 -4.28 -26.52 26.33
C PHE B 465 -3.61 -27.56 25.45
N LEU B 466 -3.46 -28.78 25.96
CA LEU B 466 -2.75 -29.82 25.23
C LEU B 466 -3.25 -31.20 25.65
N GLY B 467 -3.05 -32.16 24.77
CA GLY B 467 -3.48 -33.51 25.04
C GLY B 467 -2.41 -34.54 24.76
N ALA B 468 -2.20 -35.45 25.71
CA ALA B 468 -1.27 -36.55 25.51
C ALA B 468 -1.91 -37.69 24.68
N LYS B 469 -1.06 -38.58 24.19
CA LYS B 469 -1.49 -39.81 23.53
C LYS B 469 -2.42 -39.47 22.38
N LYS B 470 -3.59 -40.10 22.27
CA LYS B 470 -4.46 -39.92 21.11
C LYS B 470 -5.28 -38.64 21.20
N SER B 471 -5.04 -37.79 22.19
CA SER B 471 -5.83 -36.56 22.33
C SER B 471 -5.29 -35.41 21.50
N GLY B 472 -4.12 -35.55 20.90
CA GLY B 472 -3.68 -34.61 19.87
C GLY B 472 -2.17 -34.38 19.91
N ALA B 473 -1.79 -33.24 19.35
CA ALA B 473 -0.40 -32.85 19.16
C ALA B 473 -0.32 -31.33 19.22
N GLY B 474 0.78 -30.83 19.78
CA GLY B 474 0.97 -29.41 19.95
C GLY B 474 0.27 -28.85 21.17
N VAL B 475 0.64 -27.62 21.50
CA VAL B 475 0.14 -26.95 22.70
C VAL B 475 -0.59 -25.70 22.25
N GLN B 476 -1.85 -25.59 22.65
CA GLN B 476 -2.70 -24.45 22.37
C GLN B 476 -2.84 -23.61 23.64
N GLY B 477 -3.86 -22.75 23.69
CA GLY B 477 -3.77 -21.62 24.59
C GLY B 477 -3.03 -20.54 23.86
N VAL B 478 -3.33 -19.26 24.14
CA VAL B 478 -3.04 -18.21 23.16
C VAL B 478 -1.54 -18.10 22.86
N LYS B 479 -0.73 -17.84 23.89
CA LYS B 479 0.69 -17.63 23.60
C LYS B 479 1.32 -18.89 23.01
N TYR B 480 0.81 -20.06 23.39
CA TYR B 480 1.37 -21.31 22.90
C TYR B 480 1.00 -21.52 21.44
N SER B 481 -0.24 -21.16 21.09
CA SER B 481 -0.68 -21.25 19.70
CA SER B 481 -0.68 -21.25 19.70
C SER B 481 0.15 -20.35 18.80
N ILE B 482 0.45 -19.12 19.26
CA ILE B 482 1.28 -18.21 18.48
C ILE B 482 2.66 -18.81 18.28
N GLU B 483 3.26 -19.32 19.35
CA GLU B 483 4.58 -19.95 19.27
C GLU B 483 4.58 -21.08 18.25
N ALA B 484 3.55 -21.94 18.30
CA ALA B 484 3.52 -23.10 17.42
C ALA B 484 3.49 -22.69 15.95
N MET B 485 2.82 -21.57 15.64
CA MET B 485 2.64 -21.13 14.26
C MET B 485 3.63 -20.05 13.87
N THR B 486 4.72 -19.93 14.61
CA THR B 486 5.88 -19.15 14.20
C THR B 486 7.09 -20.06 14.10
N THR B 487 8.08 -19.65 13.33
CA THR B 487 9.40 -20.25 13.32
C THR B 487 10.37 -19.15 13.72
N VAL B 488 11.66 -19.44 13.60
CA VAL B 488 12.70 -18.45 13.88
C VAL B 488 13.59 -18.31 12.66
N LYS B 489 14.19 -17.14 12.53
CA LYS B 489 15.19 -16.83 11.50
C LYS B 489 16.39 -16.28 12.26
N SER B 490 17.51 -17.01 12.21
CA SER B 490 18.73 -16.66 12.92
C SER B 490 19.70 -15.96 11.99
N VAL B 491 20.14 -14.76 12.37
CA VAL B 491 21.17 -14.02 11.65
C VAL B 491 22.39 -13.96 12.55
N VAL B 492 23.48 -14.53 12.08
CA VAL B 492 24.71 -14.66 12.84
C VAL B 492 25.79 -13.81 12.18
N PHE B 493 26.52 -13.06 12.99
CA PHE B 493 27.66 -12.30 12.49
C PHE B 493 28.68 -12.15 13.59
N ASP B 494 29.89 -11.73 13.18
CA ASP B 494 30.99 -11.55 14.11
C ASP B 494 31.18 -10.07 14.40
N ILE B 495 31.22 -9.73 15.69
CA ILE B 495 31.53 -8.36 16.10
C ILE B 495 33.02 -8.11 15.89
N GLN B 496 33.36 -6.91 15.43
CA GLN B 496 34.74 -6.56 15.12
C GLN B 496 35.11 -5.33 15.93
N ALA C 23 48.58 -18.72 65.66
CA ALA C 23 48.55 -17.27 65.50
C ALA C 23 49.10 -16.88 64.11
N LYS C 24 48.52 -17.45 63.06
CA LYS C 24 48.94 -17.12 61.72
C LYS C 24 48.57 -15.68 61.39
N GLN C 25 49.37 -15.05 60.56
CA GLN C 25 49.16 -13.67 60.15
C GLN C 25 48.59 -13.68 58.74
N TYR C 26 47.28 -13.47 58.63
CA TYR C 26 46.59 -13.55 57.35
C TYR C 26 46.78 -12.28 56.56
N LYS C 27 46.58 -12.38 55.26
CA LYS C 27 46.87 -11.30 54.34
C LYS C 27 45.72 -11.12 53.36
N ASN C 28 45.55 -9.90 52.87
CA ASN C 28 44.53 -9.61 51.89
C ASN C 28 45.03 -9.91 50.49
N LEU C 29 44.12 -10.39 49.64
CA LEU C 29 44.39 -10.60 48.21
C LEU C 29 44.14 -9.27 47.50
N VAL C 30 45.21 -8.70 46.92
CA VAL C 30 45.13 -7.40 46.28
C VAL C 30 45.91 -7.48 44.98
N ASN C 31 45.19 -7.43 43.86
CA ASN C 31 45.80 -7.45 42.54
C ASN C 31 46.73 -8.65 42.38
N GLY C 32 46.23 -9.83 42.79
CA GLY C 32 46.98 -11.05 42.63
C GLY C 32 48.09 -11.27 43.62
N GLU C 33 48.32 -10.33 44.54
CA GLU C 33 49.36 -10.46 45.53
C GLU C 33 48.71 -10.48 46.91
N TRP C 34 49.45 -11.01 47.88
CA TRP C 34 48.99 -11.08 49.27
C TRP C 34 49.73 -10.00 50.06
N LYS C 35 48.97 -9.17 50.76
CA LYS C 35 49.50 -7.98 51.40
C LYS C 35 49.11 -7.91 52.88
N LEU C 36 50.12 -7.85 53.75
CA LEU C 36 49.88 -7.40 55.11
C LEU C 36 49.66 -5.88 55.12
N SER C 37 49.30 -5.37 56.29
CA SER C 37 49.25 -3.94 56.54
C SER C 37 50.10 -3.64 57.77
N GLU C 38 50.34 -2.35 58.00
CA GLU C 38 51.19 -1.97 59.13
C GLU C 38 50.56 -2.38 60.45
N ASN C 39 49.24 -2.21 60.59
CA ASN C 39 48.51 -2.62 61.77
C ASN C 39 47.67 -3.83 61.40
N GLU C 40 47.19 -4.53 62.43
CA GLU C 40 46.44 -5.77 62.26
C GLU C 40 45.33 -5.82 63.31
N ILE C 41 44.42 -6.76 63.12
CA ILE C 41 43.33 -7.03 64.05
C ILE C 41 43.43 -8.50 64.46
N THR C 42 43.55 -8.77 65.75
CA THR C 42 43.60 -10.14 66.24
C THR C 42 42.19 -10.70 66.36
N ILE C 43 42.02 -11.93 65.88
CA ILE C 43 40.72 -12.59 65.88
C ILE C 43 40.74 -13.70 66.93
N TYR C 44 39.75 -13.71 67.82
CA TYR C 44 39.64 -14.74 68.85
C TYR C 44 38.36 -15.54 68.62
N ALA C 45 38.42 -16.80 69.02
CA ALA C 45 37.26 -17.68 68.92
C ALA C 45 36.22 -17.32 69.97
N PRO C 46 34.99 -16.98 69.59
CA PRO C 46 34.03 -16.52 70.60
C PRO C 46 33.74 -17.56 71.66
N ALA C 47 33.88 -18.85 71.35
CA ALA C 47 33.50 -19.89 72.31
C ALA C 47 34.59 -20.21 73.31
N THR C 48 35.85 -19.92 72.97
CA THR C 48 36.98 -20.33 73.80
C THR C 48 37.94 -19.21 74.13
N GLY C 49 37.96 -18.13 73.37
CA GLY C 49 39.01 -17.14 73.51
C GLY C 49 40.30 -17.50 72.82
N GLU C 50 40.36 -18.65 72.15
CA GLU C 50 41.58 -19.03 71.45
C GLU C 50 41.93 -17.97 70.42
N GLU C 51 43.21 -17.61 70.37
CA GLU C 51 43.69 -16.67 69.37
C GLU C 51 43.84 -17.41 68.05
N LEU C 52 43.10 -16.98 67.03
CA LEU C 52 43.09 -17.68 65.74
C LEU C 52 44.07 -17.09 64.74
N GLY C 53 44.52 -15.87 64.96
CA GLY C 53 45.39 -15.17 64.06
C GLY C 53 45.01 -13.73 63.96
N SER C 54 45.53 -13.06 62.94
CA SER C 54 45.26 -11.64 62.74
C SER C 54 44.95 -11.42 61.26
N VAL C 55 44.24 -10.33 61.00
CA VAL C 55 43.99 -9.88 59.64
C VAL C 55 44.49 -8.45 59.54
N PRO C 56 44.81 -7.97 58.35
CA PRO C 56 45.33 -6.62 58.20
C PRO C 56 44.28 -5.56 58.55
N ALA C 57 44.74 -4.46 59.15
CA ALA C 57 43.90 -3.29 59.40
C ALA C 57 44.23 -2.28 58.29
N MET C 58 43.57 -2.46 57.15
CA MET C 58 43.91 -1.67 55.98
C MET C 58 43.63 -0.19 56.21
N THR C 59 44.44 0.65 55.59
CA THR C 59 44.23 2.09 55.57
C THR C 59 43.35 2.46 54.38
N GLN C 60 42.87 3.70 54.38
CA GLN C 60 42.05 4.15 53.27
C GLN C 60 42.82 4.12 51.96
N ALA C 61 44.10 4.49 51.99
CA ALA C 61 44.91 4.42 50.78
C ALA C 61 45.05 2.98 50.29
N GLU C 62 45.11 2.02 51.21
CA GLU C 62 45.20 0.63 50.78
C GLU C 62 43.88 0.16 50.19
N VAL C 63 42.75 0.70 50.66
CA VAL C 63 41.47 0.45 49.99
C VAL C 63 41.49 1.07 48.60
N ASP C 64 42.04 2.27 48.47
CA ASP C 64 42.18 2.89 47.16
C ASP C 64 42.89 1.96 46.18
N ALA C 65 43.94 1.28 46.64
CA ALA C 65 44.71 0.42 45.74
C ALA C 65 43.91 -0.82 45.36
N VAL C 66 43.17 -1.37 46.31
CA VAL C 66 42.28 -2.49 45.99
C VAL C 66 41.32 -2.11 44.87
N TYR C 67 40.66 -0.96 45.02
CA TYR C 67 39.69 -0.55 44.02
C TYR C 67 40.36 -0.18 42.70
N ALA C 68 41.52 0.48 42.76
CA ALA C 68 42.25 0.79 41.54
C ALA C 68 42.60 -0.47 40.77
N SER C 69 43.06 -1.48 41.49
CA SER C 69 43.40 -2.76 40.87
C SER C 69 42.17 -3.40 40.23
N ALA C 70 41.03 -3.33 40.89
CA ALA C 70 39.82 -3.95 40.39
C ALA C 70 39.34 -3.27 39.12
N LYS C 71 39.30 -1.93 39.11
CA LYS C 71 38.84 -1.23 37.93
C LYS C 71 39.80 -1.43 36.76
N LYS C 72 41.10 -1.53 37.03
CA LYS C 72 42.05 -1.84 35.97
C LYS C 72 41.78 -3.21 35.36
N ALA C 73 41.50 -4.20 36.22
CA ALA C 73 41.29 -5.55 35.71
C ALA C 73 39.95 -5.72 35.02
N LEU C 74 39.01 -4.83 35.26
CA LEU C 74 37.66 -5.02 34.75
C LEU C 74 37.65 -5.16 33.22
N SER C 75 38.45 -4.36 32.52
CA SER C 75 38.36 -4.34 31.06
C SER C 75 38.65 -5.71 30.46
N ASP C 76 39.75 -6.32 30.87
CA ASP C 76 40.12 -7.62 30.30
C ASP C 76 39.21 -8.72 30.81
N TRP C 77 38.65 -8.54 32.01
CA TRP C 77 37.78 -9.57 32.58
C TRP C 77 36.44 -9.61 31.88
N ARG C 78 35.79 -8.46 31.73
CA ARG C 78 34.47 -8.42 31.11
C ARG C 78 34.50 -8.83 29.64
N THR C 79 35.66 -8.75 28.98
CA THR C 79 35.75 -9.11 27.58
C THR C 79 36.15 -10.57 27.37
N LEU C 80 36.46 -11.30 28.44
CA LEU C 80 36.60 -12.74 28.31
C LEU C 80 35.26 -13.33 27.92
N SER C 81 35.30 -14.57 27.41
CA SER C 81 34.06 -15.29 27.16
C SER C 81 33.46 -15.75 28.48
N TYR C 82 32.15 -16.03 28.46
CA TYR C 82 31.51 -16.61 29.64
C TYR C 82 32.20 -17.91 30.00
N VAL C 83 32.52 -18.72 29.01
CA VAL C 83 33.15 -20.01 29.27
C VAL C 83 34.43 -19.82 30.08
N GLU C 84 35.26 -18.86 29.67
CA GLU C 84 36.53 -18.66 30.37
C GLU C 84 36.29 -18.22 31.81
N ARG C 85 35.33 -17.32 32.02
CA ARG C 85 35.04 -16.88 33.39
C ARG C 85 34.45 -18.01 34.21
N ALA C 86 33.56 -18.82 33.61
CA ALA C 86 32.99 -19.94 34.34
C ALA C 86 34.07 -20.94 34.75
N ALA C 87 35.12 -21.10 33.92
CA ALA C 87 36.20 -22.04 34.24
C ALA C 87 36.88 -21.69 35.55
N TYR C 88 37.15 -20.40 35.76
CA TYR C 88 37.77 -19.99 37.02
C TYR C 88 36.89 -20.32 38.21
N LEU C 89 35.58 -20.04 38.10
CA LEU C 89 34.65 -20.32 39.18
C LEU C 89 34.60 -21.80 39.53
N HIS C 90 34.47 -22.65 38.52
CA HIS C 90 34.44 -24.08 38.80
C HIS C 90 35.71 -24.53 39.51
N LYS C 91 36.86 -24.05 39.05
CA LYS C 91 38.12 -24.42 39.67
C LYS C 91 38.13 -24.02 41.14
N ALA C 92 37.68 -22.78 41.44
CA ALA C 92 37.66 -22.31 42.82
C ALA C 92 36.73 -23.17 43.67
N ALA C 93 35.59 -23.58 43.10
CA ALA C 93 34.68 -24.47 43.82
C ALA C 93 35.33 -25.82 44.09
N ASP C 94 36.03 -26.37 43.10
CA ASP C 94 36.76 -27.63 43.33
C ASP C 94 37.75 -27.51 44.49
N ILE C 95 38.47 -26.39 44.56
CA ILE C 95 39.43 -26.18 45.64
C ILE C 95 38.73 -26.07 46.99
N LEU C 96 37.61 -25.37 47.05
CA LEU C 96 36.85 -25.28 48.30
C LEU C 96 36.44 -26.65 48.80
N VAL C 97 35.89 -27.48 47.93
CA VAL C 97 35.53 -28.85 48.30
C VAL C 97 36.75 -29.58 48.83
N ARG C 98 37.89 -29.43 48.16
CA ARG C 98 39.12 -30.10 48.62
C ARG C 98 39.47 -29.67 50.04
N ASP C 99 39.38 -28.37 50.32
CA ASP C 99 39.81 -27.81 51.58
C ASP C 99 38.65 -27.55 52.54
N ALA C 100 37.51 -28.24 52.35
CA ALA C 100 36.35 -27.94 53.18
C ALA C 100 36.62 -28.25 54.63
N GLU C 101 37.27 -29.37 54.92
CA GLU C 101 37.58 -29.69 56.32
C GLU C 101 38.54 -28.66 56.91
N LYS C 102 39.57 -28.27 56.15
CA LYS C 102 40.54 -27.30 56.65
C LYS C 102 39.85 -25.96 56.91
N ILE C 103 39.10 -25.48 55.92
CA ILE C 103 38.44 -24.18 56.07
C ILE C 103 37.36 -24.25 57.14
N GLY C 104 36.51 -25.27 57.08
CA GLY C 104 35.43 -25.38 58.05
C GLY C 104 35.92 -25.44 59.49
N ALA C 105 37.04 -26.11 59.71
CA ALA C 105 37.59 -26.22 61.06
C ALA C 105 37.88 -24.83 61.63
N ILE C 106 38.36 -23.91 60.80
CA ILE C 106 38.69 -22.56 61.27
C ILE C 106 37.43 -21.71 61.36
N LEU C 107 36.57 -21.81 60.34
CA LEU C 107 35.27 -21.15 60.36
C LEU C 107 34.50 -21.50 61.61
N SER C 108 34.51 -22.78 62.00
CA SER C 108 33.88 -23.18 63.25
C SER C 108 34.38 -22.35 64.41
N LYS C 109 35.71 -22.25 64.56
CA LYS C 109 36.26 -21.51 65.68
C LYS C 109 35.92 -20.02 65.57
N GLU C 110 36.05 -19.46 64.38
CA GLU C 110 35.97 -18.01 64.23
C GLU C 110 34.60 -17.47 64.61
N VAL C 111 33.53 -18.21 64.33
CA VAL C 111 32.17 -17.70 64.55
C VAL C 111 31.35 -18.57 65.47
N ALA C 112 31.99 -19.51 66.17
CA ALA C 112 31.35 -20.37 67.16
C ALA C 112 30.23 -21.17 66.51
N LYS C 113 30.45 -21.60 65.27
CA LYS C 113 29.55 -22.47 64.54
C LYS C 113 30.02 -23.91 64.72
N GLY C 114 29.07 -24.83 64.83
CA GLY C 114 29.38 -26.24 64.98
C GLY C 114 30.32 -26.68 63.90
N HIS C 115 31.26 -27.57 64.24
CA HIS C 115 32.26 -28.01 63.29
C HIS C 115 31.62 -28.57 62.02
N LYS C 116 30.66 -29.49 62.18
CA LYS C 116 30.06 -30.11 61.00
C LYS C 116 29.29 -29.08 60.17
N ALA C 117 28.54 -28.20 60.84
CA ALA C 117 27.83 -27.14 60.11
C ALA C 117 28.79 -26.24 59.37
N ALA C 118 29.94 -25.93 59.97
CA ALA C 118 30.92 -25.08 59.32
C ALA C 118 31.43 -25.71 58.03
N VAL C 119 31.81 -27.00 58.10
CA VAL C 119 32.22 -27.71 56.89
C VAL C 119 31.10 -27.74 55.86
N SER C 120 29.86 -27.99 56.32
CA SER C 120 28.70 -27.96 55.41
C SER C 120 28.58 -26.60 54.73
N GLU C 121 28.86 -25.52 55.46
CA GLU C 121 28.77 -24.19 54.86
C GLU C 121 29.72 -24.06 53.67
N VAL C 122 30.95 -24.59 53.82
CA VAL C 122 31.91 -24.52 52.73
C VAL C 122 31.46 -25.38 51.55
N ILE C 123 30.94 -26.57 51.83
CA ILE C 123 30.45 -27.42 50.75
C ILE C 123 29.33 -26.73 50.00
N ARG C 124 28.40 -26.12 50.74
CA ARG C 124 27.30 -25.40 50.12
C ARG C 124 27.79 -24.23 49.31
N THR C 125 28.85 -23.56 49.78
CA THR C 125 29.41 -22.46 49.01
C THR C 125 29.92 -22.95 47.67
N ALA C 126 30.59 -24.11 47.65
CA ALA C 126 31.03 -24.68 46.38
C ALA C 126 29.85 -24.93 45.46
N GLU C 127 28.75 -25.48 45.98
CA GLU C 127 27.59 -25.74 45.12
C GLU C 127 27.05 -24.46 44.51
N ILE C 128 27.04 -23.37 45.29
CA ILE C 128 26.54 -22.10 44.80
C ILE C 128 27.45 -21.56 43.72
N ILE C 129 28.76 -21.68 43.91
CA ILE C 129 29.70 -21.14 42.94
C ILE C 129 29.58 -21.87 41.61
N ASN C 130 29.56 -23.22 41.66
CA ASN C 130 29.39 -24.00 40.44
C ASN C 130 28.09 -23.66 39.73
N TYR C 131 27.01 -23.53 40.50
CA TYR C 131 25.69 -23.27 39.92
C TYR C 131 25.64 -21.88 39.30
N ALA C 132 26.26 -20.90 39.97
CA ALA C 132 26.26 -19.55 39.43
C ALA C 132 27.04 -19.51 38.12
N ALA C 133 28.13 -20.30 38.03
CA ALA C 133 28.93 -20.30 36.81
C ALA C 133 28.12 -20.82 35.63
N GLU C 134 27.42 -21.93 35.82
CA GLU C 134 26.62 -22.51 34.74
C GLU C 134 25.35 -21.71 34.48
N GLU C 135 24.77 -21.11 35.51
CA GLU C 135 23.62 -20.26 35.28
C GLU C 135 24.01 -19.03 34.47
N GLY C 136 25.10 -18.37 34.86
CA GLY C 136 25.46 -17.12 34.22
C GLY C 136 25.95 -17.27 32.80
N LEU C 137 26.60 -18.38 32.48
CA LEU C 137 27.29 -18.46 31.19
C LEU C 137 26.32 -18.63 30.02
N ARG C 138 25.08 -19.05 30.29
CA ARG C 138 24.09 -19.27 29.24
C ARG C 138 23.02 -18.19 29.26
N MET C 139 23.24 -17.11 30.00
CA MET C 139 22.32 -15.98 29.97
C MET C 139 22.31 -15.39 28.56
N GLU C 140 21.17 -14.80 28.22
CA GLU C 140 20.93 -14.40 26.84
C GLU C 140 20.51 -12.94 26.77
N GLY C 141 20.63 -12.39 25.55
CA GLY C 141 20.06 -11.11 25.24
C GLY C 141 18.70 -11.26 24.58
N GLU C 142 18.13 -10.12 24.19
CA GLU C 142 16.82 -10.07 23.57
CA GLU C 142 16.81 -10.05 23.59
C GLU C 142 16.85 -9.17 22.35
N VAL C 143 15.95 -9.44 21.43
CA VAL C 143 15.75 -8.65 20.22
C VAL C 143 14.32 -8.11 20.30
N LEU C 144 14.18 -6.79 20.38
CA LEU C 144 12.88 -6.15 20.44
C LEU C 144 12.54 -5.51 19.10
N GLU C 145 11.28 -5.61 18.72
CA GLU C 145 10.82 -5.14 17.43
C GLU C 145 10.23 -3.74 17.59
N GLY C 146 10.76 -2.78 16.84
CA GLY C 146 10.13 -1.47 16.80
C GLY C 146 8.66 -1.53 16.42
N GLY C 147 8.29 -2.47 15.55
CA GLY C 147 6.93 -2.57 15.05
C GLY C 147 5.92 -3.10 16.05
N SER C 148 6.40 -3.56 17.21
CA SER C 148 5.51 -3.87 18.33
C SER C 148 4.84 -2.61 18.85
N PHE C 149 5.51 -1.46 18.74
CA PHE C 149 5.00 -0.23 19.35
C PHE C 149 4.50 0.80 18.35
N GLU C 150 5.21 1.02 17.24
CA GLU C 150 4.72 1.94 16.22
C GLU C 150 5.04 1.40 14.83
N ALA C 151 4.08 1.53 13.92
CA ALA C 151 4.24 1.00 12.58
C ALA C 151 5.43 1.61 11.85
N ALA C 152 5.67 2.89 12.04
CA ALA C 152 6.73 3.55 11.30
C ALA C 152 8.11 3.04 11.68
N SER C 153 8.24 2.36 12.83
CA SER C 153 9.50 1.81 13.27
C SER C 153 9.61 0.31 13.05
N LYS C 154 8.79 -0.27 12.14
CA LYS C 154 8.79 -1.71 11.98
C LYS C 154 10.13 -2.27 11.54
N LYS C 155 10.97 -1.47 10.89
CA LYS C 155 12.29 -1.92 10.47
C LYS C 155 13.38 -1.65 11.50
N LYS C 156 13.04 -1.03 12.64
CA LYS C 156 14.00 -0.68 13.66
C LYS C 156 13.95 -1.75 14.76
N ILE C 157 15.09 -2.38 15.00
CA ILE C 157 15.19 -3.41 16.04
C ILE C 157 16.27 -3.03 17.05
N ALA C 158 16.07 -3.47 18.30
CA ALA C 158 17.02 -3.27 19.38
C ALA C 158 17.64 -4.63 19.74
N ILE C 159 18.96 -4.72 19.62
CA ILE C 159 19.71 -5.89 20.05
C ILE C 159 20.22 -5.58 21.45
N VAL C 160 19.63 -6.25 22.44
CA VAL C 160 19.81 -5.95 23.85
C VAL C 160 20.65 -7.05 24.48
N ARG C 161 21.88 -6.73 24.86
CA ARG C 161 22.80 -7.71 25.43
C ARG C 161 23.16 -7.31 26.86
N ARG C 162 23.59 -8.31 27.62
CA ARG C 162 23.87 -8.10 29.03
C ARG C 162 25.31 -7.64 29.20
N GLU C 163 25.54 -6.85 30.24
CA GLU C 163 26.87 -6.34 30.57
C GLU C 163 26.99 -6.30 32.08
N PRO C 164 28.19 -6.41 32.63
CA PRO C 164 28.36 -6.26 34.08
C PRO C 164 28.08 -4.83 34.49
N VAL C 165 27.86 -4.63 35.80
CA VAL C 165 27.71 -3.29 36.34
C VAL C 165 29.05 -2.64 36.64
N GLY C 166 30.10 -3.42 36.90
CA GLY C 166 31.44 -2.93 37.11
C GLY C 166 32.11 -3.54 38.33
N LEU C 167 32.42 -2.72 39.32
CA LEU C 167 33.03 -3.19 40.56
C LEU C 167 31.93 -3.40 41.59
N VAL C 168 31.83 -4.61 42.11
CA VAL C 168 30.84 -4.99 43.11
C VAL C 168 31.57 -5.08 44.45
N LEU C 169 31.11 -4.32 45.42
CA LEU C 169 31.56 -4.47 46.80
C LEU C 169 30.68 -5.49 47.50
N ALA C 170 31.25 -6.64 47.85
CA ALA C 170 30.53 -7.70 48.54
C ALA C 170 30.92 -7.63 50.02
N ILE C 171 29.93 -7.59 50.90
CA ILE C 171 30.10 -7.45 52.33
C ILE C 171 29.40 -8.64 52.94
N SER C 172 30.20 -9.63 53.45
CA SER C 172 29.62 -10.85 53.95
C SER C 172 29.33 -10.68 55.44
N PRO C 173 28.46 -11.56 55.98
CA PRO C 173 28.09 -11.45 57.40
C PRO C 173 28.81 -12.45 58.27
N PHE C 174 28.82 -12.21 59.58
CA PHE C 174 29.57 -13.11 60.46
C PHE C 174 29.00 -14.52 60.48
N ASN C 175 27.67 -14.64 60.35
CA ASN C 175 27.03 -15.95 60.54
C ASN C 175 27.20 -16.89 59.37
N TYR C 176 27.53 -16.36 58.19
CA TYR C 176 27.81 -17.16 57.00
C TYR C 176 28.93 -16.50 56.23
N PRO C 177 30.12 -16.44 56.84
CA PRO C 177 31.21 -15.63 56.25
C PRO C 177 31.81 -16.21 55.01
N VAL C 178 31.57 -17.48 54.71
CA VAL C 178 31.98 -18.09 53.45
C VAL C 178 30.79 -18.23 52.49
N ASN C 179 29.68 -18.81 52.96
CA ASN C 179 28.51 -19.01 52.10
C ASN C 179 27.96 -17.68 51.58
N LEU C 180 27.77 -16.71 52.44
CA LEU C 180 27.23 -15.43 52.00
C LEU C 180 28.35 -14.44 51.61
N ALA C 181 29.57 -14.93 51.44
CA ALA C 181 30.53 -14.24 50.58
C ALA C 181 30.47 -14.80 49.16
N GLY C 182 30.57 -16.13 49.04
CA GLY C 182 30.48 -16.76 47.73
C GLY C 182 29.18 -16.50 47.01
N SER C 183 28.08 -16.44 47.75
CA SER C 183 26.79 -16.15 47.13
C SER C 183 26.78 -14.81 46.42
N LYS C 184 27.70 -13.91 46.73
CA LYS C 184 27.86 -12.64 46.05
C LYS C 184 28.98 -12.66 45.02
N ILE C 185 30.09 -13.30 45.35
CA ILE C 185 31.27 -13.29 44.49
C ILE C 185 30.99 -14.00 43.16
N ALA C 186 30.52 -15.24 43.22
CA ALA C 186 30.37 -16.01 41.98
C ALA C 186 29.34 -15.40 41.04
N PRO C 187 28.14 -15.05 41.48
CA PRO C 187 27.22 -14.38 40.55
C PRO C 187 27.81 -13.13 39.95
N ALA C 188 28.53 -12.36 40.76
CA ALA C 188 29.15 -11.15 40.26
C ALA C 188 30.17 -11.48 39.19
N LEU C 189 31.03 -12.47 39.46
CA LEU C 189 32.16 -12.74 38.58
C LEU C 189 31.71 -13.34 37.24
N ILE C 190 30.71 -14.21 37.25
CA ILE C 190 30.32 -14.85 35.99
C ILE C 190 29.83 -13.82 34.99
N ALA C 191 29.12 -12.79 35.47
CA ALA C 191 28.59 -11.72 34.62
C ALA C 191 29.65 -10.74 34.14
N GLY C 192 30.89 -10.89 34.58
CA GLY C 192 31.96 -10.02 34.14
C GLY C 192 32.25 -8.87 35.07
N ASN C 193 31.64 -8.82 36.24
CA ASN C 193 32.01 -7.83 37.23
C ASN C 193 33.34 -8.20 37.86
N VAL C 194 34.03 -7.20 38.42
CA VAL C 194 35.12 -7.44 39.35
C VAL C 194 34.55 -7.25 40.76
N VAL C 195 35.22 -7.83 41.75
CA VAL C 195 34.69 -7.91 43.11
C VAL C 195 35.76 -7.57 44.14
N ALA C 196 35.37 -6.81 45.15
CA ALA C 196 36.14 -6.66 46.37
C ALA C 196 35.27 -7.18 47.50
N LEU C 197 35.80 -8.16 48.23
CA LEU C 197 35.11 -8.71 49.39
C LEU C 197 35.58 -8.03 50.67
N LYS C 198 34.63 -7.45 51.41
CA LYS C 198 34.86 -6.93 52.76
C LYS C 198 34.21 -7.90 53.73
N PRO C 199 34.96 -8.84 54.32
CA PRO C 199 34.39 -9.69 55.32
C PRO C 199 34.18 -8.93 56.61
N PRO C 200 33.31 -9.40 57.49
CA PRO C 200 33.23 -8.82 58.84
C PRO C 200 34.49 -9.19 59.61
N THR C 201 34.85 -8.33 60.56
CA THR C 201 36.06 -8.61 61.33
C THR C 201 36.01 -10.01 61.96
N GLN C 202 34.88 -10.33 62.58
CA GLN C 202 34.63 -11.68 63.07
C GLN C 202 34.10 -12.51 61.91
N GLY C 203 34.99 -13.27 61.28
CA GLY C 203 34.73 -13.88 59.99
C GLY C 203 35.71 -13.45 58.91
N SER C 204 36.68 -12.58 59.21
CA SER C 204 37.63 -12.14 58.18
C SER C 204 38.59 -13.26 57.81
N ILE C 205 39.00 -14.09 58.76
CA ILE C 205 39.88 -15.20 58.40
C ILE C 205 39.18 -16.12 57.40
N SER C 206 37.92 -16.46 57.68
CA SER C 206 37.19 -17.36 56.80
CA SER C 206 37.19 -17.36 56.80
C SER C 206 37.01 -16.76 55.42
N GLY C 207 36.77 -15.44 55.36
CA GLY C 207 36.68 -14.79 54.07
C GLY C 207 38.00 -14.82 53.32
N LEU C 208 39.12 -14.65 54.04
CA LEU C 208 40.43 -14.71 53.39
C LEU C 208 40.79 -16.14 52.98
N LEU C 209 40.32 -17.14 53.73
CA LEU C 209 40.50 -18.52 53.31
C LEU C 209 39.74 -18.81 52.03
N LEU C 210 38.50 -18.29 51.92
CA LEU C 210 37.76 -18.37 50.66
C LEU C 210 38.57 -17.70 49.56
N ALA C 211 39.11 -16.53 49.82
CA ALA C 211 39.91 -15.84 48.81
C ALA C 211 41.09 -16.70 48.34
N GLU C 212 41.67 -17.50 49.24
CA GLU C 212 42.78 -18.37 48.85
C GLU C 212 42.36 -19.32 47.74
N ALA C 213 41.15 -19.88 47.84
CA ALA C 213 40.69 -20.80 46.81
C ALA C 213 40.58 -20.09 45.46
N PHE C 214 40.01 -18.87 45.44
CA PHE C 214 39.91 -18.14 44.18
C PHE C 214 41.29 -17.79 43.62
N ALA C 215 42.24 -17.45 44.49
CA ALA C 215 43.58 -17.14 44.02
C ALA C 215 44.25 -18.39 43.44
N GLU C 216 44.08 -19.53 44.09
CA GLU C 216 44.71 -20.75 43.59
C GLU C 216 44.06 -21.20 42.30
N ALA C 217 42.77 -20.90 42.11
CA ALA C 217 42.07 -21.20 40.85
C ALA C 217 42.60 -20.35 39.71
N GLY C 218 43.45 -19.38 40.00
CA GLY C 218 44.03 -18.54 38.99
C GLY C 218 43.20 -17.35 38.58
N ILE C 219 42.25 -16.90 39.39
CA ILE C 219 41.44 -15.73 39.08
C ILE C 219 42.39 -14.59 38.72
N PRO C 220 42.20 -13.92 37.59
CA PRO C 220 43.19 -12.93 37.16
C PRO C 220 43.37 -11.83 38.18
N ALA C 221 44.58 -11.28 38.22
CA ALA C 221 44.93 -10.29 39.22
C ALA C 221 43.96 -9.11 39.16
N GLY C 222 43.41 -8.75 40.31
CA GLY C 222 42.52 -7.62 40.40
C GLY C 222 41.06 -7.95 40.19
N VAL C 223 40.77 -9.09 39.58
CA VAL C 223 39.39 -9.46 39.32
C VAL C 223 38.63 -9.67 40.63
N PHE C 224 39.32 -10.23 41.62
CA PHE C 224 38.76 -10.48 42.94
C PHE C 224 39.80 -10.09 43.97
N ASN C 225 39.39 -9.24 44.92
CA ASN C 225 40.28 -8.72 45.96
C ASN C 225 39.54 -8.78 47.29
N THR C 226 40.30 -8.66 48.38
CA THR C 226 39.72 -8.63 49.72
C THR C 226 40.14 -7.36 50.44
N ILE C 227 39.26 -6.87 51.31
CA ILE C 227 39.54 -5.74 52.19
C ILE C 227 39.24 -6.17 53.63
N THR C 228 40.18 -5.90 54.53
CA THR C 228 39.95 -6.09 55.96
C THR C 228 40.37 -4.81 56.68
N GLY C 229 39.71 -4.49 57.78
CA GLY C 229 40.14 -3.37 58.58
C GLY C 229 39.08 -2.95 59.58
N ARG C 230 39.43 -1.93 60.37
CA ARG C 230 38.56 -1.45 61.43
C ARG C 230 37.52 -0.51 60.85
N GLY C 231 36.29 -0.64 61.33
CA GLY C 231 35.21 0.20 60.86
C GLY C 231 35.46 1.68 61.04
N SER C 232 36.15 2.05 62.13
CA SER C 232 36.44 3.44 62.38
C SER C 232 37.38 4.04 61.34
N VAL C 233 38.14 3.22 60.63
CA VAL C 233 39.12 3.70 59.67
C VAL C 233 38.61 3.63 58.25
N ILE C 234 37.92 2.53 57.88
CA ILE C 234 37.54 2.29 56.51
C ILE C 234 36.07 1.93 56.34
N GLY C 235 35.29 1.86 57.43
CA GLY C 235 33.92 1.41 57.34
C GLY C 235 33.09 2.14 56.30
N ASP C 236 32.94 3.44 56.46
CA ASP C 236 32.19 4.21 55.49
C ASP C 236 32.98 4.41 54.19
N TYR C 237 34.31 4.45 54.29
CA TYR C 237 35.12 4.78 53.13
C TYR C 237 34.96 3.74 52.03
N ILE C 238 34.90 2.45 52.40
CA ILE C 238 34.78 1.40 51.38
C ILE C 238 33.48 1.53 50.61
N VAL C 239 32.42 2.02 51.26
CA VAL C 239 31.11 2.11 50.61
C VAL C 239 30.96 3.40 49.80
N GLU C 240 31.44 4.52 50.33
CA GLU C 240 31.27 5.80 49.66
C GLU C 240 32.19 5.94 48.46
N HIS C 241 33.22 5.11 48.36
CA HIS C 241 34.22 5.26 47.31
C HIS C 241 33.55 5.23 45.94
N GLU C 242 33.92 6.19 45.09
CA GLU C 242 33.25 6.33 43.81
C GLU C 242 33.60 5.21 42.85
N ALA C 243 34.67 4.43 43.13
CA ALA C 243 35.00 3.32 42.24
C ALA C 243 33.97 2.19 42.34
N VAL C 244 33.31 2.04 43.49
CA VAL C 244 32.30 1.00 43.68
C VAL C 244 31.07 1.30 42.86
N ASN C 245 30.62 0.33 42.06
CA ASN C 245 29.43 0.51 41.25
C ASN C 245 28.20 -0.22 41.78
N PHE C 246 28.40 -1.12 42.74
CA PHE C 246 27.31 -1.94 43.24
C PHE C 246 27.73 -2.39 44.64
N ILE C 247 26.78 -2.39 45.57
CA ILE C 247 27.02 -2.80 46.95
C ILE C 247 26.09 -3.96 47.26
N ASN C 248 26.66 -5.08 47.65
CA ASN C 248 25.93 -6.32 47.92
C ASN C 248 26.27 -6.71 49.37
N PHE C 249 25.30 -6.55 50.26
CA PHE C 249 25.54 -6.60 51.69
C PHE C 249 24.58 -7.54 52.39
N THR C 250 25.12 -8.28 53.36
CA THR C 250 24.34 -9.09 54.28
C THR C 250 24.79 -8.73 55.69
N GLY C 251 23.83 -8.41 56.56
CA GLY C 251 24.16 -8.05 57.93
C GLY C 251 22.92 -7.54 58.64
N SER C 252 23.15 -6.80 59.72
CA SER C 252 22.06 -6.33 60.56
C SER C 252 21.26 -5.26 59.85
N THR C 253 20.01 -5.13 60.27
CA THR C 253 19.15 -4.08 59.69
C THR C 253 19.71 -2.69 59.89
N PRO C 254 20.08 -2.26 61.10
CA PRO C 254 20.63 -0.90 61.26
C PRO C 254 21.87 -0.65 60.42
N ILE C 255 22.77 -1.63 60.31
CA ILE C 255 23.94 -1.45 59.46
C ILE C 255 23.53 -1.34 58.00
N GLY C 256 22.56 -2.17 57.56
CA GLY C 256 22.08 -2.08 56.20
C GLY C 256 21.46 -0.73 55.90
N GLU C 257 20.73 -0.16 56.86
CA GLU C 257 20.17 1.17 56.69
CA GLU C 257 20.17 1.17 56.67
C GLU C 257 21.28 2.20 56.50
N GLY C 258 22.37 2.05 57.23
CA GLY C 258 23.46 3.00 57.07
C GLY C 258 24.08 2.92 55.69
N ILE C 259 24.13 1.72 55.12
CA ILE C 259 24.66 1.55 53.78
C ILE C 259 23.73 2.19 52.75
N GLY C 260 22.42 2.08 52.97
CA GLY C 260 21.49 2.72 52.05
C GLY C 260 21.67 4.22 52.00
N LYS C 261 22.06 4.81 53.12
CA LYS C 261 22.27 6.25 53.14
C LYS C 261 23.54 6.65 52.38
N LEU C 262 24.48 5.73 52.22
CA LEU C 262 25.75 6.00 51.55
C LEU C 262 25.75 5.55 50.11
N ALA C 263 24.70 4.84 49.67
CA ALA C 263 24.70 4.19 48.37
C ALA C 263 24.58 5.21 47.24
N GLY C 264 23.89 6.32 47.47
CA GLY C 264 23.73 7.30 46.39
C GLY C 264 22.91 6.72 45.25
N MET C 265 23.38 6.95 44.03
CA MET C 265 22.72 6.43 42.85
C MET C 265 23.06 4.96 42.59
N ARG C 266 23.94 4.37 43.38
CA ARG C 266 24.41 3.05 43.00
C ARG C 266 23.45 1.96 43.48
N PRO C 267 23.20 0.97 42.64
CA PRO C 267 22.30 -0.12 43.05
C PRO C 267 22.90 -0.86 44.23
N ILE C 268 22.02 -1.34 45.09
CA ILE C 268 22.41 -2.09 46.29
C ILE C 268 21.50 -3.28 46.44
N MET C 269 22.02 -4.33 47.08
CA MET C 269 21.25 -5.45 47.59
C MET C 269 21.52 -5.54 49.08
N LEU C 270 20.46 -5.66 49.88
CA LEU C 270 20.56 -5.73 51.33
C LEU C 270 19.84 -6.99 51.78
N GLU C 271 20.55 -7.84 52.52
CA GLU C 271 19.96 -9.01 53.15
C GLU C 271 20.09 -8.76 54.65
N LEU C 272 18.97 -8.43 55.30
CA LEU C 272 19.00 -7.94 56.67
C LEU C 272 18.27 -8.91 57.60
N GLY C 273 17.78 -8.39 58.70
CA GLY C 273 17.21 -9.25 59.71
C GLY C 273 15.82 -9.75 59.33
N GLY C 274 15.34 -10.70 60.13
CA GLY C 274 13.99 -11.19 59.98
C GLY C 274 13.36 -11.53 61.30
N LYS C 275 12.03 -11.64 61.30
CA LYS C 275 11.28 -12.12 62.45
C LYS C 275 10.21 -13.07 61.91
N ASP C 276 10.67 -14.13 61.24
CA ASP C 276 9.76 -15.01 60.50
C ASP C 276 8.72 -15.62 61.41
N SER C 277 7.45 -15.54 61.01
CA SER C 277 6.36 -16.15 61.75
CA SER C 277 6.35 -16.14 61.75
C SER C 277 6.11 -17.56 61.24
N ALA C 278 5.78 -18.45 62.15
CA ALA C 278 5.30 -19.79 61.83
C ALA C 278 3.82 -19.82 62.24
N ILE C 279 2.94 -19.77 61.25
CA ILE C 279 1.50 -19.75 61.49
C ILE C 279 1.02 -21.18 61.53
N VAL C 280 0.42 -21.59 62.65
CA VAL C 280 -0.02 -22.97 62.86
C VAL C 280 -1.54 -22.95 62.99
N LEU C 281 -2.20 -23.57 62.03
CA LEU C 281 -3.66 -23.61 62.00
C LEU C 281 -4.17 -24.88 62.69
N GLU C 282 -5.48 -24.91 62.90
CA GLU C 282 -6.05 -25.97 63.73
C GLU C 282 -5.85 -27.36 63.12
N ASP C 283 -5.72 -27.43 61.80
CA ASP C 283 -5.61 -28.71 61.11
C ASP C 283 -4.16 -29.12 60.88
N ALA C 284 -3.20 -28.42 61.46
CA ALA C 284 -1.80 -28.68 61.17
C ALA C 284 -1.36 -30.00 61.79
N ASP C 285 -0.36 -30.62 61.17
CA ASP C 285 0.36 -31.73 61.79
C ASP C 285 1.25 -31.14 62.88
N LEU C 286 0.81 -31.25 64.14
CA LEU C 286 1.47 -30.51 65.21
C LEU C 286 2.87 -31.03 65.51
N ALA C 287 3.08 -32.34 65.41
CA ALA C 287 4.42 -32.88 65.63
C ALA C 287 5.37 -32.42 64.52
N LEU C 288 4.91 -32.44 63.28
CA LEU C 288 5.76 -31.97 62.18
C LEU C 288 6.01 -30.47 62.29
N ALA C 289 4.98 -29.70 62.64
CA ALA C 289 5.18 -28.26 62.85
C ALA C 289 6.20 -28.00 63.95
N ALA C 290 6.06 -28.68 65.07
CA ALA C 290 7.05 -28.52 66.15
C ALA C 290 8.45 -28.87 65.68
N LYS C 291 8.60 -29.98 64.95
CA LYS C 291 9.90 -30.37 64.45
C LYS C 291 10.52 -29.27 63.60
N ASN C 292 9.76 -28.77 62.62
CA ASN C 292 10.29 -27.73 61.75
C ASN C 292 10.53 -26.44 62.53
N ILE C 293 9.60 -26.07 63.40
CA ILE C 293 9.75 -24.84 64.16
C ILE C 293 11.05 -24.87 64.97
N VAL C 294 11.28 -25.96 65.69
CA VAL C 294 12.46 -26.01 66.55
C VAL C 294 13.74 -26.05 65.71
N ALA C 295 13.75 -26.87 64.65
CA ALA C 295 14.91 -26.89 63.77
C ALA C 295 15.22 -25.50 63.22
N GLY C 296 14.19 -24.76 62.81
CA GLY C 296 14.41 -23.46 62.21
C GLY C 296 14.74 -22.37 63.20
N ALA C 297 14.10 -22.41 64.36
CA ALA C 297 14.29 -21.33 65.34
C ALA C 297 15.65 -21.39 66.04
N PHE C 298 16.16 -22.60 66.29
CA PHE C 298 17.32 -22.79 67.14
C PHE C 298 18.57 -23.21 66.38
N GLY C 299 18.48 -23.37 65.07
CA GLY C 299 19.68 -23.57 64.28
C GLY C 299 20.68 -22.48 64.51
N TYR C 300 21.95 -22.84 64.70
CA TYR C 300 23.02 -21.85 64.99
C TYR C 300 22.59 -20.90 66.10
N SER C 301 21.93 -21.45 67.11
CA SER C 301 21.52 -20.68 68.27
C SER C 301 20.61 -19.51 67.91
N GLY C 302 19.92 -19.63 66.79
CA GLY C 302 19.01 -18.59 66.36
C GLY C 302 19.67 -17.42 65.66
N GLN C 303 20.94 -17.55 65.31
CA GLN C 303 21.71 -16.46 64.70
C GLN C 303 21.58 -16.53 63.18
N ARG C 304 20.35 -16.45 62.72
CA ARG C 304 20.05 -16.48 61.30
C ARG C 304 18.92 -15.52 60.99
N SER C 305 19.02 -14.83 59.86
CA SER C 305 17.93 -13.96 59.42
C SER C 305 16.70 -14.79 59.10
N THR C 306 16.88 -15.85 58.33
CA THR C 306 15.81 -16.75 57.94
C THR C 306 15.71 -17.82 59.01
N ALA C 307 14.67 -17.74 59.82
CA ALA C 307 14.52 -18.65 60.95
C ALA C 307 13.18 -18.37 61.60
N VAL C 308 12.46 -19.40 62.01
CA VAL C 308 11.25 -19.14 62.77
C VAL C 308 11.61 -18.38 64.04
N LYS C 309 11.06 -17.19 64.20
CA LYS C 309 11.34 -16.35 65.35
C LYS C 309 10.08 -16.03 66.14
N ARG C 310 8.92 -16.47 65.69
CA ARG C 310 7.71 -16.37 66.50
C ARG C 310 6.69 -17.36 65.97
N VAL C 311 6.00 -18.02 66.88
CA VAL C 311 4.94 -18.95 66.53
C VAL C 311 3.63 -18.23 66.77
N LEU C 312 2.78 -18.16 65.73
CA LEU C 312 1.44 -17.63 65.84
C LEU C 312 0.50 -18.82 65.67
N VAL C 313 -0.07 -19.30 66.77
CA VAL C 313 -0.78 -20.55 66.79
C VAL C 313 -2.24 -20.34 67.19
N MET C 314 -3.14 -21.00 66.47
CA MET C 314 -4.55 -20.97 66.84
C MET C 314 -4.70 -21.59 68.21
N ASP C 315 -5.47 -20.93 69.07
CA ASP C 315 -5.48 -21.35 70.48
C ASP C 315 -5.96 -22.78 70.68
N LYS C 316 -6.79 -23.30 69.76
CA LYS C 316 -7.33 -24.64 69.94
C LYS C 316 -6.23 -25.69 69.98
N VAL C 317 -5.12 -25.45 69.28
CA VAL C 317 -4.02 -26.39 69.21
C VAL C 317 -2.79 -25.89 69.94
N ALA C 318 -2.90 -24.76 70.62
CA ALA C 318 -1.73 -24.10 71.21
C ALA C 318 -1.10 -24.93 72.33
N ASP C 319 -1.92 -25.47 73.24
CA ASP C 319 -1.39 -26.28 74.33
C ASP C 319 -0.63 -27.50 73.81
N GLN C 320 -1.24 -28.23 72.87
CA GLN C 320 -0.59 -29.42 72.33
C GLN C 320 0.69 -29.05 71.57
N LEU C 321 0.63 -27.98 70.77
CA LEU C 321 1.83 -27.58 70.04
C LEU C 321 2.93 -27.13 71.00
N ALA C 322 2.56 -26.35 72.02
CA ALA C 322 3.56 -25.89 72.97
C ALA C 322 4.27 -27.07 73.61
N ALA C 323 3.52 -28.12 73.95
CA ALA C 323 4.11 -29.30 74.54
C ALA C 323 5.06 -30.00 73.58
N GLU C 324 4.69 -30.07 72.29
CA GLU C 324 5.53 -30.72 71.29
C GLU C 324 6.80 -29.92 71.04
N ILE C 325 6.71 -28.59 71.08
CA ILE C 325 7.91 -27.76 70.94
C ILE C 325 8.78 -27.86 72.18
N LYS C 326 8.17 -27.86 73.36
CA LYS C 326 8.92 -27.90 74.61
C LYS C 326 9.77 -29.15 74.69
N THR C 327 9.18 -30.31 74.36
CA THR C 327 9.93 -31.56 74.48
C THR C 327 11.17 -31.57 73.58
N LEU C 328 11.09 -30.95 72.40
CA LEU C 328 12.26 -30.91 71.51
C LEU C 328 13.31 -29.91 72.01
N VAL C 329 12.87 -28.72 72.44
CA VAL C 329 13.81 -27.71 72.92
C VAL C 329 14.59 -28.25 74.11
N GLU C 330 13.93 -29.03 74.96
CA GLU C 330 14.61 -29.61 76.12
C GLU C 330 15.72 -30.56 75.71
N LYS C 331 15.63 -31.17 74.54
CA LYS C 331 16.61 -32.14 74.09
C LYS C 331 17.78 -31.49 73.34
N LEU C 332 17.68 -30.23 72.95
CA LEU C 332 18.77 -29.60 72.23
C LEU C 332 20.04 -29.62 73.09
N SER C 333 21.17 -29.92 72.45
CA SER C 333 22.46 -29.90 73.13
C SER C 333 22.94 -28.46 73.24
N VAL C 334 23.57 -28.15 74.37
CA VAL C 334 24.06 -26.81 74.68
C VAL C 334 25.52 -26.97 75.03
N GLY C 335 26.40 -26.46 74.19
CA GLY C 335 27.82 -26.67 74.41
C GLY C 335 28.69 -26.05 73.36
N MET C 336 29.83 -26.67 73.08
CA MET C 336 30.90 -26.07 72.31
C MET C 336 30.80 -26.41 70.83
N PRO C 337 31.24 -25.47 69.98
CA PRO C 337 31.23 -25.77 68.54
C PRO C 337 31.95 -27.05 68.15
N GLU C 338 33.10 -27.34 68.78
CA GLU C 338 33.85 -28.53 68.41
C GLU C 338 33.08 -29.81 68.68
N ASP C 339 32.10 -29.76 69.58
CA ASP C 339 31.28 -30.91 69.91
C ASP C 339 29.97 -30.94 69.13
N ASP C 340 29.83 -30.07 68.15
CA ASP C 340 28.63 -30.04 67.30
C ASP C 340 27.35 -29.87 68.14
N ALA C 341 27.44 -29.01 69.15
CA ALA C 341 26.27 -28.72 69.97
C ALA C 341 25.24 -27.98 69.13
N ASP C 342 23.97 -28.30 69.36
CA ASP C 342 22.88 -27.57 68.72
C ASP C 342 22.97 -26.09 69.06
N ILE C 343 23.15 -25.79 70.34
CA ILE C 343 23.21 -24.43 70.86
C ILE C 343 24.66 -24.14 71.25
N THR C 344 25.27 -23.19 70.55
CA THR C 344 26.65 -22.79 70.76
C THR C 344 26.71 -21.37 71.32
N PRO C 345 27.85 -20.97 71.87
CA PRO C 345 27.97 -19.59 72.38
C PRO C 345 27.63 -18.58 71.28
N LEU C 346 26.96 -17.50 71.67
CA LEU C 346 26.64 -16.43 70.75
C LEU C 346 27.91 -15.65 70.39
N ILE C 347 27.81 -14.84 69.35
CA ILE C 347 28.98 -14.33 68.66
C ILE C 347 29.79 -13.38 69.54
N ASP C 348 29.14 -12.64 70.44
CA ASP C 348 29.87 -11.77 71.36
C ASP C 348 28.98 -11.45 72.55
N THR C 349 29.56 -10.72 73.51
CA THR C 349 28.86 -10.45 74.76
C THR C 349 27.66 -9.54 74.54
N SER C 350 27.80 -8.54 73.68
CA SER C 350 26.67 -7.65 73.39
C SER C 350 25.47 -8.45 72.87
N ALA C 351 25.72 -9.45 72.02
CA ALA C 351 24.64 -10.28 71.52
C ALA C 351 23.93 -10.99 72.67
N ALA C 352 24.69 -11.63 73.55
CA ALA C 352 24.09 -12.38 74.64
C ALA C 352 23.39 -11.48 75.63
N ASP C 353 23.97 -10.30 75.92
CA ASP C 353 23.28 -9.34 76.77
C ASP C 353 21.93 -8.96 76.17
N PHE C 354 21.90 -8.67 74.88
CA PHE C 354 20.66 -8.26 74.23
C PHE C 354 19.62 -9.36 74.34
N VAL C 355 20.02 -10.61 74.11
CA VAL C 355 19.07 -11.72 74.18
C VAL C 355 18.59 -11.90 75.61
N GLU C 356 19.50 -11.78 76.58
CA GLU C 356 19.09 -11.91 77.98
C GLU C 356 18.06 -10.84 78.33
N GLY C 357 18.23 -9.65 77.77
CA GLY C 357 17.26 -8.59 78.02
C GLY C 357 15.88 -8.88 77.49
N LEU C 358 15.81 -9.40 76.26
CA LEU C 358 14.51 -9.80 75.71
C LEU C 358 13.90 -10.90 76.55
N ILE C 359 14.69 -11.84 77.02
CA ILE C 359 14.17 -12.90 77.89
C ILE C 359 13.62 -12.31 79.18
N LYS C 360 14.36 -11.38 79.78
CA LYS C 360 13.93 -10.78 81.05
C LYS C 360 12.64 -9.98 80.87
N ASP C 361 12.52 -9.28 79.75
CA ASP C 361 11.29 -8.51 79.52
C ASP C 361 10.09 -9.46 79.45
N ALA C 362 10.24 -10.58 78.72
CA ALA C 362 9.14 -11.53 78.60
C ALA C 362 8.78 -12.12 79.96
N THR C 363 9.80 -12.52 80.72
CA THR C 363 9.55 -13.05 82.05
C THR C 363 8.84 -12.01 82.92
N ASP C 364 9.36 -10.79 82.93
CA ASP C 364 8.80 -9.74 83.79
C ASP C 364 7.37 -9.39 83.41
N LYS C 365 7.02 -9.50 82.12
CA LYS C 365 5.67 -9.20 81.66
C LYS C 365 4.73 -10.40 81.76
N GLY C 366 5.21 -11.54 82.23
CA GLY C 366 4.33 -12.64 82.57
C GLY C 366 4.31 -13.81 81.64
N ALA C 367 5.19 -13.86 80.65
CA ALA C 367 5.24 -14.99 79.74
C ALA C 367 5.70 -16.23 80.48
N THR C 368 5.28 -17.40 79.98
CA THR C 368 5.58 -18.67 80.63
C THR C 368 6.86 -19.23 80.02
N ALA C 369 7.90 -19.36 80.83
CA ALA C 369 9.17 -19.94 80.38
C ALA C 369 9.04 -21.45 80.42
N LEU C 370 8.77 -22.06 79.25
CA LEU C 370 8.65 -23.51 79.18
C LEU C 370 9.99 -24.22 79.28
N THR C 371 11.09 -23.55 78.97
CA THR C 371 12.44 -24.05 79.22
C THR C 371 13.20 -22.95 79.94
N ALA C 372 14.18 -23.37 80.76
CA ALA C 372 14.80 -22.46 81.70
C ALA C 372 15.94 -21.68 81.06
N PHE C 373 15.95 -20.37 81.28
CA PHE C 373 17.08 -19.55 80.87
C PHE C 373 18.32 -19.90 81.69
N ASN C 374 19.44 -20.06 81.02
CA ASN C 374 20.73 -20.23 81.67
C ASN C 374 21.77 -19.56 80.80
N ARG C 375 22.81 -19.03 81.41
CA ARG C 375 23.87 -18.38 80.65
C ARG C 375 25.21 -18.59 81.33
N GLU C 376 26.13 -19.21 80.61
CA GLU C 376 27.51 -19.40 81.05
C GLU C 376 28.36 -18.67 80.03
N GLY C 377 28.98 -17.57 80.46
CA GLY C 377 29.68 -16.72 79.51
C GLY C 377 28.66 -16.13 78.54
N ASN C 378 28.84 -16.41 77.26
CA ASN C 378 27.87 -16.04 76.23
C ASN C 378 27.11 -17.24 75.68
N LEU C 379 27.10 -18.36 76.39
CA LEU C 379 26.35 -19.55 76.02
C LEU C 379 25.01 -19.49 76.74
N ILE C 380 23.98 -19.09 76.01
CA ILE C 380 22.62 -19.01 76.53
C ILE C 380 21.92 -20.33 76.18
N SER C 381 21.33 -20.95 77.19
CA SER C 381 20.49 -22.12 76.94
C SER C 381 19.21 -21.73 76.23
N PRO C 382 18.62 -22.64 75.44
CA PRO C 382 17.47 -22.25 74.59
C PRO C 382 16.22 -22.05 75.44
N VAL C 383 15.54 -20.94 75.21
CA VAL C 383 14.42 -20.52 76.03
C VAL C 383 13.18 -20.51 75.16
N LEU C 384 12.17 -21.25 75.59
CA LEU C 384 10.88 -21.31 74.94
C LEU C 384 9.89 -20.58 75.84
N PHE C 385 9.21 -19.59 75.30
CA PHE C 385 8.16 -18.87 76.01
C PHE C 385 6.81 -19.18 75.39
N ASP C 386 5.83 -19.52 76.22
CA ASP C 386 4.43 -19.61 75.83
C ASP C 386 3.69 -18.40 76.41
N HIS C 387 2.47 -18.20 75.91
CA HIS C 387 1.63 -17.08 76.32
C HIS C 387 2.37 -15.75 76.19
N VAL C 388 3.00 -15.54 75.05
CA VAL C 388 3.65 -14.29 74.74
C VAL C 388 2.60 -13.37 74.15
N THR C 389 2.56 -12.14 74.62
CA THR C 389 1.67 -11.11 74.10
C THR C 389 2.49 -10.05 73.39
N THR C 390 1.84 -9.32 72.49
CA THR C 390 2.57 -8.43 71.60
C THR C 390 2.95 -7.11 72.26
N ASP C 391 2.71 -6.97 73.55
CA ASP C 391 3.31 -5.89 74.31
C ASP C 391 4.72 -6.24 74.77
N MET C 392 5.18 -7.45 74.50
CA MET C 392 6.48 -7.92 74.92
C MET C 392 7.50 -7.73 73.80
N ARG C 393 8.67 -7.23 74.16
CA ARG C 393 9.69 -6.97 73.16
C ARG C 393 9.98 -8.22 72.34
N LEU C 394 10.01 -9.37 72.99
CA LEU C 394 10.32 -10.64 72.30
C LEU C 394 9.31 -10.97 71.19
N ALA C 395 8.15 -10.33 71.18
CA ALA C 395 7.20 -10.57 70.13
C ALA C 395 7.65 -9.97 68.81
N TRP C 396 8.58 -9.01 68.84
CA TRP C 396 8.92 -8.22 67.66
C TRP C 396 10.41 -8.14 67.37
N GLU C 397 11.22 -7.90 68.38
CA GLU C 397 12.63 -7.62 68.14
C GLU C 397 13.36 -8.92 67.78
N GLU C 398 14.25 -8.83 66.81
CA GLU C 398 15.01 -9.97 66.38
C GLU C 398 16.08 -10.27 67.42
N PRO C 399 16.06 -11.44 68.06
CA PRO C 399 17.06 -11.69 69.13
C PRO C 399 18.45 -12.00 68.59
N PHE C 400 18.53 -12.75 67.51
CA PHE C 400 19.77 -13.41 67.10
C PHE C 400 20.34 -14.21 68.27
N GLY C 401 19.47 -14.98 68.90
CA GLY C 401 19.80 -15.82 70.02
C GLY C 401 18.73 -16.90 70.21
N PRO C 402 19.01 -17.88 71.09
CA PRO C 402 18.15 -19.08 71.17
C PRO C 402 16.94 -18.85 72.06
N VAL C 403 16.01 -18.02 71.60
CA VAL C 403 14.78 -17.76 72.31
C VAL C 403 13.64 -17.69 71.32
N LEU C 404 12.53 -18.37 71.64
CA LEU C 404 11.40 -18.45 70.73
C LEU C 404 10.11 -18.14 71.48
N PRO C 405 9.30 -17.18 71.02
CA PRO C 405 7.99 -16.96 71.66
C PRO C 405 6.87 -17.68 70.94
N ILE C 406 5.89 -18.19 71.68
CA ILE C 406 4.63 -18.71 71.15
C ILE C 406 3.55 -17.69 71.45
N ILE C 407 2.88 -17.21 70.42
CA ILE C 407 1.85 -16.19 70.54
C ILE C 407 0.54 -16.81 70.09
N ARG C 408 -0.43 -16.86 70.98
CA ARG C 408 -1.71 -17.51 70.68
C ARG C 408 -2.67 -16.53 70.01
N VAL C 409 -3.34 -17.00 68.96
CA VAL C 409 -4.32 -16.22 68.23
C VAL C 409 -5.62 -17.00 68.12
N THR C 410 -6.72 -16.29 67.83
CA THR C 410 -8.01 -16.95 67.70
C THR C 410 -8.53 -17.00 66.27
N THR C 411 -7.93 -16.24 65.35
CA THR C 411 -8.35 -16.25 63.96
C THR C 411 -7.13 -16.15 63.04
N VAL C 412 -7.27 -16.72 61.85
CA VAL C 412 -6.25 -16.54 60.82
C VAL C 412 -6.04 -15.06 60.54
N GLU C 413 -7.12 -14.29 60.55
CA GLU C 413 -7.00 -12.86 60.29
C GLU C 413 -6.11 -12.17 61.32
N GLU C 414 -6.24 -12.54 62.60
CA GLU C 414 -5.40 -11.97 63.65
C GLU C 414 -3.95 -12.40 63.46
N ALA C 415 -3.71 -13.64 63.04
CA ALA C 415 -2.34 -14.07 62.79
C ALA C 415 -1.72 -13.29 61.64
N ILE C 416 -2.49 -13.05 60.56
CA ILE C 416 -1.97 -12.27 59.44
C ILE C 416 -1.64 -10.85 59.89
N LYS C 417 -2.52 -10.22 60.65
CA LYS C 417 -2.26 -8.86 61.11
C LYS C 417 -1.01 -8.79 61.98
N ILE C 418 -0.92 -9.65 62.99
CA ILE C 418 0.27 -9.67 63.85
C ILE C 418 1.52 -9.94 63.02
N SER C 419 1.43 -10.87 62.07
CA SER C 419 2.59 -11.18 61.25
C SER C 419 3.04 -9.96 60.47
N ASN C 420 2.11 -9.30 59.78
CA ASN C 420 2.44 -8.16 58.96
C ASN C 420 2.76 -6.92 59.76
N GLU C 421 2.37 -6.86 61.05
CA GLU C 421 2.68 -5.71 61.89
C GLU C 421 4.18 -5.58 62.12
N SER C 422 4.96 -6.63 61.93
CA SER C 422 6.38 -6.55 62.13
C SER C 422 7.03 -5.64 61.12
N GLU C 423 8.09 -4.97 61.55
CA GLU C 423 8.92 -4.21 60.62
C GLU C 423 9.66 -5.11 59.66
N TYR C 424 9.74 -6.42 59.95
CA TYR C 424 10.46 -7.36 59.13
C TYR C 424 9.49 -8.10 58.20
N GLY C 425 10.03 -8.58 57.09
CA GLY C 425 9.23 -9.30 56.13
C GLY C 425 10.05 -10.23 55.27
N LEU C 426 10.77 -11.13 55.91
CA LEU C 426 11.68 -12.04 55.20
C LEU C 426 10.94 -13.28 54.72
N GLN C 427 10.62 -14.21 55.64
CA GLN C 427 9.85 -15.39 55.26
C GLN C 427 8.79 -15.69 56.29
N ALA C 428 7.89 -16.61 55.93
CA ALA C 428 6.92 -17.13 56.87
C ALA C 428 6.71 -18.61 56.57
N SER C 429 6.29 -19.35 57.58
CA SER C 429 5.84 -20.73 57.44
C SER C 429 4.35 -20.81 57.77
N ILE C 430 3.61 -21.62 57.03
CA ILE C 430 2.19 -21.90 57.29
C ILE C 430 2.04 -23.40 57.42
N PHE C 431 1.58 -23.86 58.58
CA PHE C 431 1.37 -25.28 58.85
C PHE C 431 -0.14 -25.54 58.83
N THR C 432 -0.59 -26.31 57.84
CA THR C 432 -1.99 -26.62 57.68
C THR C 432 -2.10 -27.69 56.61
N THR C 433 -3.26 -28.35 56.56
CA THR C 433 -3.54 -29.30 55.50
C THR C 433 -4.37 -28.71 54.35
N ASN C 434 -4.77 -27.44 54.46
CA ASN C 434 -5.59 -26.78 53.45
C ASN C 434 -4.67 -25.85 52.66
N PHE C 435 -4.12 -26.37 51.60
CA PHE C 435 -3.15 -25.59 50.83
C PHE C 435 -3.79 -24.44 50.07
N PRO C 436 -4.95 -24.63 49.45
CA PRO C 436 -5.63 -23.46 48.83
C PRO C 436 -5.81 -22.30 49.79
N LYS C 437 -6.20 -22.60 51.04
CA LYS C 437 -6.26 -21.54 52.03
C LYS C 437 -4.88 -20.97 52.34
N ALA C 438 -3.90 -21.85 52.53
CA ALA C 438 -2.52 -21.41 52.80
C ALA C 438 -1.99 -20.53 51.70
N PHE C 439 -2.33 -20.82 50.44
CA PHE C 439 -1.92 -19.94 49.35
C PHE C 439 -2.57 -18.58 49.49
N GLY C 440 -3.86 -18.56 49.89
CA GLY C 440 -4.53 -17.30 50.11
C GLY C 440 -3.95 -16.52 51.27
N ILE C 441 -3.52 -17.23 52.32
CA ILE C 441 -2.83 -16.54 53.39
C ILE C 441 -1.50 -16.01 52.88
N ALA C 442 -0.73 -16.86 52.19
CA ALA C 442 0.58 -16.43 51.69
C ALA C 442 0.45 -15.16 50.86
N GLU C 443 -0.64 -15.02 50.13
CA GLU C 443 -0.82 -13.83 49.31
C GLU C 443 -0.86 -12.58 50.18
N GLN C 444 -1.40 -12.70 51.40
CA GLN C 444 -1.57 -11.55 52.27
C GLN C 444 -0.36 -11.26 53.14
N LEU C 445 0.58 -12.22 53.28
CA LEU C 445 1.73 -12.03 54.16
C LEU C 445 2.75 -11.17 53.45
N GLU C 446 3.22 -10.14 54.15
CA GLU C 446 4.21 -9.21 53.60
C GLU C 446 5.61 -9.78 53.84
N VAL C 447 5.93 -10.82 53.07
CA VAL C 447 7.20 -11.53 53.15
C VAL C 447 7.67 -11.84 51.73
N GLY C 448 8.92 -12.26 51.62
CA GLY C 448 9.45 -12.68 50.35
C GLY C 448 9.04 -14.11 49.99
N THR C 449 9.10 -15.03 50.95
CA THR C 449 8.84 -16.43 50.70
C THR C 449 7.97 -17.02 51.81
N VAL C 450 7.00 -17.83 51.41
CA VAL C 450 6.17 -18.59 52.34
C VAL C 450 6.44 -20.07 52.12
N HIS C 451 6.81 -20.78 53.18
CA HIS C 451 6.99 -22.22 53.14
C HIS C 451 5.77 -22.91 53.74
N LEU C 452 5.26 -23.88 53.01
CA LEU C 452 4.07 -24.62 53.44
C LEU C 452 4.51 -25.90 54.13
N ASN C 453 4.12 -26.05 55.40
CA ASN C 453 4.44 -27.25 56.17
C ASN C 453 5.94 -27.51 56.19
N ASN C 454 6.71 -26.44 56.28
CA ASN C 454 8.15 -26.52 56.42
C ASN C 454 8.62 -25.26 57.11
N LYS C 455 9.74 -25.38 57.81
CA LYS C 455 10.42 -24.21 58.35
C LYS C 455 10.85 -23.27 57.23
N THR C 456 11.08 -22.01 57.59
CA THR C 456 11.62 -21.07 56.61
C THR C 456 13.09 -21.42 56.33
N GLN C 457 13.53 -21.10 55.12
CA GLN C 457 14.87 -21.44 54.72
C GLN C 457 15.19 -20.67 53.45
N ARG C 458 16.48 -20.34 53.29
CA ARG C 458 16.94 -19.64 52.10
C ARG C 458 16.97 -20.54 50.89
N GLY C 459 17.27 -21.83 51.09
CA GLY C 459 17.39 -22.77 49.99
C GLY C 459 16.08 -23.23 49.44
N THR C 460 16.17 -23.99 48.34
CA THR C 460 17.39 -24.28 47.60
C THR C 460 17.86 -23.00 46.94
N ASP C 461 19.18 -22.88 46.75
CA ASP C 461 19.79 -21.61 46.37
C ASP C 461 19.44 -21.16 44.97
N ASN C 462 18.74 -21.98 44.17
CA ASN C 462 18.24 -21.51 42.89
C ASN C 462 16.93 -20.74 43.07
N PHE C 463 16.23 -20.96 44.19
CA PHE C 463 14.98 -20.31 44.45
C PHE C 463 15.24 -18.84 44.83
N PRO C 464 14.29 -17.96 44.60
CA PRO C 464 14.51 -16.56 44.98
C PRO C 464 14.62 -16.44 46.49
N PHE C 465 15.46 -15.51 46.92
CA PHE C 465 15.61 -15.19 48.33
C PHE C 465 15.53 -13.67 48.49
N LEU C 466 14.49 -13.21 49.16
CA LEU C 466 14.29 -11.76 49.26
C LEU C 466 13.50 -11.47 50.52
N GLY C 467 13.63 -10.25 51.02
CA GLY C 467 12.87 -9.82 52.18
C GLY C 467 12.18 -8.50 51.90
N ALA C 468 10.95 -8.40 52.38
CA ALA C 468 10.19 -7.17 52.32
C ALA C 468 10.50 -6.29 53.53
N LYS C 469 10.13 -5.01 53.40
CA LYS C 469 10.18 -4.05 54.52
C LYS C 469 11.61 -3.94 55.02
N LYS C 470 11.87 -4.03 56.31
CA LYS C 470 13.20 -3.83 56.84
C LYS C 470 14.10 -5.07 56.72
N SER C 471 13.65 -6.10 56.02
CA SER C 471 14.44 -7.30 55.82
C SER C 471 15.43 -7.17 54.66
N GLY C 472 15.31 -6.14 53.83
CA GLY C 472 16.36 -5.84 52.88
C GLY C 472 15.80 -5.30 51.58
N ALA C 473 16.61 -5.46 50.53
CA ALA C 473 16.28 -4.96 49.20
C ALA C 473 16.98 -5.83 48.18
N GLY C 474 16.34 -6.01 47.05
CA GLY C 474 16.89 -6.86 46.02
C GLY C 474 16.47 -8.31 46.18
N VAL C 475 16.65 -9.06 45.10
CA VAL C 475 16.28 -10.48 45.05
C VAL C 475 17.54 -11.29 44.79
N GLN C 476 17.84 -12.20 45.69
CA GLN C 476 18.97 -13.10 45.53
C GLN C 476 18.44 -14.50 45.28
N GLY C 477 19.26 -15.50 45.53
CA GLY C 477 19.11 -16.74 44.80
C GLY C 477 19.92 -16.61 43.53
N VAL C 478 20.43 -17.71 42.99
CA VAL C 478 21.54 -17.63 42.05
C VAL C 478 21.18 -16.77 40.84
N LYS C 479 20.18 -17.20 40.06
CA LYS C 479 19.87 -16.47 38.83
C LYS C 479 19.45 -15.04 39.11
N TYR C 480 18.79 -14.80 40.25
CA TYR C 480 18.32 -13.45 40.56
C TYR C 480 19.48 -12.55 40.95
N SER C 481 20.49 -13.08 41.63
N SER C 481 20.50 -13.09 41.63
CA SER C 481 21.65 -12.27 42.01
CA SER C 481 21.66 -12.28 42.00
C SER C 481 22.49 -11.91 40.78
C SER C 481 22.46 -11.89 40.77
N ILE C 482 22.58 -12.80 39.79
CA ILE C 482 23.26 -12.46 38.54
C ILE C 482 22.52 -11.34 37.82
N GLU C 483 21.20 -11.50 37.68
CA GLU C 483 20.40 -10.44 37.06
C GLU C 483 20.61 -9.10 37.75
N ALA C 484 20.64 -9.10 39.08
CA ALA C 484 20.79 -7.86 39.83
C ALA C 484 22.12 -7.18 39.53
N MET C 485 23.17 -7.96 39.29
CA MET C 485 24.52 -7.42 39.10
C MET C 485 24.91 -7.38 37.64
N THR C 486 23.92 -7.40 36.75
CA THR C 486 24.13 -7.13 35.34
C THR C 486 23.23 -5.97 34.93
N THR C 487 23.66 -5.24 33.91
CA THR C 487 22.81 -4.24 33.28
C THR C 487 22.67 -4.65 31.80
N VAL C 488 22.14 -3.73 30.99
CA VAL C 488 21.84 -3.95 29.59
C VAL C 488 22.53 -2.90 28.74
N LYS C 489 22.89 -3.30 27.52
CA LYS C 489 23.40 -2.41 26.49
C LYS C 489 22.58 -2.69 25.25
N SER C 490 21.80 -1.71 24.79
N SER C 490 21.81 -1.70 24.78
CA SER C 490 20.97 -1.84 23.61
CA SER C 490 20.97 -1.85 23.60
C SER C 490 21.67 -1.21 22.40
C SER C 490 21.66 -1.21 22.40
N VAL C 491 21.74 -1.96 21.30
CA VAL C 491 22.25 -1.45 20.03
C VAL C 491 21.09 -1.48 19.05
N VAL C 492 20.69 -0.31 18.56
CA VAL C 492 19.50 -0.15 17.72
C VAL C 492 19.94 0.24 16.32
N PHE C 493 19.31 -0.40 15.33
CA PHE C 493 19.60 -0.08 13.94
C PHE C 493 18.36 -0.36 13.09
N ASP C 494 18.36 0.19 11.89
CA ASP C 494 17.26 0.09 10.95
C ASP C 494 17.64 -0.89 9.85
N ILE C 495 16.81 -1.93 9.69
CA ILE C 495 16.97 -2.85 8.58
C ILE C 495 16.61 -2.14 7.29
N GLN C 496 17.33 -2.44 6.22
CA GLN C 496 17.06 -1.81 4.93
C GLN C 496 16.67 -2.82 3.87
N LEU D 22 -9.99 32.97 31.33
CA LEU D 22 -8.82 32.38 30.58
C LEU D 22 -8.00 31.49 31.48
N ALA D 23 -7.35 32.09 32.49
CA ALA D 23 -6.57 31.32 33.45
C ALA D 23 -7.49 30.64 34.47
N LYS D 24 -7.20 29.37 34.75
CA LYS D 24 -8.04 28.54 35.59
C LYS D 24 -7.30 28.20 36.88
N GLN D 25 -8.06 27.93 37.93
CA GLN D 25 -7.51 27.44 39.19
C GLN D 25 -7.61 25.92 39.19
N TYR D 26 -6.47 25.25 39.27
CA TYR D 26 -6.42 23.80 39.19
C TYR D 26 -6.33 23.21 40.59
N LYS D 27 -6.71 21.95 40.70
CA LYS D 27 -6.79 21.27 41.99
C LYS D 27 -6.04 19.96 41.89
N ASN D 28 -5.63 19.46 43.04
CA ASN D 28 -4.98 18.16 43.12
C ASN D 28 -6.02 17.05 43.29
N LEU D 29 -5.69 15.87 42.78
CA LEU D 29 -6.54 14.70 42.92
C LEU D 29 -6.09 13.98 44.18
N VAL D 30 -6.97 13.94 45.18
CA VAL D 30 -6.65 13.41 46.49
C VAL D 30 -7.79 12.51 46.92
N ASN D 31 -7.57 11.20 46.88
CA ASN D 31 -8.56 10.23 47.36
C ASN D 31 -9.91 10.40 46.67
N GLY D 32 -9.87 10.54 45.34
CA GLY D 32 -11.06 10.66 44.54
C GLY D 32 -11.68 12.03 44.53
N GLU D 33 -11.14 12.99 45.26
CA GLU D 33 -11.66 14.34 45.32
C GLU D 33 -10.64 15.31 44.77
N TRP D 34 -11.11 16.47 44.33
CA TRP D 34 -10.26 17.54 43.83
C TRP D 34 -10.13 18.60 44.90
N LYS D 35 -8.91 18.91 45.31
CA LYS D 35 -8.67 19.71 46.49
C LYS D 35 -7.80 20.92 46.17
N LEU D 36 -8.24 22.09 46.61
CA LEU D 36 -7.40 23.28 46.61
C LEU D 36 -6.61 23.31 47.92
N SER D 37 -5.55 24.10 47.94
CA SER D 37 -4.77 24.37 49.14
C SER D 37 -4.95 25.85 49.49
N GLU D 38 -4.54 26.21 50.70
CA GLU D 38 -4.69 27.59 51.16
C GLU D 38 -3.84 28.54 50.30
N ASN D 39 -2.68 28.06 49.86
CA ASN D 39 -1.81 28.80 48.97
C ASN D 39 -1.73 28.09 47.61
N GLU D 40 -1.30 28.83 46.61
CA GLU D 40 -1.21 28.31 45.25
C GLU D 40 0.06 28.83 44.61
N ILE D 41 0.35 28.31 43.43
CA ILE D 41 1.49 28.72 42.62
C ILE D 41 0.95 29.10 41.26
N THR D 42 1.24 30.32 40.82
CA THR D 42 0.77 30.79 39.51
C THR D 42 1.78 30.36 38.46
N ILE D 43 1.31 29.75 37.39
CA ILE D 43 2.16 29.27 36.31
C ILE D 43 2.01 30.20 35.13
N TYR D 44 3.14 30.63 34.57
CA TYR D 44 3.16 31.52 33.42
C TYR D 44 3.80 30.82 32.24
N ALA D 45 3.40 31.22 31.04
CA ALA D 45 3.96 30.65 29.83
C ALA D 45 5.37 31.17 29.61
N PRO D 46 6.37 30.30 29.47
CA PRO D 46 7.75 30.80 29.32
C PRO D 46 7.97 31.64 28.08
N ALA D 47 7.19 31.39 27.02
CA ALA D 47 7.44 32.07 25.76
C ALA D 47 6.85 33.46 25.71
N THR D 48 5.74 33.68 26.40
CA THR D 48 5.00 34.93 26.34
C THR D 48 4.81 35.61 27.69
N GLY D 49 5.02 34.92 28.80
CA GLY D 49 4.69 35.48 30.08
C GLY D 49 3.22 35.43 30.43
N GLU D 50 2.39 34.86 29.56
CA GLU D 50 0.96 34.80 29.82
C GLU D 50 0.69 33.98 31.07
N GLU D 51 -0.23 34.46 31.90
CA GLU D 51 -0.71 33.69 33.03
C GLU D 51 -1.57 32.54 32.53
N LEU D 52 -1.22 31.31 32.90
CA LEU D 52 -1.95 30.12 32.48
C LEU D 52 -2.93 29.63 33.53
N GLY D 53 -2.65 29.86 34.80
CA GLY D 53 -3.49 29.37 35.86
C GLY D 53 -2.64 29.09 37.09
N SER D 54 -3.29 28.51 38.09
CA SER D 54 -2.62 28.25 39.37
C SER D 54 -2.80 26.79 39.75
N VAL D 55 -1.82 26.27 40.49
CA VAL D 55 -1.90 24.94 41.07
C VAL D 55 -1.70 25.08 42.58
N PRO D 56 -2.22 24.15 43.38
CA PRO D 56 -2.08 24.29 44.83
C PRO D 56 -0.63 24.21 45.29
N ALA D 57 -0.33 24.93 46.37
CA ALA D 57 0.96 24.84 47.06
C ALA D 57 0.70 23.99 48.31
N MET D 58 0.79 22.68 48.17
CA MET D 58 0.40 21.80 49.25
C MET D 58 1.33 21.97 50.45
N THR D 59 0.79 21.68 51.62
CA THR D 59 1.55 21.61 52.87
C THR D 59 1.94 20.16 53.13
N GLN D 60 2.80 19.97 54.13
CA GLN D 60 3.22 18.61 54.46
C GLN D 60 2.05 17.80 55.01
N ALA D 61 1.13 18.46 55.72
CA ALA D 61 -0.06 17.76 56.19
C ALA D 61 -0.92 17.29 55.02
N GLU D 62 -0.99 18.10 53.95
CA GLU D 62 -1.75 17.68 52.77
C GLU D 62 -1.07 16.53 52.04
N VAL D 63 0.28 16.50 52.05
CA VAL D 63 0.99 15.35 51.52
C VAL D 63 0.69 14.12 52.35
N ASP D 64 0.64 14.27 53.67
CA ASP D 64 0.31 13.13 54.51
C ASP D 64 -1.04 12.54 54.12
N ALA D 65 -2.02 13.41 53.79
CA ALA D 65 -3.35 12.92 53.46
C ALA D 65 -3.34 12.19 52.12
N VAL D 66 -2.54 12.68 51.17
CA VAL D 66 -2.40 11.98 49.89
C VAL D 66 -1.87 10.59 50.14
N TYR D 67 -0.77 10.47 50.87
CA TYR D 67 -0.13 9.17 51.04
C TYR D 67 -1.01 8.24 51.88
N ALA D 68 -1.68 8.80 52.90
CA ALA D 68 -2.58 7.97 53.70
C ALA D 68 -3.66 7.36 52.83
N SER D 69 -4.25 8.16 51.94
CA SER D 69 -5.29 7.66 51.04
CA SER D 69 -5.29 7.66 51.04
C SER D 69 -4.73 6.61 50.08
N ALA D 70 -3.49 6.81 49.60
CA ALA D 70 -2.91 5.83 48.69
C ALA D 70 -2.71 4.49 49.39
N LYS D 71 -2.17 4.50 50.61
CA LYS D 71 -1.92 3.25 51.32
C LYS D 71 -3.23 2.56 51.66
N LYS D 72 -4.28 3.32 51.95
CA LYS D 72 -5.57 2.70 52.24
C LYS D 72 -6.20 2.07 51.00
N ALA D 73 -5.93 2.62 49.82
CA ALA D 73 -6.46 2.06 48.58
C ALA D 73 -5.65 0.89 48.06
N LEU D 74 -4.42 0.72 48.54
CA LEU D 74 -3.53 -0.29 47.98
C LEU D 74 -4.11 -1.69 48.10
N SER D 75 -4.74 -1.99 49.23
CA SER D 75 -5.22 -3.36 49.44
C SER D 75 -6.23 -3.76 48.37
N ASP D 76 -7.27 -2.95 48.18
CA ASP D 76 -8.31 -3.31 47.22
C ASP D 76 -7.78 -3.25 45.79
N TRP D 77 -6.82 -2.37 45.53
CA TRP D 77 -6.29 -2.21 44.18
C TRP D 77 -5.46 -3.44 43.77
N ARG D 78 -4.56 -3.88 44.66
CA ARG D 78 -3.66 -4.98 44.30
C ARG D 78 -4.42 -6.31 44.17
N THR D 79 -5.58 -6.43 44.81
CA THR D 79 -6.36 -7.66 44.75
C THR D 79 -7.27 -7.72 43.52
N LEU D 80 -7.45 -6.62 42.81
CA LEU D 80 -8.18 -6.68 41.55
C LEU D 80 -7.43 -7.58 40.57
N SER D 81 -8.16 -8.09 39.57
CA SER D 81 -7.51 -8.82 38.51
C SER D 81 -6.70 -7.87 37.65
N TYR D 82 -5.72 -8.43 36.93
CA TYR D 82 -4.97 -7.64 35.95
C TYR D 82 -5.91 -7.01 34.94
N VAL D 83 -6.90 -7.77 34.44
CA VAL D 83 -7.79 -7.27 33.40
CA VAL D 83 -7.77 -7.25 33.39
C VAL D 83 -8.55 -6.06 33.90
N GLU D 84 -8.99 -6.09 35.17
CA GLU D 84 -9.70 -4.95 35.72
C GLU D 84 -8.81 -3.73 35.79
N ARG D 85 -7.55 -3.90 36.22
CA ARG D 85 -6.66 -2.75 36.27
C ARG D 85 -6.36 -2.23 34.87
N ALA D 86 -6.16 -3.13 33.91
CA ALA D 86 -5.89 -2.71 32.54
C ALA D 86 -7.05 -1.91 31.96
N ALA D 87 -8.29 -2.27 32.32
CA ALA D 87 -9.44 -1.55 31.77
C ALA D 87 -9.42 -0.07 32.15
N TYR D 88 -9.10 0.23 33.41
CA TYR D 88 -8.98 1.62 33.84
C TYR D 88 -7.92 2.33 33.02
N LEU D 89 -6.77 1.68 32.79
CA LEU D 89 -5.70 2.32 32.04
C LEU D 89 -6.10 2.57 30.60
N HIS D 90 -6.77 1.59 29.96
CA HIS D 90 -7.23 1.80 28.59
C HIS D 90 -8.24 2.94 28.53
N LYS D 91 -9.16 3.01 29.49
CA LYS D 91 -10.13 4.11 29.49
C LYS D 91 -9.43 5.45 29.64
N ALA D 92 -8.46 5.54 30.56
CA ALA D 92 -7.72 6.78 30.74
C ALA D 92 -6.99 7.19 29.47
N ALA D 93 -6.39 6.22 28.77
CA ALA D 93 -5.71 6.53 27.51
C ALA D 93 -6.71 7.02 26.47
N ASP D 94 -7.90 6.41 26.42
CA ASP D 94 -8.91 6.86 25.46
C ASP D 94 -9.28 8.31 25.71
N ILE D 95 -9.39 8.69 26.97
CA ILE D 95 -9.75 10.06 27.31
C ILE D 95 -8.62 11.01 26.93
N LEU D 96 -7.37 10.60 27.16
CA LEU D 96 -6.25 11.43 26.73
C LEU D 96 -6.30 11.69 25.22
N VAL D 97 -6.52 10.64 24.44
CA VAL D 97 -6.66 10.80 22.99
C VAL D 97 -7.78 11.80 22.69
N ARG D 98 -8.93 11.61 23.34
CA ARG D 98 -10.07 12.49 23.10
C ARG D 98 -9.69 13.94 23.36
N ASP D 99 -8.93 14.19 24.42
CA ASP D 99 -8.61 15.55 24.85
C ASP D 99 -7.20 15.97 24.48
N ALA D 100 -6.55 15.28 23.53
CA ALA D 100 -5.15 15.56 23.23
C ALA D 100 -4.97 17.01 22.81
N GLU D 101 -5.89 17.55 22.00
CA GLU D 101 -5.77 18.94 21.56
C GLU D 101 -5.96 19.90 22.73
N LYS D 102 -6.96 19.63 23.57
CA LYS D 102 -7.20 20.48 24.73
C LYS D 102 -6.02 20.45 25.70
N ILE D 103 -5.48 19.25 25.98
CA ILE D 103 -4.34 19.12 26.87
C ILE D 103 -3.08 19.63 26.21
N GLY D 104 -2.87 19.28 24.94
CA GLY D 104 -1.64 19.70 24.29
C GLY D 104 -1.51 21.19 24.21
N ALA D 105 -2.63 21.90 23.98
CA ALA D 105 -2.55 23.34 23.82
C ALA D 105 -2.04 24.00 25.09
N ILE D 106 -2.46 23.49 26.25
CA ILE D 106 -2.00 24.03 27.52
C ILE D 106 -0.56 23.64 27.78
N LEU D 107 -0.22 22.37 27.55
CA LEU D 107 1.16 21.90 27.69
C LEU D 107 2.10 22.74 26.85
N SER D 108 1.73 23.01 25.60
CA SER D 108 2.54 23.86 24.74
C SER D 108 2.87 25.17 25.44
N LYS D 109 1.85 25.85 25.96
CA LYS D 109 2.08 27.14 26.61
C LYS D 109 2.93 26.98 27.86
N GLU D 110 2.69 25.90 28.61
CA GLU D 110 3.26 25.80 29.95
C GLU D 110 4.77 25.56 29.91
N VAL D 111 5.26 24.80 28.94
CA VAL D 111 6.69 24.51 28.86
C VAL D 111 7.31 24.95 27.54
N ALA D 112 6.62 25.83 26.81
CA ALA D 112 7.15 26.45 25.61
C ALA D 112 7.54 25.39 24.59
N LYS D 113 6.70 24.37 24.49
CA LYS D 113 6.88 23.31 23.52
C LYS D 113 6.01 23.64 22.32
N GLY D 114 6.52 23.36 21.13
CA GLY D 114 5.74 23.51 19.92
C GLY D 114 4.35 22.92 20.07
N HIS D 115 3.33 23.61 19.54
CA HIS D 115 1.95 23.19 19.76
C HIS D 115 1.73 21.78 19.25
N LYS D 116 2.17 21.51 18.02
CA LYS D 116 1.98 20.18 17.45
C LYS D 116 2.76 19.15 18.26
N ALA D 117 3.98 19.49 18.67
CA ALA D 117 4.79 18.55 19.45
C ALA D 117 4.15 18.28 20.81
N ALA D 118 3.46 19.27 21.36
CA ALA D 118 2.80 19.08 22.65
C ALA D 118 1.62 18.11 22.51
N VAL D 119 0.80 18.29 21.47
CA VAL D 119 -0.30 17.36 21.22
C VAL D 119 0.25 15.95 20.98
N SER D 120 1.36 15.86 20.24
CA SER D 120 1.99 14.56 20.01
C SER D 120 2.45 13.93 21.31
N GLU D 121 2.87 14.76 22.27
CA GLU D 121 3.28 14.20 23.55
C GLU D 121 2.13 13.50 24.23
N VAL D 122 0.94 14.13 24.21
CA VAL D 122 -0.23 13.54 24.85
C VAL D 122 -0.59 12.23 24.15
N ILE D 123 -0.52 12.22 22.81
CA ILE D 123 -0.86 11.02 22.06
C ILE D 123 0.11 9.90 22.41
N ARG D 124 1.41 10.21 22.48
CA ARG D 124 2.41 9.21 22.84
C ARG D 124 2.15 8.69 24.25
N THR D 125 1.70 9.56 25.14
CA THR D 125 1.39 9.11 26.50
C THR D 125 0.30 8.05 26.49
N ALA D 126 -0.77 8.29 25.72
CA ALA D 126 -1.82 7.28 25.59
C ALA D 126 -1.26 5.98 25.03
N GLU D 127 -0.36 6.07 24.05
CA GLU D 127 0.26 4.88 23.50
C GLU D 127 1.02 4.12 24.58
N ILE D 128 1.74 4.82 25.45
CA ILE D 128 2.49 4.16 26.51
C ILE D 128 1.54 3.55 27.53
N ILE D 129 0.50 4.28 27.88
CA ILE D 129 -0.47 3.78 28.86
C ILE D 129 -1.12 2.51 28.37
N ASN D 130 -1.61 2.53 27.11
CA ASN D 130 -2.24 1.35 26.53
C ASN D 130 -1.26 0.18 26.48
N TYR D 131 -0.03 0.45 26.04
CA TYR D 131 0.96 -0.61 25.91
C TYR D 131 1.32 -1.17 27.29
N ALA D 132 1.44 -0.31 28.29
CA ALA D 132 1.78 -0.78 29.62
C ALA D 132 0.67 -1.67 30.16
N ALA D 133 -0.59 -1.29 29.93
CA ALA D 133 -1.71 -2.08 30.40
C ALA D 133 -1.63 -3.49 29.85
N GLU D 134 -1.33 -3.61 28.55
CA GLU D 134 -1.33 -4.91 27.90
C GLU D 134 -0.05 -5.68 28.20
N GLU D 135 1.08 -4.98 28.34
CA GLU D 135 2.29 -5.66 28.76
C GLU D 135 2.14 -6.23 30.16
N GLY D 136 1.58 -5.45 31.07
CA GLY D 136 1.57 -5.84 32.48
C GLY D 136 0.56 -6.93 32.80
N LEU D 137 -0.53 -7.01 32.06
CA LEU D 137 -1.59 -7.95 32.41
C LEU D 137 -1.24 -9.38 32.07
N ARG D 138 -0.27 -9.59 31.17
CA ARG D 138 0.10 -10.93 30.75
C ARG D 138 1.45 -11.35 31.30
N MET D 139 2.01 -10.58 32.22
CA MET D 139 3.21 -11.03 32.91
C MET D 139 2.93 -12.32 33.67
N GLU D 140 3.97 -13.11 33.86
CA GLU D 140 3.84 -14.45 34.40
C GLU D 140 4.75 -14.68 35.60
N GLY D 141 4.43 -15.75 36.32
CA GLY D 141 5.31 -16.27 37.35
C GLY D 141 6.16 -17.39 36.80
N GLU D 142 6.84 -18.06 37.72
N GLU D 142 6.84 -18.06 37.72
CA GLU D 142 7.75 -19.14 37.35
CA GLU D 142 7.77 -19.13 37.37
C GLU D 142 7.69 -20.22 38.41
C GLU D 142 7.66 -20.22 38.41
N VAL D 143 7.93 -21.45 37.98
CA VAL D 143 7.99 -22.61 38.85
C VAL D 143 9.41 -23.10 38.81
N LEU D 144 10.05 -23.18 39.96
CA LEU D 144 11.44 -23.62 40.06
C LEU D 144 11.51 -24.99 40.71
N GLU D 145 12.46 -25.81 40.27
CA GLU D 145 12.60 -27.17 40.72
C GLU D 145 13.71 -27.26 41.75
N GLY D 146 13.40 -27.70 42.96
CA GLY D 146 14.47 -27.98 43.91
C GLY D 146 15.48 -28.96 43.36
N GLY D 147 15.03 -29.91 42.56
CA GLY D 147 15.93 -30.90 41.98
C GLY D 147 16.87 -30.35 40.94
N SER D 148 16.69 -29.09 40.54
CA SER D 148 17.69 -28.44 39.69
C SER D 148 18.96 -28.17 40.48
N PHE D 149 18.86 -28.06 41.81
CA PHE D 149 19.99 -27.68 42.64
C PHE D 149 20.50 -28.82 43.53
N GLU D 150 19.59 -29.61 44.10
CA GLU D 150 20.04 -30.73 44.92
C GLU D 150 19.01 -31.84 44.87
N ALA D 151 19.51 -33.07 44.74
CA ALA D 151 18.62 -34.20 44.53
C ALA D 151 17.65 -34.36 45.69
N ALA D 152 18.10 -34.04 46.91
CA ALA D 152 17.25 -34.27 48.07
C ALA D 152 16.04 -33.36 48.08
N SER D 153 16.04 -32.32 47.26
CA SER D 153 14.93 -31.38 47.18
C SER D 153 14.13 -31.56 45.90
N LYS D 154 14.21 -32.74 45.26
CA LYS D 154 13.59 -32.92 43.97
C LYS D 154 12.06 -32.76 44.03
N LYS D 155 11.45 -33.04 45.17
CA LYS D 155 10.00 -32.88 45.32
C LYS D 155 9.60 -31.50 45.82
N LYS D 156 10.56 -30.60 46.04
CA LYS D 156 10.27 -29.25 46.51
C LYS D 156 10.26 -28.30 45.32
N ILE D 157 9.17 -27.56 45.18
CA ILE D 157 9.05 -26.61 44.08
C ILE D 157 8.68 -25.25 44.66
N ALA D 158 9.07 -24.20 43.94
CA ALA D 158 8.80 -22.83 44.34
C ALA D 158 7.90 -22.21 43.29
N ILE D 159 6.73 -21.76 43.71
CA ILE D 159 5.80 -21.04 42.86
C ILE D 159 6.07 -19.56 43.10
N VAL D 160 6.57 -18.87 42.08
CA VAL D 160 7.04 -17.50 42.18
C VAL D 160 6.09 -16.64 41.37
N ARG D 161 5.39 -15.74 42.04
CA ARG D 161 4.42 -14.86 41.42
C ARG D 161 4.79 -13.41 41.71
N ARG D 162 4.35 -12.53 40.83
N ARG D 162 4.33 -12.53 40.85
CA ARG D 162 4.67 -11.12 40.94
CA ARG D 162 4.68 -11.11 40.93
C ARG D 162 3.69 -10.42 41.87
C ARG D 162 3.67 -10.35 41.78
N GLU D 163 4.18 -9.40 42.56
CA GLU D 163 3.36 -8.53 43.40
C GLU D 163 3.89 -7.10 43.24
N PRO D 164 3.03 -6.12 43.47
CA PRO D 164 3.50 -4.72 43.42
C PRO D 164 4.43 -4.43 44.58
N VAL D 165 5.14 -3.29 44.45
CA VAL D 165 6.01 -2.83 45.53
C VAL D 165 5.25 -1.99 46.56
N GLY D 166 4.18 -1.30 46.14
CA GLY D 166 3.37 -0.53 47.06
C GLY D 166 3.04 0.83 46.50
N LEU D 167 3.42 1.88 47.21
CA LEU D 167 3.19 3.25 46.79
C LEU D 167 4.40 3.71 46.01
N VAL D 168 4.19 4.08 44.75
CA VAL D 168 5.20 4.64 43.89
C VAL D 168 5.04 6.16 43.87
N LEU D 169 6.12 6.87 44.16
CA LEU D 169 6.16 8.32 43.97
C LEU D 169 6.73 8.55 42.58
N ALA D 170 5.93 9.13 41.71
CA ALA D 170 6.32 9.45 40.35
C ALA D 170 6.58 10.94 40.28
N ILE D 171 7.78 11.32 39.84
CA ILE D 171 8.18 12.71 39.69
C ILE D 171 8.51 12.89 38.22
N SER D 172 7.68 13.66 37.53
CA SER D 172 7.86 13.90 36.10
C SER D 172 8.66 15.16 35.86
N PRO D 173 9.18 15.35 34.62
CA PRO D 173 10.04 16.50 34.34
C PRO D 173 9.32 17.57 33.54
N PHE D 174 9.87 18.79 33.54
CA PHE D 174 9.21 19.89 32.83
C PHE D 174 9.17 19.65 31.32
N ASN D 175 10.16 18.93 30.76
CA ASN D 175 10.27 18.82 29.31
C ASN D 175 9.31 17.79 28.76
N TYR D 176 8.80 16.91 29.60
CA TYR D 176 7.82 15.91 29.18
C TYR D 176 6.88 15.69 30.35
N PRO D 177 6.10 16.72 30.73
CA PRO D 177 5.33 16.65 31.98
C PRO D 177 4.18 15.66 31.92
N VAL D 178 3.75 15.29 30.72
CA VAL D 178 2.71 14.28 30.55
C VAL D 178 3.29 12.92 30.18
N ASN D 179 4.14 12.89 29.17
CA ASN D 179 4.71 11.64 28.65
C ASN D 179 5.54 10.94 29.73
N LEU D 180 6.41 11.67 30.42
CA LEU D 180 7.24 11.07 31.47
C LEU D 180 6.56 11.13 32.82
N ALA D 181 5.27 11.47 32.86
CA ALA D 181 4.40 11.13 33.97
C ALA D 181 3.71 9.79 33.71
N GLY D 182 3.12 9.66 32.51
CA GLY D 182 2.46 8.41 32.15
C GLY D 182 3.40 7.24 32.09
N SER D 183 4.65 7.46 31.66
CA SER D 183 5.63 6.39 31.57
C SER D 183 5.93 5.78 32.92
N LYS D 184 5.58 6.47 34.00
CA LYS D 184 5.69 5.94 35.35
C LYS D 184 4.36 5.45 35.90
N ILE D 185 3.29 6.23 35.70
CA ILE D 185 2.01 5.95 36.33
C ILE D 185 1.45 4.63 35.82
N ALA D 186 1.41 4.44 34.49
CA ALA D 186 0.74 3.27 33.94
C ALA D 186 1.49 1.97 34.23
N PRO D 187 2.81 1.88 34.04
CA PRO D 187 3.52 0.65 34.49
C PRO D 187 3.33 0.34 35.97
N ALA D 188 3.37 1.35 36.82
CA ALA D 188 3.12 1.13 38.24
C ALA D 188 1.72 0.60 38.49
N LEU D 189 0.71 1.21 37.86
CA LEU D 189 -0.67 0.87 38.19
C LEU D 189 -1.05 -0.53 37.72
N ILE D 190 -0.59 -0.93 36.54
CA ILE D 190 -1.00 -2.23 36.02
C ILE D 190 -0.50 -3.35 36.94
N ALA D 191 0.64 -3.14 37.60
CA ALA D 191 1.22 -4.16 38.47
C ALA D 191 0.56 -4.21 39.83
N GLY D 192 -0.35 -3.28 40.13
CA GLY D 192 -1.01 -3.25 41.42
C GLY D 192 -0.48 -2.21 42.39
N ASN D 193 0.47 -1.38 41.98
CA ASN D 193 0.91 -0.29 42.81
C ASN D 193 -0.14 0.82 42.83
N VAL D 194 -0.10 1.63 43.91
CA VAL D 194 -0.76 2.91 43.94
C VAL D 194 0.30 3.97 43.66
N VAL D 195 -0.14 5.14 43.21
CA VAL D 195 0.77 6.15 42.70
C VAL D 195 0.37 7.53 43.20
N ALA D 196 1.38 8.34 43.51
CA ALA D 196 1.22 9.78 43.69
C ALA D 196 2.14 10.43 42.68
N LEU D 197 1.58 11.29 41.86
CA LEU D 197 2.37 12.02 40.87
C LEU D 197 2.74 13.39 41.44
N LYS D 198 4.03 13.71 41.39
CA LYS D 198 4.53 15.04 41.70
C LYS D 198 5.01 15.62 40.38
N PRO D 199 4.22 16.46 39.71
CA PRO D 199 4.73 17.13 38.52
C PRO D 199 5.70 18.22 38.90
N PRO D 200 6.55 18.67 37.98
CA PRO D 200 7.35 19.86 38.25
C PRO D 200 6.42 21.06 38.26
N THR D 201 6.77 22.07 39.06
CA THR D 201 5.92 23.26 39.13
C THR D 201 5.63 23.78 37.72
N GLN D 202 6.67 23.98 36.92
CA GLN D 202 6.49 24.33 35.50
C GLN D 202 6.19 23.04 34.75
N GLY D 203 4.90 22.74 34.62
CA GLY D 203 4.46 21.46 34.10
C GLY D 203 3.38 20.88 35.00
N SER D 204 3.07 21.57 36.10
CA SER D 204 2.10 21.06 37.04
C SER D 204 0.68 21.09 36.46
N ILE D 205 0.34 22.13 35.68
CA ILE D 205 -0.97 22.18 35.07
C ILE D 205 -1.15 20.97 34.16
N SER D 206 -0.19 20.73 33.28
CA SER D 206 -0.27 19.56 32.39
C SER D 206 -0.32 18.25 33.17
N GLY D 207 0.41 18.17 34.27
CA GLY D 207 0.29 16.98 35.09
C GLY D 207 -1.11 16.78 35.64
N LEU D 208 -1.74 17.86 36.09
CA LEU D 208 -3.08 17.76 36.63
C LEU D 208 -4.11 17.46 35.55
N LEU D 209 -3.88 17.95 34.33
CA LEU D 209 -4.76 17.57 33.23
C LEU D 209 -4.66 16.08 32.93
N LEU D 210 -3.43 15.53 32.97
CA LEU D 210 -3.29 14.08 32.88
C LEU D 210 -4.10 13.39 33.96
N ALA D 211 -4.03 13.89 35.19
CA ALA D 211 -4.76 13.28 36.29
C ALA D 211 -6.25 13.29 36.04
N GLU D 212 -6.76 14.36 35.43
CA GLU D 212 -8.19 14.43 35.13
C GLU D 212 -8.63 13.24 34.30
N ALA D 213 -7.80 12.80 33.35
CA ALA D 213 -8.17 11.66 32.52
C ALA D 213 -8.27 10.39 33.34
N PHE D 214 -7.32 10.17 34.26
CA PHE D 214 -7.41 8.98 35.10
C PHE D 214 -8.63 9.05 36.02
N ALA D 215 -8.93 10.25 36.55
CA ALA D 215 -10.11 10.41 37.40
C ALA D 215 -11.38 10.14 36.65
N GLU D 216 -11.51 10.70 35.44
CA GLU D 216 -12.71 10.44 34.62
C GLU D 216 -12.79 8.98 34.23
N ALA D 217 -11.64 8.30 34.06
CA ALA D 217 -11.64 6.88 33.73
C ALA D 217 -12.18 6.04 34.87
N GLY D 218 -12.39 6.62 36.06
CA GLY D 218 -12.90 5.88 37.19
C GLY D 218 -11.86 5.27 38.10
N ILE D 219 -10.61 5.70 38.01
CA ILE D 219 -9.54 5.12 38.82
C ILE D 219 -9.99 5.22 40.28
N PRO D 220 -9.92 4.14 41.05
CA PRO D 220 -10.50 4.18 42.41
C PRO D 220 -9.84 5.24 43.28
N ALA D 221 -10.63 5.76 44.21
CA ALA D 221 -10.14 6.80 45.10
C ALA D 221 -8.87 6.36 45.80
N GLY D 222 -7.83 7.20 45.71
CA GLY D 222 -6.56 6.98 46.34
C GLY D 222 -5.59 6.11 45.56
N VAL D 223 -6.06 5.40 44.54
CA VAL D 223 -5.14 4.58 43.75
C VAL D 223 -4.17 5.46 42.98
N PHE D 224 -4.63 6.63 42.55
CA PHE D 224 -3.80 7.60 41.87
C PHE D 224 -4.13 8.97 42.45
N ASN D 225 -3.09 9.70 42.85
CA ASN D 225 -3.23 11.03 43.41
C ASN D 225 -2.12 11.91 42.84
N THR D 226 -2.30 13.22 43.00
CA THR D 226 -1.31 14.19 42.56
C THR D 226 -0.87 15.03 43.76
N ILE D 227 0.36 15.52 43.69
CA ILE D 227 0.93 16.43 44.68
C ILE D 227 1.57 17.60 43.94
N THR D 228 1.22 18.84 44.33
CA THR D 228 1.86 20.03 43.80
C THR D 228 2.23 20.92 44.97
N GLY D 229 3.36 21.59 44.83
CA GLY D 229 3.78 22.53 45.86
C GLY D 229 5.18 23.03 45.61
N ARG D 230 5.65 23.85 46.55
CA ARG D 230 6.97 24.44 46.48
C ARG D 230 8.01 23.50 47.07
N GLY D 231 9.17 23.41 46.40
CA GLY D 231 10.26 22.59 46.91
C GLY D 231 10.63 22.96 48.33
N SER D 232 10.63 24.25 48.64
CA SER D 232 11.01 24.71 49.97
C SER D 232 10.05 24.24 51.04
N VAL D 233 8.86 23.77 50.66
CA VAL D 233 7.85 23.32 51.62
C VAL D 233 7.76 21.80 51.71
N ILE D 234 7.70 21.13 50.55
CA ILE D 234 7.44 19.70 50.49
C ILE D 234 8.48 18.93 49.70
N GLY D 235 9.51 19.59 49.19
CA GLY D 235 10.45 18.95 48.30
C GLY D 235 11.08 17.69 48.85
N ASP D 236 11.83 17.80 49.95
CA ASP D 236 12.38 16.60 50.57
C ASP D 236 11.30 15.77 51.24
N TYR D 237 10.24 16.41 51.73
CA TYR D 237 9.25 15.71 52.52
C TYR D 237 8.57 14.60 51.73
N ILE D 238 8.27 14.85 50.45
CA ILE D 238 7.53 13.86 49.67
C ILE D 238 8.36 12.61 49.42
N VAL D 239 9.69 12.76 49.37
CA VAL D 239 10.57 11.64 49.08
C VAL D 239 10.94 10.89 50.35
N GLU D 240 11.15 11.60 51.46
CA GLU D 240 11.56 10.97 52.72
C GLU D 240 10.42 10.30 53.45
N HIS D 241 9.16 10.54 53.07
CA HIS D 241 8.01 9.96 53.76
C HIS D 241 8.08 8.44 53.73
N GLU D 242 7.89 7.82 54.89
CA GLU D 242 8.02 6.37 54.95
C GLU D 242 6.86 5.65 54.27
N ALA D 243 5.79 6.34 53.90
CA ALA D 243 4.72 5.70 53.16
C ALA D 243 5.14 5.37 51.74
N VAL D 244 6.12 6.11 51.21
CA VAL D 244 6.60 5.90 49.85
C VAL D 244 7.47 4.66 49.82
N ASN D 245 7.16 3.72 48.94
CA ASN D 245 7.90 2.47 48.82
C ASN D 245 8.82 2.42 47.60
N PHE D 246 8.73 3.40 46.70
CA PHE D 246 9.46 3.37 45.43
C PHE D 246 9.42 4.78 44.88
N ILE D 247 10.57 5.29 44.45
CA ILE D 247 10.67 6.64 43.88
C ILE D 247 11.11 6.51 42.43
N ASN D 248 10.36 7.15 41.54
CA ASN D 248 10.59 7.05 40.11
C ASN D 248 10.68 8.48 39.59
N PHE D 249 11.91 8.92 39.28
CA PHE D 249 12.19 10.32 39.03
C PHE D 249 12.87 10.54 37.69
N THR D 250 12.43 11.58 37.00
CA THR D 250 13.11 12.12 35.83
C THR D 250 13.40 13.58 36.12
N GLY D 251 14.64 14.00 35.88
CA GLY D 251 15.00 15.38 36.14
C GLY D 251 16.49 15.60 35.96
N SER D 252 16.99 16.66 36.56
CA SER D 252 18.39 17.01 36.40
C SER D 252 19.26 16.03 37.18
N THR D 253 20.52 15.94 36.78
CA THR D 253 21.46 15.12 37.53
C THR D 253 21.60 15.54 38.98
N PRO D 254 21.83 16.82 39.29
CA PRO D 254 21.96 17.19 40.72
C PRO D 254 20.74 16.86 41.55
N ILE D 255 19.55 17.16 41.04
CA ILE D 255 18.33 16.83 41.79
C ILE D 255 18.22 15.33 41.96
N GLY D 256 18.59 14.57 40.93
CA GLY D 256 18.57 13.12 41.04
C GLY D 256 19.51 12.59 42.12
N GLU D 257 20.71 13.14 42.20
CA GLU D 257 21.63 12.70 43.24
C GLU D 257 21.08 12.99 44.62
N GLY D 258 20.40 14.14 44.78
CA GLY D 258 19.78 14.44 46.06
C GLY D 258 18.71 13.44 46.46
N ILE D 259 17.95 12.96 45.47
CA ILE D 259 16.92 11.95 45.74
C ILE D 259 17.57 10.65 46.18
N GLY D 260 18.69 10.28 45.57
CA GLY D 260 19.38 9.08 45.99
C GLY D 260 19.78 9.11 47.46
N LYS D 261 20.13 10.29 47.96
CA LYS D 261 20.53 10.41 49.36
C LYS D 261 19.35 10.27 50.30
N LEU D 262 18.13 10.47 49.81
CA LEU D 262 16.93 10.40 50.63
C LEU D 262 16.19 9.08 50.46
N ALA D 263 16.61 8.24 49.50
CA ALA D 263 15.87 7.03 49.21
C ALA D 263 16.01 6.00 50.32
N GLY D 264 17.13 6.01 51.02
CA GLY D 264 17.35 5.00 52.04
C GLY D 264 17.38 3.63 51.40
N MET D 265 16.52 2.74 51.88
CA MET D 265 16.43 1.39 51.32
C MET D 265 15.40 1.28 50.21
N ARG D 266 14.64 2.34 49.95
CA ARG D 266 13.62 2.27 48.93
C ARG D 266 14.29 2.12 47.57
N PRO D 267 13.81 1.23 46.71
CA PRO D 267 14.31 1.22 45.32
C PRO D 267 13.95 2.52 44.63
N ILE D 268 14.81 2.95 43.71
CA ILE D 268 14.60 4.20 42.99
C ILE D 268 14.96 3.99 41.52
N MET D 269 14.35 4.78 40.66
CA MET D 269 14.71 4.87 39.26
C MET D 269 15.00 6.33 38.97
N LEU D 270 16.16 6.61 38.36
CA LEU D 270 16.58 7.96 38.05
C LEU D 270 16.83 8.05 36.55
N GLU D 271 16.20 9.04 35.92
CA GLU D 271 16.44 9.38 34.52
C GLU D 271 16.95 10.81 34.55
N LEU D 272 18.26 10.98 34.33
CA LEU D 272 18.92 12.26 34.57
C LEU D 272 19.49 12.78 33.27
N GLY D 273 20.59 13.50 33.35
CA GLY D 273 21.09 14.21 32.20
C GLY D 273 21.85 13.32 31.25
N GLY D 274 22.14 13.89 30.07
CA GLY D 274 22.94 13.20 29.08
C GLY D 274 23.85 14.18 28.36
N LYS D 275 24.91 13.61 27.80
CA LYS D 275 25.81 14.33 26.87
C LYS D 275 26.14 13.37 25.73
N ASP D 276 25.10 12.92 25.02
CA ASP D 276 25.22 11.88 24.04
C ASP D 276 26.18 12.30 22.93
N SER D 277 27.15 11.45 22.65
CA SER D 277 28.08 11.70 21.56
C SER D 277 27.55 11.07 20.27
N ALA D 278 27.78 11.75 19.16
CA ALA D 278 27.54 11.21 17.83
C ALA D 278 28.91 10.99 17.20
N ILE D 279 29.33 9.73 17.10
CA ILE D 279 30.63 9.38 16.53
C ILE D 279 30.44 9.20 15.04
N VAL D 280 31.20 9.97 14.26
CA VAL D 280 31.09 9.94 12.81
C VAL D 280 32.43 9.45 12.25
N LEU D 281 32.39 8.30 11.57
CA LEU D 281 33.61 7.72 11.03
C LEU D 281 33.78 8.16 9.57
N GLU D 282 34.96 7.82 9.01
CA GLU D 282 35.32 8.32 7.69
C GLU D 282 34.41 7.77 6.59
N ASP D 283 33.87 6.58 6.78
CA ASP D 283 33.01 5.94 5.79
C ASP D 283 31.52 6.25 6.01
N ALA D 284 31.20 7.25 6.82
CA ALA D 284 29.81 7.54 7.11
C ALA D 284 29.15 8.29 5.96
N ASP D 285 27.84 8.10 5.84
CA ASP D 285 27.02 8.93 4.95
C ASP D 285 26.86 10.28 5.64
N LEU D 286 27.64 11.26 5.22
CA LEU D 286 27.72 12.51 5.96
C LEU D 286 26.41 13.29 5.91
N ALA D 287 25.74 13.29 4.76
CA ALA D 287 24.48 14.01 4.66
C ALA D 287 23.43 13.41 5.59
N LEU D 288 23.33 12.08 5.62
CA LEU D 288 22.38 11.43 6.51
C LEU D 288 22.81 11.62 7.96
N ALA D 289 24.11 11.59 8.22
CA ALA D 289 24.59 11.85 9.57
C ALA D 289 24.20 13.24 10.03
N ALA D 290 24.38 14.23 9.16
CA ALA D 290 24.03 15.60 9.52
C ALA D 290 22.54 15.73 9.79
N LYS D 291 21.71 15.08 8.97
CA LYS D 291 20.27 15.14 9.17
C LYS D 291 19.90 14.61 10.54
N ASN D 292 20.40 13.43 10.89
CA ASN D 292 20.05 12.83 12.18
C ASN D 292 20.63 13.63 13.34
N ILE D 293 21.86 14.14 13.19
CA ILE D 293 22.50 14.90 14.25
C ILE D 293 21.72 16.19 14.53
N VAL D 294 21.26 16.88 13.49
CA VAL D 294 20.51 18.12 13.72
C VAL D 294 19.14 17.82 14.30
N ALA D 295 18.45 16.81 13.78
CA ALA D 295 17.14 16.47 14.33
C ALA D 295 17.26 16.16 15.81
N GLY D 296 18.28 15.39 16.19
CA GLY D 296 18.39 14.96 17.57
C GLY D 296 18.98 16.00 18.50
N ALA D 297 19.87 16.84 17.98
CA ALA D 297 20.53 17.83 18.82
C ALA D 297 19.61 18.99 19.16
N PHE D 298 18.77 19.43 18.22
CA PHE D 298 18.01 20.66 18.38
C PHE D 298 16.53 20.44 18.62
N GLY D 299 16.07 19.19 18.69
CA GLY D 299 14.69 18.92 19.04
C GLY D 299 14.38 19.56 20.38
N TYR D 300 13.25 20.28 20.45
CA TYR D 300 12.83 20.97 21.67
C TYR D 300 13.94 21.87 22.20
N SER D 301 14.65 22.51 21.28
CA SER D 301 15.73 23.45 21.58
C SER D 301 16.87 22.83 22.36
N GLY D 302 17.04 21.50 22.26
CA GLY D 302 18.06 20.80 22.99
C GLY D 302 17.71 20.46 24.42
N GLN D 303 16.46 20.65 24.81
CA GLN D 303 16.02 20.45 26.19
C GLN D 303 15.54 19.01 26.39
N ARG D 304 16.47 18.09 26.12
CA ARG D 304 16.16 16.68 26.22
C ARG D 304 17.41 15.95 26.69
N SER D 305 17.22 14.98 27.58
CA SER D 305 18.35 14.21 28.08
CA SER D 305 18.34 14.21 28.09
C SER D 305 18.96 13.37 26.98
N THR D 306 18.12 12.70 26.19
N THR D 306 18.12 12.68 26.20
CA THR D 306 18.58 11.89 25.06
CA THR D 306 18.56 11.89 25.07
C THR D 306 18.55 12.81 23.84
C THR D 306 18.55 12.81 23.84
N ALA D 307 19.74 13.25 23.43
CA ALA D 307 19.85 14.18 22.32
C ALA D 307 21.33 14.28 22.00
N VAL D 308 21.65 14.39 20.70
CA VAL D 308 23.04 14.55 20.31
C VAL D 308 23.56 15.84 20.91
N LYS D 309 24.51 15.73 21.80
CA LYS D 309 25.08 16.91 22.45
C LYS D 309 26.56 17.13 22.15
N ARG D 310 27.22 16.21 21.45
CA ARG D 310 28.58 16.45 20.97
C ARG D 310 28.84 15.54 19.78
N VAL D 311 29.40 16.10 18.72
CA VAL D 311 29.79 15.33 17.55
C VAL D 311 31.28 15.02 17.71
N LEU D 312 31.63 13.74 17.66
CA LEU D 312 33.03 13.32 17.65
C LEU D 312 33.26 12.76 16.24
N VAL D 313 33.92 13.54 15.40
CA VAL D 313 34.05 13.26 13.96
C VAL D 313 35.52 13.10 13.59
N MET D 314 35.82 12.06 12.82
CA MET D 314 37.16 11.88 12.32
C MET D 314 37.56 13.06 11.44
N ASP D 315 38.81 13.50 11.58
CA ASP D 315 39.21 14.76 10.98
C ASP D 315 39.05 14.75 9.47
N LYS D 316 39.19 13.59 8.82
CA LYS D 316 39.16 13.55 7.36
C LYS D 316 37.80 13.98 6.81
N VAL D 317 36.72 13.71 7.53
CA VAL D 317 35.36 14.04 7.08
C VAL D 317 34.78 15.22 7.86
N ALA D 318 35.57 15.85 8.73
CA ALA D 318 35.01 16.85 9.63
C ALA D 318 34.57 18.10 8.88
N ASP D 319 35.40 18.60 7.97
CA ASP D 319 35.03 19.80 7.22
C ASP D 319 33.71 19.61 6.49
N GLN D 320 33.57 18.50 5.77
CA GLN D 320 32.37 18.27 4.97
C GLN D 320 31.15 18.01 5.87
N LEU D 321 31.34 17.28 6.97
CA LEU D 321 30.22 17.07 7.88
C LEU D 321 29.76 18.39 8.48
N ALA D 322 30.70 19.22 8.93
CA ALA D 322 30.32 20.49 9.55
C ALA D 322 29.54 21.35 8.58
N ALA D 323 29.94 21.36 7.32
CA ALA D 323 29.21 22.13 6.32
C ALA D 323 27.80 21.58 6.13
N GLU D 324 27.65 20.26 6.17
CA GLU D 324 26.32 19.67 6.03
C GLU D 324 25.44 20.00 7.24
N ILE D 325 25.98 19.87 8.44
CA ILE D 325 25.24 20.26 9.65
C ILE D 325 24.89 21.74 9.61
N LYS D 326 25.86 22.60 9.32
CA LYS D 326 25.62 24.03 9.30
C LYS D 326 24.48 24.39 8.36
N THR D 327 24.46 23.80 7.17
CA THR D 327 23.37 24.08 6.22
C THR D 327 22.01 23.73 6.83
N LEU D 328 21.91 22.60 7.53
CA LEU D 328 20.64 22.22 8.13
C LEU D 328 20.29 23.13 9.31
N VAL D 329 21.26 23.44 10.16
CA VAL D 329 20.99 24.28 11.33
C VAL D 329 20.46 25.64 10.90
N GLU D 330 21.00 26.18 9.81
CA GLU D 330 20.54 27.46 9.31
C GLU D 330 19.08 27.41 8.88
N LYS D 331 18.57 26.23 8.56
CA LYS D 331 17.19 26.07 8.10
C LYS D 331 16.20 25.90 9.24
N LEU D 332 16.69 25.65 10.45
CA LEU D 332 15.78 25.47 11.57
C LEU D 332 15.00 26.77 11.82
N SER D 333 13.70 26.63 12.06
CA SER D 333 12.86 27.77 12.41
C SER D 333 13.04 28.10 13.89
N VAL D 334 13.01 29.39 14.20
CA VAL D 334 13.26 29.90 15.55
C VAL D 334 12.12 30.85 15.86
N GLY D 335 11.38 30.56 16.93
CA GLY D 335 10.21 31.38 17.22
C GLY D 335 9.34 30.79 18.31
N MET D 336 8.05 31.04 18.20
CA MET D 336 7.10 30.84 19.29
C MET D 336 6.47 29.47 19.20
N PRO D 337 6.09 28.94 20.36
CA PRO D 337 5.44 27.62 20.36
C PRO D 337 4.23 27.52 19.47
N GLU D 338 3.38 28.54 19.43
CA GLU D 338 2.17 28.48 18.64
C GLU D 338 2.48 28.38 17.14
N ASP D 339 3.69 28.75 16.74
CA ASP D 339 4.10 28.67 15.34
C ASP D 339 4.81 27.37 15.00
N ASP D 340 4.90 26.44 15.95
CA ASP D 340 5.57 25.17 15.72
C ASP D 340 7.01 25.38 15.26
N ALA D 341 7.67 26.39 15.79
CA ALA D 341 9.09 26.58 15.49
C ALA D 341 9.88 25.38 15.98
N ASP D 342 10.98 25.10 15.28
CA ASP D 342 11.91 24.08 15.74
C ASP D 342 12.54 24.50 17.06
N ILE D 343 13.04 25.73 17.12
CA ILE D 343 13.71 26.30 18.29
C ILE D 343 12.71 27.24 18.95
N THR D 344 12.26 26.88 20.14
CA THR D 344 11.36 27.69 20.94
C THR D 344 12.11 28.25 22.15
N PRO D 345 11.53 29.21 22.87
CA PRO D 345 12.23 29.79 24.03
C PRO D 345 12.48 28.72 25.08
N LEU D 346 13.62 28.84 25.75
CA LEU D 346 13.98 27.92 26.80
C LEU D 346 13.07 28.10 28.01
N ILE D 347 13.16 27.14 28.92
CA ILE D 347 12.17 27.03 30.00
C ILE D 347 12.19 28.22 30.94
N ASP D 348 13.36 28.83 31.17
CA ASP D 348 13.42 30.00 32.03
C ASP D 348 14.74 30.75 31.80
N THR D 349 14.85 31.90 32.47
CA THR D 349 15.99 32.77 32.23
C THR D 349 17.29 32.09 32.68
N SER D 350 17.26 31.43 33.84
CA SER D 350 18.45 30.74 34.31
C SER D 350 18.95 29.75 33.27
N ALA D 351 18.03 29.02 32.62
CA ALA D 351 18.45 28.07 31.60
C ALA D 351 19.13 28.78 30.44
N ALA D 352 18.54 29.89 29.98
CA ALA D 352 19.11 30.62 28.86
C ALA D 352 20.43 31.29 29.25
N ASP D 353 20.50 31.81 30.48
CA ASP D 353 21.77 32.36 30.97
C ASP D 353 22.86 31.29 30.97
N PHE D 354 22.54 30.08 31.42
CA PHE D 354 23.52 29.00 31.47
C PHE D 354 24.03 28.66 30.09
N VAL D 355 23.12 28.55 29.13
CA VAL D 355 23.49 28.28 27.75
C VAL D 355 24.34 29.40 27.18
N GLU D 356 23.97 30.65 27.42
CA GLU D 356 24.79 31.76 26.93
C GLU D 356 26.20 31.70 27.48
N GLY D 357 26.34 31.30 28.75
CA GLY D 357 27.66 31.18 29.33
C GLY D 357 28.50 30.12 28.64
N LEU D 358 27.90 28.98 28.32
CA LEU D 358 28.63 27.93 27.63
C LEU D 358 29.07 28.40 26.25
N ILE D 359 28.20 29.15 25.57
CA ILE D 359 28.54 29.67 24.25
C ILE D 359 29.71 30.64 24.35
N LYS D 360 29.66 31.54 25.33
CA LYS D 360 30.72 32.51 25.49
C LYS D 360 32.05 31.84 25.78
N ASP D 361 32.05 30.86 26.68
CA ASP D 361 33.28 30.14 26.99
C ASP D 361 33.89 29.51 25.75
N ALA D 362 33.06 28.94 24.88
CA ALA D 362 33.57 28.34 23.65
C ALA D 362 34.12 29.41 22.70
N THR D 363 33.36 30.49 22.50
CA THR D 363 33.84 31.60 21.68
C THR D 363 35.18 32.14 22.21
N ASP D 364 35.24 32.42 23.50
CA ASP D 364 36.44 33.03 24.07
C ASP D 364 37.64 32.09 23.99
N LYS D 365 37.40 30.79 24.00
CA LYS D 365 38.48 29.81 23.87
C LYS D 365 38.77 29.44 22.42
N GLY D 366 38.13 30.10 21.47
CA GLY D 366 38.56 30.01 20.09
C GLY D 366 37.79 29.07 19.20
N ALA D 367 36.67 28.52 19.68
CA ALA D 367 35.84 27.69 18.84
C ALA D 367 35.26 28.52 17.71
N THR D 368 34.95 27.85 16.59
CA THR D 368 34.42 28.52 15.40
C THR D 368 32.91 28.47 15.45
N ALA D 369 32.28 29.64 15.53
CA ALA D 369 30.83 29.75 15.50
C ALA D 369 30.38 29.62 14.05
N LEU D 370 29.90 28.43 13.69
CA LEU D 370 29.39 28.21 12.33
C LEU D 370 28.01 28.82 12.13
N THR D 371 27.20 28.93 13.18
CA THR D 371 25.97 29.70 13.18
C THR D 371 26.00 30.69 14.33
N ALA D 372 25.37 31.83 14.14
CA ALA D 372 25.51 32.95 15.06
C ALA D 372 24.68 32.74 16.32
N PHE D 373 25.19 33.28 17.43
CA PHE D 373 24.44 33.31 18.68
C PHE D 373 23.58 34.56 18.72
N ASN D 374 22.28 34.37 18.96
CA ASN D 374 21.34 35.45 19.17
C ASN D 374 20.41 35.05 20.31
N ARG D 375 20.00 36.04 21.11
CA ARG D 375 19.10 35.76 22.23
C ARG D 375 18.03 36.83 22.26
N GLU D 376 16.77 36.40 22.14
CA GLU D 376 15.60 37.27 22.29
C GLU D 376 14.87 36.75 23.53
N GLY D 377 14.85 37.53 24.59
CA GLY D 377 14.32 37.02 25.84
C GLY D 377 15.11 35.79 26.22
N ASN D 378 14.46 34.64 26.26
CA ASN D 378 15.12 33.36 26.50
C ASN D 378 15.10 32.48 25.25
N LEU D 379 14.82 33.07 24.09
CA LEU D 379 14.83 32.37 22.81
C LEU D 379 16.24 32.50 22.24
N ILE D 380 17.05 31.45 22.43
CA ILE D 380 18.41 31.42 21.89
C ILE D 380 18.38 30.75 20.54
N SER D 381 19.00 31.38 19.53
CA SER D 381 19.07 30.79 18.22
C SER D 381 20.02 29.59 18.23
N PRO D 382 19.84 28.64 17.32
CA PRO D 382 20.66 27.41 17.35
C PRO D 382 22.10 27.72 16.94
N VAL D 383 23.04 27.43 17.84
CA VAL D 383 24.44 27.75 17.65
C VAL D 383 25.22 26.47 17.39
N LEU D 384 25.96 26.45 16.30
CA LEU D 384 26.82 25.33 15.95
C LEU D 384 28.26 25.78 16.08
N PHE D 385 29.03 25.02 16.84
CA PHE D 385 30.45 25.31 17.05
C PHE D 385 31.29 24.20 16.46
N ASP D 386 32.33 24.58 15.73
CA ASP D 386 33.35 23.66 15.26
C ASP D 386 34.67 23.94 15.99
N HIS D 387 35.59 22.99 15.86
CA HIS D 387 36.90 23.07 16.48
C HIS D 387 36.80 23.28 17.98
N VAL D 388 35.85 22.57 18.60
CA VAL D 388 35.68 22.56 20.05
C VAL D 388 36.72 21.64 20.66
N THR D 389 37.32 22.08 21.75
CA THR D 389 38.37 21.35 22.43
C THR D 389 37.95 21.04 23.85
N THR D 390 38.67 20.11 24.48
CA THR D 390 38.27 19.57 25.77
C THR D 390 38.44 20.56 26.92
N ASP D 391 39.19 21.66 26.72
CA ASP D 391 39.25 22.71 27.74
C ASP D 391 37.98 23.55 27.78
N MET D 392 37.07 23.36 26.83
CA MET D 392 35.86 24.16 26.77
C MET D 392 34.74 23.48 27.53
N ARG D 393 34.00 24.28 28.32
CA ARG D 393 32.89 23.73 29.08
C ARG D 393 31.90 23.02 28.17
N LEU D 394 31.70 23.55 26.96
CA LEU D 394 30.70 22.99 26.05
C LEU D 394 31.05 21.58 25.61
N ALA D 395 32.31 21.17 25.75
CA ALA D 395 32.65 19.80 25.41
C ALA D 395 32.03 18.81 26.37
N TRP D 396 31.67 19.25 27.57
CA TRP D 396 31.29 18.33 28.63
C TRP D 396 29.93 18.63 29.25
N GLU D 397 29.66 19.87 29.59
CA GLU D 397 28.48 20.19 30.37
C GLU D 397 27.22 20.11 29.51
N GLU D 398 26.17 19.60 30.11
CA GLU D 398 24.89 19.47 29.41
C GLU D 398 24.23 20.84 29.34
N PRO D 399 24.08 21.43 28.16
CA PRO D 399 23.49 22.79 28.11
C PRO D 399 21.98 22.84 28.40
N PHE D 400 21.24 21.85 27.95
CA PHE D 400 19.79 21.95 27.86
C PHE D 400 19.40 23.21 27.10
N GLY D 401 20.08 23.41 25.97
CA GLY D 401 19.81 24.50 25.08
C GLY D 401 20.32 24.21 23.68
N PRO D 402 19.97 25.07 22.73
CA PRO D 402 20.26 24.76 21.32
C PRO D 402 21.67 25.13 20.91
N VAL D 403 22.64 24.37 21.40
CA VAL D 403 24.04 24.59 21.06
C VAL D 403 24.69 23.23 20.90
N LEU D 404 25.45 23.05 19.82
CA LEU D 404 26.04 21.77 19.48
C LEU D 404 27.51 21.97 19.18
N PRO D 405 28.42 21.34 19.91
CA PRO D 405 29.84 21.40 19.55
C PRO D 405 30.24 20.25 18.65
N ILE D 406 31.17 20.55 17.74
CA ILE D 406 31.80 19.54 16.89
C ILE D 406 33.24 19.41 17.38
N ILE D 407 33.62 18.19 17.75
CA ILE D 407 34.94 17.88 18.27
C ILE D 407 35.64 16.94 17.29
N ARG D 408 36.78 17.37 16.76
CA ARG D 408 37.49 16.59 15.76
C ARG D 408 38.42 15.60 16.45
N VAL D 409 38.40 14.35 15.99
CA VAL D 409 39.26 13.30 16.52
C VAL D 409 40.06 12.72 15.35
N THR D 410 41.16 12.06 15.71
CA THR D 410 42.03 11.45 14.70
C THR D 410 41.94 9.93 14.65
N THR D 411 41.52 9.28 15.73
CA THR D 411 41.33 7.83 15.74
C THR D 411 40.00 7.49 16.39
N VAL D 412 39.45 6.33 16.02
CA VAL D 412 38.23 5.88 16.69
C VAL D 412 38.50 5.65 18.16
N GLU D 413 39.71 5.20 18.51
CA GLU D 413 40.05 5.03 19.92
C GLU D 413 39.92 6.34 20.69
N GLU D 414 40.35 7.45 20.05
CA GLU D 414 40.23 8.75 20.70
C GLU D 414 38.76 9.14 20.88
N ALA D 415 37.93 8.88 19.87
CA ALA D 415 36.51 9.15 20.02
C ALA D 415 35.92 8.34 21.18
N ILE D 416 36.32 7.08 21.32
CA ILE D 416 35.81 6.25 22.40
C ILE D 416 36.22 6.83 23.74
N LYS D 417 37.48 7.27 23.86
CA LYS D 417 37.99 7.78 25.12
C LYS D 417 37.30 9.08 25.49
N ILE D 418 37.16 9.99 24.53
CA ILE D 418 36.49 11.27 24.81
C ILE D 418 35.04 11.02 25.20
N SER D 419 34.33 10.19 24.43
CA SER D 419 32.96 9.86 24.77
C SER D 419 32.86 9.36 26.22
N ASN D 420 33.72 8.39 26.58
CA ASN D 420 33.60 7.76 27.88
C ASN D 420 34.10 8.63 29.01
N GLU D 421 34.88 9.66 28.71
CA GLU D 421 35.36 10.58 29.74
C GLU D 421 34.23 11.40 30.33
N SER D 422 33.16 11.61 29.58
CA SER D 422 32.01 12.30 30.12
C SER D 422 31.53 11.59 31.38
N GLU D 423 31.05 12.38 32.34
CA GLU D 423 30.37 11.79 33.49
C GLU D 423 28.98 11.26 33.14
N TYR D 424 28.50 11.53 31.93
CA TYR D 424 27.22 11.03 31.48
C TYR D 424 27.41 9.78 30.64
N GLY D 425 26.38 8.94 30.64
CA GLY D 425 26.42 7.73 29.84
C GLY D 425 25.04 7.26 29.43
N LEU D 426 24.28 8.13 28.77
CA LEU D 426 22.89 7.81 28.42
C LEU D 426 22.87 7.04 27.10
N GLN D 427 23.08 7.72 25.99
CA GLN D 427 23.08 7.06 24.70
C GLN D 427 24.21 7.59 23.83
N ALA D 428 24.41 6.95 22.68
CA ALA D 428 25.41 7.38 21.71
C ALA D 428 24.93 6.99 20.32
N SER D 429 25.46 7.68 19.32
CA SER D 429 25.19 7.38 17.93
C SER D 429 26.52 7.09 17.23
N ILE D 430 26.50 6.06 16.37
CA ILE D 430 27.62 5.72 15.53
C ILE D 430 27.16 5.79 14.08
N PHE D 431 27.87 6.58 13.29
CA PHE D 431 27.57 6.78 11.88
C PHE D 431 28.74 6.19 11.10
N THR D 432 28.46 5.10 10.40
CA THR D 432 29.47 4.34 9.67
C THR D 432 28.73 3.35 8.78
N THR D 433 29.44 2.83 7.78
CA THR D 433 28.95 1.73 6.96
C THR D 433 29.40 0.37 7.46
N ASN D 434 30.30 0.32 8.43
CA ASN D 434 30.89 -0.93 8.94
C ASN D 434 30.20 -1.25 10.25
N PHE D 435 29.14 -2.05 10.19
CA PHE D 435 28.33 -2.32 11.37
C PHE D 435 29.05 -3.25 12.33
N PRO D 436 29.75 -4.28 11.85
CA PRO D 436 30.56 -5.10 12.79
C PRO D 436 31.51 -4.25 13.62
N LYS D 437 32.18 -3.29 12.98
CA LYS D 437 33.02 -2.36 13.73
C LYS D 437 32.18 -1.50 14.66
N ALA D 438 31.05 -0.99 14.16
CA ALA D 438 30.16 -0.21 15.02
C ALA D 438 29.74 -0.99 16.26
N PHE D 439 29.45 -2.28 16.10
CA PHE D 439 29.08 -3.10 17.25
C PHE D 439 30.24 -3.22 18.23
N GLY D 440 31.46 -3.36 17.72
CA GLY D 440 32.61 -3.40 18.61
C GLY D 440 32.81 -2.09 19.34
N ILE D 441 32.61 -0.98 18.64
CA ILE D 441 32.66 0.33 19.29
C ILE D 441 31.59 0.43 20.37
N ALA D 442 30.35 0.07 20.02
CA ALA D 442 29.25 0.14 20.99
C ALA D 442 29.60 -0.59 22.26
N GLU D 443 30.29 -1.73 22.14
CA GLU D 443 30.60 -2.51 23.33
C GLU D 443 31.48 -1.73 24.28
N GLN D 444 32.30 -0.85 23.75
CA GLN D 444 33.22 -0.06 24.54
C GLN D 444 32.65 1.25 25.05
N LEU D 445 31.48 1.68 24.56
CA LEU D 445 30.91 2.95 24.98
C LEU D 445 30.11 2.75 26.27
N GLU D 446 30.38 3.62 27.24
CA GLU D 446 29.73 3.55 28.56
C GLU D 446 28.39 4.28 28.50
N VAL D 447 27.44 3.64 27.83
CA VAL D 447 26.10 4.20 27.64
C VAL D 447 25.09 3.06 27.73
N GLY D 448 23.82 3.45 27.84
CA GLY D 448 22.71 2.51 27.84
C GLY D 448 22.40 1.97 26.45
N THR D 449 22.25 2.87 25.48
CA THR D 449 21.86 2.49 24.14
C THR D 449 22.74 3.20 23.13
N VAL D 450 23.12 2.46 22.09
CA VAL D 450 23.84 3.00 20.95
C VAL D 450 22.94 2.85 19.73
N HIS D 451 22.71 3.94 19.02
CA HIS D 451 21.95 3.92 17.78
C HIS D 451 22.91 4.01 16.60
N LEU D 452 22.69 3.16 15.61
CA LEU D 452 23.57 3.07 14.46
C LEU D 452 22.94 3.79 13.28
N ASN D 453 23.65 4.80 12.75
CA ASN D 453 23.18 5.58 11.61
C ASN D 453 21.83 6.23 11.89
N ASN D 454 21.65 6.70 13.11
CA ASN D 454 20.46 7.42 13.49
C ASN D 454 20.73 8.20 14.76
N LYS D 455 19.90 9.21 14.99
CA LYS D 455 20.02 9.99 16.22
C LYS D 455 19.73 9.11 17.43
N THR D 456 20.27 9.51 18.57
CA THR D 456 19.86 8.90 19.83
C THR D 456 18.39 9.26 20.12
N GLN D 457 17.71 8.39 20.85
CA GLN D 457 16.30 8.61 21.14
C GLN D 457 15.85 7.60 22.19
N ARG D 458 14.82 7.98 22.94
CA ARG D 458 14.27 7.08 23.95
C ARG D 458 13.43 5.99 23.30
N GLY D 459 12.78 6.30 22.18
CA GLY D 459 11.90 5.31 21.57
C GLY D 459 12.62 4.22 20.79
N THR D 460 11.84 3.25 20.33
CA THR D 460 10.43 3.08 20.64
C THR D 460 10.26 2.68 22.09
N ASP D 461 9.12 3.05 22.69
CA ASP D 461 8.96 2.98 24.14
C ASP D 461 8.92 1.56 24.66
N ASN D 462 8.86 0.56 23.79
CA ASN D 462 9.06 -0.81 24.24
C ASN D 462 10.52 -1.14 24.45
N PHE D 463 11.43 -0.42 23.80
CA PHE D 463 12.84 -0.72 23.95
C PHE D 463 13.36 -0.29 25.33
N PRO D 464 14.45 -0.87 25.80
CA PRO D 464 14.99 -0.44 27.09
C PRO D 464 15.47 1.00 26.99
N PHE D 465 15.30 1.73 28.07
CA PHE D 465 15.82 3.09 28.19
C PHE D 465 16.56 3.19 29.51
N LEU D 466 17.87 3.43 29.46
CA LEU D 466 18.66 3.45 30.67
C LEU D 466 19.90 4.28 30.41
N GLY D 467 20.46 4.81 31.49
CA GLY D 467 21.70 5.56 31.41
C GLY D 467 22.70 5.05 32.43
N ALA D 468 23.97 5.08 32.02
CA ALA D 468 25.07 4.70 32.90
C ALA D 468 25.62 5.95 33.60
N LYS D 469 26.49 5.72 34.60
CA LYS D 469 27.20 6.79 35.28
C LYS D 469 26.17 7.81 35.79
N LYS D 470 26.39 9.12 35.62
CA LYS D 470 25.52 10.12 36.21
C LYS D 470 24.20 10.29 35.46
N SER D 471 23.97 9.51 34.41
CA SER D 471 22.73 9.62 33.64
C SER D 471 21.54 8.91 34.30
N GLY D 472 21.77 8.14 35.35
CA GLY D 472 20.66 7.68 36.16
C GLY D 472 20.89 6.27 36.67
N ALA D 473 19.77 5.61 36.97
CA ALA D 473 19.76 4.30 37.59
C ALA D 473 18.45 3.63 37.24
N GLY D 474 18.50 2.31 37.01
CA GLY D 474 17.34 1.56 36.61
C GLY D 474 17.13 1.55 35.11
N VAL D 475 16.21 0.69 34.68
CA VAL D 475 15.93 0.47 33.27
C VAL D 475 14.46 0.74 33.00
N GLN D 476 14.17 1.66 32.10
CA GLN D 476 12.81 1.94 31.71
C GLN D 476 12.62 1.50 30.25
N GLY D 477 11.59 2.04 29.60
CA GLY D 477 10.92 1.28 28.57
C GLY D 477 9.85 0.45 29.26
N VAL D 478 8.77 0.15 28.56
CA VAL D 478 7.54 -0.27 29.23
C VAL D 478 7.75 -1.52 30.07
N LYS D 479 8.13 -2.64 29.44
CA LYS D 479 8.22 -3.87 30.21
C LYS D 479 9.24 -3.74 31.36
N TYR D 480 10.32 -3.03 31.11
CA TYR D 480 11.37 -2.90 32.12
C TYR D 480 10.88 -2.08 33.31
N SER D 481 10.11 -1.02 33.04
CA SER D 481 9.55 -0.22 34.13
CA SER D 481 9.55 -0.22 34.13
C SER D 481 8.60 -1.05 34.98
N ILE D 482 7.79 -1.91 34.36
CA ILE D 482 6.90 -2.77 35.12
C ILE D 482 7.72 -3.71 35.99
N GLU D 483 8.75 -4.31 35.39
CA GLU D 483 9.59 -5.22 36.17
C GLU D 483 10.23 -4.50 37.35
N ALA D 484 10.64 -3.25 37.15
CA ALA D 484 11.32 -2.52 38.21
C ALA D 484 10.39 -2.23 39.38
N MET D 485 9.12 -1.94 39.07
CA MET D 485 8.12 -1.61 40.08
C MET D 485 7.29 -2.81 40.53
N THR D 486 7.84 -4.01 40.38
CA THR D 486 7.26 -5.22 40.92
C THR D 486 8.33 -5.99 41.68
N THR D 487 7.88 -6.77 42.65
CA THR D 487 8.72 -7.71 43.37
C THR D 487 8.17 -9.11 43.11
N VAL D 488 8.64 -10.09 43.88
CA VAL D 488 8.11 -11.44 43.77
C VAL D 488 7.68 -11.96 45.14
N LYS D 489 6.74 -12.90 45.14
CA LYS D 489 6.30 -13.64 46.31
C LYS D 489 6.48 -15.11 45.94
N SER D 490 7.25 -15.84 46.73
N SER D 490 7.25 -15.84 46.73
CA SER D 490 7.56 -17.23 46.48
CA SER D 490 7.55 -17.24 46.47
C SER D 490 6.82 -18.08 47.50
C SER D 490 6.82 -18.09 47.50
N VAL D 491 6.11 -19.11 47.02
CA VAL D 491 5.44 -20.10 47.86
C VAL D 491 6.05 -21.45 47.53
N VAL D 492 6.65 -22.07 48.54
CA VAL D 492 7.44 -23.28 48.39
C VAL D 492 6.74 -24.41 49.15
N PHE D 493 6.59 -25.56 48.48
CA PHE D 493 5.99 -26.71 49.15
C PHE D 493 6.57 -27.99 48.56
N ASP D 494 6.35 -29.08 49.28
CA ASP D 494 6.88 -30.38 48.90
C ASP D 494 5.75 -31.21 48.32
N ILE D 495 5.96 -31.75 47.13
CA ILE D 495 5.00 -32.66 46.52
C ILE D 495 5.05 -33.99 47.23
N GLN D 496 3.89 -34.61 47.40
CA GLN D 496 3.78 -35.90 48.06
C GLN D 496 3.09 -36.92 47.15
N ALA E 23 -26.44 19.68 19.05
CA ALA E 23 -25.27 20.51 18.78
C ALA E 23 -23.99 19.75 19.14
N LYS E 24 -23.15 19.52 18.15
CA LYS E 24 -21.94 18.71 18.28
C LYS E 24 -20.71 19.59 18.06
N GLN E 25 -19.61 19.21 18.71
CA GLN E 25 -18.32 19.86 18.51
C GLN E 25 -17.67 19.20 17.31
N TYR E 26 -17.70 19.86 16.16
CA TYR E 26 -17.17 19.27 14.94
C TYR E 26 -15.65 19.41 14.88
N LYS E 27 -15.06 18.62 14.00
CA LYS E 27 -13.62 18.50 13.88
C LYS E 27 -13.22 18.53 12.41
N ASN E 28 -12.00 18.98 12.15
CA ASN E 28 -11.48 19.00 10.79
C ASN E 28 -10.87 17.65 10.44
N LEU E 29 -10.97 17.29 9.17
CA LEU E 29 -10.29 16.10 8.65
C LEU E 29 -8.89 16.52 8.25
N VAL E 30 -7.89 15.98 8.95
CA VAL E 30 -6.51 16.36 8.72
C VAL E 30 -5.69 15.09 8.73
N ASN E 31 -5.10 14.77 7.58
CA ASN E 31 -4.22 13.61 7.42
C ASN E 31 -4.88 12.33 7.92
N GLY E 32 -6.11 12.13 7.50
CA GLY E 32 -6.86 10.95 7.86
C GLY E 32 -7.35 10.92 9.28
N GLU E 33 -7.14 12.00 10.03
CA GLU E 33 -7.55 12.10 11.42
CA GLU E 33 -7.56 12.10 11.42
C GLU E 33 -8.56 13.23 11.58
N TRP E 34 -9.45 13.10 12.56
CA TRP E 34 -10.38 14.16 12.93
C TRP E 34 -9.77 14.93 14.09
N LYS E 35 -9.61 16.23 13.91
CA LYS E 35 -8.79 17.05 14.79
C LYS E 35 -9.56 18.26 15.25
N LEU E 36 -9.66 18.44 16.56
CA LEU E 36 -10.07 19.69 17.14
C LEU E 36 -8.90 20.68 17.10
N SER E 37 -9.20 21.93 17.45
CA SER E 37 -8.19 22.96 17.67
C SER E 37 -8.33 23.46 19.10
N GLU E 38 -7.38 24.29 19.53
CA GLU E 38 -7.49 24.91 20.84
C GLU E 38 -8.79 25.70 20.97
N ASN E 39 -9.04 26.61 20.04
CA ASN E 39 -10.23 27.44 20.04
C ASN E 39 -11.23 26.90 19.02
N GLU E 40 -12.49 27.32 19.18
CA GLU E 40 -13.56 26.89 18.30
C GLU E 40 -14.48 28.08 18.03
N ILE E 41 -15.37 27.89 17.05
CA ILE E 41 -16.33 28.90 16.61
C ILE E 41 -17.72 28.29 16.68
N THR E 42 -18.59 28.85 17.51
CA THR E 42 -19.95 28.33 17.63
C THR E 42 -20.78 28.85 16.47
N ILE E 43 -21.61 27.97 15.91
CA ILE E 43 -22.42 28.28 14.74
CA ILE E 43 -22.41 28.28 14.74
C ILE E 43 -23.87 28.22 15.16
N TYR E 44 -24.66 29.20 14.71
CA TYR E 44 -26.08 29.30 15.02
C TYR E 44 -26.91 29.30 13.74
N ALA E 45 -28.12 28.79 13.85
CA ALA E 45 -29.02 28.77 12.70
C ALA E 45 -29.50 30.18 12.42
N PRO E 46 -29.32 30.70 11.19
CA PRO E 46 -29.72 32.09 10.93
C PRO E 46 -31.21 32.34 11.07
N ALA E 47 -32.05 31.33 10.96
CA ALA E 47 -33.49 31.52 11.03
C ALA E 47 -34.01 31.53 12.45
N THR E 48 -33.39 30.76 13.35
CA THR E 48 -33.90 30.57 14.70
C THR E 48 -32.95 30.98 15.80
N GLY E 49 -31.68 31.21 15.49
CA GLY E 49 -30.67 31.39 16.52
C GLY E 49 -30.28 30.13 17.26
N GLU E 50 -30.83 28.99 16.87
CA GLU E 50 -30.48 27.72 17.49
C GLU E 50 -28.99 27.44 17.33
N GLU E 51 -28.34 27.07 18.44
CA GLU E 51 -26.95 26.65 18.38
C GLU E 51 -26.86 25.29 17.71
N LEU E 52 -26.04 25.19 16.67
CA LEU E 52 -25.93 23.96 15.89
C LEU E 52 -24.67 23.16 16.20
N GLY E 53 -23.69 23.76 16.84
CA GLY E 53 -22.43 23.12 17.12
C GLY E 53 -21.31 24.10 16.95
N SER E 54 -20.09 23.58 16.90
CA SER E 54 -18.92 24.44 16.76
C SER E 54 -17.95 23.78 15.80
N VAL E 55 -17.05 24.59 15.25
CA VAL E 55 -16.01 24.13 14.35
C VAL E 55 -14.68 24.69 14.81
N PRO E 56 -13.55 24.04 14.53
CA PRO E 56 -12.27 24.54 15.05
C PRO E 56 -11.90 25.88 14.47
N ALA E 57 -11.18 26.67 15.27
CA ALA E 57 -10.60 27.94 14.81
C ALA E 57 -9.10 27.68 14.60
N MET E 58 -8.75 27.26 13.40
CA MET E 58 -7.39 26.79 13.18
C MET E 58 -6.42 27.96 13.21
N THR E 59 -5.20 27.67 13.66
CA THR E 59 -4.09 28.62 13.60
C THR E 59 -3.37 28.47 12.26
N GLN E 60 -2.50 29.44 11.95
CA GLN E 60 -1.73 29.34 10.73
C GLN E 60 -0.82 28.12 10.76
N ALA E 61 -0.27 27.79 11.94
CA ALA E 61 0.56 26.60 12.04
C ALA E 61 -0.23 25.35 11.70
N GLU E 62 -1.50 25.31 12.06
CA GLU E 62 -2.32 24.14 11.78
C GLU E 62 -2.60 24.05 10.28
N VAL E 63 -2.78 25.18 9.62
CA VAL E 63 -2.87 25.18 8.16
C VAL E 63 -1.61 24.59 7.54
N ASP E 64 -0.44 24.98 8.06
CA ASP E 64 0.81 24.41 7.56
C ASP E 64 0.80 22.89 7.64
N ALA E 65 0.31 22.34 8.75
CA ALA E 65 0.27 20.90 8.91
C ALA E 65 -0.67 20.26 7.90
N VAL E 66 -1.84 20.85 7.72
CA VAL E 66 -2.78 20.37 6.70
C VAL E 66 -2.09 20.32 5.34
N TYR E 67 -1.47 21.44 4.94
CA TYR E 67 -0.85 21.51 3.62
C TYR E 67 0.30 20.54 3.51
N ALA E 68 1.11 20.43 4.55
CA ALA E 68 2.21 19.48 4.51
C ALA E 68 1.69 18.06 4.34
N SER E 69 0.63 17.71 5.07
CA SER E 69 0.05 16.38 4.95
C SER E 69 -0.43 16.13 3.53
N ALA E 70 -1.06 17.14 2.91
CA ALA E 70 -1.60 16.99 1.57
C ALA E 70 -0.48 16.77 0.57
N LYS E 71 0.55 17.64 0.60
CA LYS E 71 1.65 17.48 -0.34
C LYS E 71 2.37 16.14 -0.14
N LYS E 72 2.39 15.64 1.10
CA LYS E 72 2.98 14.33 1.34
C LYS E 72 2.16 13.24 0.67
N ALA E 73 0.83 13.32 0.75
CA ALA E 73 -0.02 12.30 0.18
C ALA E 73 -0.09 12.38 -1.34
N LEU E 74 0.33 13.49 -1.94
CA LEU E 74 0.12 13.69 -3.38
C LEU E 74 0.78 12.57 -4.19
N SER E 75 2.00 12.18 -3.82
CA SER E 75 2.74 11.25 -4.67
C SER E 75 2.03 9.91 -4.79
N ASP E 76 1.61 9.33 -3.66
CA ASP E 76 0.91 8.06 -3.69
C ASP E 76 -0.51 8.18 -4.22
N TRP E 77 -1.06 9.39 -4.25
CA TRP E 77 -2.41 9.57 -4.78
C TRP E 77 -2.38 9.70 -6.30
N ARG E 78 -1.46 10.50 -6.84
CA ARG E 78 -1.42 10.68 -8.27
C ARG E 78 -0.95 9.44 -9.00
N THR E 79 -0.21 8.57 -8.33
CA THR E 79 0.27 7.33 -8.95
C THR E 79 -0.74 6.21 -8.88
N LEU E 80 -1.84 6.40 -8.14
CA LEU E 80 -2.92 5.43 -8.21
C LEU E 80 -3.49 5.45 -9.62
N SER E 81 -4.24 4.40 -9.95
CA SER E 81 -4.94 4.38 -11.22
C SER E 81 -6.19 5.26 -11.16
N TYR E 82 -6.64 5.71 -12.33
CA TYR E 82 -7.90 6.43 -12.38
C TYR E 82 -9.03 5.63 -11.73
N VAL E 83 -9.10 4.32 -12.00
CA VAL E 83 -10.23 3.54 -11.54
C VAL E 83 -10.25 3.47 -10.02
N GLU E 84 -9.06 3.45 -9.41
CA GLU E 84 -8.99 3.42 -7.95
C GLU E 84 -9.45 4.74 -7.34
N ARG E 85 -9.04 5.87 -7.93
CA ARG E 85 -9.51 7.17 -7.42
C ARG E 85 -11.02 7.32 -7.62
N ALA E 86 -11.52 6.87 -8.79
CA ALA E 86 -12.95 6.91 -9.04
C ALA E 86 -13.71 6.07 -8.02
N ALA E 87 -13.16 4.91 -7.64
CA ALA E 87 -13.85 4.05 -6.69
C ALA E 87 -14.13 4.78 -5.39
N TYR E 88 -13.16 5.56 -4.90
CA TYR E 88 -13.33 6.35 -3.70
C TYR E 88 -14.45 7.38 -3.88
N LEU E 89 -14.45 8.05 -5.05
CA LEU E 89 -15.46 9.07 -5.28
C LEU E 89 -16.86 8.48 -5.31
N HIS E 90 -17.01 7.30 -5.95
CA HIS E 90 -18.32 6.67 -5.99
C HIS E 90 -18.78 6.29 -4.60
N LYS E 91 -17.88 5.75 -3.79
CA LYS E 91 -18.23 5.38 -2.43
C LYS E 91 -18.68 6.58 -1.61
N ALA E 92 -17.94 7.69 -1.71
CA ALA E 92 -18.35 8.91 -1.03
C ALA E 92 -19.73 9.38 -1.47
N ALA E 93 -20.04 9.27 -2.76
CA ALA E 93 -21.35 9.68 -3.26
C ALA E 93 -22.45 8.77 -2.71
N ASP E 94 -22.19 7.46 -2.62
CA ASP E 94 -23.18 6.54 -2.08
C ASP E 94 -23.46 6.85 -0.61
N ILE E 95 -22.42 7.23 0.13
CA ILE E 95 -22.59 7.61 1.52
C ILE E 95 -23.39 8.91 1.64
N LEU E 96 -23.11 9.87 0.76
CA LEU E 96 -23.90 11.10 0.75
C LEU E 96 -25.37 10.81 0.48
N VAL E 97 -25.66 9.97 -0.52
CA VAL E 97 -27.05 9.63 -0.79
C VAL E 97 -27.69 8.97 0.43
N ARG E 98 -26.96 8.06 1.07
CA ARG E 98 -27.47 7.39 2.26
C ARG E 98 -27.83 8.41 3.32
N ASP E 99 -26.96 9.39 3.55
CA ASP E 99 -27.12 10.35 4.64
C ASP E 99 -27.75 11.65 4.17
N ALA E 100 -28.46 11.64 3.04
CA ALA E 100 -28.97 12.89 2.47
C ALA E 100 -29.89 13.61 3.46
N GLU E 101 -30.79 12.86 4.09
CA GLU E 101 -31.70 13.48 5.05
C GLU E 101 -30.93 14.03 6.25
N LYS E 102 -30.02 13.22 6.80
CA LYS E 102 -29.25 13.60 7.98
C LYS E 102 -28.44 14.86 7.73
N ILE E 103 -27.77 14.92 6.57
CA ILE E 103 -26.96 16.08 6.25
C ILE E 103 -27.85 17.27 5.88
N GLY E 104 -28.84 17.03 5.04
CA GLY E 104 -29.70 18.13 4.60
C GLY E 104 -30.43 18.79 5.75
N ALA E 105 -30.75 18.02 6.79
CA ALA E 105 -31.44 18.57 7.96
C ALA E 105 -30.58 19.62 8.65
N ILE E 106 -29.27 19.35 8.79
CA ILE E 106 -28.38 20.31 9.43
C ILE E 106 -28.05 21.44 8.46
N LEU E 107 -27.79 21.11 7.20
CA LEU E 107 -27.57 22.15 6.19
C LEU E 107 -28.72 23.14 6.15
N SER E 108 -29.97 22.64 6.20
CA SER E 108 -31.13 23.52 6.22
C SER E 108 -31.03 24.55 7.33
N LYS E 109 -30.67 24.09 8.54
CA LYS E 109 -30.58 24.99 9.67
C LYS E 109 -29.39 25.94 9.52
N GLU E 110 -28.26 25.44 9.02
CA GLU E 110 -27.03 26.24 9.08
C GLU E 110 -27.08 27.45 8.16
N VAL E 111 -27.73 27.34 7.01
CA VAL E 111 -27.78 28.44 6.04
C VAL E 111 -29.21 28.87 5.74
N ALA E 112 -30.16 28.48 6.59
CA ALA E 112 -31.56 28.90 6.48
C ALA E 112 -32.13 28.54 5.11
N LYS E 113 -31.78 27.36 4.62
CA LYS E 113 -32.32 26.83 3.37
C LYS E 113 -33.44 25.84 3.66
N GLY E 114 -34.48 25.88 2.83
CA GLY E 114 -35.60 24.99 2.99
C GLY E 114 -35.16 23.56 3.15
N HIS E 115 -35.84 22.82 4.04
CA HIS E 115 -35.41 21.46 4.36
C HIS E 115 -35.31 20.62 3.09
N LYS E 116 -36.39 20.56 2.31
CA LYS E 116 -36.37 19.74 1.10
C LYS E 116 -35.29 20.22 0.15
N ALA E 117 -35.15 21.53 -0.01
CA ALA E 117 -34.14 22.06 -0.92
C ALA E 117 -32.73 21.69 -0.46
N ALA E 118 -32.52 21.68 0.85
CA ALA E 118 -31.21 21.32 1.39
C ALA E 118 -30.89 19.86 1.11
N VAL E 119 -31.88 18.99 1.29
CA VAL E 119 -31.70 17.58 0.95
C VAL E 119 -31.40 17.43 -0.53
N SER E 120 -32.14 18.16 -1.37
CA SER E 120 -31.89 18.09 -2.81
C SER E 120 -30.47 18.52 -3.13
N GLU E 121 -29.94 19.50 -2.39
CA GLU E 121 -28.56 19.92 -2.63
C GLU E 121 -27.58 18.77 -2.41
N VAL E 122 -27.80 17.97 -1.36
CA VAL E 122 -26.91 16.85 -1.10
C VAL E 122 -27.03 15.80 -2.21
N ILE E 123 -28.26 15.48 -2.59
CA ILE E 123 -28.47 14.52 -3.67
C ILE E 123 -27.76 14.97 -4.95
N ARG E 124 -27.93 16.23 -5.32
CA ARG E 124 -27.26 16.76 -6.49
C ARG E 124 -25.75 16.70 -6.35
N THR E 125 -25.22 16.88 -5.13
CA THR E 125 -23.78 16.79 -4.93
C THR E 125 -23.29 15.38 -5.23
N ALA E 126 -24.04 14.37 -4.80
CA ALA E 126 -23.68 12.99 -5.12
C ALA E 126 -23.66 12.76 -6.64
N GLU E 127 -24.65 13.31 -7.35
CA GLU E 127 -24.68 13.19 -8.81
C GLU E 127 -23.44 13.81 -9.44
N ILE E 128 -23.06 15.00 -8.95
CA ILE E 128 -21.85 15.66 -9.46
C ILE E 128 -20.62 14.83 -9.18
N ILE E 129 -20.51 14.26 -7.96
CA ILE E 129 -19.34 13.48 -7.60
C ILE E 129 -19.24 12.24 -8.49
N ASN E 130 -20.34 11.50 -8.62
CA ASN E 130 -20.32 10.30 -9.48
C ASN E 130 -19.96 10.66 -10.91
N TYR E 131 -20.58 11.72 -11.44
CA TYR E 131 -20.31 12.11 -12.83
C TYR E 131 -18.87 12.55 -13.03
N ALA E 132 -18.31 13.24 -12.04
CA ALA E 132 -16.92 13.66 -12.15
C ALA E 132 -15.99 12.46 -12.13
N ALA E 133 -16.28 11.47 -11.29
CA ALA E 133 -15.45 10.26 -11.24
C ALA E 133 -15.40 9.56 -12.60
N GLU E 134 -16.56 9.40 -13.24
CA GLU E 134 -16.60 8.69 -14.52
C GLU E 134 -16.09 9.56 -15.66
N GLU E 135 -16.31 10.87 -15.60
CA GLU E 135 -15.76 11.76 -16.61
C GLU E 135 -14.24 11.77 -16.53
N GLY E 136 -13.70 11.84 -15.31
CA GLY E 136 -12.27 12.00 -15.16
C GLY E 136 -11.49 10.75 -15.43
N LEU E 137 -12.08 9.59 -15.21
CA LEU E 137 -11.32 8.35 -15.34
C LEU E 137 -11.05 7.97 -16.78
N ARG E 138 -11.83 8.48 -17.73
CA ARG E 138 -11.58 8.30 -19.14
C ARG E 138 -10.79 9.45 -19.73
N MET E 139 -10.05 10.17 -18.88
CA MET E 139 -9.13 11.22 -19.34
C MET E 139 -8.19 10.65 -20.39
N GLU E 140 -8.02 11.41 -21.47
CA GLU E 140 -7.16 10.99 -22.57
C GLU E 140 -6.07 12.03 -22.83
N GLY E 141 -4.95 11.55 -23.35
CA GLY E 141 -3.90 12.42 -23.84
C GLY E 141 -3.95 12.54 -25.35
N GLU E 142 -2.94 13.19 -25.90
CA GLU E 142 -2.87 13.41 -27.33
C GLU E 142 -1.46 13.14 -27.82
N VAL E 143 -1.37 12.73 -29.09
CA VAL E 143 -0.09 12.52 -29.76
C VAL E 143 -0.07 13.49 -30.92
N LEU E 144 0.91 14.39 -30.92
CA LEU E 144 1.10 15.38 -31.95
C LEU E 144 2.28 15.00 -32.84
N GLU E 145 2.12 15.28 -34.12
CA GLU E 145 3.09 14.88 -35.13
C GLU E 145 3.96 16.08 -35.47
N GLY E 146 5.28 15.90 -35.32
CA GLY E 146 6.21 16.93 -35.73
C GLY E 146 6.06 17.26 -37.20
N GLY E 147 5.67 16.28 -38.01
CA GLY E 147 5.48 16.51 -39.44
C GLY E 147 4.28 17.33 -39.80
N SER E 148 3.40 17.60 -38.84
CA SER E 148 2.31 18.55 -39.07
C SER E 148 2.86 19.97 -39.26
N PHE E 149 4.05 20.26 -38.77
CA PHE E 149 4.60 21.61 -38.77
C PHE E 149 5.81 21.77 -39.66
N GLU E 150 6.76 20.82 -39.64
CA GLU E 150 7.93 20.89 -40.50
C GLU E 150 8.35 19.49 -40.91
N ALA E 151 8.72 19.35 -42.19
CA ALA E 151 9.03 18.02 -42.72
C ALA E 151 10.20 17.38 -42.01
N ALA E 152 11.18 18.21 -41.60
CA ALA E 152 12.38 17.67 -40.96
C ALA E 152 12.10 17.03 -39.63
N SER E 153 10.94 17.29 -39.03
CA SER E 153 10.58 16.76 -37.71
C SER E 153 9.53 15.66 -37.82
N LYS E 154 9.38 15.06 -38.99
CA LYS E 154 8.31 14.09 -39.18
C LYS E 154 8.45 12.86 -38.28
N LYS E 155 9.67 12.56 -37.84
CA LYS E 155 9.89 11.45 -36.91
C LYS E 155 9.76 11.85 -35.45
N LYS E 156 9.53 13.13 -35.17
CA LYS E 156 9.41 13.60 -33.80
C LYS E 156 7.92 13.65 -33.44
N ILE E 157 7.58 13.02 -32.31
CA ILE E 157 6.22 13.01 -31.82
C ILE E 157 6.22 13.44 -30.35
N ALA E 158 5.12 14.08 -29.95
CA ALA E 158 4.92 14.52 -28.58
C ALA E 158 3.77 13.72 -28.01
N ILE E 159 4.05 13.02 -26.91
CA ILE E 159 3.05 12.28 -26.16
C ILE E 159 2.62 13.15 -24.99
N VAL E 160 1.43 13.73 -25.11
CA VAL E 160 0.95 14.73 -24.18
C VAL E 160 -0.09 14.09 -23.27
N ARG E 161 0.26 13.95 -22.00
CA ARG E 161 -0.62 13.30 -21.02
C ARG E 161 -1.02 14.31 -19.95
N ARG E 162 -2.18 14.08 -19.35
CA ARG E 162 -2.69 14.97 -18.32
C ARG E 162 -2.12 14.58 -16.96
N GLU E 163 -1.84 15.60 -16.15
CA GLU E 163 -1.34 15.43 -14.80
C GLU E 163 -2.07 16.38 -13.88
N PRO E 164 -2.15 16.05 -12.60
CA PRO E 164 -2.74 16.99 -11.65
C PRO E 164 -1.89 18.25 -11.51
N VAL E 165 -2.56 19.33 -11.10
CA VAL E 165 -1.82 20.55 -10.78
C VAL E 165 -1.11 20.42 -9.43
N GLY E 166 -1.68 19.71 -8.49
CA GLY E 166 -1.04 19.49 -7.21
C GLY E 166 -2.01 19.58 -6.07
N LEU E 167 -1.84 20.60 -5.22
CA LEU E 167 -2.74 20.83 -4.11
C LEU E 167 -3.76 21.86 -4.56
N VAL E 168 -5.03 21.49 -4.51
CA VAL E 168 -6.12 22.39 -4.83
C VAL E 168 -6.72 22.88 -3.51
N LEU E 169 -6.77 24.20 -3.36
CA LEU E 169 -7.51 24.83 -2.27
C LEU E 169 -8.91 25.12 -2.77
N ALA E 170 -9.90 24.49 -2.14
CA ALA E 170 -11.30 24.63 -2.51
C ALA E 170 -11.99 25.46 -1.44
N ILE E 171 -12.60 26.57 -1.85
CA ILE E 171 -13.31 27.47 -0.94
C ILE E 171 -14.76 27.47 -1.38
N SER E 172 -15.63 26.88 -0.58
CA SER E 172 -17.04 26.77 -0.89
C SER E 172 -17.79 28.00 -0.39
N PRO E 173 -19.01 28.22 -0.90
CA PRO E 173 -19.79 29.39 -0.47
C PRO E 173 -20.90 29.02 0.48
N PHE E 174 -21.43 30.01 1.21
CA PHE E 174 -22.44 29.70 2.21
C PHE E 174 -23.71 29.15 1.60
N ASN E 175 -24.06 29.60 0.37
CA ASN E 175 -25.38 29.30 -0.18
C ASN E 175 -25.46 27.88 -0.76
N TYR E 176 -24.32 27.30 -1.11
CA TYR E 176 -24.26 25.89 -1.54
C TYR E 176 -23.04 25.27 -0.88
N PRO E 177 -23.08 25.08 0.44
CA PRO E 177 -21.88 24.66 1.17
C PRO E 177 -21.52 23.20 0.95
N VAL E 178 -22.43 22.38 0.41
CA VAL E 178 -22.12 21.02 0.02
C VAL E 178 -21.96 20.91 -1.48
N ASN E 179 -22.92 21.42 -2.25
CA ASN E 179 -22.88 21.31 -3.71
C ASN E 179 -21.64 21.99 -4.29
N LEU E 180 -21.36 23.22 -3.87
CA LEU E 180 -20.23 23.96 -4.42
C LEU E 180 -18.95 23.76 -3.61
N ALA E 181 -18.96 22.76 -2.72
CA ALA E 181 -17.75 22.13 -2.23
C ALA E 181 -17.44 20.89 -3.05
N GLY E 182 -18.40 20.00 -3.19
CA GLY E 182 -18.19 18.80 -3.97
C GLY E 182 -17.93 19.08 -5.44
N SER E 183 -18.48 20.18 -5.96
CA SER E 183 -18.23 20.54 -7.35
C SER E 183 -16.76 20.84 -7.60
N LYS E 184 -16.01 21.16 -6.56
CA LYS E 184 -14.58 21.38 -6.63
C LYS E 184 -13.79 20.14 -6.25
N ILE E 185 -14.20 19.48 -5.17
CA ILE E 185 -13.43 18.37 -4.63
C ILE E 185 -13.37 17.23 -5.64
N ALA E 186 -14.53 16.77 -6.13
CA ALA E 186 -14.53 15.57 -6.95
C ALA E 186 -13.75 15.74 -8.24
N PRO E 187 -13.99 16.77 -9.05
CA PRO E 187 -13.15 16.95 -10.24
C PRO E 187 -11.67 17.06 -9.92
N ALA E 188 -11.33 17.66 -8.78
CA ALA E 188 -9.92 17.73 -8.39
C ALA E 188 -9.36 16.35 -8.08
N LEU E 189 -10.07 15.58 -7.27
CA LEU E 189 -9.54 14.31 -6.80
C LEU E 189 -9.41 13.31 -7.93
N ILE E 190 -10.40 13.24 -8.83
CA ILE E 190 -10.34 12.22 -9.88
C ILE E 190 -9.07 12.38 -10.70
N ALA E 191 -8.68 13.63 -10.95
CA ALA E 191 -7.49 13.91 -11.76
C ALA E 191 -6.19 13.67 -11.03
N GLY E 192 -6.24 13.29 -9.76
CA GLY E 192 -5.04 13.01 -9.00
C GLY E 192 -4.54 14.15 -8.15
N ASN E 193 -5.28 15.25 -8.06
CA ASN E 193 -4.96 16.32 -7.14
C ASN E 193 -5.31 15.91 -5.71
N VAL E 194 -4.63 16.52 -4.76
CA VAL E 194 -5.03 16.50 -3.36
C VAL E 194 -5.72 17.82 -3.07
N VAL E 195 -6.58 17.83 -2.07
CA VAL E 195 -7.51 18.94 -1.85
C VAL E 195 -7.51 19.32 -0.37
N ALA E 196 -7.62 20.63 -0.11
CA ALA E 196 -7.97 21.17 1.19
C ALA E 196 -9.24 21.98 0.99
N LEU E 197 -10.29 21.65 1.74
CA LEU E 197 -11.54 22.37 1.64
C LEU E 197 -11.59 23.39 2.78
N LYS E 198 -11.76 24.66 2.41
CA LYS E 198 -12.05 25.70 3.39
C LYS E 198 -13.50 26.13 3.20
N PRO E 199 -14.42 25.64 4.01
CA PRO E 199 -15.81 26.11 3.92
C PRO E 199 -15.97 27.44 4.63
N PRO E 200 -17.04 28.18 4.34
CA PRO E 200 -17.30 29.41 5.07
C PRO E 200 -17.70 29.03 6.48
N THR E 201 -17.40 29.92 7.43
CA THR E 201 -17.77 29.65 8.83
C THR E 201 -19.26 29.35 8.95
N GLN E 202 -20.11 30.15 8.29
CA GLN E 202 -21.53 29.83 8.17
C GLN E 202 -21.63 28.87 6.99
N GLY E 203 -21.56 27.58 7.27
CA GLY E 203 -21.48 26.56 6.25
C GLY E 203 -20.40 25.55 6.53
N SER E 204 -19.62 25.77 7.60
CA SER E 204 -18.53 24.86 7.92
C SER E 204 -19.04 23.53 8.44
N ILE E 205 -20.14 23.52 9.18
CA ILE E 205 -20.72 22.26 9.63
C ILE E 205 -21.11 21.40 8.45
N SER E 206 -21.80 22.00 7.48
CA SER E 206 -22.19 21.28 6.27
C SER E 206 -20.95 20.81 5.51
N GLY E 207 -19.93 21.66 5.39
CA GLY E 207 -18.70 21.26 4.73
C GLY E 207 -18.00 20.11 5.44
N LEU E 208 -17.96 20.16 6.77
CA LEU E 208 -17.38 19.02 7.50
C LEU E 208 -18.28 17.79 7.43
N LEU E 209 -19.60 18.00 7.32
CA LEU E 209 -20.48 16.86 7.14
C LEU E 209 -20.22 16.19 5.80
N LEU E 210 -19.96 16.99 4.76
CA LEU E 210 -19.55 16.43 3.47
C LEU E 210 -18.21 15.70 3.60
N ALA E 211 -17.28 16.27 4.37
CA ALA E 211 -15.99 15.62 4.52
C ALA E 211 -16.12 14.26 5.17
N GLU E 212 -17.16 14.08 6.00
CA GLU E 212 -17.33 12.80 6.67
C GLU E 212 -17.56 11.67 5.68
N ALA E 213 -18.27 11.98 4.58
CA ALA E 213 -18.55 10.97 3.57
C ALA E 213 -17.27 10.55 2.86
N PHE E 214 -16.39 11.50 2.57
CA PHE E 214 -15.13 11.13 1.93
C PHE E 214 -14.24 10.36 2.87
N ALA E 215 -14.22 10.74 4.16
CA ALA E 215 -13.46 9.97 5.14
C ALA E 215 -13.96 8.53 5.21
N GLU E 216 -15.27 8.34 5.37
CA GLU E 216 -15.82 6.99 5.49
C GLU E 216 -15.61 6.21 4.21
N ALA E 217 -15.60 6.88 3.06
CA ALA E 217 -15.33 6.20 1.80
C ALA E 217 -13.91 5.65 1.72
N GLY E 218 -13.05 6.04 2.64
CA GLY E 218 -11.70 5.53 2.68
C GLY E 218 -10.65 6.38 2.01
N ILE E 219 -10.96 7.63 1.67
CA ILE E 219 -10.01 8.50 0.98
C ILE E 219 -8.71 8.48 1.77
N PRO E 220 -7.56 8.24 1.11
CA PRO E 220 -6.32 8.08 1.86
C PRO E 220 -5.97 9.33 2.66
N ALA E 221 -5.27 9.11 3.78
CA ALA E 221 -4.88 10.20 4.66
C ALA E 221 -4.13 11.28 3.90
N GLY E 222 -4.60 12.52 4.03
CA GLY E 222 -3.95 13.65 3.44
C GLY E 222 -4.44 14.01 2.04
N VAL E 223 -5.11 13.08 1.36
CA VAL E 223 -5.58 13.34 0.02
C VAL E 223 -6.67 14.39 0.04
N PHE E 224 -7.55 14.33 1.03
CA PHE E 224 -8.59 15.33 1.24
C PHE E 224 -8.55 15.76 2.70
N ASN E 225 -8.59 17.08 2.93
CA ASN E 225 -8.54 17.66 4.27
C ASN E 225 -9.48 18.84 4.31
N THR E 226 -9.78 19.32 5.53
CA THR E 226 -10.62 20.49 5.71
C THR E 226 -9.90 21.49 6.60
N ILE E 227 -10.20 22.77 6.39
CA ILE E 227 -9.65 23.85 7.18
C ILE E 227 -10.81 24.75 7.60
N THR E 228 -10.91 25.02 8.90
CA THR E 228 -11.89 25.97 9.40
C THR E 228 -11.17 26.98 10.30
N GLY E 229 -11.68 28.20 10.32
CA GLY E 229 -11.06 29.22 11.15
C GLY E 229 -11.57 30.60 10.78
N ARG E 230 -11.04 31.60 11.49
CA ARG E 230 -11.44 32.98 11.32
C ARG E 230 -10.64 33.64 10.20
N GLY E 231 -11.34 34.40 9.36
CA GLY E 231 -10.70 35.00 8.21
C GLY E 231 -9.59 35.97 8.59
N SER E 232 -9.76 36.69 9.69
CA SER E 232 -8.73 37.62 10.14
C SER E 232 -7.47 36.88 10.57
N VAL E 233 -7.56 35.58 10.83
CA VAL E 233 -6.44 34.78 11.30
C VAL E 233 -5.80 33.99 10.17
N ILE E 234 -6.62 33.32 9.35
CA ILE E 234 -6.12 32.44 8.31
C ILE E 234 -6.62 32.81 6.92
N GLY E 235 -7.50 33.80 6.80
CA GLY E 235 -8.12 34.16 5.53
C GLY E 235 -7.14 34.30 4.38
N ASP E 236 -6.25 35.28 4.47
CA ASP E 236 -5.24 35.46 3.43
C ASP E 236 -4.22 34.34 3.47
N TYR E 237 -3.90 33.84 4.67
CA TYR E 237 -2.81 32.87 4.80
C TYR E 237 -3.04 31.62 3.95
N ILE E 238 -4.25 31.04 4.03
CA ILE E 238 -4.52 29.81 3.31
C ILE E 238 -4.30 29.99 1.81
N VAL E 239 -4.51 31.19 1.30
CA VAL E 239 -4.43 31.43 -0.14
C VAL E 239 -3.00 31.69 -0.59
N GLU E 240 -2.25 32.50 0.14
CA GLU E 240 -0.90 32.84 -0.31
C GLU E 240 0.12 31.77 0.02
N HIS E 241 -0.25 30.73 0.75
CA HIS E 241 0.68 29.66 1.07
C HIS E 241 1.19 28.99 -0.19
N GLU E 242 2.52 28.85 -0.28
CA GLU E 242 3.12 28.33 -1.51
C GLU E 242 2.86 26.84 -1.73
N ALA E 243 2.36 26.13 -0.72
CA ALA E 243 1.98 24.73 -0.94
C ALA E 243 0.79 24.63 -1.89
N VAL E 244 -0.09 25.63 -1.89
CA VAL E 244 -1.27 25.63 -2.75
C VAL E 244 -0.84 25.81 -4.20
N ASN E 245 -1.34 24.95 -5.08
CA ASN E 245 -1.03 25.02 -6.49
C ASN E 245 -2.19 25.51 -7.33
N PHE E 246 -3.39 25.60 -6.76
CA PHE E 246 -4.58 25.98 -7.49
C PHE E 246 -5.62 26.41 -6.46
N ILE E 247 -6.30 27.51 -6.77
CA ILE E 247 -7.34 28.04 -5.90
C ILE E 247 -8.66 28.02 -6.65
N ASN E 248 -9.67 27.39 -6.06
CA ASN E 248 -10.98 27.19 -6.66
C ASN E 248 -11.99 27.76 -5.67
N PHE E 249 -12.55 28.92 -6.00
CA PHE E 249 -13.30 29.74 -5.06
C PHE E 249 -14.66 30.10 -5.61
N THR E 250 -15.66 30.01 -4.75
CA THR E 250 -17.00 30.53 -5.02
C THR E 250 -17.37 31.49 -3.90
N GLY E 251 -17.86 32.66 -4.26
CA GLY E 251 -18.18 33.65 -3.25
C GLY E 251 -18.45 34.99 -3.89
N SER E 252 -18.44 36.03 -3.08
CA SER E 252 -18.79 37.36 -3.57
C SER E 252 -17.68 37.91 -4.46
N THR E 253 -18.07 38.85 -5.33
CA THR E 253 -17.10 39.46 -6.23
C THR E 253 -15.97 40.18 -5.49
N PRO E 254 -16.24 41.07 -4.54
CA PRO E 254 -15.11 41.70 -3.82
C PRO E 254 -14.15 40.70 -3.18
N ILE E 255 -14.67 39.63 -2.58
CA ILE E 255 -13.78 38.66 -1.97
C ILE E 255 -12.99 37.92 -3.06
N GLY E 256 -13.66 37.54 -4.15
CA GLY E 256 -12.96 36.88 -5.23
C GLY E 256 -11.85 37.72 -5.83
N GLU E 257 -12.09 39.02 -5.97
CA GLU E 257 -11.04 39.89 -6.50
C GLU E 257 -9.85 39.94 -5.55
N GLY E 258 -10.10 39.90 -4.25
CA GLY E 258 -9.01 39.82 -3.30
C GLY E 258 -8.19 38.55 -3.46
N ILE E 259 -8.84 37.45 -3.84
CA ILE E 259 -8.13 36.19 -3.97
C ILE E 259 -7.26 36.19 -5.22
N GLY E 260 -7.75 36.79 -6.31
CA GLY E 260 -6.95 36.83 -7.53
C GLY E 260 -5.61 37.51 -7.32
N LYS E 261 -5.59 38.56 -6.51
CA LYS E 261 -4.34 39.25 -6.22
C LYS E 261 -3.42 38.40 -5.35
N LEU E 262 -3.98 37.68 -4.39
CA LEU E 262 -3.18 36.80 -3.55
C LEU E 262 -2.70 35.56 -4.29
N ALA E 263 -3.30 35.24 -5.43
CA ALA E 263 -2.96 34.01 -6.12
C ALA E 263 -1.61 34.11 -6.82
N GLY E 264 -1.25 35.29 -7.32
CA GLY E 264 -0.02 35.42 -8.07
C GLY E 264 -0.17 34.82 -9.45
N MET E 265 0.77 33.95 -9.82
CA MET E 265 0.72 33.27 -11.09
C MET E 265 0.00 31.94 -11.03
N ARG E 266 -0.34 31.46 -9.84
CA ARG E 266 -1.00 30.17 -9.72
C ARG E 266 -2.40 30.23 -10.30
N PRO E 267 -2.83 29.19 -11.01
CA PRO E 267 -4.14 29.24 -11.65
C PRO E 267 -5.26 29.31 -10.61
N ILE E 268 -6.32 30.02 -10.98
CA ILE E 268 -7.47 30.15 -10.10
C ILE E 268 -8.74 29.86 -10.89
N MET E 269 -9.81 29.60 -10.15
CA MET E 269 -11.16 29.62 -10.69
C MET E 269 -12.01 30.43 -9.72
N LEU E 270 -12.75 31.39 -10.26
CA LEU E 270 -13.59 32.28 -9.47
C LEU E 270 -15.00 32.18 -9.99
N GLU E 271 -15.92 31.85 -9.09
CA GLU E 271 -17.35 31.86 -9.36
C GLU E 271 -17.90 32.95 -8.45
N LEU E 272 -18.22 34.11 -9.04
CA LEU E 272 -18.54 35.29 -8.28
C LEU E 272 -20.00 35.66 -8.46
N GLY E 273 -20.33 36.93 -8.24
CA GLY E 273 -21.70 37.37 -8.28
C GLY E 273 -22.24 37.46 -9.69
N GLY E 274 -23.53 37.76 -9.76
CA GLY E 274 -24.21 37.93 -11.03
C GLY E 274 -25.36 38.90 -10.89
N LYS E 275 -25.76 39.46 -12.03
CA LYS E 275 -26.94 40.30 -12.15
C LYS E 275 -27.63 39.90 -13.46
N ASP E 276 -27.95 38.60 -13.58
CA ASP E 276 -28.46 38.05 -14.83
C ASP E 276 -29.70 38.82 -15.29
N SER E 277 -29.71 39.19 -16.57
CA SER E 277 -30.88 39.84 -17.16
C SER E 277 -31.78 38.80 -17.80
N ALA E 278 -33.09 39.02 -17.72
CA ALA E 278 -34.08 38.26 -18.47
C ALA E 278 -34.67 39.23 -19.49
N ILE E 279 -34.27 39.09 -20.74
CA ILE E 279 -34.74 39.94 -21.82
C ILE E 279 -36.04 39.34 -22.36
N VAL E 280 -37.11 40.11 -22.34
CA VAL E 280 -38.43 39.61 -22.72
C VAL E 280 -38.90 40.43 -23.92
N LEU E 281 -38.98 39.80 -25.08
CA LEU E 281 -39.35 40.47 -26.31
C LEU E 281 -40.88 40.44 -26.50
N GLU E 282 -41.34 41.13 -27.54
CA GLU E 282 -42.77 41.33 -27.72
C GLU E 282 -43.48 40.03 -28.07
N ASP E 283 -42.78 39.10 -28.73
CA ASP E 283 -43.37 37.83 -29.12
C ASP E 283 -43.19 36.74 -28.09
N ALA E 284 -42.78 37.10 -26.88
CA ALA E 284 -42.47 36.10 -25.87
C ALA E 284 -43.74 35.48 -25.30
N ASP E 285 -43.60 34.23 -24.83
CA ASP E 285 -44.60 33.57 -24.01
C ASP E 285 -44.57 34.22 -22.62
N LEU E 286 -45.38 35.26 -22.42
CA LEU E 286 -45.25 36.06 -21.20
C LEU E 286 -45.52 35.23 -19.95
N ALA E 287 -46.43 34.27 -20.03
CA ALA E 287 -46.72 33.43 -18.86
C ALA E 287 -45.54 32.54 -18.53
N LEU E 288 -44.95 31.91 -19.54
CA LEU E 288 -43.75 31.10 -19.33
C LEU E 288 -42.59 31.98 -18.85
N ALA E 289 -42.46 33.18 -19.39
CA ALA E 289 -41.41 34.08 -18.94
C ALA E 289 -41.59 34.44 -17.46
N ALA E 290 -42.82 34.77 -17.06
CA ALA E 290 -43.07 35.11 -15.66
C ALA E 290 -42.80 33.94 -14.74
N LYS E 291 -43.23 32.73 -15.13
CA LYS E 291 -42.95 31.54 -14.33
C LYS E 291 -41.46 31.34 -14.16
N ASN E 292 -40.70 31.39 -15.25
CA ASN E 292 -39.26 31.18 -15.18
C ASN E 292 -38.57 32.30 -14.41
N ILE E 293 -38.99 33.54 -14.62
CA ILE E 293 -38.36 34.68 -13.96
C ILE E 293 -38.56 34.58 -12.45
N VAL E 294 -39.76 34.20 -12.01
CA VAL E 294 -40.04 34.16 -10.58
C VAL E 294 -39.28 33.02 -9.93
N ALA E 295 -39.30 31.85 -10.56
CA ALA E 295 -38.57 30.71 -9.99
C ALA E 295 -37.08 31.01 -9.91
N GLY E 296 -36.53 31.61 -10.97
CA GLY E 296 -35.10 31.88 -10.99
C GLY E 296 -34.71 33.01 -10.06
N ALA E 297 -35.56 34.04 -9.96
CA ALA E 297 -35.18 35.24 -9.21
C ALA E 297 -35.29 35.02 -7.71
N PHE E 298 -36.27 34.25 -7.25
CA PHE E 298 -36.58 34.16 -5.83
C PHE E 298 -36.19 32.83 -5.22
N GLY E 299 -35.63 31.91 -5.98
CA GLY E 299 -35.09 30.69 -5.41
C GLY E 299 -34.10 30.99 -4.30
N TYR E 300 -34.26 30.35 -3.15
CA TYR E 300 -33.38 30.57 -2.01
C TYR E 300 -33.32 32.05 -1.64
N SER E 301 -34.47 32.71 -1.76
CA SER E 301 -34.62 34.12 -1.37
C SER E 301 -33.72 35.03 -2.18
N GLY E 302 -33.36 34.59 -3.38
CA GLY E 302 -32.48 35.37 -4.25
C GLY E 302 -31.01 35.29 -3.93
N GLN E 303 -30.62 34.41 -3.02
CA GLN E 303 -29.21 34.27 -2.64
C GLN E 303 -28.52 33.26 -3.55
N ARG E 304 -28.46 33.61 -4.84
CA ARG E 304 -27.83 32.75 -5.83
C ARG E 304 -27.16 33.63 -6.87
N SER E 305 -25.95 33.24 -7.27
CA SER E 305 -25.24 33.98 -8.31
C SER E 305 -25.99 33.90 -9.63
N THR E 306 -26.40 32.69 -10.01
CA THR E 306 -27.19 32.45 -11.21
C THR E 306 -28.66 32.58 -10.82
N ALA E 307 -29.29 33.68 -11.24
CA ALA E 307 -30.65 33.97 -10.86
C ALA E 307 -31.06 35.24 -11.60
N VAL E 308 -32.24 35.24 -12.21
CA VAL E 308 -32.73 36.46 -12.84
C VAL E 308 -32.74 37.54 -11.77
N LYS E 309 -31.92 38.58 -11.97
CA LYS E 309 -31.86 39.71 -11.06
C LYS E 309 -32.33 41.02 -11.67
N ARG E 310 -32.75 41.00 -12.94
CA ARG E 310 -33.33 42.18 -13.56
C ARG E 310 -34.06 41.76 -14.83
N VAL E 311 -35.27 42.25 -15.04
CA VAL E 311 -36.04 41.96 -16.24
C VAL E 311 -35.93 43.17 -17.15
N LEU E 312 -35.46 42.95 -18.38
CA LEU E 312 -35.41 43.96 -19.42
C LEU E 312 -36.49 43.58 -20.41
N VAL E 313 -37.61 44.31 -20.39
CA VAL E 313 -38.82 43.93 -21.11
C VAL E 313 -39.23 45.04 -22.06
N MET E 314 -39.65 44.65 -23.26
CA MET E 314 -40.13 45.62 -24.24
C MET E 314 -41.40 46.29 -23.73
N ASP E 315 -41.53 47.60 -23.98
CA ASP E 315 -42.64 48.37 -23.44
C ASP E 315 -43.98 47.70 -23.67
N LYS E 316 -44.23 47.27 -24.91
CA LYS E 316 -45.57 46.83 -25.29
C LYS E 316 -46.07 45.69 -24.42
N VAL E 317 -45.17 44.83 -23.94
CA VAL E 317 -45.55 43.67 -23.14
C VAL E 317 -45.22 43.83 -21.66
N ALA E 318 -44.76 45.02 -21.25
CA ALA E 318 -44.28 45.19 -19.89
C ALA E 318 -45.41 45.14 -18.87
N ASP E 319 -46.53 45.80 -19.17
CA ASP E 319 -47.64 45.78 -18.22
C ASP E 319 -48.14 44.36 -17.97
N GLN E 320 -48.38 43.61 -19.06
CA GLN E 320 -48.92 42.26 -18.90
C GLN E 320 -47.92 41.34 -18.20
N LEU E 321 -46.65 41.43 -18.57
CA LEU E 321 -45.64 40.59 -17.93
C LEU E 321 -45.56 40.91 -16.44
N ALA E 322 -45.56 42.21 -16.10
CA ALA E 322 -45.45 42.60 -14.70
C ALA E 322 -46.62 42.05 -13.89
N ALA E 323 -47.83 42.08 -14.45
CA ALA E 323 -48.96 41.50 -13.76
C ALA E 323 -48.79 40.00 -13.58
N GLU E 324 -48.30 39.31 -14.61
CA GLU E 324 -48.04 37.88 -14.49
C GLU E 324 -46.99 37.62 -13.41
N ILE E 325 -45.91 38.39 -13.41
CA ILE E 325 -44.88 38.19 -12.40
C ILE E 325 -45.44 38.51 -11.03
N LYS E 326 -46.20 39.60 -10.93
CA LYS E 326 -46.75 40.02 -9.64
C LYS E 326 -47.59 38.92 -9.01
N THR E 327 -48.49 38.32 -9.78
CA THR E 327 -49.38 37.32 -9.19
C THR E 327 -48.60 36.11 -8.69
N LEU E 328 -47.48 35.78 -9.33
CA LEU E 328 -46.68 34.64 -8.87
C LEU E 328 -45.87 34.97 -7.63
N VAL E 329 -45.32 36.19 -7.55
CA VAL E 329 -44.56 36.58 -6.37
C VAL E 329 -45.47 36.58 -5.14
N GLU E 330 -46.73 37.00 -5.31
CA GLU E 330 -47.67 37.00 -4.20
C GLU E 330 -47.93 35.60 -3.66
N LYS E 331 -47.85 34.58 -4.52
CA LYS E 331 -48.10 33.21 -4.11
C LYS E 331 -46.91 32.55 -3.41
N LEU E 332 -45.74 33.18 -3.43
CA LEU E 332 -44.58 32.60 -2.77
C LEU E 332 -44.79 32.60 -1.26
N SER E 333 -44.44 31.48 -0.62
CA SER E 333 -44.50 31.37 0.82
C SER E 333 -43.30 32.08 1.45
N VAL E 334 -43.52 32.60 2.65
CA VAL E 334 -42.51 33.39 3.36
C VAL E 334 -42.48 32.86 4.78
N GLY E 335 -41.39 32.20 5.16
CA GLY E 335 -41.32 31.63 6.49
C GLY E 335 -40.05 30.87 6.77
N MET E 336 -40.16 29.80 7.56
CA MET E 336 -38.99 29.15 8.15
C MET E 336 -38.51 27.99 7.27
N PRO E 337 -37.20 27.75 7.28
CA PRO E 337 -36.66 26.65 6.48
C PRO E 337 -37.34 25.31 6.74
N GLU E 338 -37.58 24.97 8.00
CA GLU E 338 -38.21 23.69 8.32
C GLU E 338 -39.59 23.57 7.70
N ASP E 339 -40.22 24.69 7.35
CA ASP E 339 -41.53 24.67 6.71
C ASP E 339 -41.44 24.70 5.18
N ASP E 340 -40.23 24.59 4.62
CA ASP E 340 -40.04 24.54 3.18
C ASP E 340 -40.61 25.76 2.48
N ALA E 341 -40.55 26.92 3.14
CA ALA E 341 -41.03 28.14 2.53
C ALA E 341 -40.15 28.53 1.34
N ASP E 342 -40.78 29.14 0.34
CA ASP E 342 -40.05 29.64 -0.82
C ASP E 342 -39.02 30.68 -0.39
N ILE E 343 -39.43 31.65 0.43
CA ILE E 343 -38.59 32.73 0.91
C ILE E 343 -38.29 32.44 2.38
N THR E 344 -37.01 32.24 2.68
CA THR E 344 -36.54 32.01 4.03
C THR E 344 -35.72 33.19 4.51
N PRO E 345 -35.42 33.26 5.81
CA PRO E 345 -34.57 34.35 6.31
C PRO E 345 -33.23 34.38 5.58
N LEU E 346 -32.73 35.59 5.35
CA LEU E 346 -31.43 35.76 4.71
C LEU E 346 -30.31 35.29 5.65
N ILE E 347 -29.11 35.18 5.08
CA ILE E 347 -28.03 34.48 5.79
C ILE E 347 -27.61 35.22 7.05
N ASP E 348 -27.69 36.55 7.06
CA ASP E 348 -27.32 37.32 8.24
C ASP E 348 -27.93 38.70 8.14
N THR E 349 -27.77 39.46 9.23
CA THR E 349 -28.38 40.78 9.31
C THR E 349 -27.75 41.74 8.31
N SER E 350 -26.44 41.64 8.12
CA SER E 350 -25.78 42.47 7.11
C SER E 350 -26.48 42.31 5.77
N ALA E 351 -26.72 41.06 5.35
CA ALA E 351 -27.36 40.83 4.06
C ALA E 351 -28.73 41.48 3.98
N ALA E 352 -29.53 41.33 5.04
CA ALA E 352 -30.87 41.91 5.03
C ALA E 352 -30.81 43.44 5.07
N ASP E 353 -29.91 44.00 5.89
CA ASP E 353 -29.75 45.45 5.89
C ASP E 353 -29.44 45.96 4.49
N PHE E 354 -28.55 45.26 3.77
CA PHE E 354 -28.17 45.68 2.43
C PHE E 354 -29.35 45.60 1.47
N VAL E 355 -30.09 44.48 1.49
CA VAL E 355 -31.27 44.34 0.65
C VAL E 355 -32.28 45.44 0.96
N GLU E 356 -32.56 45.67 2.24
CA GLU E 356 -33.51 46.72 2.60
C GLU E 356 -33.07 48.08 2.09
N GLY E 357 -31.76 48.35 2.07
CA GLY E 357 -31.27 49.61 1.53
C GLY E 357 -31.51 49.75 0.05
N LEU E 358 -31.35 48.66 -0.70
CA LEU E 358 -31.67 48.68 -2.12
C LEU E 358 -33.15 48.90 -2.35
N ILE E 359 -33.99 48.23 -1.55
CA ILE E 359 -35.44 48.42 -1.66
C ILE E 359 -35.80 49.88 -1.41
N LYS E 360 -35.26 50.45 -0.32
CA LYS E 360 -35.57 51.84 0.00
C LYS E 360 -35.06 52.81 -1.06
N ASP E 361 -33.92 52.52 -1.67
CA ASP E 361 -33.39 53.40 -2.71
C ASP E 361 -34.26 53.38 -3.96
N ALA E 362 -34.79 52.20 -4.31
CA ALA E 362 -35.71 52.13 -5.44
C ALA E 362 -37.01 52.86 -5.14
N THR E 363 -37.56 52.68 -3.94
CA THR E 363 -38.79 53.36 -3.56
C THR E 363 -38.58 54.88 -3.58
N ASP E 364 -37.48 55.33 -3.00
CA ASP E 364 -37.24 56.78 -2.90
C ASP E 364 -37.13 57.41 -4.28
N LYS E 365 -36.74 56.64 -5.28
CA LYS E 365 -36.48 57.17 -6.62
C LYS E 365 -37.65 56.99 -7.56
N GLY E 366 -38.79 56.52 -7.07
CA GLY E 366 -40.00 56.47 -7.86
C GLY E 366 -40.37 55.14 -8.44
N ALA E 367 -39.74 54.06 -8.01
CA ALA E 367 -40.09 52.74 -8.52
C ALA E 367 -41.41 52.29 -7.90
N THR E 368 -42.17 51.52 -8.66
CA THR E 368 -43.47 51.03 -8.23
C THR E 368 -43.30 49.67 -7.56
N ALA E 369 -43.63 49.60 -6.28
CA ALA E 369 -43.57 48.35 -5.54
C ALA E 369 -44.82 47.55 -5.86
N LEU E 370 -44.68 46.49 -6.66
CA LEU E 370 -45.84 45.67 -7.00
C LEU E 370 -46.19 44.64 -5.92
N THR E 371 -45.25 44.31 -5.04
CA THR E 371 -45.53 43.50 -3.86
C THR E 371 -44.99 44.22 -2.64
N ALA E 372 -45.59 43.93 -1.49
CA ALA E 372 -45.34 44.71 -0.30
C ALA E 372 -44.03 44.29 0.37
N PHE E 373 -43.25 45.29 0.77
CA PHE E 373 -42.05 45.04 1.56
C PHE E 373 -42.42 44.82 3.02
N ASN E 374 -41.75 43.86 3.64
CA ASN E 374 -41.94 43.57 5.06
C ASN E 374 -40.68 42.84 5.54
N ARG E 375 -40.26 43.14 6.76
CA ARG E 375 -39.09 42.49 7.34
C ARG E 375 -39.40 42.08 8.77
N GLU E 376 -39.14 40.81 9.08
CA GLU E 376 -39.31 40.24 10.42
C GLU E 376 -37.98 39.57 10.72
N GLY E 377 -37.18 40.17 11.59
CA GLY E 377 -35.82 39.75 11.77
C GLY E 377 -35.02 39.94 10.51
N ASN E 378 -34.52 38.86 9.94
CA ASN E 378 -33.86 38.91 8.64
C ASN E 378 -34.70 38.28 7.54
N LEU E 379 -35.99 38.05 7.81
CA LEU E 379 -36.90 37.46 6.82
C LEU E 379 -37.55 38.60 6.07
N ILE E 380 -37.05 38.89 4.87
CA ILE E 380 -37.60 39.92 4.02
C ILE E 380 -38.61 39.29 3.07
N SER E 381 -39.78 39.89 2.96
CA SER E 381 -40.78 39.41 2.03
C SER E 381 -40.37 39.76 0.61
N PRO E 382 -40.77 38.96 -0.38
CA PRO E 382 -40.32 39.19 -1.76
C PRO E 382 -40.91 40.46 -2.34
N VAL E 383 -40.04 41.35 -2.83
CA VAL E 383 -40.44 42.66 -3.33
C VAL E 383 -40.22 42.68 -4.84
N LEU E 384 -41.28 42.91 -5.59
CA LEU E 384 -41.22 43.08 -7.03
C LEU E 384 -41.38 44.56 -7.35
N PHE E 385 -40.41 45.13 -8.05
CA PHE E 385 -40.44 46.53 -8.42
C PHE E 385 -40.65 46.64 -9.92
N ASP E 386 -41.48 47.60 -10.33
CA ASP E 386 -41.66 47.95 -11.73
C ASP E 386 -41.21 49.39 -11.92
N HIS E 387 -41.03 49.76 -13.18
CA HIS E 387 -40.60 51.12 -13.55
C HIS E 387 -39.26 51.47 -12.89
N VAL E 388 -38.35 50.51 -12.84
CA VAL E 388 -37.01 50.76 -12.34
C VAL E 388 -36.19 51.40 -13.45
N THR E 389 -35.34 52.36 -13.08
CA THR E 389 -34.51 53.08 -14.01
C THR E 389 -33.04 52.86 -13.65
N THR E 390 -32.16 53.17 -14.62
CA THR E 390 -30.74 52.95 -14.44
C THR E 390 -30.10 53.88 -13.42
N ASP E 391 -30.85 54.86 -12.90
CA ASP E 391 -30.35 55.71 -11.83
C ASP E 391 -30.50 55.07 -10.46
N MET E 392 -31.26 53.97 -10.36
CA MET E 392 -31.48 53.28 -9.10
C MET E 392 -30.41 52.21 -8.89
N ARG E 393 -30.03 52.00 -7.64
CA ARG E 393 -29.02 51.01 -7.33
C ARG E 393 -29.50 49.60 -7.66
N LEU E 394 -30.81 49.34 -7.53
CA LEU E 394 -31.35 48.01 -7.78
C LEU E 394 -31.16 47.57 -9.23
N ALA E 395 -30.98 48.53 -10.15
CA ALA E 395 -30.78 48.15 -11.54
C ALA E 395 -29.44 47.48 -11.77
N TRP E 396 -28.50 47.60 -10.84
CA TRP E 396 -27.14 47.11 -11.08
C TRP E 396 -26.59 46.24 -9.96
N GLU E 397 -26.79 46.64 -8.70
CA GLU E 397 -26.13 45.96 -7.60
C GLU E 397 -26.77 44.62 -7.29
N GLU E 398 -25.97 43.60 -7.09
CA GLU E 398 -26.48 42.29 -6.77
C GLU E 398 -27.03 42.30 -5.35
N PRO E 399 -28.34 42.08 -5.15
CA PRO E 399 -28.88 42.14 -3.78
C PRO E 399 -28.50 40.96 -2.93
N PHE E 400 -28.50 39.76 -3.51
CA PHE E 400 -28.48 38.52 -2.74
C PHE E 400 -29.63 38.51 -1.74
N GLY E 401 -30.80 38.94 -2.20
CA GLY E 401 -32.01 38.91 -1.42
C GLY E 401 -33.21 38.93 -2.34
N PRO E 402 -34.42 38.75 -1.76
CA PRO E 402 -35.63 38.58 -2.59
C PRO E 402 -36.22 39.89 -3.10
N VAL E 403 -35.50 40.52 -4.02
CA VAL E 403 -35.96 41.76 -4.65
C VAL E 403 -35.61 41.69 -6.13
N LEU E 404 -36.56 42.07 -6.98
CA LEU E 404 -36.41 41.93 -8.42
C LEU E 404 -36.92 43.18 -9.10
N PRO E 405 -36.08 43.86 -9.87
CA PRO E 405 -36.55 45.02 -10.63
C PRO E 405 -36.96 44.67 -12.05
N ILE E 406 -37.95 45.39 -12.54
CA ILE E 406 -38.38 45.32 -13.93
C ILE E 406 -37.98 46.62 -14.59
N ILE E 407 -37.20 46.53 -15.66
CA ILE E 407 -36.71 47.69 -16.39
C ILE E 407 -37.30 47.62 -17.79
N ARG E 408 -38.10 48.62 -18.16
CA ARG E 408 -38.76 48.65 -19.45
C ARG E 408 -37.82 49.27 -20.49
N VAL E 409 -37.72 48.62 -21.64
CA VAL E 409 -36.90 49.09 -22.73
C VAL E 409 -37.79 49.29 -23.96
N THR E 410 -37.27 50.03 -24.93
CA THR E 410 -38.02 50.33 -26.15
C THR E 410 -37.56 49.50 -27.34
N THR E 411 -36.33 48.99 -27.31
CA THR E 411 -35.77 48.25 -28.42
C THR E 411 -34.87 47.14 -27.87
N VAL E 412 -34.62 46.13 -28.71
CA VAL E 412 -33.71 45.07 -28.31
C VAL E 412 -32.30 45.61 -28.21
N GLU E 413 -31.94 46.60 -29.02
CA GLU E 413 -30.62 47.20 -28.90
C GLU E 413 -30.43 47.87 -27.55
N GLU E 414 -31.50 48.43 -26.98
CA GLU E 414 -31.40 49.03 -25.67
C GLU E 414 -31.22 47.96 -24.60
N ALA E 415 -31.97 46.86 -24.71
CA ALA E 415 -31.85 45.79 -23.73
C ALA E 415 -30.43 45.22 -23.72
N ILE E 416 -29.86 45.02 -24.91
CA ILE E 416 -28.48 44.51 -24.99
C ILE E 416 -27.53 45.46 -24.27
N LYS E 417 -27.64 46.76 -24.56
CA LYS E 417 -26.71 47.71 -23.99
C LYS E 417 -26.84 47.76 -22.47
N ILE E 418 -28.06 47.87 -21.96
CA ILE E 418 -28.28 47.88 -20.51
C ILE E 418 -27.76 46.58 -19.90
N SER E 419 -28.01 45.46 -20.56
CA SER E 419 -27.52 44.18 -20.04
C SER E 419 -26.01 44.17 -19.96
N ASN E 420 -25.34 44.64 -21.01
CA ASN E 420 -23.87 44.61 -21.06
C ASN E 420 -23.22 45.72 -20.26
N GLU E 421 -23.96 46.78 -19.91
CA GLU E 421 -23.37 47.83 -19.08
C GLU E 421 -23.06 47.32 -17.66
N SER E 422 -23.72 46.25 -17.22
CA SER E 422 -23.43 45.70 -15.90
C SER E 422 -21.99 45.22 -15.83
N GLU E 423 -21.40 45.31 -14.63
CA GLU E 423 -20.06 44.77 -14.42
C GLU E 423 -20.09 43.25 -14.34
N TYR E 424 -21.26 42.65 -14.11
CA TYR E 424 -21.40 41.21 -14.10
C TYR E 424 -21.75 40.68 -15.48
N GLY E 425 -21.46 39.41 -15.69
CA GLY E 425 -21.72 38.77 -16.98
C GLY E 425 -21.80 37.28 -16.82
N LEU E 426 -22.67 36.81 -15.92
CA LEU E 426 -22.77 35.37 -15.64
C LEU E 426 -23.64 34.68 -16.68
N GLN E 427 -24.95 34.91 -16.63
CA GLN E 427 -25.89 34.33 -17.58
C GLN E 427 -26.94 35.36 -17.94
N ALA E 428 -27.72 35.02 -18.96
CA ALA E 428 -28.84 35.84 -19.39
C ALA E 428 -29.93 34.90 -19.89
N SER E 429 -31.17 35.36 -19.82
CA SER E 429 -32.30 34.66 -20.41
C SER E 429 -32.89 35.56 -21.50
N ILE E 430 -33.29 34.94 -22.61
CA ILE E 430 -34.00 35.62 -23.69
C ILE E 430 -35.32 34.89 -23.89
N PHE E 431 -36.43 35.60 -23.78
CA PHE E 431 -37.77 35.03 -23.99
C PHE E 431 -38.30 35.61 -25.29
N THR E 432 -38.49 34.74 -26.29
CA THR E 432 -38.90 35.12 -27.62
C THR E 432 -39.16 33.85 -28.42
N THR E 433 -39.91 34.00 -29.52
CA THR E 433 -40.21 32.88 -30.40
C THR E 433 -39.33 32.86 -31.64
N ASN E 434 -38.50 33.88 -31.84
CA ASN E 434 -37.63 33.97 -33.01
C ASN E 434 -36.22 33.58 -32.56
N PHE E 435 -35.90 32.28 -32.74
CA PHE E 435 -34.65 31.74 -32.25
C PHE E 435 -33.43 32.21 -33.03
N PRO E 436 -33.51 32.31 -34.36
CA PRO E 436 -32.39 32.91 -35.10
C PRO E 436 -32.03 34.29 -34.57
N LYS E 437 -33.04 35.14 -34.32
CA LYS E 437 -32.75 36.45 -33.72
C LYS E 437 -32.21 36.28 -32.30
N ALA E 438 -32.76 35.35 -31.53
CA ALA E 438 -32.29 35.15 -30.16
C ALA E 438 -30.82 34.73 -30.13
N PHE E 439 -30.42 33.84 -31.04
CA PHE E 439 -29.01 33.47 -31.16
C PHE E 439 -28.16 34.68 -31.49
N GLY E 440 -28.64 35.55 -32.39
CA GLY E 440 -27.91 36.77 -32.69
C GLY E 440 -27.77 37.68 -31.48
N ILE E 441 -28.82 37.78 -30.67
CA ILE E 441 -28.73 38.54 -29.44
C ILE E 441 -27.73 37.89 -28.49
N ALA E 442 -27.78 36.56 -28.38
CA ALA E 442 -26.90 35.86 -27.46
C ALA E 442 -25.43 36.15 -27.78
N GLU E 443 -25.08 36.18 -29.06
CA GLU E 443 -23.70 36.47 -29.44
C GLU E 443 -23.23 37.80 -28.90
N GLN E 444 -24.12 38.78 -28.78
CA GLN E 444 -23.74 40.11 -28.33
C GLN E 444 -23.75 40.27 -26.81
N LEU E 445 -24.38 39.35 -26.09
CA LEU E 445 -24.46 39.48 -24.64
C LEU E 445 -23.18 39.01 -23.98
N GLU E 446 -22.61 39.84 -23.10
CA GLU E 446 -21.34 39.56 -22.44
C GLU E 446 -21.58 38.70 -21.20
N VAL E 447 -21.94 37.44 -21.47
CA VAL E 447 -22.26 36.47 -20.42
C VAL E 447 -21.66 35.13 -20.82
N GLY E 448 -21.62 34.21 -19.86
CA GLY E 448 -21.15 32.88 -20.14
C GLY E 448 -22.16 32.00 -20.84
N THR E 449 -23.41 32.06 -20.38
CA THR E 449 -24.46 31.19 -20.88
C THR E 449 -25.72 32.00 -21.10
N VAL E 450 -26.39 31.78 -22.22
CA VAL E 450 -27.68 32.38 -22.54
C VAL E 450 -28.70 31.26 -22.63
N HIS E 451 -29.76 31.34 -21.84
CA HIS E 451 -30.86 30.38 -21.84
C HIS E 451 -32.04 30.95 -22.61
N LEU E 452 -32.53 30.21 -23.59
CA LEU E 452 -33.61 30.64 -24.44
C LEU E 452 -34.91 30.10 -23.87
N ASN E 453 -35.85 31.00 -23.55
CA ASN E 453 -37.16 30.62 -23.04
C ASN E 453 -37.05 29.80 -21.76
N ASN E 454 -36.05 30.10 -20.94
CA ASN E 454 -35.88 29.45 -19.65
C ASN E 454 -35.11 30.39 -18.75
N LYS E 455 -35.35 30.28 -17.44
CA LYS E 455 -34.56 31.01 -16.47
C LYS E 455 -33.09 30.60 -16.57
N THR E 456 -32.20 31.46 -16.07
CA THR E 456 -30.80 31.12 -16.02
C THR E 456 -30.61 30.05 -14.94
N GLN E 457 -29.56 29.25 -15.12
CA GLN E 457 -29.32 28.13 -14.21
C GLN E 457 -27.94 27.55 -14.48
N ARG E 458 -27.34 27.01 -13.43
CA ARG E 458 -26.03 26.39 -13.57
C ARG E 458 -26.12 25.05 -14.30
N GLY E 459 -27.25 24.35 -14.14
CA GLY E 459 -27.37 23.01 -14.67
C GLY E 459 -27.67 22.98 -16.16
N THR E 460 -27.65 21.76 -16.69
CA THR E 460 -27.20 20.55 -16.01
C THR E 460 -25.69 20.63 -15.84
N ASP E 461 -25.18 19.96 -14.80
CA ASP E 461 -23.81 20.16 -14.35
C ASP E 461 -22.75 19.69 -15.34
N ASN E 462 -23.13 19.02 -16.42
CA ASN E 462 -22.18 18.73 -17.48
C ASN E 462 -21.95 19.91 -18.40
N PHE E 463 -22.87 20.87 -18.43
CA PHE E 463 -22.74 22.00 -19.32
C PHE E 463 -21.67 22.95 -18.73
N PRO E 464 -21.00 23.74 -19.56
CA PRO E 464 -20.06 24.73 -19.03
C PRO E 464 -20.76 25.74 -18.14
N PHE E 465 -20.07 26.15 -17.07
CA PHE E 465 -20.58 27.19 -16.18
C PHE E 465 -19.48 28.23 -16.00
N LEU E 466 -19.72 29.45 -16.48
CA LEU E 466 -18.70 30.48 -16.48
C LEU E 466 -19.38 31.84 -16.50
N GLY E 467 -18.68 32.83 -15.99
CA GLY E 467 -19.14 34.20 -16.03
C GLY E 467 -18.06 35.12 -16.57
N ALA E 468 -18.50 36.09 -17.35
CA ALA E 468 -17.60 37.09 -17.90
C ALA E 468 -17.47 38.29 -16.95
N LYS E 469 -16.45 39.10 -17.20
CA LYS E 469 -16.26 40.36 -16.46
C LYS E 469 -16.17 40.03 -14.97
N LYS E 470 -16.88 40.74 -14.10
CA LYS E 470 -16.70 40.55 -12.67
C LYS E 470 -17.38 39.31 -12.13
N SER E 471 -18.00 38.49 -12.98
CA SER E 471 -18.71 37.30 -12.52
C SER E 471 -17.79 36.11 -12.31
N GLY E 472 -16.53 36.18 -12.74
CA GLY E 472 -15.57 35.18 -12.33
C GLY E 472 -14.50 34.98 -13.38
N ALA E 473 -13.86 33.82 -13.27
CA ALA E 473 -12.73 33.45 -14.11
C ALA E 473 -12.65 31.95 -14.14
N GLY E 474 -12.41 31.40 -15.32
CA GLY E 474 -12.35 29.96 -15.51
C GLY E 474 -13.70 29.41 -15.91
N VAL E 475 -13.69 28.16 -16.38
CA VAL E 475 -14.89 27.48 -16.85
C VAL E 475 -15.11 26.25 -15.98
N GLN E 476 -16.30 26.16 -15.39
CA GLN E 476 -16.70 25.03 -14.59
C GLN E 476 -17.77 24.24 -15.35
N GLY E 477 -18.54 23.44 -14.62
CA GLY E 477 -19.18 22.29 -15.22
C GLY E 477 -18.17 21.16 -15.14
N VAL E 478 -18.63 19.91 -15.10
CA VAL E 478 -17.78 18.81 -14.64
C VAL E 478 -16.53 18.69 -15.48
N LYS E 479 -16.67 18.40 -16.77
CA LYS E 479 -15.46 18.15 -17.57
C LYS E 479 -14.56 19.38 -17.63
N TYR E 480 -15.16 20.58 -17.63
CA TYR E 480 -14.37 21.80 -17.66
C TYR E 480 -13.61 22.00 -16.36
N SER E 481 -14.23 21.64 -15.24
CA SER E 481 -13.55 21.69 -13.95
C SER E 481 -12.35 20.78 -13.94
N ILE E 482 -12.51 19.54 -14.42
CA ILE E 482 -11.39 18.60 -14.46
C ILE E 482 -10.27 19.14 -15.34
N GLU E 483 -10.63 19.67 -16.51
CA GLU E 483 -9.62 20.22 -17.40
CA GLU E 483 -9.64 20.24 -17.41
C GLU E 483 -8.88 21.39 -16.76
N ALA E 484 -9.58 22.20 -15.96
CA ALA E 484 -8.94 23.36 -15.36
C ALA E 484 -7.95 22.97 -14.28
N MET E 485 -8.25 21.91 -13.54
CA MET E 485 -7.41 21.46 -12.43
C MET E 485 -6.45 20.35 -12.85
N THR E 486 -6.12 20.29 -14.14
CA THR E 486 -5.05 19.45 -14.62
C THR E 486 -4.14 20.30 -15.51
N THR E 487 -2.91 19.84 -15.63
CA THR E 487 -1.97 20.38 -16.59
C THR E 487 -1.61 19.27 -17.56
N VAL E 488 -0.62 19.54 -18.41
CA VAL E 488 -0.16 18.54 -19.36
C VAL E 488 1.33 18.35 -19.16
N LYS E 489 1.79 17.14 -19.45
CA LYS E 489 3.20 16.79 -19.49
C LYS E 489 3.48 16.21 -20.86
N SER E 490 4.33 16.89 -21.62
CA SER E 490 4.64 16.50 -22.98
C SER E 490 5.98 15.75 -22.98
N VAL E 491 5.98 14.52 -23.49
CA VAL E 491 7.22 13.76 -23.65
C VAL E 491 7.47 13.66 -25.14
N VAL E 492 8.58 14.22 -25.60
CA VAL E 492 8.91 14.31 -27.00
C VAL E 492 10.11 13.41 -27.28
N PHE E 493 10.01 12.61 -28.34
CA PHE E 493 11.13 11.77 -28.74
C PHE E 493 11.08 11.55 -30.24
N ASP E 494 12.20 11.10 -30.78
CA ASP E 494 12.31 10.86 -32.21
C ASP E 494 12.22 9.36 -32.47
N ILE E 495 11.34 8.99 -33.40
CA ILE E 495 11.19 7.61 -33.81
C ILE E 495 12.37 7.23 -34.70
N GLN E 496 12.90 6.03 -34.51
CA GLN E 496 14.06 5.57 -35.23
C GLN E 496 13.65 4.39 -36.09
N ALA F 23 19.26 54.20 -40.32
CA ALA F 23 18.78 54.70 -39.04
C ALA F 23 17.54 55.58 -39.24
N LYS F 24 16.37 54.95 -39.15
CA LYS F 24 15.09 55.58 -39.41
C LYS F 24 14.44 55.99 -38.08
N GLN F 25 13.55 56.97 -38.18
CA GLN F 25 12.67 57.35 -37.08
C GLN F 25 11.40 56.53 -37.22
N TYR F 26 11.29 55.45 -36.46
CA TYR F 26 10.17 54.54 -36.61
C TYR F 26 8.92 55.06 -35.91
N LYS F 27 7.76 54.53 -36.29
CA LYS F 27 6.48 54.99 -35.79
C LYS F 27 5.63 53.79 -35.37
N ASN F 28 4.76 54.03 -34.41
CA ASN F 28 3.82 52.99 -33.99
C ASN F 28 2.63 52.92 -34.94
N LEU F 29 2.05 51.74 -35.04
CA LEU F 29 0.83 51.54 -35.81
C LEU F 29 -0.34 51.72 -34.83
N VAL F 30 -1.13 52.77 -35.05
CA VAL F 30 -2.24 53.12 -34.17
C VAL F 30 -3.45 53.40 -35.05
N ASN F 31 -4.49 52.58 -34.91
CA ASN F 31 -5.74 52.79 -35.64
C ASN F 31 -5.50 52.90 -37.15
N GLY F 32 -4.62 52.04 -37.66
CA GLY F 32 -4.27 52.05 -39.06
C GLY F 32 -3.39 53.20 -39.48
N GLU F 33 -2.94 54.02 -38.54
N GLU F 33 -2.93 54.03 -38.55
CA GLU F 33 -2.07 55.16 -38.83
CA GLU F 33 -2.07 55.16 -38.84
C GLU F 33 -0.70 54.91 -38.21
C GLU F 33 -0.70 54.94 -38.20
N TRP F 34 0.33 55.50 -38.83
CA TRP F 34 1.69 55.44 -38.34
C TRP F 34 1.95 56.77 -37.62
N LYS F 35 2.15 56.70 -36.31
CA LYS F 35 2.19 57.87 -35.46
C LYS F 35 3.51 57.95 -34.69
N LEU F 36 4.04 59.16 -34.60
CA LEU F 36 5.17 59.45 -33.73
C LEU F 36 4.66 59.90 -32.37
N SER F 37 5.58 60.10 -31.44
CA SER F 37 5.29 60.69 -30.14
C SER F 37 6.16 61.92 -29.95
N GLU F 38 5.88 62.68 -28.89
CA GLU F 38 6.69 63.87 -28.59
CA GLU F 38 6.69 63.87 -28.59
C GLU F 38 8.15 63.48 -28.38
N ASN F 39 8.39 62.49 -27.52
CA ASN F 39 9.72 61.97 -27.23
C ASN F 39 9.92 60.64 -27.93
N GLU F 40 11.19 60.29 -28.11
CA GLU F 40 11.56 59.04 -28.77
C GLU F 40 12.73 58.42 -28.04
N ILE F 41 12.98 57.14 -28.34
CA ILE F 41 14.05 56.35 -27.74
C ILE F 41 14.96 55.92 -28.88
N THR F 42 16.23 56.34 -28.82
CA THR F 42 17.22 55.91 -29.78
C THR F 42 17.69 54.50 -29.41
N ILE F 43 17.80 53.65 -30.42
CA ILE F 43 18.19 52.25 -30.23
C ILE F 43 19.53 52.01 -30.89
N TYR F 44 20.41 51.30 -30.20
CA TYR F 44 21.74 51.00 -30.68
C TYR F 44 21.96 49.49 -30.70
N ALA F 45 22.77 49.03 -31.64
CA ALA F 45 23.14 47.62 -31.72
C ALA F 45 24.01 47.26 -30.53
N PRO F 46 23.64 46.26 -29.74
CA PRO F 46 24.45 45.95 -28.55
C PRO F 46 25.87 45.51 -28.86
N ALA F 47 26.09 44.89 -30.02
CA ALA F 47 27.40 44.34 -30.32
C ALA F 47 28.37 45.38 -30.86
N THR F 48 27.85 46.49 -31.38
CA THR F 48 28.69 47.48 -32.04
C THR F 48 28.42 48.93 -31.62
N GLY F 49 27.32 49.20 -30.96
CA GLY F 49 26.95 50.58 -30.65
C GLY F 49 26.39 51.36 -31.80
N GLU F 50 26.30 50.77 -32.98
CA GLU F 50 25.76 51.45 -34.14
C GLU F 50 24.33 51.91 -33.86
N GLU F 51 24.02 53.14 -34.25
CA GLU F 51 22.68 53.67 -34.09
C GLU F 51 21.77 53.08 -35.16
N LEU F 52 20.67 52.48 -34.74
CA LEU F 52 19.76 51.79 -35.63
C LEU F 52 18.52 52.60 -35.93
N GLY F 53 18.24 53.64 -35.15
CA GLY F 53 17.07 54.46 -35.31
C GLY F 53 16.42 54.73 -33.97
N SER F 54 15.22 55.30 -34.02
CA SER F 54 14.48 55.62 -32.81
C SER F 54 13.08 55.03 -32.91
N VAL F 55 12.46 54.84 -31.75
CA VAL F 55 11.07 54.41 -31.66
C VAL F 55 10.33 55.41 -30.78
N PRO F 56 9.01 55.51 -30.93
CA PRO F 56 8.25 56.47 -30.12
C PRO F 56 8.28 56.12 -28.64
N ALA F 57 8.33 57.17 -27.81
CA ALA F 57 8.24 57.03 -26.36
C ALA F 57 6.82 57.49 -26.00
N MET F 58 5.88 56.55 -25.98
CA MET F 58 4.48 56.90 -25.86
C MET F 58 4.14 57.38 -24.45
N THR F 59 3.09 58.19 -24.38
CA THR F 59 2.52 58.66 -23.13
C THR F 59 1.32 57.81 -22.75
N GLN F 60 0.93 57.90 -21.47
CA GLN F 60 -0.22 57.14 -21.01
C GLN F 60 -1.47 57.49 -21.80
N ALA F 61 -1.60 58.75 -22.22
CA ALA F 61 -2.75 59.13 -23.04
C ALA F 61 -2.67 58.49 -24.43
N GLU F 62 -1.47 58.41 -25.01
CA GLU F 62 -1.33 57.75 -26.30
C GLU F 62 -1.65 56.27 -26.22
N VAL F 63 -1.36 55.63 -25.07
CA VAL F 63 -1.81 54.27 -24.85
C VAL F 63 -3.33 54.19 -24.83
N ASP F 64 -3.98 55.19 -24.21
CA ASP F 64 -5.43 55.20 -24.20
C ASP F 64 -5.99 55.25 -25.62
N ALA F 65 -5.33 56.00 -26.51
CA ALA F 65 -5.81 56.09 -27.88
C ALA F 65 -5.65 54.77 -28.61
N VAL F 66 -4.56 54.04 -28.36
CA VAL F 66 -4.40 52.72 -28.95
C VAL F 66 -5.50 51.77 -28.48
N TYR F 67 -5.74 51.75 -27.17
CA TYR F 67 -6.73 50.82 -26.62
C TYR F 67 -8.14 51.23 -27.02
N ALA F 68 -8.43 52.53 -27.06
CA ALA F 68 -9.74 52.97 -27.51
C ALA F 68 -9.97 52.55 -28.96
N SER F 69 -8.95 52.74 -29.81
CA SER F 69 -9.11 52.37 -31.21
C SER F 69 -9.29 50.86 -31.37
N ALA F 70 -8.63 50.07 -30.52
CA ALA F 70 -8.72 48.61 -30.65
C ALA F 70 -10.11 48.13 -30.24
N LYS F 71 -10.62 48.61 -29.12
CA LYS F 71 -11.95 48.18 -28.68
C LYS F 71 -13.03 48.66 -29.63
N LYS F 72 -12.82 49.77 -30.33
CA LYS F 72 -13.76 50.22 -31.34
C LYS F 72 -13.75 49.30 -32.57
N ALA F 73 -12.59 48.73 -32.91
CA ALA F 73 -12.50 47.85 -34.07
C ALA F 73 -12.91 46.41 -33.76
N LEU F 74 -13.03 46.06 -32.48
CA LEU F 74 -13.28 44.67 -32.10
C LEU F 74 -14.58 44.15 -32.70
N SER F 75 -15.62 44.97 -32.72
CA SER F 75 -16.92 44.48 -33.15
C SER F 75 -16.90 44.10 -34.63
N ASP F 76 -16.36 44.97 -35.48
CA ASP F 76 -16.31 44.64 -36.90
C ASP F 76 -15.33 43.48 -37.16
N TRP F 77 -14.31 43.35 -36.31
CA TRP F 77 -13.31 42.30 -36.52
C TRP F 77 -13.85 40.93 -36.14
N ARG F 78 -14.47 40.83 -34.97
CA ARG F 78 -14.97 39.54 -34.52
C ARG F 78 -16.13 39.03 -35.36
N THR F 79 -16.86 39.91 -36.04
CA THR F 79 -17.99 39.49 -36.86
C THR F 79 -17.57 39.03 -38.26
N LEU F 80 -16.33 39.28 -38.64
CA LEU F 80 -15.84 38.72 -39.88
C LEU F 80 -15.82 37.20 -39.77
N SER F 81 -15.79 36.54 -40.92
CA SER F 81 -15.65 35.09 -40.94
C SER F 81 -14.22 34.71 -40.56
N TYR F 82 -14.06 33.46 -40.11
CA TYR F 82 -12.72 32.95 -39.88
C TYR F 82 -11.90 33.04 -41.16
N VAL F 83 -12.51 32.68 -42.30
CA VAL F 83 -11.80 32.73 -43.58
C VAL F 83 -11.24 34.11 -43.83
N GLU F 84 -12.05 35.15 -43.62
CA GLU F 84 -11.58 36.51 -43.83
C GLU F 84 -10.41 36.87 -42.92
N ARG F 85 -10.49 36.51 -41.65
CA ARG F 85 -9.37 36.83 -40.75
C ARG F 85 -8.12 36.05 -41.11
N ALA F 86 -8.28 34.79 -41.53
CA ALA F 86 -7.12 33.97 -41.88
C ALA F 86 -6.41 34.53 -43.11
N ALA F 87 -7.17 35.09 -44.05
CA ALA F 87 -6.58 35.63 -45.27
C ALA F 87 -5.63 36.78 -44.95
N TYR F 88 -6.02 37.66 -44.01
CA TYR F 88 -5.11 38.71 -43.58
C TYR F 88 -3.83 38.13 -43.02
N LEU F 89 -3.96 37.10 -42.19
CA LEU F 89 -2.78 36.51 -41.56
C LEU F 89 -1.86 35.87 -42.59
N HIS F 90 -2.43 35.16 -43.57
CA HIS F 90 -1.60 34.56 -44.60
C HIS F 90 -0.86 35.62 -45.39
N LYS F 91 -1.55 36.70 -45.76
CA LYS F 91 -0.89 37.78 -46.50
C LYS F 91 0.23 38.42 -45.67
N ALA F 92 -0.01 38.65 -44.38
CA ALA F 92 1.03 39.19 -43.51
C ALA F 92 2.24 38.24 -43.46
N ALA F 93 1.99 36.94 -43.40
CA ALA F 93 3.10 35.99 -43.36
C ALA F 93 3.84 35.97 -44.69
N ASP F 94 3.10 36.09 -45.79
CA ASP F 94 3.75 36.18 -47.11
C ASP F 94 4.69 37.37 -47.17
N ILE F 95 4.25 38.51 -46.67
CA ILE F 95 5.07 39.72 -46.70
C ILE F 95 6.30 39.53 -45.85
N LEU F 96 6.16 38.85 -44.72
CA LEU F 96 7.33 38.59 -43.89
C LEU F 96 8.35 37.72 -44.60
N VAL F 97 7.89 36.67 -45.30
CA VAL F 97 8.82 35.85 -46.06
C VAL F 97 9.56 36.70 -47.08
N ARG F 98 8.80 37.52 -47.82
CA ARG F 98 9.43 38.39 -48.81
C ARG F 98 10.50 39.25 -48.17
N ASP F 99 10.20 39.82 -47.02
CA ASP F 99 11.09 40.77 -46.35
C ASP F 99 11.98 40.11 -45.29
N ALA F 100 12.14 38.79 -45.33
CA ALA F 100 12.86 38.11 -44.26
C ALA F 100 14.30 38.61 -44.15
N GLU F 101 14.98 38.80 -45.29
CA GLU F 101 16.36 39.29 -45.24
C GLU F 101 16.40 40.71 -44.70
N LYS F 102 15.57 41.60 -45.26
CA LYS F 102 15.54 42.98 -44.81
C LYS F 102 15.29 43.06 -43.30
N ILE F 103 14.25 42.36 -42.84
CA ILE F 103 13.92 42.43 -41.42
C ILE F 103 15.00 41.77 -40.58
N GLY F 104 15.42 40.57 -40.99
CA GLY F 104 16.40 39.83 -40.21
C GLY F 104 17.71 40.58 -40.04
N ALA F 105 18.12 41.32 -41.06
CA ALA F 105 19.38 42.05 -40.97
C ALA F 105 19.32 43.06 -39.85
N ILE F 106 18.15 43.66 -39.63
CA ILE F 106 17.99 44.66 -38.58
C ILE F 106 17.82 43.99 -37.22
N LEU F 107 16.97 42.95 -37.17
CA LEU F 107 16.81 42.18 -35.93
C LEU F 107 18.18 41.72 -35.42
N SER F 108 19.04 41.27 -36.33
CA SER F 108 20.36 40.79 -35.92
C SER F 108 21.14 41.87 -35.19
N LYS F 109 21.09 43.10 -35.72
CA LYS F 109 21.81 44.20 -35.09
C LYS F 109 21.15 44.59 -33.77
N GLU F 110 19.81 44.62 -33.76
CA GLU F 110 19.09 45.19 -32.63
C GLU F 110 19.27 44.38 -31.36
N VAL F 111 19.31 43.04 -31.46
CA VAL F 111 19.42 42.17 -30.30
C VAL F 111 20.68 41.31 -30.34
N ALA F 112 21.64 41.66 -31.20
CA ALA F 112 22.93 41.00 -31.26
C ALA F 112 22.77 39.51 -31.47
N LYS F 113 21.84 39.16 -32.35
CA LYS F 113 21.60 37.77 -32.73
C LYS F 113 22.27 37.50 -34.07
N GLY F 114 22.81 36.31 -34.21
CA GLY F 114 23.48 35.94 -35.44
C GLY F 114 22.63 36.25 -36.65
N HIS F 115 23.25 36.75 -37.72
CA HIS F 115 22.49 37.22 -38.86
C HIS F 115 21.61 36.13 -39.42
N LYS F 116 22.19 34.96 -39.70
CA LYS F 116 21.41 33.86 -40.24
C LYS F 116 20.31 33.45 -39.29
N ALA F 117 20.60 33.38 -37.98
CA ALA F 117 19.57 33.03 -37.01
C ALA F 117 18.45 34.08 -36.98
N ALA F 118 18.80 35.35 -37.16
CA ALA F 118 17.79 36.41 -37.18
C ALA F 118 16.83 36.22 -38.35
N VAL F 119 17.39 35.99 -39.55
CA VAL F 119 16.54 35.73 -40.70
C VAL F 119 15.69 34.48 -40.47
N SER F 120 16.28 33.42 -39.89
CA SER F 120 15.51 32.21 -39.59
C SER F 120 14.38 32.52 -38.62
N GLU F 121 14.61 33.43 -37.67
CA GLU F 121 13.52 33.79 -36.75
C GLU F 121 12.34 34.36 -37.51
N VAL F 122 12.62 35.18 -38.53
CA VAL F 122 11.54 35.76 -39.31
C VAL F 122 10.80 34.69 -40.07
N ILE F 123 11.54 33.77 -40.69
CA ILE F 123 10.93 32.68 -41.44
C ILE F 123 10.04 31.84 -40.53
N ARG F 124 10.52 31.56 -39.32
CA ARG F 124 9.73 30.76 -38.38
C ARG F 124 8.48 31.50 -37.95
N THR F 125 8.57 32.82 -37.75
CA THR F 125 7.39 33.61 -37.43
C THR F 125 6.32 33.47 -38.52
N ALA F 126 6.73 33.60 -39.78
CA ALA F 126 5.78 33.42 -40.87
C ALA F 126 5.16 32.04 -40.82
N GLU F 127 5.96 31.00 -40.48
CA GLU F 127 5.40 29.67 -40.37
C GLU F 127 4.35 29.60 -39.28
N ILE F 128 4.62 30.23 -38.13
CA ILE F 128 3.68 30.23 -37.02
C ILE F 128 2.41 31.02 -37.38
N ILE F 129 2.58 32.13 -38.07
CA ILE F 129 1.42 32.91 -38.47
C ILE F 129 0.53 32.10 -39.41
N ASN F 130 1.14 31.44 -40.40
CA ASN F 130 0.35 30.63 -41.34
C ASN F 130 -0.34 29.48 -40.61
N TYR F 131 0.37 28.84 -39.69
CA TYR F 131 -0.20 27.69 -38.99
C TYR F 131 -1.31 28.12 -38.06
N ALA F 132 -1.14 29.25 -37.38
CA ALA F 132 -2.20 29.75 -36.52
C ALA F 132 -3.45 30.09 -37.31
N ALA F 133 -3.28 30.70 -38.49
CA ALA F 133 -4.45 31.08 -39.29
C ALA F 133 -5.26 29.84 -39.65
N GLU F 134 -4.58 28.76 -40.06
CA GLU F 134 -5.29 27.56 -40.50
C GLU F 134 -5.77 26.74 -39.31
N GLU F 135 -5.06 26.75 -38.20
CA GLU F 135 -5.54 26.08 -37.00
C GLU F 135 -6.80 26.76 -36.49
N GLY F 136 -6.77 28.09 -36.39
CA GLY F 136 -7.86 28.80 -35.76
C GLY F 136 -9.14 28.81 -36.57
N LEU F 137 -9.03 28.70 -37.89
CA LEU F 137 -10.21 28.90 -38.74
C LEU F 137 -11.13 27.68 -38.75
N ARG F 138 -10.62 26.50 -38.40
CA ARG F 138 -11.42 25.29 -38.28
C ARG F 138 -11.74 24.98 -36.84
N MET F 139 -11.61 25.97 -35.96
CA MET F 139 -12.04 25.84 -34.58
C MET F 139 -13.53 25.48 -34.54
N GLU F 140 -13.87 24.63 -33.59
CA GLU F 140 -15.23 24.13 -33.50
C GLU F 140 -15.82 24.32 -32.11
N GLY F 141 -17.16 24.28 -32.07
CA GLY F 141 -17.90 24.24 -30.83
C GLY F 141 -18.39 22.84 -30.51
N GLU F 142 -19.13 22.76 -29.41
N GLU F 142 -19.12 22.75 -29.41
CA GLU F 142 -19.62 21.50 -28.89
CA GLU F 142 -19.61 21.47 -28.92
C GLU F 142 -21.11 21.59 -28.64
C GLU F 142 -21.09 21.57 -28.56
N VAL F 143 -21.78 20.45 -28.73
CA VAL F 143 -23.20 20.30 -28.39
C VAL F 143 -23.27 19.30 -27.26
N LEU F 144 -23.69 19.76 -26.07
CA LEU F 144 -23.79 18.90 -24.91
C LEU F 144 -25.25 18.55 -24.66
N GLU F 145 -25.46 17.31 -24.24
CA GLU F 145 -26.79 16.75 -24.09
C GLU F 145 -27.18 16.79 -22.62
N GLY F 146 -28.32 17.42 -22.32
CA GLY F 146 -28.80 17.40 -20.95
C GLY F 146 -29.05 15.99 -20.45
N GLY F 147 -29.48 15.10 -21.34
CA GLY F 147 -29.74 13.73 -21.00
C GLY F 147 -28.53 12.94 -20.59
N SER F 148 -27.33 13.51 -20.79
CA SER F 148 -26.13 12.86 -20.30
C SER F 148 -26.09 12.90 -18.78
N PHE F 149 -26.74 13.90 -18.18
CA PHE F 149 -26.65 14.12 -16.74
C PHE F 149 -27.94 13.77 -16.03
N GLU F 150 -29.11 14.11 -16.59
CA GLU F 150 -30.37 13.80 -15.92
C GLU F 150 -31.48 13.53 -16.92
N ALA F 151 -32.26 12.50 -16.65
CA ALA F 151 -33.30 12.10 -17.58
C ALA F 151 -34.25 13.24 -17.89
N ALA F 152 -34.59 14.05 -16.88
CA ALA F 152 -35.59 15.09 -17.06
C ALA F 152 -35.13 16.18 -18.03
N SER F 153 -33.83 16.34 -18.22
CA SER F 153 -33.29 17.36 -19.10
C SER F 153 -32.89 16.80 -20.47
N LYS F 154 -33.46 15.68 -20.88
CA LYS F 154 -33.02 15.05 -22.12
C LYS F 154 -33.29 15.90 -23.34
N LYS F 155 -34.27 16.78 -23.30
CA LYS F 155 -34.56 17.66 -24.42
C LYS F 155 -33.79 18.97 -24.36
N LYS F 156 -33.01 19.19 -23.30
CA LYS F 156 -32.21 20.39 -23.16
C LYS F 156 -30.81 20.13 -23.74
N ILE F 157 -30.41 20.99 -24.67
CA ILE F 157 -29.08 20.89 -25.25
C ILE F 157 -28.35 22.22 -25.10
N ALA F 158 -27.03 22.15 -25.05
CA ALA F 158 -26.17 23.34 -24.92
C ALA F 158 -25.32 23.46 -26.17
N ILE F 159 -25.51 24.55 -26.91
CA ILE F 159 -24.71 24.85 -28.08
C ILE F 159 -23.60 25.77 -27.60
N VAL F 160 -22.38 25.25 -27.55
CA VAL F 160 -21.24 25.93 -26.95
C VAL F 160 -20.28 26.31 -28.06
N ARG F 161 -20.20 27.59 -28.37
CA ARG F 161 -19.35 28.12 -29.41
C ARG F 161 -18.24 28.98 -28.80
N ARG F 162 -17.19 29.21 -29.57
N ARG F 162 -17.18 29.18 -29.57
CA ARG F 162 -16.03 29.95 -29.10
CA ARG F 162 -16.03 29.95 -29.10
C ARG F 162 -16.10 31.41 -29.52
C ARG F 162 -16.18 31.42 -29.49
N GLU F 163 -15.63 32.29 -28.65
CA GLU F 163 -15.64 33.73 -28.87
C GLU F 163 -14.30 34.26 -28.47
N PRO F 164 -13.88 35.41 -29.00
CA PRO F 164 -12.64 36.05 -28.55
C PRO F 164 -12.78 36.58 -27.13
N VAL F 165 -11.63 36.77 -26.49
CA VAL F 165 -11.63 37.37 -25.16
C VAL F 165 -11.77 38.88 -25.23
N GLY F 166 -11.33 39.47 -26.33
CA GLY F 166 -11.43 40.91 -26.51
C GLY F 166 -10.13 41.52 -27.00
N LEU F 167 -9.57 42.44 -26.20
CA LEU F 167 -8.29 43.04 -26.51
C LEU F 167 -7.19 42.25 -25.81
N VAL F 168 -6.24 41.74 -26.60
CA VAL F 168 -5.08 41.03 -26.09
C VAL F 168 -3.89 41.99 -26.08
N LEU F 169 -3.26 42.12 -24.93
CA LEU F 169 -1.98 42.83 -24.85
C LEU F 169 -0.89 41.79 -25.01
N ALA F 170 -0.12 41.90 -26.09
CA ALA F 170 0.99 40.99 -26.39
C ALA F 170 2.28 41.73 -26.07
N ILE F 171 3.11 41.13 -25.22
CA ILE F 171 4.38 41.72 -24.80
C ILE F 171 5.47 40.73 -25.20
N SER F 172 6.22 41.07 -26.26
CA SER F 172 7.26 40.19 -26.76
C SER F 172 8.58 40.42 -26.04
N PRO F 173 9.53 39.45 -26.13
CA PRO F 173 10.80 39.60 -25.41
C PRO F 173 11.92 40.03 -26.33
N PHE F 174 13.03 40.47 -25.75
CA PHE F 174 14.15 40.94 -26.55
C PHE F 174 14.77 39.83 -27.38
N ASN F 175 14.75 38.59 -26.89
CA ASN F 175 15.51 37.52 -27.52
C ASN F 175 14.78 36.89 -28.70
N TYR F 176 13.47 37.09 -28.82
CA TYR F 176 12.70 36.69 -29.99
C TYR F 176 11.66 37.76 -30.24
N PRO F 177 12.10 38.96 -30.65
CA PRO F 177 11.17 40.09 -30.75
C PRO F 177 10.19 39.98 -31.88
N VAL F 178 10.42 39.08 -32.83
CA VAL F 178 9.50 38.84 -33.93
C VAL F 178 8.77 37.53 -33.75
N ASN F 179 9.52 36.44 -33.50
CA ASN F 179 8.92 35.12 -33.35
C ASN F 179 7.94 35.09 -32.17
N LEU F 180 8.33 35.63 -31.02
CA LEU F 180 7.45 35.62 -29.85
C LEU F 180 6.60 36.88 -29.75
N ALA F 181 6.54 37.67 -30.82
CA ALA F 181 5.43 38.59 -31.04
C ALA F 181 4.38 37.91 -31.89
N GLY F 182 4.81 37.30 -33.01
CA GLY F 182 3.86 36.64 -33.90
C GLY F 182 3.19 35.46 -33.24
N SER F 183 3.89 34.77 -32.32
CA SER F 183 3.31 33.65 -31.62
C SER F 183 2.12 34.04 -30.76
N LYS F 184 1.94 35.34 -30.50
CA LYS F 184 0.81 35.88 -29.78
C LYS F 184 -0.18 36.58 -30.69
N ILE F 185 0.32 37.41 -31.62
CA ILE F 185 -0.54 38.19 -32.49
C ILE F 185 -1.45 37.27 -33.32
N ALA F 186 -0.85 36.30 -34.02
CA ALA F 186 -1.64 35.49 -34.97
C ALA F 186 -2.66 34.63 -34.26
N PRO F 187 -2.31 33.83 -33.24
CA PRO F 187 -3.36 33.10 -32.51
C PRO F 187 -4.46 34.01 -32.00
N ALA F 188 -4.12 35.20 -31.52
CA ALA F 188 -5.15 36.11 -31.03
C ALA F 188 -6.06 36.59 -32.16
N LEU F 189 -5.45 37.00 -33.27
CA LEU F 189 -6.22 37.62 -34.34
C LEU F 189 -7.18 36.63 -34.99
N ILE F 190 -6.75 35.39 -35.23
CA ILE F 190 -7.60 34.43 -35.94
C ILE F 190 -8.85 34.12 -35.13
N ALA F 191 -8.75 34.13 -33.79
CA ALA F 191 -9.91 33.88 -32.95
C ALA F 191 -10.83 35.09 -32.88
N GLY F 192 -10.44 36.23 -33.44
CA GLY F 192 -11.28 37.41 -33.44
C GLY F 192 -10.96 38.42 -32.36
N ASN F 193 -9.83 38.26 -31.68
CA ASN F 193 -9.38 39.27 -30.74
C ASN F 193 -8.74 40.42 -31.51
N VAL F 194 -8.65 41.58 -30.85
CA VAL F 194 -7.82 42.69 -31.30
C VAL F 194 -6.57 42.68 -30.46
N VAL F 195 -5.48 43.21 -31.00
CA VAL F 195 -4.15 43.05 -30.41
C VAL F 195 -3.44 44.39 -30.33
N ALA F 196 -2.82 44.63 -29.18
CA ALA F 196 -1.82 45.68 -29.03
C ALA F 196 -0.51 44.99 -28.70
N LEU F 197 0.50 45.22 -29.52
CA LEU F 197 1.82 44.63 -29.33
C LEU F 197 2.72 45.64 -28.62
N LYS F 198 3.22 45.27 -27.44
CA LYS F 198 4.23 46.07 -26.73
C LYS F 198 5.55 45.33 -26.87
N PRO F 199 6.39 45.69 -27.84
CA PRO F 199 7.72 45.07 -27.92
C PRO F 199 8.59 45.56 -26.78
N PRO F 200 9.69 44.87 -26.49
CA PRO F 200 10.67 45.44 -25.56
C PRO F 200 11.37 46.60 -26.25
N THR F 201 11.85 47.55 -25.44
CA THR F 201 12.52 48.70 -26.04
C THR F 201 13.69 48.25 -26.91
N GLN F 202 14.53 47.36 -26.38
CA GLN F 202 15.59 46.73 -27.18
C GLN F 202 14.92 45.59 -27.94
N GLY F 203 14.51 45.87 -29.17
CA GLY F 203 13.70 44.93 -29.94
C GLY F 203 12.45 45.58 -30.50
N SER F 204 12.26 46.88 -30.21
CA SER F 204 11.08 47.57 -30.69
C SER F 204 11.13 47.85 -32.18
N ILE F 205 12.32 48.08 -32.73
CA ILE F 205 12.41 48.25 -34.18
C ILE F 205 11.95 46.98 -34.89
N SER F 206 12.38 45.82 -34.38
CA SER F 206 11.96 44.55 -34.96
C SER F 206 10.46 44.38 -34.84
N GLY F 207 9.91 44.65 -33.66
CA GLY F 207 8.47 44.60 -33.48
C GLY F 207 7.73 45.51 -34.44
N LEU F 208 8.26 46.70 -34.70
CA LEU F 208 7.60 47.59 -35.63
C LEU F 208 7.76 47.12 -37.08
N LEU F 209 8.90 46.50 -37.40
CA LEU F 209 9.07 45.95 -38.74
C LEU F 209 8.07 44.84 -39.00
N LEU F 210 7.83 43.98 -37.99
CA LEU F 210 6.75 43.01 -38.08
C LEU F 210 5.41 43.70 -38.28
N ALA F 211 5.13 44.73 -37.49
CA ALA F 211 3.85 45.43 -37.62
C ALA F 211 3.64 45.97 -39.02
N GLU F 212 4.71 46.35 -39.72
CA GLU F 212 4.55 46.80 -41.10
C GLU F 212 3.97 45.70 -41.98
N ALA F 213 4.41 44.46 -41.79
CA ALA F 213 3.87 43.35 -42.57
C ALA F 213 2.35 43.22 -42.38
N PHE F 214 1.87 43.35 -41.15
CA PHE F 214 0.44 43.25 -40.91
C PHE F 214 -0.30 44.44 -41.51
N ALA F 215 0.28 45.64 -41.42
CA ALA F 215 -0.34 46.81 -42.02
C ALA F 215 -0.43 46.65 -43.53
N GLU F 216 0.66 46.19 -44.16
CA GLU F 216 0.63 46.03 -45.62
C GLU F 216 -0.32 44.91 -46.04
N ALA F 217 -0.49 43.90 -45.20
CA ALA F 217 -1.49 42.86 -45.45
C ALA F 217 -2.92 43.38 -45.39
N GLY F 218 -3.12 44.60 -44.93
CA GLY F 218 -4.44 45.20 -44.90
C GLY F 218 -5.22 44.97 -43.64
N ILE F 219 -4.57 44.58 -42.55
CA ILE F 219 -5.26 44.34 -41.28
C ILE F 219 -6.08 45.59 -40.95
N PRO F 220 -7.37 45.46 -40.65
CA PRO F 220 -8.20 46.66 -40.47
C PRO F 220 -7.68 47.57 -39.37
N ALA F 221 -7.95 48.87 -39.54
CA ALA F 221 -7.50 49.85 -38.58
C ALA F 221 -7.97 49.51 -37.18
N GLY F 222 -7.06 49.58 -36.21
CA GLY F 222 -7.37 49.25 -34.83
C GLY F 222 -7.32 47.79 -34.48
N VAL F 223 -7.40 46.89 -35.45
CA VAL F 223 -7.40 45.46 -35.14
C VAL F 223 -6.04 45.04 -34.58
N PHE F 224 -4.97 45.61 -35.11
CA PHE F 224 -3.62 45.39 -34.60
C PHE F 224 -2.92 46.73 -34.47
N ASN F 225 -2.34 46.98 -33.30
CA ASN F 225 -1.63 48.21 -33.00
C ASN F 225 -0.37 47.86 -32.24
N THR F 226 0.54 48.84 -32.16
CA THR F 226 1.79 48.70 -31.43
C THR F 226 1.92 49.81 -30.40
N ILE F 227 2.57 49.48 -29.30
CA ILE F 227 2.89 50.44 -28.23
C ILE F 227 4.38 50.33 -27.95
N THR F 228 5.08 51.47 -27.97
CA THR F 228 6.48 51.54 -27.59
C THR F 228 6.64 52.66 -26.58
N GLY F 229 7.54 52.48 -25.62
CA GLY F 229 7.82 53.53 -24.66
C GLY F 229 8.63 53.00 -23.50
N ARG F 230 8.84 53.89 -22.53
CA ARG F 230 9.65 53.58 -21.37
C ARG F 230 8.82 52.94 -20.27
N GLY F 231 9.38 51.91 -19.64
CA GLY F 231 8.66 51.24 -18.56
C GLY F 231 8.29 52.14 -17.42
N SER F 232 9.12 53.15 -17.12
CA SER F 232 8.81 54.06 -16.03
C SER F 232 7.56 54.86 -16.29
N VAL F 233 7.21 55.07 -17.56
CA VAL F 233 6.04 55.88 -17.92
C VAL F 233 4.81 55.02 -18.14
N ILE F 234 4.93 53.97 -18.96
CA ILE F 234 3.78 53.18 -19.39
C ILE F 234 3.86 51.73 -18.94
N GLY F 235 4.90 51.33 -18.23
CA GLY F 235 5.05 49.94 -17.83
C GLY F 235 3.83 49.33 -17.19
N ASP F 236 3.54 49.74 -15.96
CA ASP F 236 2.37 49.21 -15.28
C ASP F 236 1.08 49.65 -15.96
N TYR F 237 1.09 50.80 -16.62
CA TYR F 237 -0.14 51.37 -17.15
C TYR F 237 -0.75 50.48 -18.22
N ILE F 238 0.07 49.95 -19.13
CA ILE F 238 -0.46 49.14 -20.23
C ILE F 238 -1.13 47.88 -19.71
N VAL F 239 -0.70 47.39 -18.54
CA VAL F 239 -1.24 46.15 -17.99
C VAL F 239 -2.47 46.41 -17.14
N GLU F 240 -2.48 47.52 -16.38
CA GLU F 240 -3.59 47.81 -15.49
C GLU F 240 -4.81 48.34 -16.23
N HIS F 241 -4.64 48.84 -17.45
CA HIS F 241 -5.73 49.45 -18.18
C HIS F 241 -6.90 48.49 -18.32
N GLU F 242 -8.09 48.95 -17.98
CA GLU F 242 -9.25 48.06 -17.96
C GLU F 242 -9.70 47.66 -19.36
N ALA F 243 -9.29 48.40 -20.39
CA ALA F 243 -9.60 48.01 -21.76
C ALA F 243 -8.98 46.66 -22.10
N VAL F 244 -7.86 46.32 -21.44
CA VAL F 244 -7.18 45.07 -21.73
C VAL F 244 -7.96 43.91 -21.14
N ASN F 245 -8.24 42.91 -21.97
CA ASN F 245 -8.96 41.73 -21.53
C ASN F 245 -8.08 40.52 -21.31
N PHE F 246 -6.85 40.53 -21.82
CA PHE F 246 -5.98 39.37 -21.77
C PHE F 246 -4.56 39.87 -21.92
N ILE F 247 -3.66 39.38 -21.10
CA ILE F 247 -2.25 39.75 -21.15
C ILE F 247 -1.45 38.52 -21.51
N ASN F 248 -0.65 38.62 -22.58
CA ASN F 248 0.15 37.51 -23.10
C ASN F 248 1.59 37.99 -23.13
N PHE F 249 2.39 37.49 -22.20
CA PHE F 249 3.70 38.08 -21.91
C PHE F 249 4.79 37.03 -21.93
N THR F 250 5.92 37.40 -22.52
CA THR F 250 7.15 36.62 -22.44
C THR F 250 8.24 37.53 -21.92
N GLY F 251 8.95 37.08 -20.88
CA GLY F 251 10.03 37.87 -20.31
C GLY F 251 10.59 37.21 -19.07
N SER F 252 11.32 37.99 -18.27
CA SER F 252 11.96 37.42 -17.09
C SER F 252 10.91 37.05 -16.03
N THR F 253 11.30 36.13 -15.16
CA THR F 253 10.39 35.71 -14.10
C THR F 253 9.96 36.85 -13.19
N PRO F 254 10.86 37.70 -12.68
CA PRO F 254 10.39 38.79 -11.80
C PRO F 254 9.44 39.76 -12.49
N ILE F 255 9.72 40.13 -13.73
CA ILE F 255 8.82 41.01 -14.46
C ILE F 255 7.46 40.33 -14.64
N GLY F 256 7.46 39.03 -14.97
CA GLY F 256 6.21 38.30 -15.12
C GLY F 256 5.44 38.17 -13.82
N GLU F 257 6.14 37.91 -12.72
CA GLU F 257 5.48 37.83 -11.42
C GLU F 257 4.66 39.07 -11.15
N GLY F 258 5.19 40.24 -11.52
CA GLY F 258 4.48 41.48 -11.29
C GLY F 258 3.24 41.63 -12.15
N ILE F 259 3.28 41.10 -13.37
CA ILE F 259 2.11 41.15 -14.24
C ILE F 259 0.96 40.34 -13.65
N GLY F 260 1.27 39.19 -13.06
CA GLY F 260 0.25 38.42 -12.39
C GLY F 260 -0.46 39.21 -11.30
N LYS F 261 0.27 40.13 -10.65
CA LYS F 261 -0.33 40.95 -9.61
C LYS F 261 -1.26 42.01 -10.22
N LEU F 262 -0.81 42.64 -11.30
CA LEU F 262 -1.58 43.71 -11.92
C LEU F 262 -2.72 43.21 -12.79
N ALA F 263 -2.85 41.90 -12.96
CA ALA F 263 -3.86 41.35 -13.85
C ALA F 263 -5.19 41.05 -13.16
N GLY F 264 -5.22 41.02 -11.84
CA GLY F 264 -6.47 40.79 -11.13
C GLY F 264 -7.07 39.46 -11.54
N MET F 265 -8.31 39.51 -12.00
CA MET F 265 -9.00 38.31 -12.47
C MET F 265 -8.78 38.05 -13.96
N ARG F 266 -8.22 39.01 -14.69
CA ARG F 266 -8.10 38.87 -16.14
C ARG F 266 -7.16 37.73 -16.48
N PRO F 267 -7.50 36.91 -17.47
CA PRO F 267 -6.63 35.80 -17.84
C PRO F 267 -5.29 36.31 -18.33
N ILE F 268 -4.23 35.57 -18.00
CA ILE F 268 -2.88 35.91 -18.41
C ILE F 268 -2.24 34.65 -18.99
N MET F 269 -1.19 34.87 -19.78
CA MET F 269 -0.29 33.82 -20.25
C MET F 269 1.12 34.36 -20.00
N LEU F 270 1.95 33.55 -19.33
CA LEU F 270 3.29 33.96 -18.96
C LEU F 270 4.31 32.92 -19.39
N GLU F 271 5.34 33.37 -20.11
CA GLU F 271 6.44 32.51 -20.56
C GLU F 271 7.66 33.16 -19.91
N LEU F 272 8.15 32.57 -18.81
CA LEU F 272 9.16 33.18 -17.96
C LEU F 272 10.50 32.46 -18.15
N GLY F 273 11.27 32.38 -17.09
CA GLY F 273 12.60 31.85 -17.17
C GLY F 273 12.63 30.35 -17.03
N GLY F 274 13.79 29.79 -17.32
CA GLY F 274 13.98 28.36 -17.18
C GLY F 274 15.37 28.06 -16.62
N LYS F 275 15.50 26.85 -16.09
CA LYS F 275 16.77 26.29 -15.64
C LYS F 275 16.73 24.81 -16.01
N ASP F 276 16.51 24.54 -17.29
CA ASP F 276 16.27 23.18 -17.76
C ASP F 276 17.45 22.28 -17.40
N SER F 277 17.15 21.13 -16.84
CA SER F 277 18.18 20.15 -16.52
C SER F 277 18.29 19.14 -17.65
N ALA F 278 19.52 18.75 -17.95
CA ALA F 278 19.82 17.63 -18.82
C ALA F 278 20.32 16.51 -17.93
N ILE F 279 19.48 15.48 -17.73
CA ILE F 279 19.78 14.34 -16.88
C ILE F 279 20.46 13.30 -17.77
N VAL F 280 21.65 12.90 -17.38
CA VAL F 280 22.48 11.97 -18.15
C VAL F 280 22.70 10.74 -17.29
N LEU F 281 22.14 9.62 -17.73
CA LEU F 281 22.29 8.37 -16.99
C LEU F 281 23.50 7.57 -17.48
N GLU F 282 23.83 6.50 -16.73
CA GLU F 282 25.04 5.75 -16.99
C GLU F 282 25.05 5.09 -18.36
N ASP F 283 23.89 4.70 -18.88
CA ASP F 283 23.78 4.07 -20.18
C ASP F 283 23.57 5.05 -21.33
N ALA F 284 23.71 6.34 -21.07
CA ALA F 284 23.45 7.35 -22.09
C ALA F 284 24.49 7.30 -23.21
N ASP F 285 24.05 7.72 -24.40
CA ASP F 285 24.96 7.99 -25.53
C ASP F 285 25.65 9.31 -25.24
N LEU F 286 26.87 9.24 -24.69
CA LEU F 286 27.51 10.46 -24.20
C LEU F 286 27.81 11.44 -25.34
N ALA F 287 28.19 10.92 -26.52
CA ALA F 287 28.45 11.80 -27.65
C ALA F 287 27.18 12.54 -28.07
N LEU F 288 26.07 11.82 -28.16
CA LEU F 288 24.81 12.48 -28.49
CA LEU F 288 24.81 12.48 -28.48
C LEU F 288 24.40 13.47 -27.39
N ALA F 289 24.56 13.07 -26.14
CA ALA F 289 24.24 13.98 -25.05
C ALA F 289 25.10 15.23 -25.10
N ALA F 290 26.41 15.07 -25.37
CA ALA F 290 27.31 16.22 -25.41
C ALA F 290 26.89 17.19 -26.51
N LYS F 291 26.60 16.65 -27.71
CA LYS F 291 26.22 17.51 -28.83
C LYS F 291 24.96 18.30 -28.50
N ASN F 292 23.93 17.60 -28.00
CA ASN F 292 22.67 18.27 -27.68
C ASN F 292 22.84 19.26 -26.54
N ILE F 293 23.54 18.88 -25.48
CA ILE F 293 23.72 19.78 -24.34
C ILE F 293 24.37 21.09 -24.81
N VAL F 294 25.42 20.98 -25.61
CA VAL F 294 26.14 22.19 -26.02
C VAL F 294 25.27 23.05 -26.93
N ALA F 295 24.64 22.42 -27.92
CA ALA F 295 23.78 23.19 -28.83
C ALA F 295 22.68 23.92 -28.07
N GLY F 296 22.05 23.25 -27.11
CA GLY F 296 20.97 23.83 -26.36
C GLY F 296 21.43 24.84 -25.32
N ALA F 297 22.58 24.58 -24.68
CA ALA F 297 23.02 25.44 -23.58
C ALA F 297 23.52 26.77 -24.11
N PHE F 298 24.17 26.77 -25.27
CA PHE F 298 24.90 27.94 -25.74
C PHE F 298 24.28 28.60 -26.97
N GLY F 299 23.16 28.10 -27.46
CA GLY F 299 22.42 28.80 -28.50
C GLY F 299 22.11 30.22 -28.09
N TYR F 300 22.36 31.19 -28.99
CA TYR F 300 22.14 32.60 -28.69
C TYR F 300 22.80 32.99 -27.35
N SER F 301 23.99 32.44 -27.12
CA SER F 301 24.80 32.75 -25.94
C SER F 301 24.06 32.40 -24.64
N GLY F 302 23.17 31.43 -24.70
CA GLY F 302 22.38 31.03 -23.55
C GLY F 302 21.24 31.95 -23.21
N GLN F 303 20.91 32.91 -24.07
CA GLN F 303 19.83 33.85 -23.81
C GLN F 303 18.49 33.30 -24.28
N ARG F 304 18.10 32.16 -23.71
CA ARG F 304 16.86 31.49 -24.06
C ARG F 304 16.29 30.85 -22.81
N SER F 305 14.97 30.98 -22.63
CA SER F 305 14.30 30.33 -21.50
C SER F 305 14.39 28.82 -21.62
N THR F 306 14.16 28.29 -22.82
CA THR F 306 14.23 26.87 -23.10
C THR F 306 15.65 26.59 -23.57
N ALA F 307 16.47 26.06 -22.67
CA ALA F 307 17.89 25.83 -22.93
C ALA F 307 18.43 24.98 -21.80
N VAL F 308 19.29 24.01 -22.12
CA VAL F 308 19.95 23.24 -21.08
C VAL F 308 20.75 24.21 -20.25
N LYS F 309 20.43 24.31 -18.96
CA LYS F 309 21.10 25.23 -18.06
C LYS F 309 21.78 24.54 -16.88
N ARG F 310 21.63 23.23 -16.75
CA ARG F 310 22.41 22.47 -15.78
C ARG F 310 22.39 21.03 -16.23
N VAL F 311 23.55 20.38 -16.13
CA VAL F 311 23.69 18.97 -16.46
C VAL F 311 23.72 18.21 -15.16
N LEU F 312 22.78 17.28 -14.96
CA LEU F 312 22.75 16.42 -13.78
C LEU F 312 23.17 15.05 -14.28
N VAL F 313 24.44 14.70 -14.09
CA VAL F 313 25.03 13.50 -14.68
C VAL F 313 25.44 12.53 -13.58
N MET F 314 25.09 11.27 -13.75
CA MET F 314 25.56 10.23 -12.84
C MET F 314 27.08 10.20 -12.79
N ASP F 315 27.62 9.99 -11.59
CA ASP F 315 29.06 10.13 -11.40
CA ASP F 315 29.05 10.09 -11.37
C ASP F 315 29.83 9.23 -12.35
N LYS F 316 29.35 8.01 -12.60
CA LYS F 316 30.13 7.03 -13.34
C LYS F 316 30.50 7.52 -14.73
N VAL F 317 29.67 8.36 -15.35
CA VAL F 317 29.91 8.85 -16.71
C VAL F 317 30.25 10.34 -16.74
N ALA F 318 30.42 10.97 -15.57
CA ALA F 318 30.58 12.42 -15.53
C ALA F 318 31.91 12.87 -16.14
N ASP F 319 33.01 12.18 -15.81
CA ASP F 319 34.30 12.60 -16.33
C ASP F 319 34.31 12.59 -17.87
N GLN F 320 33.77 11.55 -18.47
CA GLN F 320 33.82 11.46 -19.93
C GLN F 320 32.81 12.43 -20.56
N LEU F 321 31.63 12.55 -19.97
CA LEU F 321 30.67 13.51 -20.48
C LEU F 321 31.25 14.92 -20.48
N ALA F 322 31.88 15.30 -19.35
CA ALA F 322 32.43 16.64 -19.22
C ALA F 322 33.48 16.90 -20.29
N ALA F 323 34.33 15.91 -20.56
CA ALA F 323 35.39 16.07 -21.55
C ALA F 323 34.82 16.20 -22.96
N GLU F 324 33.77 15.44 -23.27
CA GLU F 324 33.15 15.55 -24.59
C GLU F 324 32.40 16.87 -24.72
N ILE F 325 31.73 17.32 -23.66
CA ILE F 325 31.13 18.65 -23.70
C ILE F 325 32.22 19.70 -23.85
N LYS F 326 33.30 19.58 -23.08
CA LYS F 326 34.37 20.59 -23.14
C LYS F 326 34.89 20.75 -24.56
N THR F 327 35.14 19.64 -25.25
CA THR F 327 35.66 19.72 -26.63
C THR F 327 34.72 20.53 -27.52
N LEU F 328 33.42 20.28 -27.41
CA LEU F 328 32.47 21.00 -28.25
C LEU F 328 32.38 22.47 -27.88
N VAL F 329 32.39 22.79 -26.58
CA VAL F 329 32.37 24.20 -26.18
C VAL F 329 33.58 24.93 -26.74
N GLU F 330 34.75 24.30 -26.72
CA GLU F 330 35.96 24.94 -27.22
C GLU F 330 35.89 25.24 -28.72
N LYS F 331 35.06 24.53 -29.47
CA LYS F 331 34.92 24.79 -30.90
C LYS F 331 33.88 25.86 -31.23
N LEU F 332 33.13 26.34 -30.25
CA LEU F 332 32.15 27.38 -30.51
C LEU F 332 32.85 28.66 -30.92
N SER F 333 32.36 29.30 -31.99
CA SER F 333 32.91 30.57 -32.39
C SER F 333 32.40 31.67 -31.46
N VAL F 334 33.27 32.62 -31.13
CA VAL F 334 32.95 33.75 -30.27
C VAL F 334 33.22 35.03 -31.04
N GLY F 335 32.17 35.80 -31.29
CA GLY F 335 32.34 37.00 -32.08
C GLY F 335 31.08 37.79 -32.33
N MET F 336 30.97 38.36 -33.52
CA MET F 336 29.95 39.34 -33.79
C MET F 336 28.73 38.72 -34.45
N PRO F 337 27.57 39.34 -34.25
CA PRO F 337 26.35 38.80 -34.89
C PRO F 337 26.44 38.71 -36.42
N GLU F 338 27.10 39.67 -37.05
CA GLU F 338 27.16 39.71 -38.51
C GLU F 338 27.98 38.56 -39.07
N ASP F 339 28.87 37.97 -38.27
CA ASP F 339 29.69 36.83 -38.67
C ASP F 339 29.09 35.51 -38.22
N ASP F 340 27.85 35.52 -37.75
CA ASP F 340 27.13 34.30 -37.40
C ASP F 340 27.87 33.50 -36.34
N ALA F 341 28.47 34.21 -35.39
CA ALA F 341 29.20 33.55 -34.31
C ALA F 341 28.22 32.79 -33.43
N ASP F 342 28.71 31.68 -32.88
CA ASP F 342 27.89 30.90 -31.95
C ASP F 342 27.59 31.72 -30.70
N ILE F 343 28.61 32.40 -30.18
CA ILE F 343 28.51 33.19 -28.96
C ILE F 343 28.67 34.65 -29.36
N THR F 344 27.59 35.40 -29.28
CA THR F 344 27.57 36.83 -29.58
C THR F 344 27.52 37.65 -28.30
N PRO F 345 27.71 38.96 -28.39
CA PRO F 345 27.67 39.78 -27.18
C PRO F 345 26.29 39.71 -26.56
N LEU F 346 26.24 39.68 -25.24
CA LEU F 346 24.97 39.64 -24.54
C LEU F 346 24.23 40.96 -24.76
N ILE F 347 22.95 40.97 -24.36
CA ILE F 347 22.02 42.03 -24.75
C ILE F 347 22.43 43.38 -24.16
N ASP F 348 22.94 43.39 -22.94
CA ASP F 348 23.38 44.65 -22.34
C ASP F 348 24.41 44.40 -21.24
N THR F 349 24.98 45.49 -20.73
CA THR F 349 26.05 45.36 -19.74
C THR F 349 25.55 44.72 -18.46
N SER F 350 24.34 45.07 -18.04
CA SER F 350 23.77 44.43 -16.85
C SER F 350 23.75 42.90 -17.00
N ALA F 351 23.33 42.42 -18.18
CA ALA F 351 23.29 40.98 -18.41
C ALA F 351 24.66 40.36 -18.23
N ALA F 352 25.68 40.95 -18.85
CA ALA F 352 27.03 40.40 -18.76
C ALA F 352 27.55 40.55 -17.34
N ASP F 353 27.30 41.68 -16.69
CA ASP F 353 27.70 41.83 -15.29
C ASP F 353 27.12 40.70 -14.44
N PHE F 354 25.83 40.40 -14.60
CA PHE F 354 25.20 39.35 -13.82
C PHE F 354 25.83 38.00 -14.09
N VAL F 355 26.08 37.68 -15.36
CA VAL F 355 26.70 36.40 -15.72
C VAL F 355 28.10 36.30 -15.10
N GLU F 356 28.90 37.36 -15.25
CA GLU F 356 30.23 37.35 -14.66
C GLU F 356 30.16 37.11 -13.16
N GLY F 357 29.10 37.60 -12.51
CA GLY F 357 28.95 37.40 -11.07
C GLY F 357 28.68 35.96 -10.70
N LEU F 358 27.84 35.29 -11.48
CA LEU F 358 27.61 33.87 -11.25
C LEU F 358 28.88 33.07 -11.46
N ILE F 359 29.63 33.40 -12.51
CA ILE F 359 30.90 32.72 -12.77
C ILE F 359 31.85 32.90 -11.59
N LYS F 360 31.95 34.13 -11.08
CA LYS F 360 32.86 34.38 -9.96
C LYS F 360 32.44 33.58 -8.73
N ASP F 361 31.15 33.54 -8.44
CA ASP F 361 30.66 32.78 -7.29
C ASP F 361 31.03 31.31 -7.44
N ALA F 362 30.86 30.76 -8.65
CA ALA F 362 31.15 29.34 -8.85
C ALA F 362 32.65 29.07 -8.66
N THR F 363 33.50 29.88 -9.27
CA THR F 363 34.94 29.71 -9.09
C THR F 363 35.32 29.82 -7.63
N ASP F 364 34.82 30.86 -6.95
CA ASP F 364 35.21 31.07 -5.55
C ASP F 364 34.78 29.93 -4.65
N LYS F 365 33.79 29.14 -5.05
CA LYS F 365 33.30 28.05 -4.24
C LYS F 365 33.87 26.70 -4.65
N GLY F 366 34.80 26.68 -5.60
CA GLY F 366 35.54 25.48 -5.93
C GLY F 366 35.20 24.80 -7.23
N ALA F 367 34.35 25.40 -8.06
CA ALA F 367 34.01 24.80 -9.34
C ALA F 367 35.23 24.78 -10.24
N THR F 368 35.28 23.77 -11.12
CA THR F 368 36.38 23.61 -12.06
C THR F 368 36.01 24.24 -13.40
N ALA F 369 36.77 25.25 -13.81
CA ALA F 369 36.54 25.96 -15.08
C ALA F 369 37.18 25.16 -16.20
N LEU F 370 36.39 24.28 -16.81
CA LEU F 370 36.88 23.50 -17.94
C LEU F 370 37.18 24.37 -19.14
N THR F 371 36.43 25.48 -19.31
CA THR F 371 36.79 26.54 -20.25
C THR F 371 36.90 27.86 -19.50
N ALA F 372 37.77 28.74 -19.97
CA ALA F 372 38.16 29.91 -19.21
C ALA F 372 37.24 31.08 -19.49
N PHE F 373 36.95 31.83 -18.44
CA PHE F 373 36.16 33.04 -18.58
C PHE F 373 36.97 34.14 -19.25
N ASN F 374 36.36 34.79 -20.23
CA ASN F 374 36.94 35.97 -20.88
C ASN F 374 35.78 36.88 -21.25
N ARG F 375 35.99 38.19 -21.14
CA ARG F 375 34.95 39.17 -21.47
C ARG F 375 35.57 40.35 -22.18
N GLU F 376 35.06 40.64 -23.38
CA GLU F 376 35.43 41.83 -24.16
C GLU F 376 34.15 42.62 -24.35
N GLY F 377 34.07 43.78 -23.72
CA GLY F 377 32.79 44.46 -23.68
C GLY F 377 31.78 43.59 -22.96
N ASN F 378 30.71 43.23 -23.66
CA ASN F 378 29.70 42.33 -23.13
C ASN F 378 29.73 40.97 -23.83
N LEU F 379 30.81 40.69 -24.56
CA LEU F 379 31.02 39.41 -25.23
C LEU F 379 31.76 38.50 -24.24
N ILE F 380 31.04 37.59 -23.62
CA ILE F 380 31.60 36.66 -22.67
C ILE F 380 31.85 35.34 -23.38
N SER F 381 33.06 34.81 -23.25
CA SER F 381 33.37 33.50 -23.82
C SER F 381 32.60 32.41 -23.10
N PRO F 382 32.32 31.30 -23.78
CA PRO F 382 31.52 30.24 -23.16
C PRO F 382 32.29 29.54 -22.04
N VAL F 383 31.66 29.44 -20.87
CA VAL F 383 32.32 28.92 -19.68
C VAL F 383 31.60 27.63 -19.28
N LEU F 384 32.37 26.53 -19.24
CA LEU F 384 31.88 25.24 -18.79
C LEU F 384 32.48 24.97 -17.42
N PHE F 385 31.62 24.75 -16.44
CA PHE F 385 32.04 24.43 -15.08
C PHE F 385 31.69 22.98 -14.74
N ASP F 386 32.62 22.28 -14.11
CA ASP F 386 32.38 20.95 -13.57
C ASP F 386 32.48 21.03 -12.05
N HIS F 387 31.97 20.00 -11.40
CA HIS F 387 31.93 19.95 -9.94
C HIS F 387 31.19 21.15 -9.35
N VAL F 388 30.08 21.53 -9.97
CA VAL F 388 29.20 22.53 -9.40
C VAL F 388 28.36 21.88 -8.32
N THR F 389 28.20 22.57 -7.20
CA THR F 389 27.44 22.07 -6.06
C THR F 389 26.24 22.96 -5.81
N THR F 390 25.31 22.46 -4.98
CA THR F 390 24.06 23.18 -4.77
C THR F 390 24.25 24.44 -3.94
N ASP F 391 25.45 24.66 -3.37
CA ASP F 391 25.71 25.89 -2.65
C ASP F 391 26.08 27.06 -3.57
N MET F 392 26.28 26.80 -4.85
CA MET F 392 26.67 27.83 -5.80
C MET F 392 25.44 28.41 -6.48
N ARG F 393 25.45 29.73 -6.67
CA ARG F 393 24.35 30.41 -7.32
C ARG F 393 24.12 29.84 -8.72
N LEU F 394 25.18 29.45 -9.40
CA LEU F 394 25.08 28.94 -10.77
C LEU F 394 24.28 27.66 -10.85
N ALA F 395 24.14 26.93 -9.74
CA ALA F 395 23.34 25.73 -9.76
C ALA F 395 21.85 26.02 -9.91
N TRP F 396 21.42 27.26 -9.63
CA TRP F 396 19.99 27.56 -9.53
C TRP F 396 19.57 28.75 -10.37
N GLU F 397 20.32 29.84 -10.30
CA GLU F 397 19.88 31.08 -10.91
C GLU F 397 20.04 31.01 -12.43
N GLU F 398 19.07 31.58 -13.14
CA GLU F 398 19.11 31.60 -14.60
C GLU F 398 20.08 32.65 -15.09
N PRO F 399 21.19 32.26 -15.74
CA PRO F 399 22.18 33.30 -16.11
C PRO F 399 21.75 34.15 -17.27
N PHE F 400 21.07 33.57 -18.27
CA PHE F 400 20.86 34.25 -19.54
C PHE F 400 22.21 34.67 -20.12
N GLY F 401 23.18 33.77 -20.03
CA GLY F 401 24.49 33.99 -20.57
C GLY F 401 25.15 32.66 -20.83
N PRO F 402 26.35 32.69 -21.45
CA PRO F 402 27.01 31.46 -21.90
C PRO F 402 27.83 30.77 -20.82
N VAL F 403 27.15 30.24 -19.81
CA VAL F 403 27.80 29.53 -18.72
C VAL F 403 26.96 28.33 -18.36
N LEU F 404 27.59 27.15 -18.30
CA LEU F 404 26.85 25.91 -18.08
C LEU F 404 27.49 25.15 -16.93
N PRO F 405 26.73 24.81 -15.89
CA PRO F 405 27.28 23.99 -14.81
C PRO F 405 26.98 22.51 -15.00
N ILE F 406 27.95 21.68 -14.60
CA ILE F 406 27.80 20.23 -14.55
C ILE F 406 27.73 19.85 -13.07
N ILE F 407 26.63 19.22 -12.67
CA ILE F 407 26.37 18.80 -11.30
C ILE F 407 26.36 17.28 -11.31
N ARG F 408 27.21 16.67 -10.51
CA ARG F 408 27.31 15.23 -10.45
C ARG F 408 26.36 14.69 -9.40
N VAL F 409 25.66 13.62 -9.73
CA VAL F 409 24.71 12.98 -8.83
C VAL F 409 25.08 11.50 -8.71
N THR F 410 24.64 10.88 -7.62
CA THR F 410 24.98 9.48 -7.36
C THR F 410 23.83 8.52 -7.67
N THR F 411 22.59 9.01 -7.72
CA THR F 411 21.44 8.19 -8.03
C THR F 411 20.49 8.99 -8.91
N VAL F 412 19.64 8.26 -9.65
N VAL F 412 19.64 8.25 -9.65
CA VAL F 412 18.62 8.93 -10.45
CA VAL F 412 18.61 8.92 -10.45
C VAL F 412 17.63 9.66 -9.54
C VAL F 412 17.64 9.66 -9.53
N GLU F 413 17.36 9.11 -8.34
CA GLU F 413 16.50 9.81 -7.39
C GLU F 413 17.08 11.18 -7.04
N GLU F 414 18.40 11.25 -6.85
CA GLU F 414 19.02 12.53 -6.53
C GLU F 414 18.88 13.52 -7.68
N ALA F 415 19.07 13.04 -8.91
CA ALA F 415 18.86 13.90 -10.08
C ALA F 415 17.44 14.45 -10.11
N ILE F 416 16.44 13.59 -9.88
CA ILE F 416 15.06 14.05 -9.86
C ILE F 416 14.86 15.10 -8.77
N LYS F 417 15.36 14.81 -7.56
CA LYS F 417 15.20 15.73 -6.45
C LYS F 417 15.82 17.09 -6.75
N ILE F 418 17.05 17.11 -7.23
CA ILE F 418 17.74 18.36 -7.52
C ILE F 418 17.04 19.09 -8.67
N SER F 419 16.61 18.34 -9.69
CA SER F 419 15.88 18.96 -10.79
C SER F 419 14.66 19.70 -10.28
N ASN F 420 13.85 19.02 -9.46
CA ASN F 420 12.60 19.59 -8.99
C ASN F 420 12.81 20.64 -7.90
N GLU F 421 13.96 20.64 -7.23
CA GLU F 421 14.22 21.70 -6.23
C GLU F 421 14.29 23.08 -6.86
N SER F 422 14.52 23.16 -8.17
CA SER F 422 14.57 24.44 -8.84
C SER F 422 13.22 25.14 -8.79
N GLU F 423 13.22 26.46 -8.67
CA GLU F 423 11.98 27.22 -8.76
CA GLU F 423 11.97 27.21 -8.75
C GLU F 423 11.44 27.26 -10.17
N TYR F 424 12.24 26.88 -11.16
CA TYR F 424 11.81 26.83 -12.54
C TYR F 424 11.37 25.42 -12.90
N GLY F 425 10.54 25.34 -13.93
CA GLY F 425 10.07 24.05 -14.39
C GLY F 425 9.59 24.10 -15.82
N LEU F 426 10.47 24.53 -16.73
CA LEU F 426 10.08 24.69 -18.13
C LEU F 426 10.18 23.35 -18.87
N GLN F 427 11.40 22.91 -19.13
CA GLN F 427 11.61 21.63 -19.78
C GLN F 427 12.76 20.89 -19.12
N ALA F 428 12.96 19.65 -19.54
CA ALA F 428 14.10 18.86 -19.13
C ALA F 428 14.43 17.90 -20.26
N SER F 429 15.69 17.46 -20.30
CA SER F 429 16.15 16.43 -21.22
C SER F 429 16.59 15.24 -20.40
N ILE F 430 16.27 14.04 -20.87
CA ILE F 430 16.74 12.81 -20.25
C ILE F 430 17.51 12.06 -21.32
N PHE F 431 18.78 11.77 -21.06
CA PHE F 431 19.64 11.03 -21.96
CA PHE F 431 19.64 11.02 -21.97
C PHE F 431 19.86 9.64 -21.36
N THR F 432 19.32 8.63 -22.03
CA THR F 432 19.43 7.24 -21.61
C THR F 432 18.90 6.38 -22.74
N THR F 433 19.30 5.12 -22.75
CA THR F 433 18.80 4.15 -23.71
C THR F 433 17.59 3.38 -23.20
N ASN F 434 17.18 3.60 -21.96
CA ASN F 434 16.05 2.88 -21.36
C ASN F 434 14.83 3.79 -21.44
N PHE F 435 14.09 3.66 -22.52
CA PHE F 435 12.92 4.51 -22.78
C PHE F 435 11.84 4.34 -21.71
N PRO F 436 11.44 3.13 -21.32
CA PRO F 436 10.41 3.03 -20.27
C PRO F 436 10.84 3.68 -18.97
N LYS F 437 12.11 3.52 -18.59
CA LYS F 437 12.62 4.21 -17.41
C LYS F 437 12.56 5.70 -17.59
N ALA F 438 12.95 6.20 -18.77
CA ALA F 438 12.92 7.63 -19.03
C ALA F 438 11.51 8.19 -18.92
N PHE F 439 10.54 7.46 -19.42
CA PHE F 439 9.16 7.89 -19.28
C PHE F 439 8.76 7.97 -17.81
N GLY F 440 9.17 6.99 -17.01
CA GLY F 440 8.87 7.03 -15.59
C GLY F 440 9.54 8.17 -14.86
N ILE F 441 10.75 8.54 -15.29
CA ILE F 441 11.42 9.72 -14.73
C ILE F 441 10.68 10.99 -15.19
N ALA F 442 10.29 11.05 -16.46
CA ALA F 442 9.63 12.24 -16.97
C ALA F 442 8.34 12.52 -16.21
N GLU F 443 7.61 11.48 -15.81
CA GLU F 443 6.39 11.67 -15.02
C GLU F 443 6.68 12.41 -13.71
N GLN F 444 7.88 12.23 -13.16
CA GLN F 444 8.23 12.81 -11.88
C GLN F 444 8.82 14.21 -11.97
N LEU F 445 9.29 14.63 -13.14
CA LEU F 445 9.92 15.92 -13.29
C LEU F 445 8.85 17.00 -13.37
N GLU F 446 9.04 18.08 -12.60
CA GLU F 446 8.09 19.19 -12.56
C GLU F 446 8.41 20.19 -13.67
N VAL F 447 8.11 19.76 -14.88
CA VAL F 447 8.38 20.55 -16.08
C VAL F 447 7.22 20.37 -17.05
N GLY F 448 7.14 21.26 -18.05
CA GLY F 448 6.13 21.15 -19.08
C GLY F 448 6.42 20.05 -20.08
N THR F 449 7.63 20.06 -20.65
CA THR F 449 8.04 19.09 -21.65
C THR F 449 9.33 18.43 -21.25
N VAL F 450 9.41 17.13 -21.47
CA VAL F 450 10.62 16.34 -21.32
C VAL F 450 10.99 15.80 -22.70
N HIS F 451 12.19 16.13 -23.15
CA HIS F 451 12.73 15.61 -24.40
C HIS F 451 13.66 14.43 -24.10
N LEU F 452 13.37 13.28 -24.72
CA LEU F 452 14.18 12.09 -24.55
C LEU F 452 15.30 12.08 -25.57
N ASN F 453 16.54 12.05 -25.09
CA ASN F 453 17.72 11.98 -25.96
C ASN F 453 17.76 13.14 -26.94
N ASN F 454 17.38 14.31 -26.46
CA ASN F 454 17.49 15.51 -27.27
CA ASN F 454 17.44 15.52 -27.27
C ASN F 454 17.47 16.71 -26.33
N LYS F 455 18.05 17.80 -26.81
CA LYS F 455 18.06 19.04 -26.05
C LYS F 455 16.63 19.55 -25.92
N THR F 456 16.40 20.37 -24.91
CA THR F 456 15.09 21.00 -24.75
C THR F 456 14.89 21.98 -25.91
N GLN F 457 13.63 22.22 -26.23
CA GLN F 457 13.30 23.12 -27.33
C GLN F 457 11.81 23.44 -27.31
N ARG F 458 11.47 24.62 -27.78
CA ARG F 458 10.07 25.00 -27.85
C ARG F 458 9.34 24.27 -28.97
N GLY F 459 10.03 24.00 -30.07
CA GLY F 459 9.36 23.43 -31.23
C GLY F 459 9.18 21.95 -31.12
N THR F 460 8.51 21.39 -32.13
CA THR F 460 7.83 22.14 -33.20
C THR F 460 6.67 22.94 -32.61
N ASP F 461 6.32 24.06 -33.25
CA ASP F 461 5.42 25.03 -32.64
C ASP F 461 3.96 24.56 -32.52
N ASN F 462 3.60 23.40 -33.09
CA ASN F 462 2.31 22.82 -32.80
C ASN F 462 2.29 22.13 -31.45
N PHE F 463 3.44 21.75 -30.93
CA PHE F 463 3.51 21.05 -29.65
C PHE F 463 3.18 22.02 -28.51
N PRO F 464 2.65 21.51 -27.41
CA PRO F 464 2.44 22.37 -26.23
C PRO F 464 3.77 22.93 -25.75
N PHE F 465 3.73 24.20 -25.34
CA PHE F 465 4.86 24.85 -24.67
C PHE F 465 4.36 25.49 -23.38
N LEU F 466 4.82 24.97 -22.26
CA LEU F 466 4.35 25.44 -20.97
C LEU F 466 5.44 25.21 -19.94
N GLY F 467 5.42 26.00 -18.89
CA GLY F 467 6.38 25.87 -17.81
C GLY F 467 5.65 25.76 -16.49
N ALA F 468 6.12 24.84 -15.65
CA ALA F 468 5.62 24.69 -14.30
C ALA F 468 6.30 25.70 -13.36
N LYS F 469 5.72 25.84 -12.18
CA LYS F 469 6.28 26.66 -11.10
C LYS F 469 6.56 28.08 -11.61
N LYS F 470 7.74 28.64 -11.38
CA LYS F 470 8.01 30.02 -11.75
C LYS F 470 8.35 30.20 -13.24
N SER F 471 8.22 29.15 -14.05
CA SER F 471 8.48 29.27 -15.48
C SER F 471 7.32 29.87 -16.26
N GLY F 472 6.14 29.97 -15.67
CA GLY F 472 5.09 30.77 -16.27
C GLY F 472 3.71 30.23 -15.95
N ALA F 473 2.77 30.58 -16.81
CA ALA F 473 1.38 30.21 -16.65
C ALA F 473 0.76 30.15 -18.04
N GLY F 474 -0.19 29.24 -18.21
CA GLY F 474 -0.83 29.03 -19.48
C GLY F 474 -0.04 28.07 -20.36
N VAL F 475 -0.69 27.60 -21.42
CA VAL F 475 -0.10 26.65 -22.35
C VAL F 475 -0.07 27.30 -23.73
N GLN F 476 1.12 27.38 -24.31
CA GLN F 476 1.30 27.88 -25.65
C GLN F 476 1.65 26.72 -26.58
N GLY F 477 2.21 27.04 -27.73
CA GLY F 477 2.03 26.17 -28.86
C GLY F 477 0.76 26.59 -29.56
N VAL F 478 0.70 26.44 -30.88
CA VAL F 478 -0.24 27.23 -31.66
C VAL F 478 -1.69 26.96 -31.25
N LYS F 479 -2.13 25.72 -31.33
CA LYS F 479 -3.53 25.45 -31.02
C LYS F 479 -3.85 25.80 -29.56
N TYR F 480 -2.88 25.62 -28.66
CA TYR F 480 -3.12 25.92 -27.25
C TYR F 480 -3.22 27.44 -27.04
N SER F 481 -2.37 28.20 -27.72
CA SER F 481 -2.45 29.64 -27.60
CA SER F 481 -2.45 29.64 -27.61
C SER F 481 -3.80 30.16 -28.08
N ILE F 482 -4.32 29.60 -29.16
CA ILE F 482 -5.63 30.01 -29.67
C ILE F 482 -6.70 29.74 -28.63
N GLU F 483 -6.67 28.55 -28.04
CA GLU F 483 -7.68 28.19 -27.06
C GLU F 483 -7.58 29.06 -25.82
N ALA F 484 -6.36 29.43 -25.45
CA ALA F 484 -6.17 30.27 -24.27
C ALA F 484 -6.82 31.65 -24.45
N MET F 485 -6.76 32.19 -25.66
CA MET F 485 -7.25 33.54 -25.95
C MET F 485 -8.66 33.53 -26.54
N THR F 486 -9.39 32.47 -26.32
CA THR F 486 -10.80 32.42 -26.60
C THR F 486 -11.54 32.07 -25.32
N THR F 487 -12.82 32.39 -25.29
CA THR F 487 -13.73 31.94 -24.26
C THR F 487 -14.87 31.16 -24.92
N VAL F 488 -15.84 30.78 -24.11
CA VAL F 488 -16.96 29.97 -24.56
C VAL F 488 -18.25 30.74 -24.28
N LYS F 489 -19.19 30.66 -25.24
CA LYS F 489 -20.53 31.24 -25.11
C LYS F 489 -21.48 30.07 -25.30
N SER F 490 -22.21 29.71 -24.26
CA SER F 490 -23.13 28.59 -24.27
C SER F 490 -24.54 29.10 -24.46
N VAL F 491 -25.25 28.55 -25.45
CA VAL F 491 -26.65 28.84 -25.68
C VAL F 491 -27.41 27.55 -25.42
N VAL F 492 -28.35 27.59 -24.47
CA VAL F 492 -29.08 26.42 -24.00
C VAL F 492 -30.53 26.62 -24.33
N PHE F 493 -31.17 25.60 -24.91
CA PHE F 493 -32.60 25.66 -25.17
C PHE F 493 -33.17 24.25 -25.15
N ASP F 494 -34.50 24.17 -25.03
CA ASP F 494 -35.19 22.90 -24.97
C ASP F 494 -35.79 22.56 -26.34
N ILE F 495 -35.55 21.35 -26.80
CA ILE F 495 -36.15 20.85 -28.04
C ILE F 495 -37.59 20.47 -27.76
N GLN F 496 -38.47 20.76 -28.73
CA GLN F 496 -39.88 20.44 -28.59
C GLN F 496 -40.35 19.62 -29.79
N LEU G 22 -30.11 -31.34 -14.38
CA LEU G 22 -28.82 -30.83 -14.91
C LEU G 22 -29.05 -30.03 -16.21
N ALA G 23 -29.33 -30.73 -17.31
CA ALA G 23 -29.49 -30.08 -18.60
C ALA G 23 -30.85 -29.41 -18.69
N LYS G 24 -30.88 -28.16 -19.15
CA LYS G 24 -32.10 -27.38 -19.23
C LYS G 24 -32.46 -27.09 -20.68
N GLN G 25 -33.73 -26.78 -20.90
CA GLN G 25 -34.24 -26.38 -22.21
C GLN G 25 -34.32 -24.86 -22.23
N TYR G 26 -33.42 -24.22 -22.97
CA TYR G 26 -33.30 -22.78 -22.97
C TYR G 26 -34.20 -22.15 -24.03
N LYS G 27 -34.46 -20.85 -23.85
CA LYS G 27 -35.39 -20.12 -24.69
C LYS G 27 -34.77 -18.81 -25.13
N ASN G 28 -35.22 -18.32 -26.29
CA ASN G 28 -34.76 -17.04 -26.78
C ASN G 28 -35.56 -15.89 -26.17
N LEU G 29 -34.89 -14.77 -25.98
CA LEU G 29 -35.51 -13.53 -25.52
C LEU G 29 -36.02 -12.82 -26.76
N VAL G 30 -37.34 -12.74 -26.89
CA VAL G 30 -37.97 -12.12 -28.05
C VAL G 30 -39.05 -11.16 -27.56
N ASN G 31 -38.81 -9.86 -27.73
CA ASN G 31 -39.77 -8.82 -27.37
C ASN G 31 -40.20 -8.95 -25.90
N GLY G 32 -39.20 -9.12 -25.04
CA GLY G 32 -39.44 -9.19 -23.61
C GLY G 32 -40.01 -10.49 -23.12
N GLU G 33 -40.27 -11.44 -23.99
CA GLU G 33 -40.79 -12.74 -23.62
C GLU G 33 -39.77 -13.81 -23.99
N TRP G 34 -39.93 -14.98 -23.39
CA TRP G 34 -39.05 -16.13 -23.64
C TRP G 34 -39.77 -17.16 -24.49
N LYS G 35 -39.14 -17.55 -25.58
CA LYS G 35 -39.81 -18.37 -26.58
C LYS G 35 -38.98 -19.60 -26.94
N LEU G 36 -39.63 -20.77 -26.87
CA LEU G 36 -39.10 -21.95 -27.49
C LEU G 36 -39.45 -21.95 -28.99
N SER G 37 -38.85 -22.89 -29.72
CA SER G 37 -39.23 -23.16 -31.10
C SER G 37 -39.68 -24.61 -31.19
N GLU G 38 -40.28 -24.97 -32.34
CA GLU G 38 -40.74 -26.34 -32.51
C GLU G 38 -39.57 -27.33 -32.48
N ASN G 39 -38.45 -26.97 -33.06
CA ASN G 39 -37.23 -27.76 -33.04
C ASN G 39 -36.21 -27.07 -32.15
N GLU G 40 -35.23 -27.85 -31.72
CA GLU G 40 -34.18 -27.36 -30.84
C GLU G 40 -32.84 -27.97 -31.27
N ILE G 41 -31.78 -27.47 -30.64
CA ILE G 41 -30.42 -27.92 -30.89
C ILE G 41 -29.85 -28.30 -29.54
N THR G 42 -29.37 -29.55 -29.40
CA THR G 42 -28.77 -30.00 -28.15
C THR G 42 -27.28 -29.66 -28.15
N ILE G 43 -26.82 -29.07 -27.05
CA ILE G 43 -25.45 -28.62 -26.89
C ILE G 43 -24.73 -29.59 -25.95
N TYR G 44 -23.54 -30.00 -26.34
CA TYR G 44 -22.75 -30.92 -25.54
C TYR G 44 -21.43 -30.28 -25.16
N ALA G 45 -20.89 -30.66 -23.99
CA ALA G 45 -19.63 -30.11 -23.51
C ALA G 45 -18.49 -30.72 -24.31
N PRO G 46 -17.65 -29.91 -24.95
CA PRO G 46 -16.59 -30.50 -25.77
C PRO G 46 -15.62 -31.37 -25.02
N ALA G 47 -15.39 -31.11 -23.75
CA ALA G 47 -14.38 -31.86 -23.02
C ALA G 47 -14.87 -33.20 -22.51
N THR G 48 -16.19 -33.37 -22.37
CA THR G 48 -16.74 -34.57 -21.74
C THR G 48 -17.85 -35.23 -22.54
N GLY G 49 -18.49 -34.52 -23.46
CA GLY G 49 -19.68 -35.02 -24.10
C GLY G 49 -20.94 -34.88 -23.27
N GLU G 50 -20.84 -34.30 -22.09
CA GLU G 50 -22.02 -34.11 -21.25
C GLU G 50 -23.08 -33.27 -21.97
N GLU G 51 -24.33 -33.72 -21.90
CA GLU G 51 -25.43 -32.94 -22.43
C GLU G 51 -25.67 -31.73 -21.52
N LEU G 52 -25.60 -30.53 -22.10
CA LEU G 52 -25.73 -29.32 -21.29
C LEU G 52 -27.12 -28.71 -21.36
N GLY G 53 -27.86 -28.97 -22.42
CA GLY G 53 -29.15 -28.36 -22.61
C GLY G 53 -29.44 -28.21 -24.09
N SER G 54 -30.51 -27.49 -24.37
CA SER G 54 -30.92 -27.25 -25.75
C SER G 54 -31.24 -25.78 -25.90
N VAL G 55 -31.13 -25.29 -27.14
CA VAL G 55 -31.50 -23.94 -27.51
C VAL G 55 -32.45 -24.05 -28.69
N PRO G 56 -33.33 -23.08 -28.90
CA PRO G 56 -34.30 -23.21 -29.99
C PRO G 56 -33.65 -23.20 -31.36
N ALA G 57 -34.31 -23.88 -32.29
CA ALA G 57 -33.88 -23.88 -33.69
C ALA G 57 -34.87 -22.99 -34.44
N MET G 58 -34.62 -21.69 -34.39
CA MET G 58 -35.59 -20.74 -34.91
C MET G 58 -35.80 -20.92 -36.42
N THR G 59 -37.02 -20.62 -36.85
CA THR G 59 -37.36 -20.57 -38.26
C THR G 59 -37.10 -19.15 -38.76
N GLN G 60 -37.14 -18.97 -40.09
CA GLN G 60 -36.99 -17.63 -40.64
C GLN G 60 -38.15 -16.73 -40.19
N ALA G 61 -39.36 -17.28 -40.10
CA ALA G 61 -40.48 -16.47 -39.61
C ALA G 61 -40.23 -15.99 -38.19
N GLU G 62 -39.58 -16.80 -37.37
CA GLU G 62 -39.33 -16.40 -36.00
C GLU G 62 -38.23 -15.35 -35.94
N VAL G 63 -37.29 -15.40 -36.88
CA VAL G 63 -36.30 -14.32 -37.02
C VAL G 63 -37.00 -13.02 -37.41
N ASP G 64 -37.95 -13.10 -38.34
CA ASP G 64 -38.75 -11.93 -38.68
C ASP G 64 -39.37 -11.32 -37.42
N ALA G 65 -39.93 -12.15 -36.54
CA ALA G 65 -40.60 -11.63 -35.36
C ALA G 65 -39.60 -10.93 -34.44
N VAL G 66 -38.41 -11.52 -34.29
CA VAL G 66 -37.35 -10.86 -33.54
C VAL G 66 -37.08 -9.47 -34.11
N TYR G 67 -36.87 -9.40 -35.42
CA TYR G 67 -36.49 -8.13 -36.03
C TYR G 67 -37.65 -7.13 -36.01
N ALA G 68 -38.88 -7.58 -36.30
CA ALA G 68 -40.01 -6.69 -36.17
C ALA G 68 -40.10 -6.11 -34.77
N SER G 69 -39.88 -6.95 -33.75
CA SER G 69 -39.95 -6.46 -32.38
C SER G 69 -38.87 -5.43 -32.10
N ALA G 70 -37.67 -5.65 -32.65
CA ALA G 70 -36.57 -4.71 -32.47
C ALA G 70 -36.92 -3.34 -33.05
N LYS G 71 -37.37 -3.30 -34.30
CA LYS G 71 -37.62 -2.02 -34.94
C LYS G 71 -38.76 -1.29 -34.26
N LYS G 72 -39.78 -2.04 -33.81
CA LYS G 72 -40.88 -1.41 -33.08
C LYS G 72 -40.36 -0.75 -31.81
N ALA G 73 -39.40 -1.40 -31.13
CA ALA G 73 -38.88 -0.88 -29.87
C ALA G 73 -37.91 0.28 -30.07
N LEU G 74 -37.39 0.46 -31.28
CA LEU G 74 -36.29 1.39 -31.49
C LEU G 74 -36.72 2.84 -31.22
N SER G 75 -37.93 3.19 -31.64
CA SER G 75 -38.37 4.57 -31.49
C SER G 75 -38.35 5.01 -30.02
N ASP G 76 -38.98 4.21 -29.14
CA ASP G 76 -39.00 4.58 -27.73
C ASP G 76 -37.62 4.45 -27.09
N TRP G 77 -36.79 3.54 -27.57
CA TRP G 77 -35.47 3.35 -26.96
C TRP G 77 -34.53 4.50 -27.31
N ARG G 78 -34.51 4.93 -28.58
CA ARG G 78 -33.56 5.97 -28.96
C ARG G 78 -33.96 7.35 -28.40
N THR G 79 -35.20 7.52 -27.98
CA THR G 79 -35.66 8.78 -27.41
C THR G 79 -35.48 8.84 -25.91
N LEU G 80 -35.11 7.73 -25.26
CA LEU G 80 -34.76 7.80 -23.85
C LEU G 80 -33.48 8.61 -23.67
N SER G 81 -33.29 9.14 -22.47
CA SER G 81 -32.05 9.84 -22.19
C SER G 81 -30.90 8.85 -22.11
N TYR G 82 -29.68 9.35 -22.30
CA TYR G 82 -28.51 8.52 -22.09
C TYR G 82 -28.51 7.94 -20.68
N VAL G 83 -28.86 8.75 -19.68
CA VAL G 83 -28.88 8.29 -18.30
C VAL G 83 -29.76 7.06 -18.16
N GLU G 84 -30.96 7.13 -18.75
CA GLU G 84 -31.91 6.02 -18.62
C GLU G 84 -31.38 4.76 -19.28
N ARG G 85 -30.74 4.90 -20.45
CA ARG G 85 -30.19 3.72 -21.11
C ARG G 85 -29.01 3.16 -20.33
N ALA G 86 -28.14 4.03 -19.83
CA ALA G 86 -27.00 3.58 -19.04
C ALA G 86 -27.45 2.83 -17.79
N ALA G 87 -28.56 3.23 -17.20
CA ALA G 87 -29.03 2.57 -15.99
C ALA G 87 -29.34 1.10 -16.24
N TYR G 88 -29.98 0.78 -17.37
CA TYR G 88 -30.26 -0.61 -17.69
C TYR G 88 -28.97 -1.41 -17.84
N LEU G 89 -27.98 -0.84 -18.54
CA LEU G 89 -26.70 -1.51 -18.72
C LEU G 89 -26.03 -1.79 -17.38
N HIS G 90 -26.01 -0.80 -16.49
CA HIS G 90 -25.40 -0.99 -15.19
C HIS G 90 -26.11 -2.08 -14.42
N LYS G 91 -27.45 -2.07 -14.44
CA LYS G 91 -28.20 -3.11 -13.76
C LYS G 91 -27.86 -4.48 -14.33
N ALA G 92 -27.71 -4.59 -15.65
CA ALA G 92 -27.39 -5.88 -16.24
C ALA G 92 -25.99 -6.33 -15.84
N ALA G 93 -25.03 -5.40 -15.81
CA ALA G 93 -23.68 -5.73 -15.37
C ALA G 93 -23.72 -6.21 -13.93
N ASP G 94 -24.51 -5.55 -13.08
CA ASP G 94 -24.57 -5.96 -11.67
C ASP G 94 -25.08 -7.39 -11.56
N ILE G 95 -26.06 -7.75 -12.40
CA ILE G 95 -26.60 -9.10 -12.36
C ILE G 95 -25.58 -10.10 -12.84
N LEU G 96 -24.83 -9.77 -13.90
CA LEU G 96 -23.76 -10.64 -14.35
C LEU G 96 -22.73 -10.89 -13.25
N VAL G 97 -22.38 -9.86 -12.49
CA VAL G 97 -21.43 -10.04 -11.39
C VAL G 97 -22.06 -10.94 -10.33
N ARG G 98 -23.32 -10.69 -10.01
CA ARG G 98 -24.00 -11.54 -9.03
C ARG G 98 -23.94 -13.00 -9.46
N ASP G 99 -24.22 -13.27 -10.73
CA ASP G 99 -24.35 -14.62 -11.25
C ASP G 99 -23.11 -15.10 -12.01
N ALA G 100 -21.95 -14.49 -11.76
CA ALA G 100 -20.79 -14.82 -12.58
C ALA G 100 -20.37 -16.27 -12.37
N GLU G 101 -20.47 -16.76 -11.13
CA GLU G 101 -20.12 -18.16 -10.88
C GLU G 101 -21.11 -19.09 -11.54
N LYS G 102 -22.40 -18.74 -11.52
CA LYS G 102 -23.42 -19.59 -12.12
C LYS G 102 -23.26 -19.63 -13.64
N ILE G 103 -23.12 -18.45 -14.26
CA ILE G 103 -22.95 -18.37 -15.70
C ILE G 103 -21.62 -18.97 -16.11
N GLY G 104 -20.55 -18.61 -15.41
CA GLY G 104 -19.23 -19.10 -15.77
C GLY G 104 -19.10 -20.60 -15.72
N ALA G 105 -19.81 -21.24 -14.79
CA ALA G 105 -19.74 -22.70 -14.69
C ALA G 105 -20.27 -23.37 -15.94
N ILE G 106 -21.36 -22.85 -16.50
CA ILE G 106 -21.93 -23.43 -17.72
C ILE G 106 -21.10 -23.06 -18.94
N LEU G 107 -20.71 -21.79 -19.05
CA LEU G 107 -19.78 -21.37 -20.10
C LEU G 107 -18.54 -22.26 -20.14
N SER G 108 -18.01 -22.61 -18.97
CA SER G 108 -16.84 -23.46 -18.90
C SER G 108 -17.08 -24.78 -19.59
N LYS G 109 -18.23 -25.40 -19.33
CA LYS G 109 -18.55 -26.68 -19.93
C LYS G 109 -18.86 -26.53 -21.41
N GLU G 110 -19.53 -25.45 -21.79
CA GLU G 110 -20.02 -25.33 -23.17
C GLU G 110 -18.89 -25.16 -24.18
N VAL G 111 -17.81 -24.47 -23.81
CA VAL G 111 -16.72 -24.23 -24.75
C VAL G 111 -15.39 -24.79 -24.26
N ALA G 112 -15.41 -25.61 -23.23
CA ALA G 112 -14.19 -26.27 -22.72
C ALA G 112 -13.15 -25.25 -22.30
N LYS G 113 -13.62 -24.17 -21.70
CA LYS G 113 -12.77 -23.16 -21.11
C LYS G 113 -12.62 -23.45 -19.62
N GLY G 114 -11.43 -23.20 -19.09
CA GLY G 114 -11.16 -23.37 -17.67
C GLY G 114 -12.19 -22.66 -16.81
N HIS G 115 -12.58 -23.31 -15.71
CA HIS G 115 -13.65 -22.78 -14.87
C HIS G 115 -13.34 -21.37 -14.41
N LYS G 116 -12.18 -21.18 -13.77
N LYS G 116 -12.16 -21.17 -13.80
CA LYS G 116 -11.79 -19.83 -13.33
CA LYS G 116 -11.80 -19.83 -13.33
C LYS G 116 -11.81 -18.86 -14.51
C LYS G 116 -11.76 -18.85 -14.50
N ALA G 117 -11.26 -19.29 -15.65
CA ALA G 117 -11.22 -18.40 -16.81
C ALA G 117 -12.63 -18.04 -17.30
N ALA G 118 -13.54 -19.01 -17.27
CA ALA G 118 -14.91 -18.74 -17.69
C ALA G 118 -15.58 -17.72 -16.78
N VAL G 119 -15.45 -17.91 -15.47
CA VAL G 119 -16.00 -16.93 -14.54
C VAL G 119 -15.37 -15.57 -14.77
N SER G 120 -14.06 -15.54 -15.01
CA SER G 120 -13.39 -14.27 -15.31
C SER G 120 -13.98 -13.62 -16.55
N GLU G 121 -14.33 -14.42 -17.57
CA GLU G 121 -14.92 -13.85 -18.77
C GLU G 121 -16.20 -13.10 -18.44
N VAL G 122 -17.05 -13.69 -17.59
CA VAL G 122 -18.28 -13.01 -17.21
C VAL G 122 -17.98 -11.68 -16.50
N ILE G 123 -17.04 -11.71 -15.55
CA ILE G 123 -16.66 -10.49 -14.83
C ILE G 123 -16.15 -9.44 -15.79
N ARG G 124 -15.30 -9.83 -16.75
CA ARG G 124 -14.82 -8.87 -17.73
C ARG G 124 -15.96 -8.30 -18.55
N THR G 125 -16.95 -9.12 -18.86
CA THR G 125 -18.11 -8.61 -19.59
C THR G 125 -18.83 -7.54 -18.81
N ALA G 126 -19.05 -7.77 -17.51
CA ALA G 126 -19.68 -6.74 -16.69
C ALA G 126 -18.86 -5.46 -16.70
N GLU G 127 -17.53 -5.59 -16.69
CA GLU G 127 -16.67 -4.41 -16.69
C GLU G 127 -16.83 -3.65 -17.99
N ILE G 128 -16.87 -4.34 -19.13
CA ILE G 128 -17.02 -3.66 -20.42
CA ILE G 128 -16.99 -3.60 -20.37
C ILE G 128 -18.39 -3.01 -20.50
N ILE G 129 -19.42 -3.71 -20.01
CA ILE G 129 -20.78 -3.18 -20.07
C ILE G 129 -20.86 -1.89 -19.29
N ASN G 130 -20.35 -1.89 -18.05
CA ASN G 130 -20.33 -0.67 -17.25
C ASN G 130 -19.54 0.43 -17.93
N TYR G 131 -18.36 0.10 -18.45
CA TYR G 131 -17.52 1.10 -19.07
C TYR G 131 -18.21 1.67 -20.31
N ALA G 132 -18.91 0.81 -21.06
CA ALA G 132 -19.58 1.30 -22.26
C ALA G 132 -20.72 2.25 -21.91
N ALA G 133 -21.46 1.94 -20.83
CA ALA G 133 -22.56 2.80 -20.43
C ALA G 133 -22.04 4.19 -20.09
N GLU G 134 -20.96 4.26 -19.33
CA GLU G 134 -20.41 5.54 -18.90
C GLU G 134 -19.69 6.26 -20.04
N GLU G 135 -19.03 5.51 -20.93
CA GLU G 135 -18.43 6.15 -22.09
C GLU G 135 -19.51 6.74 -22.98
N GLY G 136 -20.57 5.98 -23.20
CA GLY G 136 -21.57 6.39 -24.18
C GLY G 136 -22.41 7.55 -23.75
N LEU G 137 -22.68 7.66 -22.45
CA LEU G 137 -23.65 8.65 -21.98
C LEU G 137 -23.11 10.07 -22.04
N ARG G 138 -21.79 10.23 -22.09
CA ARG G 138 -21.17 11.55 -22.09
C ARG G 138 -20.61 11.92 -23.45
N MET G 139 -20.93 11.14 -24.48
CA MET G 139 -20.53 11.52 -25.83
C MET G 139 -21.27 12.80 -26.25
N GLU G 140 -20.63 13.56 -27.13
CA GLU G 140 -21.09 14.90 -27.42
C GLU G 140 -21.26 15.06 -28.91
N GLY G 141 -22.03 16.08 -29.27
CA GLY G 141 -22.08 16.57 -30.63
C GLY G 141 -21.08 17.69 -30.84
N GLU G 142 -21.14 18.29 -32.02
CA GLU G 142 -20.21 19.37 -32.37
C GLU G 142 -21.00 20.46 -33.08
N VAL G 143 -20.44 21.67 -33.04
CA VAL G 143 -21.00 22.84 -33.69
C VAL G 143 -19.95 23.31 -34.69
N LEU G 144 -20.28 23.24 -35.98
CA LEU G 144 -19.37 23.67 -37.03
C LEU G 144 -19.80 25.02 -37.55
N GLU G 145 -18.82 25.85 -37.89
CA GLU G 145 -19.08 27.19 -38.38
C GLU G 145 -18.96 27.23 -39.90
N GLY G 146 -19.99 27.79 -40.54
CA GLY G 146 -19.91 27.98 -41.99
C GLY G 146 -18.80 28.92 -42.39
N GLY G 147 -18.47 29.87 -41.51
CA GLY G 147 -17.41 30.83 -41.77
C GLY G 147 -16.02 30.24 -41.78
N SER G 148 -15.86 29.00 -41.33
CA SER G 148 -14.60 28.31 -41.47
C SER G 148 -14.27 28.04 -42.92
N PHE G 149 -15.29 27.96 -43.79
CA PHE G 149 -15.11 27.55 -45.17
C PHE G 149 -15.43 28.64 -46.18
N GLU G 150 -16.45 29.45 -45.94
CA GLU G 150 -16.75 30.53 -46.87
C GLU G 150 -17.34 31.72 -46.12
N ALA G 151 -16.83 32.91 -46.46
CA ALA G 151 -17.25 34.11 -45.76
C ALA G 151 -18.76 34.31 -45.84
N ALA G 152 -19.35 34.10 -47.02
CA ALA G 152 -20.78 34.34 -47.18
C ALA G 152 -21.65 33.49 -46.25
N SER G 153 -21.09 32.41 -45.71
CA SER G 153 -21.83 31.51 -44.83
C SER G 153 -21.47 31.69 -43.36
N LYS G 154 -20.92 32.85 -42.98
CA LYS G 154 -20.42 33.01 -41.62
C LYS G 154 -21.51 32.94 -40.57
N LYS G 155 -22.76 33.22 -40.94
CA LYS G 155 -23.87 33.15 -40.01
C LYS G 155 -24.55 31.78 -39.98
N LYS G 156 -24.04 30.82 -40.73
CA LYS G 156 -24.64 29.50 -40.83
C LYS G 156 -23.84 28.53 -39.97
N ILE G 157 -24.50 27.87 -39.05
CA ILE G 157 -23.85 26.90 -38.18
C ILE G 157 -24.54 25.55 -38.32
N ALA G 158 -23.78 24.49 -38.08
CA ALA G 158 -24.30 23.13 -38.13
C ALA G 158 -24.23 22.53 -36.73
N ILE G 159 -25.39 22.16 -36.20
CA ILE G 159 -25.47 21.47 -34.91
C ILE G 159 -25.50 19.98 -35.21
N VAL G 160 -24.39 19.30 -34.93
CA VAL G 160 -24.17 17.92 -35.31
C VAL G 160 -24.30 17.06 -34.06
N ARG G 161 -25.32 16.22 -34.02
CA ARG G 161 -25.59 15.39 -32.85
C ARG G 161 -25.54 13.92 -33.27
N ARG G 162 -25.29 13.07 -32.29
CA ARG G 162 -25.18 11.64 -32.55
C ARG G 162 -26.55 10.97 -32.52
N GLU G 163 -26.69 9.95 -33.35
CA GLU G 163 -27.87 9.10 -33.39
C GLU G 163 -27.45 7.66 -33.63
N PRO G 164 -28.25 6.70 -33.18
CA PRO G 164 -27.92 5.31 -33.46
C PRO G 164 -28.09 5.01 -34.94
N VAL G 165 -27.48 3.88 -35.36
CA VAL G 165 -27.65 3.41 -36.73
C VAL G 165 -28.94 2.62 -36.91
N GLY G 166 -29.49 2.04 -35.85
CA GLY G 166 -30.74 1.33 -35.91
C GLY G 166 -30.68 -0.01 -35.21
N LEU G 167 -30.95 -1.08 -35.95
CA LEU G 167 -30.86 -2.43 -35.41
C LEU G 167 -29.47 -2.98 -35.72
N VAL G 168 -28.79 -3.42 -34.67
CA VAL G 168 -27.46 -4.02 -34.74
C VAL G 168 -27.61 -5.53 -34.58
N LEU G 169 -27.14 -6.27 -35.58
CA LEU G 169 -27.00 -7.71 -35.47
C LEU G 169 -25.62 -7.98 -34.88
N ALA G 170 -25.59 -8.50 -33.66
CA ALA G 170 -24.34 -8.85 -33.00
C ALA G 170 -24.18 -10.36 -33.04
N ILE G 171 -23.03 -10.83 -33.53
CA ILE G 171 -22.75 -12.24 -33.72
C ILE G 171 -21.50 -12.58 -32.92
N SER G 172 -21.66 -13.34 -31.86
CA SER G 172 -20.57 -13.60 -30.93
C SER G 172 -19.86 -14.89 -31.30
N PRO G 173 -18.64 -15.08 -30.78
CA PRO G 173 -17.86 -16.27 -31.16
C PRO G 173 -17.84 -17.33 -30.07
N PHE G 174 -17.49 -18.57 -30.43
CA PHE G 174 -17.52 -19.65 -29.45
C PHE G 174 -16.51 -19.41 -28.34
N ASN G 175 -15.36 -18.81 -28.66
CA ASN G 175 -14.28 -18.70 -27.69
C ASN G 175 -14.47 -17.59 -26.65
N TYR G 176 -15.40 -16.67 -26.91
CA TYR G 176 -15.75 -15.62 -25.95
C TYR G 176 -17.25 -15.33 -26.09
N PRO G 177 -18.09 -16.32 -25.79
CA PRO G 177 -19.50 -16.19 -26.15
C PRO G 177 -20.24 -15.17 -25.31
N VAL G 178 -19.68 -14.75 -24.18
CA VAL G 178 -20.26 -13.74 -23.32
C VAL G 178 -19.51 -12.41 -23.45
N ASN G 179 -18.19 -12.45 -23.35
CA ASN G 179 -17.38 -11.24 -23.44
C ASN G 179 -17.55 -10.56 -24.79
N LEU G 180 -17.48 -11.33 -25.88
CA LEU G 180 -17.58 -10.76 -27.23
C LEU G 180 -19.02 -10.76 -27.74
N ALA G 181 -19.98 -11.03 -26.87
CA ALA G 181 -21.36 -10.60 -27.08
C ALA G 181 -21.57 -9.25 -26.41
N GLY G 182 -21.18 -9.13 -25.13
CA GLY G 182 -21.33 -7.89 -24.41
C GLY G 182 -20.55 -6.74 -25.02
N SER G 183 -19.39 -7.05 -25.62
CA SER G 183 -18.60 -6.00 -26.27
C SER G 183 -19.32 -5.36 -27.44
N LYS G 184 -20.33 -6.02 -27.97
CA LYS G 184 -21.17 -5.48 -29.02
C LYS G 184 -22.47 -4.91 -28.48
N ILE G 185 -23.12 -5.62 -27.56
CA ILE G 185 -24.45 -5.26 -27.09
C ILE G 185 -24.41 -3.93 -26.36
N ALA G 186 -23.53 -3.82 -25.35
CA ALA G 186 -23.52 -2.61 -24.53
C ALA G 186 -23.16 -1.37 -25.32
N PRO G 187 -22.10 -1.35 -26.13
CA PRO G 187 -21.84 -0.16 -26.96
C PRO G 187 -22.99 0.17 -27.88
N ALA G 188 -23.64 -0.84 -28.45
CA ALA G 188 -24.77 -0.59 -29.31
C ALA G 188 -25.93 0.01 -28.54
N LEU G 189 -26.20 -0.51 -27.34
CA LEU G 189 -27.40 -0.09 -26.61
C LEU G 189 -27.27 1.32 -26.06
N ILE G 190 -26.10 1.67 -25.52
CA ILE G 190 -25.98 3.00 -24.93
C ILE G 190 -26.23 4.09 -25.95
N ALA G 191 -25.89 3.84 -27.19
CA ALA G 191 -26.08 4.82 -28.26
C ALA G 191 -27.50 4.92 -28.75
N GLY G 192 -28.40 4.10 -28.24
CA GLY G 192 -29.77 4.10 -28.69
C GLY G 192 -30.12 3.06 -29.76
N ASN G 193 -29.19 2.15 -30.08
CA ASN G 193 -29.50 1.08 -31.00
C ASN G 193 -30.31 0.00 -30.30
N VAL G 194 -31.07 -0.75 -31.09
CA VAL G 194 -31.65 -2.01 -30.66
C VAL G 194 -30.75 -3.12 -31.17
N VAL G 195 -30.79 -4.27 -30.49
CA VAL G 195 -29.81 -5.32 -30.72
C VAL G 195 -30.50 -6.68 -30.82
N ALA G 196 -30.06 -7.51 -31.76
CA ALA G 196 -30.34 -8.93 -31.76
C ALA G 196 -28.99 -9.64 -31.68
N LEU G 197 -28.83 -10.51 -30.70
CA LEU G 197 -27.62 -11.30 -30.55
C LEU G 197 -27.82 -12.69 -31.18
N LYS G 198 -26.93 -13.05 -32.10
CA LYS G 198 -26.86 -14.39 -32.65
C LYS G 198 -25.64 -15.08 -32.05
N PRO G 199 -25.78 -15.85 -30.99
CA PRO G 199 -24.64 -16.59 -30.48
C PRO G 199 -24.27 -17.70 -31.44
N PRO G 200 -23.05 -18.20 -31.36
CA PRO G 200 -22.72 -19.41 -32.10
C PRO G 200 -23.41 -20.59 -31.45
N THR G 201 -23.73 -21.61 -32.25
CA THR G 201 -24.44 -22.76 -31.70
C THR G 201 -23.69 -23.31 -30.48
N GLN G 202 -22.37 -23.45 -30.59
CA GLN G 202 -21.54 -23.82 -29.45
C GLN G 202 -21.22 -22.53 -28.70
N GLY G 203 -22.01 -22.24 -27.68
CA GLY G 203 -21.92 -20.98 -26.98
C GLY G 203 -23.28 -20.30 -26.93
N SER G 204 -24.30 -20.92 -27.53
CA SER G 204 -25.64 -20.35 -27.51
C SER G 204 -26.21 -20.35 -26.10
N ILE G 205 -25.91 -21.38 -25.29
CA ILE G 205 -26.39 -21.39 -23.92
C ILE G 205 -25.84 -20.19 -23.15
N SER G 206 -24.52 -20.00 -23.23
CA SER G 206 -23.90 -18.87 -22.53
CA SER G 206 -23.90 -18.88 -22.53
C SER G 206 -24.45 -17.55 -23.02
N GLY G 207 -24.69 -17.43 -24.32
CA GLY G 207 -25.29 -16.21 -24.84
C GLY G 207 -26.69 -15.96 -24.32
N LEU G 208 -27.49 -17.03 -24.16
CA LEU G 208 -28.82 -16.90 -23.60
C LEU G 208 -28.79 -16.63 -22.11
N LEU G 209 -27.77 -17.13 -21.41
CA LEU G 209 -27.62 -16.78 -20.00
C LEU G 209 -27.32 -15.30 -19.86
N LEU G 210 -26.43 -14.76 -20.70
CA LEU G 210 -26.22 -13.33 -20.76
C LEU G 210 -27.55 -12.61 -21.01
N ALA G 211 -28.35 -13.13 -21.93
CA ALA G 211 -29.63 -12.51 -22.22
C ALA G 211 -30.48 -12.41 -20.97
N GLU G 212 -30.46 -13.44 -20.13
CA GLU G 212 -31.27 -13.41 -18.92
C GLU G 212 -30.93 -12.21 -18.04
N ALA G 213 -29.66 -11.83 -18.02
CA ALA G 213 -29.25 -10.70 -17.18
C ALA G 213 -29.84 -9.41 -17.68
N PHE G 214 -29.83 -9.19 -19.01
CA PHE G 214 -30.46 -7.99 -19.55
C PHE G 214 -31.97 -8.02 -19.36
N ALA G 215 -32.57 -9.20 -19.47
CA ALA G 215 -34.00 -9.32 -19.21
C ALA G 215 -34.31 -8.94 -17.78
N GLU G 216 -33.57 -9.51 -16.83
CA GLU G 216 -33.82 -9.20 -15.42
C GLU G 216 -33.54 -7.74 -15.11
N ALA G 217 -32.59 -7.13 -15.80
CA ALA G 217 -32.29 -5.71 -15.62
C ALA G 217 -33.43 -4.81 -16.07
N GLY G 218 -34.41 -5.34 -16.78
CA GLY G 218 -35.54 -4.56 -17.20
C GLY G 218 -35.44 -3.98 -18.59
N ILE G 219 -34.46 -4.40 -19.38
CA ILE G 219 -34.28 -3.87 -20.74
C ILE G 219 -35.63 -3.91 -21.44
N PRO G 220 -36.09 -2.79 -22.02
CA PRO G 220 -37.45 -2.78 -22.58
C PRO G 220 -37.65 -3.86 -23.63
N ALA G 221 -38.89 -4.31 -23.76
CA ALA G 221 -39.18 -5.39 -24.69
C ALA G 221 -38.74 -5.01 -26.09
N GLY G 222 -38.00 -5.90 -26.72
CA GLY G 222 -37.58 -5.72 -28.07
C GLY G 222 -36.28 -4.94 -28.22
N VAL G 223 -35.83 -4.24 -27.20
CA VAL G 223 -34.60 -3.49 -27.31
C VAL G 223 -33.41 -4.44 -27.43
N PHE G 224 -33.46 -5.56 -26.74
CA PHE G 224 -32.46 -6.60 -26.86
C PHE G 224 -33.17 -7.93 -27.04
N ASN G 225 -32.75 -8.69 -28.04
CA ASN G 225 -33.35 -9.98 -28.36
C ASN G 225 -32.23 -10.95 -28.73
N THR G 226 -32.56 -12.24 -28.73
CA THR G 226 -31.62 -13.29 -29.10
C THR G 226 -32.19 -14.10 -30.26
N ILE G 227 -31.28 -14.63 -31.08
CA ILE G 227 -31.60 -15.55 -32.18
C ILE G 227 -30.72 -16.79 -32.01
N THR G 228 -31.32 -17.96 -32.10
CA THR G 228 -30.55 -19.20 -32.17
C THR G 228 -31.18 -20.07 -33.25
N GLY G 229 -30.35 -20.90 -33.86
CA GLY G 229 -30.84 -21.82 -34.87
C GLY G 229 -29.69 -22.37 -35.70
N ARG G 230 -30.08 -23.19 -36.69
CA ARG G 230 -29.11 -23.87 -37.53
C ARG G 230 -28.71 -22.96 -38.69
N GLY G 231 -27.42 -22.99 -39.03
CA GLY G 231 -26.97 -22.21 -40.17
C GLY G 231 -27.74 -22.52 -41.43
N SER G 232 -28.06 -23.79 -41.65
CA SER G 232 -28.76 -24.17 -42.86
C SER G 232 -30.14 -23.55 -42.96
N VAL G 233 -30.72 -23.13 -41.85
CA VAL G 233 -32.07 -22.57 -41.86
C VAL G 233 -32.05 -21.04 -41.84
N ILE G 234 -31.21 -20.44 -40.99
CA ILE G 234 -31.23 -18.99 -40.80
C ILE G 234 -29.88 -18.34 -40.96
N GLY G 235 -28.84 -19.08 -41.28
CA GLY G 235 -27.50 -18.52 -41.32
C GLY G 235 -27.37 -17.28 -42.17
N ASP G 236 -27.62 -17.40 -43.47
CA ASP G 236 -27.59 -16.22 -44.30
C ASP G 236 -28.80 -15.34 -44.07
N TYR G 237 -29.92 -15.93 -43.64
CA TYR G 237 -31.15 -15.16 -43.54
C TYR G 237 -31.04 -14.02 -42.53
N ILE G 238 -30.44 -14.28 -41.37
CA ILE G 238 -30.33 -13.26 -40.32
C ILE G 238 -29.49 -12.08 -40.79
N VAL G 239 -28.51 -12.31 -41.67
CA VAL G 239 -27.62 -11.24 -42.12
C VAL G 239 -28.22 -10.47 -43.29
N GLU G 240 -28.89 -11.17 -44.20
CA GLU G 240 -29.41 -10.53 -45.40
C GLU G 240 -30.68 -9.74 -45.13
N HIS G 241 -31.30 -9.90 -43.96
CA HIS G 241 -32.59 -9.28 -43.69
C HIS G 241 -32.47 -7.76 -43.76
N GLU G 242 -33.49 -7.14 -44.37
CA GLU G 242 -33.44 -5.69 -44.58
C GLU G 242 -33.64 -4.91 -43.30
N ALA G 243 -34.14 -5.57 -42.25
CA ALA G 243 -34.31 -4.87 -40.98
C ALA G 243 -32.96 -4.53 -40.34
N VAL G 244 -31.94 -5.35 -40.57
CA VAL G 244 -30.65 -5.16 -39.94
C VAL G 244 -29.97 -3.94 -40.55
N ASN G 245 -29.51 -3.02 -39.71
CA ASN G 245 -28.82 -1.82 -40.16
C ASN G 245 -27.32 -1.86 -39.93
N PHE G 246 -26.81 -2.86 -39.23
CA PHE G 246 -25.41 -2.91 -38.86
C PHE G 246 -25.13 -4.36 -38.47
N ILE G 247 -23.97 -4.86 -38.86
CA ILE G 247 -23.56 -6.23 -38.57
C ILE G 247 -22.23 -6.19 -37.82
N ASN G 248 -22.21 -6.76 -36.62
CA ASN G 248 -21.05 -6.72 -35.74
C ASN G 248 -20.69 -8.16 -35.42
N PHE G 249 -19.59 -8.65 -35.98
CA PHE G 249 -19.28 -10.07 -36.02
C PHE G 249 -17.88 -10.37 -35.56
N THR G 250 -17.75 -11.41 -34.75
CA THR G 250 -16.46 -11.99 -34.38
C THR G 250 -16.53 -13.46 -34.75
N GLY G 251 -15.50 -13.95 -35.43
CA GLY G 251 -15.43 -15.35 -35.81
C GLY G 251 -14.27 -15.61 -36.74
N SER G 252 -14.38 -16.71 -37.49
CA SER G 252 -13.30 -17.11 -38.37
C SER G 252 -13.28 -16.22 -39.62
N THR G 253 -12.10 -16.11 -40.22
CA THR G 253 -11.96 -15.29 -41.41
C THR G 253 -12.90 -15.73 -42.52
N PRO G 254 -12.94 -16.99 -42.93
CA PRO G 254 -13.85 -17.36 -44.02
C PRO G 254 -15.30 -17.03 -43.73
N ILE G 255 -15.76 -17.24 -42.50
CA ILE G 255 -17.14 -16.89 -42.17
C ILE G 255 -17.33 -15.39 -42.26
N GLY G 256 -16.37 -14.62 -41.73
CA GLY G 256 -16.45 -13.17 -41.84
C GLY G 256 -16.45 -12.69 -43.27
N GLU G 257 -15.68 -13.35 -44.14
CA GLU G 257 -15.71 -12.97 -45.55
C GLU G 257 -17.07 -13.24 -46.14
N GLY G 258 -17.73 -14.32 -45.70
CA GLY G 258 -19.08 -14.60 -46.18
C GLY G 258 -20.06 -13.50 -45.80
N ILE G 259 -19.91 -12.96 -44.58
CA ILE G 259 -20.79 -11.88 -44.14
C ILE G 259 -20.52 -10.62 -44.94
N GLY G 260 -19.25 -10.36 -45.25
CA GLY G 260 -18.94 -9.20 -46.08
C GLY G 260 -19.69 -9.23 -47.40
N LYS G 261 -19.89 -10.41 -47.95
CA LYS G 261 -20.59 -10.51 -49.24
C LYS G 261 -22.08 -10.25 -49.10
N LEU G 262 -22.64 -10.38 -47.89
CA LEU G 262 -24.07 -10.18 -47.66
C LEU G 262 -24.38 -8.81 -47.05
N ALA G 263 -23.36 -8.04 -46.69
CA ALA G 263 -23.61 -6.78 -45.98
C ALA G 263 -24.28 -5.74 -46.87
N GLY G 264 -24.00 -5.76 -48.16
CA GLY G 264 -24.56 -4.74 -49.03
C GLY G 264 -24.03 -3.38 -48.64
N MET G 265 -24.95 -2.44 -48.47
CA MET G 265 -24.58 -1.08 -48.13
C MET G 265 -24.45 -0.88 -46.64
N ARG G 266 -24.74 -1.88 -45.85
CA ARG G 266 -24.84 -1.66 -44.42
C ARG G 266 -23.49 -1.84 -43.76
N PRO G 267 -23.13 -0.96 -42.83
CA PRO G 267 -21.81 -1.05 -42.20
C PRO G 267 -21.66 -2.35 -41.43
N ILE G 268 -20.42 -2.85 -41.44
CA ILE G 268 -20.09 -4.09 -40.74
C ILE G 268 -18.79 -3.90 -39.98
N MET G 269 -18.69 -4.59 -38.85
CA MET G 269 -17.43 -4.75 -38.13
C MET G 269 -17.13 -6.23 -38.11
N LEU G 270 -15.87 -6.57 -38.39
CA LEU G 270 -15.42 -7.95 -38.47
C LEU G 270 -14.18 -8.08 -37.60
N GLU G 271 -14.22 -9.03 -36.67
CA GLU G 271 -13.07 -9.39 -35.83
C GLU G 271 -12.80 -10.85 -36.19
N LEU G 272 -11.74 -11.10 -36.95
CA LEU G 272 -11.50 -12.40 -37.54
C LEU G 272 -10.18 -12.97 -37.00
N GLY G 273 -9.52 -13.79 -37.78
CA GLY G 273 -8.37 -14.52 -37.29
C GLY G 273 -7.13 -13.68 -37.21
N GLY G 274 -6.12 -14.27 -36.60
CA GLY G 274 -4.84 -13.60 -36.48
C GLY G 274 -3.71 -14.60 -36.58
N LYS G 275 -2.52 -14.09 -36.87
CA LYS G 275 -1.29 -14.89 -36.80
C LYS G 275 -0.20 -13.97 -36.25
N ASP G 276 -0.43 -13.47 -35.03
CA ASP G 276 0.40 -12.40 -34.48
C ASP G 276 1.83 -12.86 -34.36
N SER G 277 2.77 -12.04 -34.82
CA SER G 277 4.18 -12.34 -34.68
C SER G 277 4.72 -11.70 -33.40
N ALA G 278 5.61 -12.40 -32.75
CA ALA G 278 6.43 -11.87 -31.66
C ALA G 278 7.84 -11.73 -32.22
N ILE G 279 8.27 -10.49 -32.42
CA ILE G 279 9.58 -10.20 -32.97
C ILE G 279 10.55 -9.96 -31.81
N VAL G 280 11.59 -10.80 -31.72
CA VAL G 280 12.53 -10.77 -30.61
C VAL G 280 13.90 -10.38 -31.15
N LEU G 281 14.40 -9.23 -30.71
CA LEU G 281 15.67 -8.70 -31.18
C LEU G 281 16.78 -9.16 -30.25
N GLU G 282 18.02 -8.89 -30.69
CA GLU G 282 19.18 -9.40 -29.98
C GLU G 282 19.28 -8.84 -28.57
N ASP G 283 18.73 -7.65 -28.31
CA ASP G 283 18.86 -7.01 -27.00
C ASP G 283 17.66 -7.25 -26.10
N ALA G 284 16.77 -8.18 -26.45
CA ALA G 284 15.57 -8.41 -25.67
C ALA G 284 15.89 -9.13 -24.36
N ASP G 285 15.08 -8.86 -23.36
CA ASP G 285 15.08 -9.68 -22.15
C ASP G 285 14.45 -11.01 -22.52
N LEU G 286 15.28 -12.04 -22.70
CA LEU G 286 14.78 -13.30 -23.28
C LEU G 286 13.83 -14.03 -22.34
N ALA G 287 14.12 -14.02 -21.03
CA ALA G 287 13.22 -14.69 -20.08
C ALA G 287 11.86 -14.00 -20.03
N LEU G 288 11.86 -12.67 -20.01
CA LEU G 288 10.62 -11.91 -20.01
C LEU G 288 9.86 -12.15 -21.30
N ALA G 289 10.55 -12.12 -22.44
CA ALA G 289 9.92 -12.42 -23.71
C ALA G 289 9.27 -13.79 -23.69
N ALA G 290 10.01 -14.81 -23.22
CA ALA G 290 9.46 -16.16 -23.22
C ALA G 290 8.22 -16.25 -22.35
N LYS G 291 8.23 -15.60 -21.20
CA LYS G 291 7.07 -15.58 -20.33
C LYS G 291 5.85 -15.02 -21.04
N ASN G 292 6.03 -13.88 -21.70
CA ASN G 292 4.92 -13.26 -22.43
C ASN G 292 4.50 -14.10 -23.63
N ILE G 293 5.46 -14.63 -24.39
CA ILE G 293 5.14 -15.44 -25.56
C ILE G 293 4.33 -16.66 -25.16
N VAL G 294 4.73 -17.35 -24.09
CA VAL G 294 4.01 -18.56 -23.69
C VAL G 294 2.60 -18.22 -23.18
N ALA G 295 2.50 -17.19 -22.33
CA ALA G 295 1.18 -16.77 -21.88
C ALA G 295 0.29 -16.41 -23.05
N GLY G 296 0.81 -15.65 -24.01
CA GLY G 296 -0.02 -15.21 -25.12
C GLY G 296 -0.36 -16.32 -26.10
N ALA G 297 0.59 -17.21 -26.34
CA ALA G 297 0.42 -18.21 -27.39
C ALA G 297 -0.52 -19.34 -26.96
N PHE G 298 -0.50 -19.72 -25.69
CA PHE G 298 -1.15 -20.93 -25.25
C PHE G 298 -2.39 -20.67 -24.39
N GLY G 299 -2.70 -19.42 -24.12
CA GLY G 299 -3.93 -19.10 -23.42
C GLY G 299 -5.13 -19.72 -24.11
N TYR G 300 -6.04 -20.36 -23.36
CA TYR G 300 -7.19 -21.05 -23.94
C TYR G 300 -6.76 -21.99 -25.07
N SER G 301 -5.63 -22.67 -24.86
CA SER G 301 -5.12 -23.66 -25.80
C SER G 301 -4.84 -23.06 -27.18
N GLY G 302 -4.58 -21.77 -27.23
CA GLY G 302 -4.31 -21.10 -28.49
C GLY G 302 -5.52 -20.71 -29.30
N GLN G 303 -6.71 -20.87 -28.74
CA GLN G 303 -7.96 -20.61 -29.46
C GLN G 303 -8.37 -19.14 -29.29
N ARG G 304 -7.47 -18.25 -29.73
CA ARG G 304 -7.68 -16.82 -29.61
C ARG G 304 -7.14 -16.14 -30.86
N SER G 305 -7.87 -15.14 -31.35
CA SER G 305 -7.38 -14.36 -32.49
C SER G 305 -6.13 -13.59 -32.11
N THR G 306 -6.18 -12.90 -30.99
CA THR G 306 -5.07 -12.13 -30.45
C THR G 306 -4.28 -13.08 -29.59
N ALA G 307 -3.16 -13.56 -30.12
CA ALA G 307 -2.31 -14.51 -29.42
C ALA G 307 -1.03 -14.64 -30.22
N VAL G 308 0.11 -14.70 -29.54
CA VAL G 308 1.35 -14.93 -30.25
C VAL G 308 1.24 -16.28 -30.96
N LYS G 309 1.37 -16.27 -32.29
CA LYS G 309 1.25 -17.48 -33.10
C LYS G 309 2.50 -17.81 -33.89
N ARG G 310 3.52 -16.97 -33.84
CA ARG G 310 4.79 -17.28 -34.49
C ARG G 310 5.82 -16.38 -33.87
N VAL G 311 6.95 -16.95 -33.49
CA VAL G 311 8.07 -16.19 -32.95
C VAL G 311 9.02 -15.94 -34.11
N LEU G 312 9.38 -14.68 -34.30
CA LEU G 312 10.38 -14.27 -35.28
C LEU G 312 11.56 -13.74 -34.48
N VAL G 313 12.59 -14.58 -34.32
CA VAL G 313 13.69 -14.30 -33.42
C VAL G 313 15.00 -14.17 -34.19
N MET G 314 15.78 -13.15 -33.85
CA MET G 314 17.13 -13.04 -34.39
C MET G 314 17.95 -14.25 -33.99
N ASP G 315 18.63 -14.83 -34.96
CA ASP G 315 19.29 -16.13 -34.74
C ASP G 315 20.25 -16.09 -33.56
N LYS G 316 20.89 -14.93 -33.29
CA LYS G 316 21.88 -14.84 -32.23
C LYS G 316 21.30 -15.24 -30.88
N VAL G 317 20.05 -14.88 -30.60
CA VAL G 317 19.42 -15.19 -29.33
C VAL G 317 18.41 -16.32 -29.43
N ALA G 318 18.27 -16.95 -30.60
CA ALA G 318 17.22 -17.95 -30.81
C ALA G 318 17.40 -19.18 -29.92
N ASP G 319 18.62 -19.69 -29.81
CA ASP G 319 18.84 -20.87 -29.01
C ASP G 319 18.42 -20.66 -27.57
N GLN G 320 18.82 -19.53 -26.97
CA GLN G 320 18.49 -19.25 -25.58
CA GLN G 320 18.49 -19.26 -25.58
C GLN G 320 17.00 -18.96 -25.41
N LEU G 321 16.42 -18.21 -26.35
CA LEU G 321 14.98 -17.93 -26.25
C LEU G 321 14.19 -19.22 -26.35
N ALA G 322 14.54 -20.09 -27.32
CA ALA G 322 13.80 -21.33 -27.49
C ALA G 322 13.86 -22.17 -26.23
N ALA G 323 15.01 -22.17 -25.55
CA ALA G 323 15.12 -22.90 -24.28
C ALA G 323 14.23 -22.28 -23.21
N GLU G 324 14.20 -20.95 -23.13
CA GLU G 324 13.36 -20.28 -22.14
C GLU G 324 11.90 -20.58 -22.40
N ILE G 325 11.48 -20.55 -23.67
CA ILE G 325 10.11 -20.89 -24.01
C ILE G 325 9.83 -22.36 -23.72
N LYS G 326 10.76 -23.24 -24.11
CA LYS G 326 10.57 -24.67 -23.88
C LYS G 326 10.28 -24.97 -22.42
N THR G 327 11.07 -24.40 -21.50
N THR G 327 11.08 -24.40 -21.52
CA THR G 327 10.89 -24.73 -20.09
CA THR G 327 10.92 -24.67 -20.09
C THR G 327 9.52 -24.29 -19.59
C THR G 327 9.51 -24.30 -19.62
N LEU G 328 8.99 -23.16 -20.07
CA LEU G 328 7.67 -22.75 -19.63
C LEU G 328 6.57 -23.63 -20.25
N VAL G 329 6.71 -23.98 -21.52
CA VAL G 329 5.70 -24.82 -22.16
C VAL G 329 5.58 -26.15 -21.43
N GLU G 330 6.71 -26.72 -21.01
CA GLU G 330 6.69 -27.97 -20.31
C GLU G 330 5.94 -27.89 -18.98
N LYS G 331 5.82 -26.69 -18.40
CA LYS G 331 5.13 -26.49 -17.13
C LYS G 331 3.64 -26.28 -17.28
N LEU G 332 3.14 -26.05 -18.50
CA LEU G 332 1.71 -25.89 -18.68
C LEU G 332 0.96 -27.17 -18.29
N SER G 333 -0.15 -26.99 -17.61
CA SER G 333 -1.02 -28.11 -17.27
C SER G 333 -1.91 -28.44 -18.46
N VAL G 334 -2.11 -29.74 -18.68
CA VAL G 334 -2.92 -30.25 -19.79
C VAL G 334 -3.98 -31.14 -19.19
N GLY G 335 -5.24 -30.75 -19.35
CA GLY G 335 -6.32 -31.49 -18.75
C GLY G 335 -7.68 -30.86 -18.93
N MET G 336 -8.57 -31.00 -17.94
CA MET G 336 -9.97 -30.71 -18.11
C MET G 336 -10.31 -29.30 -17.64
N PRO G 337 -11.36 -28.73 -18.23
CA PRO G 337 -11.78 -27.38 -17.78
C PRO G 337 -12.01 -27.27 -16.29
N GLU G 338 -12.58 -28.32 -15.67
CA GLU G 338 -12.91 -28.26 -14.26
C GLU G 338 -11.67 -28.14 -13.39
N ASP G 339 -10.51 -28.56 -13.90
CA ASP G 339 -9.25 -28.50 -13.17
C ASP G 339 -8.44 -27.25 -13.46
N ASP G 340 -9.01 -26.33 -14.22
CA ASP G 340 -8.33 -25.09 -14.59
C ASP G 340 -6.98 -25.35 -15.25
N ALA G 341 -6.94 -26.41 -16.07
CA ALA G 341 -5.75 -26.71 -16.85
C ALA G 341 -5.48 -25.57 -17.81
N ASP G 342 -4.19 -25.25 -17.98
CA ASP G 342 -3.81 -24.27 -18.99
C ASP G 342 -4.29 -24.69 -20.37
N ILE G 343 -4.06 -25.94 -20.73
CA ILE G 343 -4.40 -26.50 -22.04
C ILE G 343 -5.61 -27.41 -21.81
N THR G 344 -6.75 -27.02 -22.35
CA THR G 344 -7.98 -27.79 -22.32
C THR G 344 -8.29 -28.36 -23.70
N PRO G 345 -9.28 -29.25 -23.78
CA PRO G 345 -9.61 -29.86 -25.08
C PRO G 345 -10.11 -28.79 -26.03
N LEU G 346 -9.74 -28.94 -27.30
CA LEU G 346 -10.19 -28.02 -28.33
C LEU G 346 -11.69 -28.15 -28.57
N ILE G 347 -12.25 -27.15 -29.27
CA ILE G 347 -13.69 -26.95 -29.31
C ILE G 347 -14.40 -28.11 -29.98
N ASP G 348 -13.75 -28.78 -30.93
CA ASP G 348 -14.36 -29.94 -31.59
C ASP G 348 -13.29 -30.74 -32.32
N THR G 349 -13.72 -31.87 -32.89
CA THR G 349 -12.75 -32.79 -33.49
C THR G 349 -12.11 -32.17 -34.72
N SER G 350 -12.90 -31.44 -35.52
CA SER G 350 -12.34 -30.80 -36.71
C SER G 350 -11.16 -29.91 -36.34
N ALA G 351 -11.30 -29.13 -35.26
CA ALA G 351 -10.22 -28.24 -34.84
C ALA G 351 -8.99 -29.03 -34.47
N ALA G 352 -9.14 -30.10 -33.69
CA ALA G 352 -7.98 -30.90 -33.31
C ALA G 352 -7.35 -31.60 -34.51
N ASP G 353 -8.17 -32.13 -35.41
CA ASP G 353 -7.64 -32.74 -36.61
C ASP G 353 -6.83 -31.73 -37.41
N PHE G 354 -7.34 -30.50 -37.55
CA PHE G 354 -6.62 -29.49 -38.30
C PHE G 354 -5.29 -29.15 -37.65
N VAL G 355 -5.31 -28.96 -36.33
CA VAL G 355 -4.08 -28.67 -35.60
C VAL G 355 -3.07 -29.81 -35.76
N GLU G 356 -3.54 -31.05 -35.66
CA GLU G 356 -2.60 -32.17 -35.76
C GLU G 356 -1.96 -32.20 -37.15
N GLY G 357 -2.73 -31.83 -38.18
CA GLY G 357 -2.17 -31.80 -39.53
C GLY G 357 -1.09 -30.74 -39.67
N LEU G 358 -1.29 -29.57 -39.07
CA LEU G 358 -0.25 -28.55 -39.06
C LEU G 358 1.02 -29.07 -38.36
N ILE G 359 0.84 -29.76 -37.24
CA ILE G 359 1.96 -30.33 -36.53
C ILE G 359 2.67 -31.35 -37.41
N LYS G 360 1.89 -32.23 -38.04
CA LYS G 360 2.47 -33.26 -38.90
C LYS G 360 3.24 -32.63 -40.05
N ASP G 361 2.71 -31.57 -40.66
CA ASP G 361 3.42 -30.94 -41.77
C ASP G 361 4.76 -30.38 -41.31
N ALA G 362 4.80 -29.79 -40.11
CA ALA G 362 6.05 -29.23 -39.59
C ALA G 362 7.04 -30.33 -39.27
N THR G 363 6.54 -31.43 -38.70
CA THR G 363 7.43 -32.56 -38.40
C THR G 363 8.02 -33.13 -39.68
N ASP G 364 7.16 -33.41 -40.68
CA ASP G 364 7.64 -34.01 -41.91
C ASP G 364 8.57 -33.08 -42.67
N LYS G 365 8.38 -31.78 -42.56
CA LYS G 365 9.27 -30.83 -43.22
C LYS G 365 10.53 -30.53 -42.42
N GLY G 366 10.71 -31.15 -41.26
CA GLY G 366 11.98 -31.11 -40.59
C GLY G 366 12.10 -30.22 -39.38
N ALA G 367 10.99 -29.65 -38.91
CA ALA G 367 11.07 -28.78 -37.75
C ALA G 367 11.36 -29.60 -36.51
N THR G 368 11.97 -28.95 -35.51
CA THR G 368 12.37 -29.61 -34.28
C THR G 368 11.26 -29.42 -33.24
N ALA G 369 10.64 -30.52 -32.83
CA ALA G 369 9.63 -30.47 -31.78
C ALA G 369 10.34 -30.41 -30.43
N LEU G 370 10.30 -29.25 -29.78
CA LEU G 370 10.92 -29.10 -28.48
C LEU G 370 10.06 -29.61 -27.33
N THR G 371 8.75 -29.73 -27.53
CA THR G 371 7.84 -30.40 -26.59
C THR G 371 7.06 -31.44 -27.37
N ALA G 372 6.62 -32.48 -26.66
CA ALA G 372 6.11 -33.68 -27.29
C ALA G 372 4.63 -33.52 -27.66
N PHE G 373 4.29 -33.90 -28.88
CA PHE G 373 2.91 -33.94 -29.31
C PHE G 373 2.21 -35.14 -28.70
N ASN G 374 1.01 -34.91 -28.18
CA ASN G 374 0.16 -35.99 -27.72
C ASN G 374 -1.28 -35.53 -27.91
N ARG G 375 -2.17 -36.48 -28.14
CA ARG G 375 -3.58 -36.16 -28.33
C ARG G 375 -4.41 -37.26 -27.72
N GLU G 376 -5.31 -36.89 -26.81
N GLU G 376 -5.30 -36.88 -26.81
CA GLU G 376 -6.27 -37.79 -26.19
CA GLU G 376 -6.27 -37.79 -26.20
C GLU G 376 -7.65 -37.19 -26.42
C GLU G 376 -7.64 -37.17 -26.42
N GLY G 377 -8.44 -37.80 -27.28
CA GLY G 377 -9.66 -37.18 -27.74
C GLY G 377 -9.29 -35.96 -28.54
N ASN G 378 -9.79 -34.79 -28.14
CA ASN G 378 -9.39 -33.53 -28.75
C ASN G 378 -8.53 -32.69 -27.81
N LEU G 379 -7.93 -33.32 -26.80
CA LEU G 379 -7.00 -32.65 -25.89
C LEU G 379 -5.60 -32.84 -26.47
N ILE G 380 -5.07 -31.80 -27.10
CA ILE G 380 -3.74 -31.82 -27.67
C ILE G 380 -2.80 -31.13 -26.71
N SER G 381 -1.67 -31.78 -26.42
CA SER G 381 -0.64 -31.20 -25.56
C SER G 381 0.08 -30.09 -26.31
N PRO G 382 0.62 -29.11 -25.59
CA PRO G 382 1.20 -27.94 -26.28
C PRO G 382 2.49 -28.33 -26.96
N VAL G 383 2.61 -27.96 -28.23
CA VAL G 383 3.76 -28.35 -29.04
C VAL G 383 4.50 -27.09 -29.44
N LEU G 384 5.79 -27.05 -29.12
CA LEU G 384 6.67 -25.94 -29.47
C LEU G 384 7.64 -26.44 -30.53
N PHE G 385 7.64 -25.78 -31.69
CA PHE G 385 8.54 -26.12 -32.77
C PHE G 385 9.61 -25.05 -32.91
N ASP G 386 10.86 -25.48 -33.03
CA ASP G 386 11.95 -24.59 -33.41
C ASP G 386 12.38 -24.90 -34.83
N HIS G 387 13.22 -24.03 -35.39
CA HIS G 387 13.70 -24.20 -36.75
C HIS G 387 12.55 -24.38 -37.74
N VAL G 388 11.50 -23.59 -37.56
CA VAL G 388 10.41 -23.56 -38.52
C VAL G 388 10.82 -22.65 -39.67
N THR G 389 10.62 -23.11 -40.89
CA THR G 389 10.85 -22.33 -42.10
C THR G 389 9.51 -22.02 -42.75
N THR G 390 9.48 -20.96 -43.56
CA THR G 390 8.21 -20.42 -44.06
C THR G 390 7.64 -21.24 -45.21
N ASP G 391 8.27 -22.36 -45.57
CA ASP G 391 7.61 -23.31 -46.45
C ASP G 391 6.63 -24.20 -45.67
N MET G 392 6.59 -24.09 -44.35
CA MET G 392 5.74 -24.93 -43.53
C MET G 392 4.39 -24.25 -43.26
N ARG G 393 3.33 -25.05 -43.33
CA ARG G 393 2.01 -24.48 -43.12
C ARG G 393 1.91 -23.78 -41.77
N LEU G 394 2.52 -24.36 -40.74
CA LEU G 394 2.44 -23.78 -39.40
C LEU G 394 3.02 -22.37 -39.34
N ALA G 395 3.85 -21.99 -40.29
CA ALA G 395 4.40 -20.64 -40.26
C ALA G 395 3.32 -19.61 -40.59
N TRP G 396 2.21 -20.02 -41.20
CA TRP G 396 1.24 -19.07 -41.74
C TRP G 396 -0.20 -19.31 -41.28
N GLU G 397 -0.66 -20.55 -41.27
CA GLU G 397 -2.06 -20.82 -41.06
C GLU G 397 -2.40 -20.75 -39.58
N GLU G 398 -3.51 -20.13 -39.27
CA GLU G 398 -3.90 -19.96 -37.86
C GLU G 398 -4.39 -21.29 -37.30
N PRO G 399 -3.72 -21.86 -36.30
CA PRO G 399 -4.15 -23.20 -35.84
C PRO G 399 -5.41 -23.18 -34.99
N PHE G 400 -5.63 -22.13 -34.22
CA PHE G 400 -6.60 -22.22 -33.12
C PHE G 400 -6.36 -23.51 -32.33
N GLY G 401 -5.11 -23.70 -31.95
CA GLY G 401 -4.70 -24.83 -31.16
C GLY G 401 -3.34 -24.60 -30.54
N PRO G 402 -2.94 -25.48 -29.61
CA PRO G 402 -1.75 -25.22 -28.77
C PRO G 402 -0.44 -25.62 -29.43
N VAL G 403 -0.12 -24.93 -30.53
CA VAL G 403 1.12 -25.17 -31.26
C VAL G 403 1.74 -23.82 -31.63
N LEU G 404 3.06 -23.71 -31.43
CA LEU G 404 3.75 -22.43 -31.60
C LEU G 404 5.05 -22.65 -32.37
N PRO G 405 5.22 -22.02 -33.53
CA PRO G 405 6.51 -22.11 -34.24
C PRO G 405 7.46 -21.00 -33.87
N ILE G 406 8.74 -21.35 -33.86
CA ILE G 406 9.84 -20.40 -33.75
C ILE G 406 10.53 -20.34 -35.10
N ILE G 407 10.59 -19.15 -35.68
CA ILE G 407 11.18 -18.93 -36.99
C ILE G 407 12.37 -18.01 -36.79
N ARG G 408 13.56 -18.47 -37.19
CA ARG G 408 14.78 -17.69 -37.04
C ARG G 408 15.03 -16.79 -38.24
N VAL G 409 15.41 -15.54 -37.93
CA VAL G 409 15.79 -14.55 -38.92
C VAL G 409 17.16 -13.99 -38.56
N THR G 410 17.75 -13.25 -39.51
CA THR G 410 19.06 -12.64 -39.26
C THR G 410 19.04 -11.13 -39.32
N THR G 411 17.93 -10.52 -39.74
CA THR G 411 17.82 -9.07 -39.80
C THR G 411 16.41 -8.68 -39.42
N VAL G 412 16.28 -7.48 -38.84
CA VAL G 412 14.96 -6.92 -38.53
C VAL G 412 14.14 -6.79 -39.82
N GLU G 413 14.80 -6.38 -40.91
CA GLU G 413 14.10 -6.25 -42.18
C GLU G 413 13.44 -7.55 -42.60
N GLU G 414 14.13 -8.68 -42.41
CA GLU G 414 13.55 -9.98 -42.74
C GLU G 414 12.36 -10.31 -41.83
N ALA G 415 12.47 -9.97 -40.54
CA ALA G 415 11.35 -10.21 -39.65
C ALA G 415 10.15 -9.37 -40.07
N ILE G 416 10.38 -8.11 -40.43
CA ILE G 416 9.28 -7.25 -40.88
C ILE G 416 8.61 -7.84 -42.10
N LYS G 417 9.41 -8.29 -43.08
CA LYS G 417 8.84 -8.85 -44.30
C LYS G 417 8.05 -10.11 -44.00
N ILE G 418 8.63 -11.04 -43.23
CA ILE G 418 7.94 -12.29 -42.90
C ILE G 418 6.63 -11.97 -42.16
N SER G 419 6.69 -11.05 -41.21
CA SER G 419 5.49 -10.68 -40.47
C SER G 419 4.42 -10.16 -41.41
N ASN G 420 4.79 -9.22 -42.29
CA ASN G 420 3.81 -8.58 -43.16
C ASN G 420 3.33 -9.50 -44.28
N GLU G 421 4.08 -10.56 -44.57
CA GLU G 421 3.68 -11.47 -45.64
C GLU G 421 2.42 -12.24 -45.28
N SER G 422 2.08 -12.31 -44.00
CA SER G 422 0.86 -12.97 -43.60
C SER G 422 -0.36 -12.28 -44.16
N GLU G 423 -1.39 -13.07 -44.50
CA GLU G 423 -2.67 -12.48 -44.87
C GLU G 423 -3.36 -11.82 -43.68
N TYR G 424 -2.92 -12.13 -42.47
CA TYR G 424 -3.46 -11.55 -41.25
C TYR G 424 -2.71 -10.30 -40.84
N GLY G 425 -3.36 -9.48 -40.01
CA GLY G 425 -2.70 -8.30 -39.48
C GLY G 425 -3.36 -7.77 -38.23
N LEU G 426 -3.45 -8.61 -37.21
CA LEU G 426 -4.17 -8.24 -36.00
C LEU G 426 -3.25 -7.45 -35.07
N GLN G 427 -2.32 -8.14 -34.42
CA GLN G 427 -1.36 -7.45 -33.56
C GLN G 427 0.04 -8.04 -33.73
N ALA G 428 1.01 -7.36 -33.14
CA ALA G 428 2.35 -7.90 -33.08
C ALA G 428 2.98 -7.50 -31.75
N SER G 429 3.98 -8.28 -31.32
CA SER G 429 4.80 -7.93 -30.18
C SER G 429 6.23 -7.70 -30.65
N ILE G 430 6.90 -6.69 -30.08
CA ILE G 430 8.33 -6.46 -30.30
C ILE G 430 9.02 -6.51 -28.94
N PHE G 431 10.03 -7.36 -28.83
CA PHE G 431 10.80 -7.52 -27.59
C PHE G 431 12.19 -6.98 -27.86
N THR G 432 12.51 -5.87 -27.19
CA THR G 432 13.77 -5.17 -27.38
C THR G 432 13.87 -4.14 -26.27
N THR G 433 15.09 -3.64 -26.06
CA THR G 433 15.31 -2.53 -25.14
C THR G 433 15.42 -1.19 -25.85
N ASN G 434 15.34 -1.17 -27.18
CA ASN G 434 15.49 0.04 -27.98
C ASN G 434 14.10 0.47 -28.46
N PHE G 435 13.45 1.30 -27.69
CA PHE G 435 12.07 1.65 -27.98
C PHE G 435 11.92 2.56 -29.19
N PRO G 436 12.80 3.56 -29.38
CA PRO G 436 12.73 4.34 -30.64
C PRO G 436 12.80 3.48 -31.88
N LYS G 437 13.67 2.46 -31.87
CA LYS G 437 13.73 1.51 -32.98
C LYS G 437 12.45 0.69 -33.05
N ALA G 438 11.95 0.22 -31.89
CA ALA G 438 10.69 -0.54 -31.87
C ALA G 438 9.55 0.27 -32.47
N PHE G 439 9.44 1.55 -32.13
CA PHE G 439 8.40 2.37 -32.71
C PHE G 439 8.54 2.41 -34.22
N GLY G 440 9.77 2.59 -34.72
CA GLY G 440 10.00 2.58 -36.15
C GLY G 440 9.64 1.27 -36.82
N ILE G 441 9.88 0.16 -36.12
CA ILE G 441 9.45 -1.14 -36.63
C ILE G 441 7.94 -1.22 -36.62
N ALA G 442 7.31 -0.81 -35.51
CA ALA G 442 5.85 -0.80 -35.45
C ALA G 442 5.21 -0.04 -36.61
N GLU G 443 5.82 1.06 -37.02
CA GLU G 443 5.25 1.81 -38.13
C GLU G 443 5.17 0.98 -39.40
N GLN G 444 6.10 0.03 -39.57
CA GLN G 444 6.16 -0.79 -40.77
C GLN G 444 5.32 -2.06 -40.68
N LEU G 445 4.89 -2.45 -39.49
CA LEU G 445 4.13 -3.67 -39.32
C LEU G 445 2.66 -3.44 -39.67
N GLU G 446 2.15 -4.27 -40.55
CA GLU G 446 0.77 -4.16 -41.04
C GLU G 446 -0.15 -4.86 -40.05
N VAL G 447 -0.35 -4.20 -38.93
CA VAL G 447 -1.18 -4.71 -37.85
C VAL G 447 -1.95 -3.55 -37.24
N GLY G 448 -2.95 -3.89 -36.45
CA GLY G 448 -3.67 -2.89 -35.70
C GLY G 448 -2.92 -2.37 -34.49
N THR G 449 -2.29 -3.26 -33.72
CA THR G 449 -1.66 -2.88 -32.46
C THR G 449 -0.33 -3.60 -32.31
N VAL G 450 0.69 -2.87 -31.85
CA VAL G 450 1.99 -3.44 -31.55
C VAL G 450 2.20 -3.26 -30.05
N HIS G 451 2.51 -4.35 -29.36
CA HIS G 451 2.84 -4.31 -27.94
C HIS G 451 4.34 -4.43 -27.77
N LEU G 452 4.93 -3.53 -27.00
CA LEU G 452 6.37 -3.50 -26.79
C LEU G 452 6.68 -4.22 -25.49
N ASN G 453 7.52 -5.25 -25.57
CA ASN G 453 7.92 -6.03 -24.42
C ASN G 453 6.71 -6.59 -23.68
N ASN G 454 5.74 -7.06 -24.45
CA ASN G 454 4.58 -7.73 -23.86
C ASN G 454 3.92 -8.58 -24.94
N LYS G 455 3.13 -9.55 -24.48
CA LYS G 455 2.32 -10.34 -25.40
C LYS G 455 1.26 -9.46 -26.05
N THR G 456 0.81 -9.88 -27.23
CA THR G 456 -0.35 -9.23 -27.83
C THR G 456 -1.58 -9.52 -26.99
N GLN G 457 -2.53 -8.59 -27.00
CA GLN G 457 -3.73 -8.74 -26.19
C GLN G 457 -4.75 -7.72 -26.65
N ARG G 458 -6.03 -8.08 -26.48
CA ARG G 458 -7.09 -7.14 -26.84
C ARG G 458 -7.18 -6.02 -25.83
N GLY G 459 -6.85 -6.31 -24.56
CA GLY G 459 -7.01 -5.32 -23.52
C GLY G 459 -5.93 -4.28 -23.50
N THR G 460 -6.15 -3.27 -22.66
CA THR G 460 -7.37 -3.04 -21.87
C THR G 460 -8.47 -2.60 -22.81
N ASP G 461 -9.72 -2.89 -22.41
CA ASP G 461 -10.83 -2.80 -23.35
C ASP G 461 -11.17 -1.37 -23.75
N ASN G 462 -10.58 -0.39 -23.11
CA ASN G 462 -10.73 0.98 -23.57
C ASN G 462 -9.79 1.31 -24.72
N PHE G 463 -8.75 0.48 -24.92
CA PHE G 463 -7.81 0.72 -26.02
C PHE G 463 -8.44 0.30 -27.36
N PRO G 464 -7.94 0.82 -28.48
CA PRO G 464 -8.48 0.37 -29.77
C PRO G 464 -8.12 -1.09 -30.00
N PHE G 465 -9.05 -1.80 -30.63
CA PHE G 465 -8.82 -3.17 -31.07
C PHE G 465 -9.25 -3.28 -32.53
N LEU G 466 -8.28 -3.56 -33.41
CA LEU G 466 -8.57 -3.62 -34.83
C LEU G 466 -7.52 -4.51 -35.50
N GLY G 467 -7.93 -5.14 -36.58
CA GLY G 467 -7.02 -5.95 -37.39
C GLY G 467 -7.04 -5.50 -38.82
N ALA G 468 -5.86 -5.40 -39.41
CA ALA G 468 -5.71 -5.13 -40.82
C ALA G 468 -5.87 -6.42 -41.66
N LYS G 469 -6.12 -6.21 -42.95
CA LYS G 469 -6.08 -7.29 -43.92
C LYS G 469 -7.14 -8.32 -43.56
N LYS G 470 -6.84 -9.62 -43.59
CA LYS G 470 -7.85 -10.63 -43.33
C LYS G 470 -8.22 -10.74 -41.86
N SER G 471 -7.68 -9.86 -40.99
CA SER G 471 -7.99 -9.94 -39.57
C SER G 471 -9.29 -9.23 -39.21
N GLY G 472 -9.84 -8.42 -40.11
CA GLY G 472 -11.18 -7.93 -39.94
C GLY G 472 -11.35 -6.55 -40.55
N ALA G 473 -12.33 -5.85 -40.01
CA ALA G 473 -12.68 -4.50 -40.46
C ALA G 473 -13.35 -3.78 -39.30
N GLY G 474 -13.09 -2.49 -39.20
CA GLY G 474 -13.64 -1.70 -38.12
C GLY G 474 -12.74 -1.70 -36.90
N VAL G 475 -12.99 -0.73 -36.03
CA VAL G 475 -12.20 -0.53 -34.81
C VAL G 475 -13.10 -0.71 -33.59
N GLN G 476 -12.72 -1.63 -32.72
CA GLN G 476 -13.41 -1.88 -31.49
C GLN G 476 -12.54 -1.40 -30.32
N GLY G 477 -12.80 -1.90 -29.13
CA GLY G 477 -12.43 -1.15 -27.96
C GLY G 477 -13.62 -0.25 -27.68
N VAL G 478 -13.90 0.05 -26.41
CA VAL G 478 -15.22 0.56 -26.05
C VAL G 478 -15.62 1.80 -26.85
N LYS G 479 -14.91 2.92 -26.66
CA LYS G 479 -15.36 4.15 -27.30
C LYS G 479 -15.38 4.00 -28.80
N TYR G 480 -14.49 3.16 -29.35
CA TYR G 480 -14.42 3.01 -30.80
C TYR G 480 -15.64 2.23 -31.32
N SER G 481 -16.06 1.21 -30.55
CA SER G 481 -17.23 0.44 -30.93
C SER G 481 -18.47 1.31 -30.87
N ILE G 482 -18.58 2.18 -29.88
CA ILE G 482 -19.72 3.09 -29.78
C ILE G 482 -19.75 4.02 -30.99
N GLU G 483 -18.60 4.60 -31.31
CA GLU G 483 -18.51 5.48 -32.47
C GLU G 483 -18.94 4.77 -33.76
N ALA G 484 -18.50 3.52 -33.93
CA ALA G 484 -18.81 2.77 -35.14
C ALA G 484 -20.30 2.53 -35.29
N MET G 485 -21.01 2.34 -34.17
CA MET G 485 -22.43 2.05 -34.19
C MET G 485 -23.30 3.29 -33.96
N THR G 486 -22.74 4.47 -34.16
CA THR G 486 -23.51 5.71 -34.20
C THR G 486 -23.28 6.41 -35.53
N THR G 487 -24.24 7.24 -35.92
CA THR G 487 -24.10 8.13 -37.06
C THR G 487 -24.31 9.55 -36.53
N VAL G 488 -24.50 10.50 -37.43
CA VAL G 488 -24.74 11.88 -37.05
C VAL G 488 -25.99 12.41 -37.73
N LYS G 489 -26.64 13.37 -37.07
CA LYS G 489 -27.77 14.11 -37.58
C LYS G 489 -27.35 15.57 -37.47
N SER G 490 -27.26 16.26 -38.62
CA SER G 490 -26.85 17.65 -38.67
C SER G 490 -28.07 18.54 -38.89
N VAL G 491 -28.21 19.56 -38.06
CA VAL G 491 -29.28 20.55 -38.19
C VAL G 491 -28.61 21.90 -38.43
N VAL G 492 -28.87 22.50 -39.59
CA VAL G 492 -28.17 23.68 -40.05
C VAL G 492 -29.15 24.85 -40.11
N PHE G 493 -28.72 26.00 -39.61
CA PHE G 493 -29.57 27.17 -39.65
C PHE G 493 -28.69 28.41 -39.62
N ASP G 494 -29.28 29.55 -39.98
CA ASP G 494 -28.56 30.81 -40.06
C ASP G 494 -28.94 31.67 -38.88
N ILE G 495 -27.93 32.21 -38.18
CA ILE G 495 -28.14 33.17 -37.13
C ILE G 495 -28.57 34.49 -37.76
N GLN G 496 -29.53 35.15 -37.14
CA GLN G 496 -30.03 36.43 -37.65
C GLN G 496 -29.83 37.54 -36.66
N LEU H 22 -10.06 21.48 -82.03
CA LEU H 22 -10.80 21.77 -80.77
C LEU H 22 -10.94 20.49 -79.93
N ALA H 23 -11.39 19.42 -80.56
CA ALA H 23 -11.55 18.14 -79.87
C ALA H 23 -10.20 17.44 -79.75
N LYS H 24 -9.85 17.01 -78.55
CA LYS H 24 -8.54 16.46 -78.24
C LYS H 24 -8.65 14.99 -77.88
N GLN H 25 -7.55 14.27 -78.10
CA GLN H 25 -7.42 12.90 -77.62
C GLN H 25 -6.78 12.96 -76.22
N TYR H 26 -7.55 12.59 -75.20
CA TYR H 26 -7.08 12.66 -73.83
C TYR H 26 -6.45 11.35 -73.40
N LYS H 27 -5.64 11.43 -72.34
CA LYS H 27 -4.84 10.31 -71.87
C LYS H 27 -5.05 10.14 -70.38
N ASN H 28 -4.83 8.93 -69.89
CA ASN H 28 -4.86 8.67 -68.45
C ASN H 28 -3.48 8.92 -67.84
N LEU H 29 -3.49 9.41 -66.61
CA LEU H 29 -2.27 9.51 -65.81
C LEU H 29 -2.04 8.17 -65.15
N VAL H 30 -0.94 7.51 -65.53
CA VAL H 30 -0.59 6.17 -65.04
C VAL H 30 0.87 6.19 -64.65
N ASN H 31 1.15 6.12 -63.36
CA ASN H 31 2.52 6.04 -62.87
C ASN H 31 3.35 7.21 -63.40
N GLY H 32 2.78 8.40 -63.33
CA GLY H 32 3.50 9.60 -63.74
C GLY H 32 3.60 9.80 -65.23
N GLU H 33 3.02 8.90 -66.02
CA GLU H 33 3.03 9.01 -67.47
C GLU H 33 1.61 9.16 -67.99
N TRP H 34 1.47 9.79 -69.15
CA TRP H 34 0.17 9.95 -69.80
C TRP H 34 0.06 8.87 -70.86
N LYS H 35 -0.97 8.05 -70.77
CA LYS H 35 -1.10 6.84 -71.57
C LYS H 35 -2.41 6.79 -72.34
N LEU H 36 -2.30 6.59 -73.65
CA LEU H 36 -3.44 6.23 -74.46
C LEU H 36 -3.68 4.73 -74.35
N SER H 37 -4.86 4.30 -74.78
CA SER H 37 -5.20 2.90 -74.90
C SER H 37 -5.51 2.58 -76.37
N GLU H 38 -5.52 1.28 -76.68
CA GLU H 38 -5.75 0.86 -78.06
C GLU H 38 -7.15 1.26 -78.53
N ASN H 39 -8.13 1.21 -77.64
CA ASN H 39 -9.47 1.71 -77.89
C ASN H 39 -9.73 2.97 -77.09
N GLU H 40 -10.67 3.75 -77.58
CA GLU H 40 -11.04 5.03 -76.97
C GLU H 40 -12.55 5.14 -76.93
N ILE H 41 -13.03 6.17 -76.22
CA ILE H 41 -14.44 6.47 -76.13
C ILE H 41 -14.60 7.93 -76.50
N THR H 42 -15.33 8.22 -77.56
CA THR H 42 -15.61 9.61 -77.93
C THR H 42 -16.71 10.18 -77.05
N ILE H 43 -16.53 11.39 -76.57
CA ILE H 43 -17.48 12.03 -75.68
C ILE H 43 -18.08 13.22 -76.40
N TYR H 44 -19.40 13.35 -76.33
CA TYR H 44 -20.12 14.40 -77.02
C TYR H 44 -20.83 15.29 -76.03
N ALA H 45 -21.02 16.54 -76.40
CA ALA H 45 -21.75 17.49 -75.57
C ALA H 45 -23.23 17.14 -75.56
N PRO H 46 -23.83 16.92 -74.38
CA PRO H 46 -25.25 16.54 -74.35
C PRO H 46 -26.19 17.59 -74.95
N ALA H 47 -25.83 18.86 -74.89
CA ALA H 47 -26.74 19.91 -75.31
C ALA H 47 -26.74 20.09 -76.82
N THR H 48 -25.64 19.74 -77.47
CA THR H 48 -25.45 20.05 -78.89
C THR H 48 -25.00 18.86 -79.75
N GLY H 49 -24.49 17.80 -79.16
CA GLY H 49 -23.88 16.75 -79.94
C GLY H 49 -22.48 17.07 -80.42
N GLU H 50 -21.91 18.19 -80.01
CA GLU H 50 -20.55 18.52 -80.43
C GLU H 50 -19.56 17.50 -79.90
N GLU H 51 -18.68 17.03 -80.78
CA GLU H 51 -17.58 16.14 -80.36
C GLU H 51 -16.60 16.94 -79.54
N LEU H 52 -16.34 16.50 -78.30
CA LEU H 52 -15.42 17.19 -77.41
C LEU H 52 -14.04 16.57 -77.37
N GLY H 53 -13.92 15.30 -77.64
CA GLY H 53 -12.65 14.60 -77.50
C GLY H 53 -12.91 13.14 -77.22
N SER H 54 -11.82 12.41 -76.95
CA SER H 54 -11.90 11.00 -76.63
C SER H 54 -11.07 10.72 -75.37
N VAL H 55 -11.46 9.69 -74.65
CA VAL H 55 -10.69 9.23 -73.50
C VAL H 55 -10.38 7.76 -73.71
N PRO H 56 -9.32 7.23 -73.13
CA PRO H 56 -8.98 5.83 -73.36
C PRO H 56 -10.06 4.87 -72.86
N ALA H 57 -10.17 3.73 -73.53
CA ALA H 57 -11.05 2.65 -73.10
C ALA H 57 -10.10 1.58 -72.55
N MET H 58 -9.75 1.71 -71.29
CA MET H 58 -8.74 0.84 -70.71
C MET H 58 -9.17 -0.61 -70.67
N THR H 59 -8.18 -1.48 -70.78
CA THR H 59 -8.37 -2.90 -70.57
C THR H 59 -8.12 -3.24 -69.11
N GLN H 60 -8.50 -4.47 -68.73
CA GLN H 60 -8.21 -4.93 -67.37
C GLN H 60 -6.71 -5.00 -67.12
N ALA H 61 -5.92 -5.34 -68.13
CA ALA H 61 -4.48 -5.39 -67.95
C ALA H 61 -3.94 -4.00 -67.68
N GLU H 62 -4.57 -2.97 -68.27
CA GLU H 62 -4.16 -1.59 -67.99
C GLU H 62 -4.60 -1.13 -66.60
N VAL H 63 -5.75 -1.60 -66.13
CA VAL H 63 -6.15 -1.36 -64.74
C VAL H 63 -5.13 -1.95 -63.79
N ASP H 64 -4.70 -3.19 -64.05
CA ASP H 64 -3.68 -3.81 -63.21
C ASP H 64 -2.43 -2.94 -63.13
N ALA H 65 -2.02 -2.36 -64.25
CA ALA H 65 -0.83 -1.51 -64.26
C ALA H 65 -1.04 -0.25 -63.41
N VAL H 66 -2.22 0.34 -63.48
CA VAL H 66 -2.52 1.48 -62.62
C VAL H 66 -2.37 1.08 -61.16
N TYR H 67 -3.04 -0.01 -60.77
CA TYR H 67 -3.05 -0.40 -59.36
C TYR H 67 -1.67 -0.83 -58.90
N ALA H 68 -0.93 -1.55 -59.74
CA ALA H 68 0.43 -1.95 -59.37
C ALA H 68 1.28 -0.73 -59.07
N SER H 69 1.19 0.31 -59.91
CA SER H 69 1.97 1.51 -59.69
CA SER H 69 1.98 1.51 -59.68
C SER H 69 1.56 2.22 -58.40
N ALA H 70 0.26 2.23 -58.10
CA ALA H 70 -0.22 2.88 -56.88
C ALA H 70 0.31 2.16 -55.63
N LYS H 71 0.21 0.83 -55.61
CA LYS H 71 0.69 0.10 -54.44
C LYS H 71 2.19 0.22 -54.27
N LYS H 72 2.94 0.41 -55.36
CA LYS H 72 4.38 0.63 -55.25
C LYS H 72 4.71 2.02 -54.76
N ALA H 73 3.88 3.00 -55.08
CA ALA H 73 4.13 4.36 -54.62
C ALA H 73 3.65 4.60 -53.19
N LEU H 74 2.81 3.73 -52.66
CA LEU H 74 2.22 3.98 -51.35
C LEU H 74 3.27 4.10 -50.27
N SER H 75 4.31 3.26 -50.30
CA SER H 75 5.29 3.24 -49.23
C SER H 75 5.96 4.59 -49.07
N ASP H 76 6.52 5.14 -50.15
CA ASP H 76 7.25 6.39 -50.03
C ASP H 76 6.29 7.55 -49.80
N TRP H 77 5.04 7.43 -50.25
CA TRP H 77 4.08 8.52 -50.09
C TRP H 77 3.59 8.59 -48.64
N ARG H 78 3.27 7.45 -48.04
CA ARG H 78 2.77 7.47 -46.67
C ARG H 78 3.85 7.87 -45.65
N THR H 79 5.12 7.78 -46.02
CA THR H 79 6.20 8.15 -45.11
C THR H 79 6.57 9.62 -45.23
N LEU H 80 6.06 10.33 -46.24
CA LEU H 80 6.29 11.76 -46.28
C LEU H 80 5.62 12.42 -45.09
N SER H 81 6.09 13.62 -44.75
CA SER H 81 5.44 14.41 -43.72
C SER H 81 4.10 14.91 -44.24
N TYR H 82 3.17 15.17 -43.32
CA TYR H 82 1.93 15.84 -43.71
C TYR H 82 2.19 17.13 -44.48
N VAL H 83 3.17 17.93 -44.03
CA VAL H 83 3.47 19.20 -44.70
CA VAL H 83 3.43 19.20 -44.71
C VAL H 83 3.85 18.97 -46.15
N GLU H 84 4.63 17.92 -46.42
CA GLU H 84 5.06 17.65 -47.79
C GLU H 84 3.89 17.21 -48.66
N ARG H 85 2.97 16.42 -48.11
CA ARG H 85 1.81 16.02 -48.89
C ARG H 85 0.85 17.18 -49.10
N ALA H 86 0.69 18.04 -48.07
CA ALA H 86 -0.18 19.20 -48.22
C ALA H 86 0.34 20.14 -49.28
N ALA H 87 1.67 20.28 -49.40
CA ALA H 87 2.21 21.17 -50.44
C ALA H 87 1.74 20.77 -51.83
N TYR H 88 1.75 19.46 -52.12
CA TYR H 88 1.31 19.02 -53.44
C TYR H 88 -0.15 19.41 -53.67
N LEU H 89 -1.01 19.25 -52.65
CA LEU H 89 -2.42 19.56 -52.82
C LEU H 89 -2.64 21.04 -53.02
N HIS H 90 -1.95 21.89 -52.25
CA HIS H 90 -2.10 23.33 -52.44
C HIS H 90 -1.66 23.72 -53.84
N LYS H 91 -0.57 23.13 -54.34
CA LYS H 91 -0.11 23.46 -55.68
C LYS H 91 -1.15 23.06 -56.72
N ALA H 92 -1.73 21.89 -56.55
CA ALA H 92 -2.78 21.42 -57.47
C ALA H 92 -4.01 22.33 -57.43
N ALA H 93 -4.38 22.78 -56.25
CA ALA H 93 -5.50 23.70 -56.13
C ALA H 93 -5.20 25.03 -56.81
N ASP H 94 -3.98 25.55 -56.66
CA ASP H 94 -3.62 26.80 -57.31
C ASP H 94 -3.73 26.67 -58.83
N ILE H 95 -3.31 25.52 -59.37
CA ILE H 95 -3.38 25.30 -60.80
C ILE H 95 -4.82 25.21 -61.27
N LEU H 96 -5.69 24.59 -60.47
CA LEU H 96 -7.11 24.58 -60.79
C LEU H 96 -7.69 25.97 -60.84
N VAL H 97 -7.34 26.82 -59.86
CA VAL H 97 -7.81 28.20 -59.88
C VAL H 97 -7.33 28.90 -61.15
N ARG H 98 -6.04 28.75 -61.46
CA ARG H 98 -5.49 29.35 -62.66
C ARG H 98 -6.27 28.93 -63.89
N ASP H 99 -6.53 27.63 -64.02
CA ASP H 99 -7.16 27.05 -65.21
C ASP H 99 -8.67 26.87 -65.04
N ALA H 100 -9.32 27.65 -64.18
CA ALA H 100 -10.73 27.41 -63.90
C ALA H 100 -11.59 27.69 -65.12
N GLU H 101 -11.33 28.78 -65.83
CA GLU H 101 -12.09 29.10 -67.03
C GLU H 101 -11.87 28.06 -68.12
N LYS H 102 -10.61 27.69 -68.38
CA LYS H 102 -10.29 26.68 -69.38
C LYS H 102 -10.98 25.36 -69.05
N ILE H 103 -10.85 24.91 -67.81
CA ILE H 103 -11.48 23.65 -67.43
C ILE H 103 -13.00 23.78 -67.43
N GLY H 104 -13.52 24.88 -66.86
CA GLY H 104 -14.95 25.07 -66.78
C GLY H 104 -15.63 25.10 -68.13
N ALA H 105 -14.97 25.71 -69.12
CA ALA H 105 -15.57 25.76 -70.45
C ALA H 105 -15.84 24.35 -70.97
N ILE H 106 -14.90 23.42 -70.79
CA ILE H 106 -15.05 22.06 -71.27
C ILE H 106 -16.04 21.30 -70.42
N LEU H 107 -15.92 21.42 -69.09
CA LEU H 107 -16.89 20.77 -68.19
C LEU H 107 -18.31 21.19 -68.53
N SER H 108 -18.53 22.47 -68.84
CA SER H 108 -19.84 22.96 -69.21
C SER H 108 -20.40 22.17 -70.37
N LYS H 109 -19.59 22.02 -71.44
CA LYS H 109 -20.06 21.28 -72.61
C LYS H 109 -20.22 19.80 -72.28
N GLU H 110 -19.32 19.24 -71.46
CA GLU H 110 -19.31 17.78 -71.31
C GLU H 110 -20.57 17.29 -70.58
N VAL H 111 -21.08 18.04 -69.62
CA VAL H 111 -22.22 17.56 -68.83
C VAL H 111 -23.41 18.51 -68.90
N ALA H 112 -23.40 19.40 -69.89
CA ALA H 112 -24.52 20.31 -70.12
C ALA H 112 -24.82 21.13 -68.87
N LYS H 113 -23.76 21.60 -68.22
CA LYS H 113 -23.85 22.47 -67.06
C LYS H 113 -23.57 23.90 -67.49
N GLY H 114 -24.33 24.84 -66.94
CA GLY H 114 -24.12 26.25 -67.21
C GLY H 114 -22.66 26.65 -67.12
N HIS H 115 -22.18 27.45 -68.07
CA HIS H 115 -20.76 27.78 -68.13
C HIS H 115 -20.26 28.35 -66.81
N LYS H 116 -20.98 29.35 -66.28
CA LYS H 116 -20.56 29.94 -65.01
C LYS H 116 -20.63 28.93 -63.88
N ALA H 117 -21.63 28.05 -63.92
CA ALA H 117 -21.73 27.03 -62.88
C ALA H 117 -20.61 26.00 -63.00
N ALA H 118 -20.16 25.72 -64.23
CA ALA H 118 -19.02 24.82 -64.41
C ALA H 118 -17.74 25.44 -63.87
N VAL H 119 -17.46 26.69 -64.21
CA VAL H 119 -16.31 27.37 -63.63
C VAL H 119 -16.39 27.37 -62.11
N SER H 120 -17.58 27.63 -61.58
CA SER H 120 -17.77 27.63 -60.13
C SER H 120 -17.43 26.28 -59.52
N GLU H 121 -17.79 25.20 -60.21
CA GLU H 121 -17.44 23.87 -59.69
C GLU H 121 -15.94 23.73 -59.55
N VAL H 122 -15.19 24.21 -60.55
CA VAL H 122 -13.74 24.10 -60.50
C VAL H 122 -13.18 24.89 -59.31
N ILE H 123 -13.67 26.12 -59.12
CA ILE H 123 -13.22 26.96 -58.02
C ILE H 123 -13.53 26.29 -56.70
N ARG H 124 -14.73 25.68 -56.57
CA ARG H 124 -15.08 25.01 -55.33
C ARG H 124 -14.21 23.78 -55.08
N THR H 125 -13.82 23.10 -56.16
CA THR H 125 -12.91 21.97 -56.00
C THR H 125 -11.58 22.44 -55.42
N ALA H 126 -11.05 23.57 -55.92
CA ALA H 126 -9.83 24.12 -55.37
C ALA H 126 -10.00 24.43 -53.89
N GLU H 127 -11.15 24.98 -53.51
CA GLU H 127 -11.37 25.30 -52.09
C GLU H 127 -11.37 24.03 -51.24
N ILE H 128 -12.01 22.97 -51.73
CA ILE H 128 -12.05 21.71 -50.99
C ILE H 128 -10.67 21.10 -50.89
N ILE H 129 -9.90 21.16 -51.98
CA ILE H 129 -8.56 20.60 -51.95
C ILE H 129 -7.70 21.33 -50.93
N ASN H 130 -7.74 22.66 -50.94
CA ASN H 130 -6.95 23.44 -49.98
C ASN H 130 -7.41 23.16 -48.55
N TYR H 131 -8.73 23.05 -48.35
CA TYR H 131 -9.25 22.81 -47.01
C TYR H 131 -8.87 21.42 -46.50
N ALA H 132 -8.92 20.41 -47.38
CA ALA H 132 -8.55 19.06 -46.98
C ALA H 132 -7.06 18.99 -46.63
N ALA H 133 -6.22 19.69 -47.38
CA ALA H 133 -4.79 19.69 -47.07
C ALA H 133 -4.53 20.20 -45.64
N GLU H 134 -5.15 21.32 -45.29
CA GLU H 134 -4.91 21.93 -43.99
C GLU H 134 -5.67 21.21 -42.87
N GLU H 135 -6.83 20.63 -43.16
CA GLU H 135 -7.51 19.81 -42.17
C GLU H 135 -6.68 18.58 -41.85
N GLY H 136 -6.21 17.89 -42.89
CA GLY H 136 -5.53 16.61 -42.67
C GLY H 136 -4.18 16.74 -42.00
N LEU H 137 -3.43 17.78 -42.32
CA LEU H 137 -2.05 17.87 -41.86
C LEU H 137 -1.93 18.07 -40.36
N ARG H 138 -2.98 18.57 -39.70
CA ARG H 138 -2.94 18.82 -38.27
C ARG H 138 -3.77 17.81 -37.51
N MET H 139 -4.20 16.73 -38.16
CA MET H 139 -4.86 15.65 -37.43
C MET H 139 -3.89 15.07 -36.41
N GLU H 140 -4.46 14.57 -35.31
CA GLU H 140 -3.70 14.11 -34.17
C GLU H 140 -4.01 12.66 -33.82
N GLY H 141 -3.10 12.08 -33.05
CA GLY H 141 -3.36 10.84 -32.36
C GLY H 141 -3.76 11.06 -30.91
N GLU H 142 -3.84 9.95 -30.19
CA GLU H 142 -4.39 9.98 -28.83
C GLU H 142 -3.57 9.06 -27.96
N VAL H 143 -3.56 9.36 -26.67
CA VAL H 143 -2.87 8.56 -25.67
C VAL H 143 -3.93 8.11 -24.68
N LEU H 144 -4.13 6.79 -24.58
CA LEU H 144 -5.10 6.22 -23.67
C LEU H 144 -4.38 5.55 -22.50
N GLU H 145 -5.01 5.62 -21.32
CA GLU H 145 -4.43 5.14 -20.08
C GLU H 145 -5.02 3.78 -19.73
N GLY H 146 -4.17 2.79 -19.57
CA GLY H 146 -4.66 1.50 -19.12
C GLY H 146 -5.39 1.60 -17.79
N GLY H 147 -4.97 2.53 -16.94
CA GLY H 147 -5.59 2.75 -15.64
C GLY H 147 -7.00 3.31 -15.69
N SER H 148 -7.44 3.78 -16.86
CA SER H 148 -8.84 4.14 -17.01
C SER H 148 -9.73 2.92 -16.88
N PHE H 149 -9.21 1.72 -17.17
CA PHE H 149 -10.03 0.52 -17.21
C PHE H 149 -9.71 -0.49 -16.12
N GLU H 150 -8.43 -0.70 -15.80
CA GLU H 150 -8.07 -1.63 -14.73
C GLU H 150 -6.82 -1.15 -14.01
N ALA H 151 -6.86 -1.25 -12.68
CA ALA H 151 -5.79 -0.70 -11.85
C ALA H 151 -4.45 -1.35 -12.18
N ALA H 152 -4.46 -2.65 -12.49
CA ALA H 152 -3.22 -3.36 -12.72
C ALA H 152 -2.50 -2.87 -13.97
N SER H 153 -3.21 -2.18 -14.88
CA SER H 153 -2.63 -1.67 -16.12
C SER H 153 -2.36 -0.16 -16.08
N LYS H 154 -2.23 0.41 -14.88
CA LYS H 154 -2.12 1.86 -14.79
C LYS H 154 -0.84 2.38 -15.44
N LYS H 155 0.21 1.57 -15.55
CA LYS H 155 1.44 1.99 -16.19
C LYS H 155 1.49 1.65 -17.67
N LYS H 156 0.45 1.03 -18.21
CA LYS H 156 0.37 0.69 -19.63
C LYS H 156 -0.39 1.81 -20.33
N ILE H 157 0.22 2.37 -21.36
CA ILE H 157 -0.43 3.39 -22.17
C ILE H 157 -0.41 2.98 -23.64
N ALA H 158 -1.36 3.51 -24.40
CA ALA H 158 -1.53 3.19 -25.80
C ALA H 158 -1.32 4.47 -26.59
N ILE H 159 -0.27 4.50 -27.40
CA ILE H 159 0.00 5.61 -28.30
C ILE H 159 -0.67 5.26 -29.62
N VAL H 160 -1.75 5.98 -29.96
CA VAL H 160 -2.61 5.67 -31.08
C VAL H 160 -2.40 6.75 -32.12
N ARG H 161 -1.94 6.35 -33.30
CA ARG H 161 -1.59 7.29 -34.35
C ARG H 161 -2.32 6.91 -35.63
N ARG H 162 -2.48 7.91 -36.49
CA ARG H 162 -3.23 7.76 -37.73
C ARG H 162 -2.36 7.15 -38.82
N GLU H 163 -2.98 6.31 -39.65
CA GLU H 163 -2.35 5.74 -40.82
C GLU H 163 -3.37 5.70 -41.95
N PRO H 164 -2.90 5.79 -43.21
CA PRO H 164 -3.81 5.66 -44.35
C PRO H 164 -4.33 4.23 -44.48
N VAL H 165 -5.41 4.09 -45.26
CA VAL H 165 -5.98 2.77 -45.48
C VAL H 165 -5.27 2.07 -46.62
N GLY H 166 -4.72 2.83 -47.57
CA GLY H 166 -3.97 2.22 -48.65
C GLY H 166 -4.31 2.83 -50.00
N LEU H 167 -4.80 2.02 -50.93
CA LEU H 167 -5.26 2.51 -52.22
C LEU H 167 -6.75 2.81 -52.13
N VAL H 168 -7.11 4.06 -52.40
CA VAL H 168 -8.51 4.49 -52.46
C VAL H 168 -8.91 4.54 -53.93
N LEU H 169 -9.97 3.81 -54.27
CA LEU H 169 -10.63 3.96 -55.56
C LEU H 169 -11.69 5.05 -55.42
N ALA H 170 -11.53 6.13 -56.18
CA ALA H 170 -12.44 7.25 -56.14
C ALA H 170 -13.22 7.26 -57.44
N ILE H 171 -14.55 7.21 -57.35
CA ILE H 171 -15.41 7.17 -58.51
C ILE H 171 -16.29 8.42 -58.43
N SER H 172 -16.09 9.35 -59.37
CA SER H 172 -16.82 10.62 -59.38
C SER H 172 -18.05 10.53 -60.27
N PRO H 173 -18.97 11.47 -60.12
CA PRO H 173 -20.24 11.37 -60.85
C PRO H 173 -20.36 12.35 -61.99
N PHE H 174 -21.30 12.11 -62.91
CA PHE H 174 -21.40 12.97 -64.09
C PHE H 174 -21.79 14.39 -63.72
N ASN H 175 -22.57 14.56 -62.64
CA ASN H 175 -23.14 15.88 -62.36
C ASN H 175 -22.14 16.77 -61.62
N TYR H 176 -21.08 16.19 -61.04
CA TYR H 176 -20.00 16.95 -60.42
C TYR H 176 -18.69 16.21 -60.67
N PRO H 177 -18.25 16.15 -61.93
CA PRO H 177 -17.12 15.26 -62.25
C PRO H 177 -15.81 15.74 -61.68
N VAL H 178 -15.68 17.03 -61.39
CA VAL H 178 -14.48 17.59 -60.79
C VAL H 178 -14.62 17.78 -59.29
N ASN H 179 -15.71 18.42 -58.86
CA ASN H 179 -15.92 18.70 -57.44
C ASN H 179 -16.01 17.41 -56.63
N LEU H 180 -16.77 16.43 -57.10
CA LEU H 180 -16.90 15.16 -56.40
C LEU H 180 -15.86 14.13 -56.87
N ALA H 181 -14.84 14.57 -57.60
CA ALA H 181 -13.58 13.85 -57.67
C ALA H 181 -12.62 14.41 -56.63
N GLY H 182 -12.50 15.74 -56.58
CA GLY H 182 -11.62 16.37 -55.61
C GLY H 182 -12.02 16.11 -54.19
N SER H 183 -13.34 16.01 -53.93
CA SER H 183 -13.83 15.74 -52.60
C SER H 183 -13.33 14.40 -52.06
N LYS H 184 -12.90 13.51 -52.93
CA LYS H 184 -12.34 12.22 -52.54
C LYS H 184 -10.82 12.21 -52.61
N ILE H 185 -10.25 12.75 -53.68
CA ILE H 185 -8.83 12.67 -53.92
C ILE H 185 -8.05 13.39 -52.83
N ALA H 186 -8.42 14.64 -52.55
CA ALA H 186 -7.64 15.44 -51.60
C ALA H 186 -7.68 14.88 -50.20
N PRO H 187 -8.84 14.60 -49.60
CA PRO H 187 -8.83 13.96 -48.27
C PRO H 187 -8.08 12.64 -48.24
N ALA H 188 -8.19 11.85 -49.31
CA ALA H 188 -7.43 10.59 -49.36
C ALA H 188 -5.93 10.85 -49.35
N LEU H 189 -5.46 11.80 -50.17
CA LEU H 189 -4.03 11.98 -50.35
C LEU H 189 -3.37 12.57 -49.11
N ILE H 190 -4.00 13.54 -48.45
CA ILE H 190 -3.36 14.18 -47.30
C ILE H 190 -3.09 13.17 -46.21
N ALA H 191 -3.96 12.16 -46.07
CA ALA H 191 -3.81 11.15 -45.03
C ALA H 191 -2.76 10.10 -45.40
N GLY H 192 -2.20 10.18 -46.59
CA GLY H 192 -1.18 9.24 -47.01
C GLY H 192 -1.69 8.09 -47.86
N ASN H 193 -2.93 8.15 -48.31
CA ASN H 193 -3.41 7.15 -49.24
C ASN H 193 -2.91 7.45 -50.65
N VAL H 194 -2.83 6.42 -51.49
CA VAL H 194 -2.71 6.61 -52.93
C VAL H 194 -4.12 6.46 -53.53
N VAL H 195 -4.30 6.99 -54.73
CA VAL H 195 -5.63 7.20 -55.28
C VAL H 195 -5.64 6.84 -56.76
N ALA H 196 -6.68 6.12 -57.16
CA ALA H 196 -7.03 5.97 -58.56
C ALA H 196 -8.41 6.60 -58.74
N LEU H 197 -8.52 7.52 -59.69
CA LEU H 197 -9.80 8.18 -59.97
C LEU H 197 -10.42 7.54 -61.20
N LYS H 198 -11.61 7.00 -61.05
CA LYS H 198 -12.45 6.56 -62.17
C LYS H 198 -13.53 7.61 -62.35
N PRO H 199 -13.39 8.53 -63.29
CA PRO H 199 -14.50 9.45 -63.60
C PRO H 199 -15.57 8.73 -64.38
N PRO H 200 -16.80 9.25 -64.40
CA PRO H 200 -17.81 8.68 -65.29
C PRO H 200 -17.42 8.96 -66.73
N THR H 201 -17.84 8.07 -67.63
CA THR H 201 -17.52 8.28 -69.04
C THR H 201 -17.96 9.67 -69.49
N GLN H 202 -19.19 10.04 -69.17
CA GLN H 202 -19.67 11.40 -69.42
C GLN H 202 -19.18 12.25 -68.26
N GLY H 203 -18.06 12.94 -68.49
CA GLY H 203 -17.33 13.62 -67.44
C GLY H 203 -15.89 13.15 -67.32
N SER H 204 -15.46 12.17 -68.11
CA SER H 204 -14.09 11.69 -68.04
C SER H 204 -13.11 12.73 -68.55
N ILE H 205 -13.51 13.55 -69.53
CA ILE H 205 -12.63 14.64 -69.97
C ILE H 205 -12.35 15.58 -68.81
N SER H 206 -13.40 16.05 -68.14
CA SER H 206 -13.24 16.92 -66.97
C SER H 206 -12.43 16.24 -65.88
N GLY H 207 -12.64 14.95 -65.67
CA GLY H 207 -11.83 14.23 -64.71
C GLY H 207 -10.36 14.22 -65.06
N LEU H 208 -10.04 14.01 -66.34
CA LEU H 208 -8.65 14.00 -66.78
C LEU H 208 -8.04 15.39 -66.74
N LEU H 209 -8.85 16.42 -66.97
CA LEU H 209 -8.36 17.80 -66.80
C LEU H 209 -8.00 18.07 -65.35
N LEU H 210 -8.84 17.61 -64.42
CA LEU H 210 -8.46 17.65 -63.01
C LEU H 210 -7.12 16.97 -62.78
N ALA H 211 -6.95 15.80 -63.39
CA ALA H 211 -5.73 15.03 -63.18
C ALA H 211 -4.50 15.80 -63.63
N GLU H 212 -4.60 16.54 -64.74
CA GLU H 212 -3.48 17.32 -65.21
C GLU H 212 -2.99 18.25 -64.12
N ALA H 213 -3.92 18.88 -63.39
CA ALA H 213 -3.51 19.80 -62.32
C ALA H 213 -2.67 19.10 -61.28
N PHE H 214 -3.09 17.90 -60.88
CA PHE H 214 -2.28 17.14 -59.92
C PHE H 214 -0.95 16.71 -60.51
N ALA H 215 -0.91 16.43 -61.81
CA ALA H 215 0.34 16.05 -62.45
C ALA H 215 1.30 17.24 -62.52
N GLU H 216 0.78 18.40 -62.93
CA GLU H 216 1.63 19.58 -62.97
C GLU H 216 2.10 19.98 -61.59
N ALA H 217 1.30 19.71 -60.56
CA ALA H 217 1.70 19.97 -59.19
C ALA H 217 2.87 19.10 -58.75
N GLY H 218 3.20 18.06 -59.51
CA GLY H 218 4.30 17.20 -59.16
C GLY H 218 3.97 16.00 -58.31
N ILE H 219 2.69 15.63 -58.22
CA ILE H 219 2.29 14.48 -57.44
C ILE H 219 3.17 13.31 -57.86
N PRO H 220 3.76 12.58 -56.92
CA PRO H 220 4.72 11.54 -57.32
C PRO H 220 4.06 10.46 -58.14
N ALA H 221 4.84 9.90 -59.06
CA ALA H 221 4.34 8.84 -59.95
C ALA H 221 3.67 7.75 -59.13
N GLY H 222 2.46 7.37 -59.55
CA GLY H 222 1.69 6.33 -58.91
C GLY H 222 0.89 6.76 -57.70
N VAL H 223 1.20 7.92 -57.11
CA VAL H 223 0.43 8.37 -55.96
C VAL H 223 -0.99 8.69 -56.35
N PHE H 224 -1.18 9.23 -57.56
CA PHE H 224 -2.49 9.54 -58.12
C PHE H 224 -2.50 9.12 -59.58
N ASN H 225 -3.50 8.35 -59.96
CA ASN H 225 -3.67 7.88 -61.32
C ASN H 225 -5.14 7.97 -61.70
N THR H 226 -5.41 7.85 -63.00
CA THR H 226 -6.78 7.84 -63.52
C THR H 226 -7.04 6.54 -64.27
N ILE H 227 -8.30 6.15 -64.26
CA ILE H 227 -8.80 5.02 -65.03
C ILE H 227 -10.01 5.50 -65.82
N THR H 228 -10.01 5.28 -67.14
CA THR H 228 -11.20 5.50 -67.95
C THR H 228 -11.45 4.25 -68.77
N GLY H 229 -12.72 3.95 -69.01
CA GLY H 229 -13.06 2.78 -69.80
C GLY H 229 -14.55 2.51 -69.81
N ARG H 230 -14.90 1.46 -70.54
CA ARG H 230 -16.28 1.01 -70.65
C ARG H 230 -16.64 0.11 -69.48
N GLY H 231 -17.83 0.30 -68.91
CA GLY H 231 -18.25 -0.53 -67.81
C GLY H 231 -18.31 -2.01 -68.15
N SER H 232 -18.64 -2.33 -69.40
CA SER H 232 -18.70 -3.73 -69.81
C SER H 232 -17.34 -4.39 -69.78
N VAL H 233 -16.26 -3.61 -69.72
CA VAL H 233 -14.91 -4.14 -69.76
C VAL H 233 -14.25 -4.10 -68.39
N ILE H 234 -14.36 -2.96 -67.70
CA ILE H 234 -13.64 -2.75 -66.45
C ILE H 234 -14.55 -2.37 -65.31
N GLY H 235 -15.87 -2.27 -65.52
CA GLY H 235 -16.78 -1.78 -64.51
C GLY H 235 -16.68 -2.47 -63.16
N ASP H 236 -16.91 -3.77 -63.13
CA ASP H 236 -16.75 -4.51 -61.89
C ASP H 236 -15.29 -4.76 -61.57
N TYR H 237 -14.44 -4.85 -62.60
CA TYR H 237 -13.04 -5.22 -62.39
C TYR H 237 -12.34 -4.21 -61.48
N ILE H 238 -12.60 -2.92 -61.66
CA ILE H 238 -11.88 -1.92 -60.87
C ILE H 238 -12.25 -1.97 -59.40
N VAL H 239 -13.45 -2.48 -59.09
CA VAL H 239 -13.91 -2.54 -57.70
C VAL H 239 -13.50 -3.85 -57.03
N GLU H 240 -13.60 -4.96 -57.74
CA GLU H 240 -13.26 -6.25 -57.15
C GLU H 240 -11.77 -6.46 -56.99
N HIS H 241 -10.95 -5.65 -57.65
CA HIS H 241 -9.51 -5.86 -57.64
C HIS H 241 -8.99 -5.78 -56.21
N GLU H 242 -8.18 -6.76 -55.83
CA GLU H 242 -7.75 -6.86 -54.44
C GLU H 242 -6.74 -5.77 -54.05
N ALA H 243 -6.13 -5.11 -55.01
CA ALA H 243 -5.24 -4.00 -54.67
C ALA H 243 -6.02 -2.86 -54.01
N VAL H 244 -7.31 -2.72 -54.33
CA VAL H 244 -8.11 -1.62 -53.79
C VAL H 244 -8.44 -1.91 -52.34
N ASN H 245 -8.17 -0.95 -51.46
CA ASN H 245 -8.40 -1.10 -50.03
C ASN H 245 -9.59 -0.30 -49.55
N PHE H 246 -10.13 0.59 -50.39
CA PHE H 246 -11.20 1.51 -50.02
C PHE H 246 -11.88 1.96 -51.30
N ILE H 247 -13.21 2.02 -51.28
CA ILE H 247 -13.99 2.44 -52.44
C ILE H 247 -14.82 3.65 -52.04
N ASN H 248 -14.69 4.73 -52.79
CA ASN H 248 -15.33 6.00 -52.48
C ASN H 248 -16.11 6.43 -53.72
N PHE H 249 -17.45 6.31 -53.66
CA PHE H 249 -18.28 6.38 -54.86
C PHE H 249 -19.42 7.38 -54.70
N THR H 250 -19.66 8.15 -55.76
CA THR H 250 -20.83 8.99 -55.89
C THR H 250 -21.51 8.60 -57.18
N GLY H 251 -22.83 8.38 -57.12
CA GLY H 251 -23.58 8.02 -58.32
C GLY H 251 -24.97 7.54 -57.93
N SER H 252 -25.60 6.83 -58.87
CA SER H 252 -26.97 6.43 -58.69
C SER H 252 -27.07 5.36 -57.61
N THR H 253 -28.26 5.27 -57.01
CA THR H 253 -28.48 4.29 -55.96
C THR H 253 -28.30 2.86 -56.46
N PRO H 254 -28.86 2.45 -57.60
CA PRO H 254 -28.63 1.06 -58.06
C PRO H 254 -27.16 0.76 -58.34
N ILE H 255 -26.42 1.70 -58.93
CA ILE H 255 -25.00 1.46 -59.12
C ILE H 255 -24.28 1.36 -57.78
N GLY H 256 -24.67 2.19 -56.81
CA GLY H 256 -24.09 2.08 -55.48
C GLY H 256 -24.37 0.76 -54.80
N GLU H 257 -25.61 0.28 -54.90
CA GLU H 257 -25.91 -1.04 -54.31
C GLU H 257 -25.06 -2.12 -54.95
N GLY H 258 -24.78 -2.02 -56.25
CA GLY H 258 -23.90 -2.98 -56.90
C GLY H 258 -22.50 -2.96 -56.33
N ILE H 259 -21.96 -1.77 -56.07
CA ILE H 259 -20.63 -1.68 -55.48
C ILE H 259 -20.62 -2.29 -54.09
N GLY H 260 -21.72 -2.11 -53.34
CA GLY H 260 -21.76 -2.66 -52.00
C GLY H 260 -21.51 -4.15 -51.96
N LYS H 261 -22.07 -4.87 -52.93
CA LYS H 261 -21.94 -6.33 -52.89
C LYS H 261 -20.61 -6.82 -53.47
N LEU H 262 -19.81 -5.93 -54.06
CA LEU H 262 -18.46 -6.27 -54.48
C LEU H 262 -17.42 -5.76 -53.51
N ALA H 263 -17.81 -5.01 -52.48
CA ALA H 263 -16.85 -4.42 -51.56
C ALA H 263 -16.20 -5.46 -50.67
N GLY H 264 -16.93 -6.51 -50.30
CA GLY H 264 -16.36 -7.51 -49.42
C GLY H 264 -16.09 -6.92 -48.05
N MET H 265 -14.87 -7.11 -47.54
CA MET H 265 -14.49 -6.59 -46.24
C MET H 265 -13.92 -5.19 -46.33
N ARG H 266 -13.87 -4.61 -47.51
CA ARG H 266 -13.20 -3.32 -47.62
C ARG H 266 -14.18 -2.18 -47.34
N PRO H 267 -13.73 -1.17 -46.60
CA PRO H 267 -14.62 -0.05 -46.28
C PRO H 267 -14.99 0.70 -47.55
N ILE H 268 -16.24 1.18 -47.58
CA ILE H 268 -16.73 1.93 -48.72
C ILE H 268 -17.43 3.18 -48.22
N MET H 269 -17.56 4.15 -49.12
CA MET H 269 -18.39 5.34 -48.92
C MET H 269 -19.25 5.45 -50.16
N LEU H 270 -20.56 5.59 -49.96
CA LEU H 270 -21.52 5.70 -51.04
C LEU H 270 -22.32 6.98 -50.88
N GLU H 271 -22.39 7.78 -51.94
CA GLU H 271 -23.18 9.01 -51.97
C GLU H 271 -24.15 8.81 -53.12
N LEU H 272 -25.40 8.45 -52.81
CA LEU H 272 -26.35 7.97 -53.79
C LEU H 272 -27.45 8.99 -53.99
N GLY H 273 -28.64 8.53 -54.40
CA GLY H 273 -29.72 9.42 -54.73
C GLY H 273 -30.44 9.97 -53.51
N GLY H 274 -31.32 10.93 -53.77
CA GLY H 274 -32.12 11.51 -52.71
C GLY H 274 -33.50 11.89 -53.20
N LYS H 275 -34.41 12.07 -52.25
CA LYS H 275 -35.75 12.60 -52.52
C LYS H 275 -36.09 13.58 -51.38
N ASP H 276 -35.24 14.59 -51.25
CA ASP H 276 -35.31 15.48 -50.09
C ASP H 276 -36.68 16.16 -50.02
N SER H 277 -37.30 16.08 -48.85
CA SER H 277 -38.56 16.77 -48.63
C SER H 277 -38.28 18.19 -48.13
N ALA H 278 -39.15 19.10 -48.52
CA ALA H 278 -39.20 20.46 -47.97
C ALA H 278 -40.53 20.57 -47.24
N ILE H 279 -40.47 20.48 -45.91
CA ILE H 279 -41.65 20.53 -45.05
C ILE H 279 -41.94 21.99 -44.77
N VAL H 280 -43.10 22.46 -45.21
CA VAL H 280 -43.51 23.85 -45.06
C VAL H 280 -44.64 23.90 -44.04
N LEU H 281 -44.37 24.51 -42.90
CA LEU H 281 -45.35 24.53 -41.82
C LEU H 281 -46.27 25.75 -41.94
N GLU H 282 -47.37 25.70 -41.17
CA GLU H 282 -48.37 26.75 -41.28
CA GLU H 282 -48.39 26.74 -41.22
C GLU H 282 -47.79 28.13 -41.04
N ASP H 283 -46.77 28.25 -40.20
CA ASP H 283 -46.19 29.55 -39.85
C ASP H 283 -44.98 29.92 -40.69
N ALA H 284 -44.72 29.22 -41.78
CA ALA H 284 -43.52 29.47 -42.54
C ALA H 284 -43.60 30.79 -43.29
N ASP H 285 -42.43 31.34 -43.60
CA ASP H 285 -42.28 32.45 -44.55
C ASP H 285 -42.41 31.85 -45.95
N LEU H 286 -43.60 31.98 -46.54
CA LEU H 286 -43.89 31.25 -47.77
C LEU H 286 -43.08 31.78 -48.92
N ALA H 287 -42.82 33.09 -48.97
CA ALA H 287 -41.97 33.63 -50.02
C ALA H 287 -40.55 33.08 -49.90
N LEU H 288 -40.03 32.99 -48.68
CA LEU H 288 -38.69 32.44 -48.49
C LEU H 288 -38.66 30.95 -48.81
N ALA H 289 -39.70 30.23 -48.40
CA ALA H 289 -39.77 28.80 -48.73
C ALA H 289 -39.77 28.60 -50.24
N ALA H 290 -40.59 29.36 -50.95
CA ALA H 290 -40.65 29.21 -52.40
C ALA H 290 -39.31 29.50 -53.05
N LYS H 291 -38.63 30.57 -52.62
CA LYS H 291 -37.34 30.91 -53.18
C LYS H 291 -36.33 29.79 -52.99
N ASN H 292 -36.27 29.24 -51.79
CA ASN H 292 -35.31 28.17 -51.52
C ASN H 292 -35.70 26.89 -52.23
N ILE H 293 -36.99 26.54 -52.18
CA ILE H 293 -37.48 25.34 -52.84
C ILE H 293 -37.13 25.36 -54.33
N VAL H 294 -37.43 26.47 -55.01
CA VAL H 294 -37.19 26.54 -56.44
C VAL H 294 -35.69 26.52 -56.74
N ALA H 295 -34.89 27.24 -55.96
CA ALA H 295 -33.46 27.22 -56.20
C ALA H 295 -32.89 25.82 -56.01
N GLY H 296 -33.32 25.13 -54.97
CA GLY H 296 -32.81 23.82 -54.68
C GLY H 296 -33.34 22.76 -55.61
N ALA H 297 -34.61 22.87 -56.00
CA ALA H 297 -35.23 21.81 -56.78
C ALA H 297 -34.75 21.81 -58.21
N PHE H 298 -34.54 22.99 -58.79
CA PHE H 298 -34.28 23.12 -60.21
C PHE H 298 -32.86 23.51 -60.55
N GLY H 299 -31.99 23.64 -59.53
CA GLY H 299 -30.57 23.79 -59.80
C GLY H 299 -30.06 22.66 -60.70
N TYR H 300 -29.34 22.99 -61.78
CA TYR H 300 -28.81 21.98 -62.69
C TYR H 300 -29.91 21.06 -63.20
N SER H 301 -31.06 21.66 -63.50
CA SER H 301 -32.23 20.96 -64.03
C SER H 301 -32.70 19.83 -63.13
N GLY H 302 -32.42 19.93 -61.85
CA GLY H 302 -32.77 18.90 -60.89
C GLY H 302 -31.86 17.69 -60.83
N GLN H 303 -30.71 17.74 -61.50
CA GLN H 303 -29.79 16.61 -61.56
C GLN H 303 -28.80 16.64 -60.38
N ARG H 304 -29.36 16.54 -59.18
CA ARG H 304 -28.58 16.61 -57.96
C ARG H 304 -29.22 15.70 -56.92
N SER H 305 -28.38 15.00 -56.19
CA SER H 305 -28.86 14.17 -55.08
C SER H 305 -29.45 15.03 -53.98
N THR H 306 -28.76 16.10 -53.59
CA THR H 306 -29.19 17.01 -52.54
C THR H 306 -29.97 18.12 -53.22
N ALA H 307 -31.29 18.07 -53.13
CA ALA H 307 -32.14 18.99 -53.85
C ALA H 307 -33.56 18.73 -53.41
N VAL H 308 -34.32 19.81 -53.22
CA VAL H 308 -35.73 19.66 -52.88
C VAL H 308 -36.38 18.87 -54.01
N LYS H 309 -36.95 17.73 -53.68
CA LYS H 309 -37.61 16.89 -54.67
C LYS H 309 -39.06 16.62 -54.33
N ARG H 310 -39.55 17.08 -53.18
CA ARG H 310 -40.97 17.01 -52.87
C ARG H 310 -41.28 18.05 -51.81
N VAL H 311 -42.38 18.79 -52.00
CA VAL H 311 -42.84 19.78 -51.04
C VAL H 311 -43.97 19.14 -50.25
N LEU H 312 -43.80 19.02 -48.94
CA LEU H 312 -44.84 18.55 -48.02
C LEU H 312 -45.31 19.79 -47.27
N VAL H 313 -46.46 20.33 -47.67
CA VAL H 313 -46.95 21.62 -47.20
C VAL H 313 -48.28 21.44 -46.50
N MET H 314 -48.42 22.10 -45.35
CA MET H 314 -49.70 22.12 -44.65
C MET H 314 -50.76 22.76 -45.55
N ASP H 315 -51.92 22.12 -45.64
CA ASP H 315 -52.92 22.52 -46.62
C ASP H 315 -53.32 23.99 -46.47
N LYS H 316 -53.33 24.51 -45.24
CA LYS H 316 -53.78 25.88 -45.02
C LYS H 316 -52.98 26.89 -45.81
N VAL H 317 -51.68 26.63 -46.03
CA VAL H 317 -50.82 27.54 -46.76
C VAL H 317 -50.45 27.01 -48.13
N ALA H 318 -51.05 25.88 -48.54
CA ALA H 318 -50.61 25.22 -49.76
C ALA H 318 -50.92 26.05 -51.01
N ASP H 319 -52.12 26.61 -51.10
CA ASP H 319 -52.46 27.41 -52.27
C ASP H 319 -51.49 28.57 -52.43
N GLN H 320 -51.27 29.33 -51.36
CA GLN H 320 -50.39 30.48 -51.43
C GLN H 320 -48.96 30.07 -51.76
N LEU H 321 -48.47 28.99 -51.14
CA LEU H 321 -47.12 28.52 -51.46
C LEU H 321 -47.03 28.12 -52.93
N ALA H 322 -48.00 27.35 -53.40
CA ALA H 322 -47.98 26.91 -54.79
C ALA H 322 -47.87 28.09 -55.74
N ALA H 323 -48.66 29.14 -55.49
CA ALA H 323 -48.61 30.31 -56.35
C ALA H 323 -47.24 30.99 -56.30
N GLU H 324 -46.63 31.04 -55.10
CA GLU H 324 -45.32 31.65 -54.96
C GLU H 324 -44.26 30.84 -55.71
N ILE H 325 -44.31 29.50 -55.56
CA ILE H 325 -43.38 28.64 -56.29
C ILE H 325 -43.64 28.75 -57.79
N LYS H 326 -44.91 28.73 -58.19
CA LYS H 326 -45.24 28.78 -59.61
C LYS H 326 -44.65 30.02 -60.27
N THR H 327 -44.77 31.18 -59.62
CA THR H 327 -44.24 32.42 -60.20
C THR H 327 -42.75 32.30 -60.45
N LEU H 328 -42.01 31.70 -59.51
CA LEU H 328 -40.55 31.59 -59.67
C LEU H 328 -40.19 30.56 -60.74
N VAL H 329 -40.91 29.44 -60.79
CA VAL H 329 -40.62 28.43 -61.82
C VAL H 329 -40.83 29.02 -63.22
N GLU H 330 -41.86 29.84 -63.38
CA GLU H 330 -42.13 30.43 -64.68
C GLU H 330 -41.02 31.37 -65.12
N LYS H 331 -40.22 31.88 -64.18
CA LYS H 331 -39.14 32.81 -64.50
C LYS H 331 -37.82 32.11 -64.81
N LEU H 332 -37.71 30.81 -64.53
CA LEU H 332 -36.46 30.11 -64.81
C LEU H 332 -36.18 30.11 -66.32
N SER H 333 -34.94 30.37 -66.69
CA SER H 333 -34.57 30.35 -68.10
C SER H 333 -34.34 28.90 -68.51
N VAL H 334 -34.72 28.58 -69.75
CA VAL H 334 -34.64 27.22 -70.29
C VAL H 334 -33.86 27.34 -71.59
N GLY H 335 -32.69 26.69 -71.63
CA GLY H 335 -31.84 26.87 -72.78
C GLY H 335 -30.49 26.18 -72.70
N MET H 336 -29.45 26.79 -73.28
CA MET H 336 -28.19 26.12 -73.48
C MET H 336 -27.20 26.44 -72.36
N PRO H 337 -26.28 25.51 -72.11
CA PRO H 337 -25.26 25.77 -71.09
C PRO H 337 -24.44 27.02 -71.35
N GLU H 338 -24.12 27.31 -72.62
CA GLU H 338 -23.29 28.46 -72.90
C GLU H 338 -24.01 29.76 -72.55
N ASP H 339 -25.34 29.72 -72.46
CA ASP H 339 -26.14 30.89 -72.11
C ASP H 339 -26.46 30.93 -70.63
N ASP H 340 -25.89 30.03 -69.83
CA ASP H 340 -26.11 30.04 -68.39
C ASP H 340 -27.59 29.93 -68.03
N ALA H 341 -28.34 29.19 -68.84
CA ALA H 341 -29.74 28.93 -68.54
C ALA H 341 -29.87 28.22 -67.19
N ASP H 342 -30.95 28.53 -66.49
CA ASP H 342 -31.24 27.82 -65.24
C ASP H 342 -31.49 26.35 -65.53
N ILE H 343 -32.29 26.07 -66.56
CA ILE H 343 -32.66 24.73 -66.98
C ILE H 343 -31.92 24.43 -68.28
N THR H 344 -30.98 23.49 -68.23
CA THR H 344 -30.20 23.04 -69.37
C THR H 344 -30.64 21.64 -69.75
N PRO H 345 -30.24 21.17 -70.94
CA PRO H 345 -30.66 19.82 -71.37
C PRO H 345 -30.16 18.76 -70.40
N LEU H 346 -30.98 17.73 -70.19
CA LEU H 346 -30.58 16.64 -69.32
C LEU H 346 -29.42 15.86 -69.93
N ILE H 347 -28.82 15.00 -69.11
CA ILE H 347 -27.55 14.39 -69.45
C ILE H 347 -27.65 13.50 -70.69
N ASP H 348 -28.77 12.79 -70.85
CA ASP H 348 -28.93 11.92 -72.00
C ASP H 348 -30.42 11.64 -72.23
N THR H 349 -30.72 10.92 -73.30
CA THR H 349 -32.08 10.66 -73.71
C THR H 349 -32.80 9.78 -72.69
N SER H 350 -32.11 8.77 -72.17
CA SER H 350 -32.73 7.94 -71.14
C SER H 350 -33.20 8.78 -69.98
N ALA H 351 -32.39 9.77 -69.58
CA ALA H 351 -32.76 10.61 -68.45
C ALA H 351 -34.04 11.40 -68.75
N ALA H 352 -34.11 11.98 -69.94
CA ALA H 352 -35.26 12.79 -70.29
C ALA H 352 -36.51 11.93 -70.45
N ASP H 353 -36.35 10.74 -71.07
CA ASP H 353 -37.48 9.82 -71.18
C ASP H 353 -38.03 9.48 -69.81
N PHE H 354 -37.15 9.16 -68.86
CA PHE H 354 -37.58 8.80 -67.52
C PHE H 354 -38.37 9.93 -66.88
N VAL H 355 -37.83 11.14 -66.93
CA VAL H 355 -38.50 12.31 -66.36
C VAL H 355 -39.87 12.52 -67.00
N GLU H 356 -39.93 12.45 -68.34
CA GLU H 356 -41.22 12.61 -69.02
C GLU H 356 -42.21 11.56 -68.58
N GLY H 357 -41.73 10.37 -68.23
CA GLY H 357 -42.63 9.31 -67.79
C GLY H 357 -43.21 9.59 -66.42
N LEU H 358 -42.39 10.16 -65.52
CA LEU H 358 -42.92 10.56 -64.23
C LEU H 358 -43.93 11.68 -64.41
N ILE H 359 -43.65 12.59 -65.33
CA ILE H 359 -44.58 13.69 -65.60
C ILE H 359 -45.90 13.13 -66.10
N LYS H 360 -45.85 12.16 -67.00
CA LYS H 360 -47.09 11.63 -67.57
C LYS H 360 -47.89 10.88 -66.52
N ASP H 361 -47.23 10.09 -65.68
CA ASP H 361 -47.95 9.37 -64.63
C ASP H 361 -48.69 10.33 -63.73
N ALA H 362 -48.04 11.44 -63.35
CA ALA H 362 -48.68 12.40 -62.47
C ALA H 362 -49.87 13.06 -63.15
N THR H 363 -49.69 13.49 -64.41
CA THR H 363 -50.80 14.05 -65.17
C THR H 363 -51.95 13.07 -65.25
N ASP H 364 -51.65 11.81 -65.58
CA ASP H 364 -52.72 10.83 -65.79
C ASP H 364 -53.46 10.50 -64.50
N LYS H 365 -52.82 10.67 -63.36
CA LYS H 365 -53.45 10.38 -62.07
C LYS H 365 -54.09 11.63 -61.45
N GLY H 366 -54.19 12.72 -62.21
CA GLY H 366 -54.96 13.87 -61.77
C GLY H 366 -54.19 15.01 -61.14
N ALA H 367 -52.87 14.98 -61.15
CA ALA H 367 -52.11 16.09 -60.58
C ALA H 367 -52.29 17.34 -61.43
N THR H 368 -52.15 18.50 -60.81
CA THR H 368 -52.36 19.77 -61.49
C THR H 368 -51.01 20.32 -61.93
N ALA H 369 -50.81 20.44 -63.24
CA ALA H 369 -49.58 21.01 -63.80
C ALA H 369 -49.66 22.53 -63.70
N LEU H 370 -48.95 23.10 -62.73
CA LEU H 370 -48.90 24.55 -62.57
C LEU H 370 -48.01 25.22 -63.61
N THR H 371 -47.05 24.49 -64.19
CA THR H 371 -46.25 24.98 -65.30
C THR H 371 -46.26 23.90 -66.38
N ALA H 372 -46.08 24.34 -67.63
CA ALA H 372 -46.33 23.49 -68.78
C ALA H 372 -45.09 22.66 -69.10
N PHE H 373 -45.33 21.39 -69.39
CA PHE H 373 -44.28 20.51 -69.87
C PHE H 373 -43.99 20.75 -71.34
N ASN H 374 -42.72 20.88 -71.67
CA ASN H 374 -42.26 20.96 -73.05
C ASN H 374 -40.92 20.23 -73.12
N ARG H 375 -40.64 19.63 -74.28
CA ARG H 375 -39.39 18.91 -74.48
C ARG H 375 -38.88 19.19 -75.89
N GLU H 376 -37.70 19.78 -75.97
CA GLU H 376 -36.97 19.96 -77.23
C GLU H 376 -35.69 19.14 -77.08
N GLY H 377 -35.63 18.00 -77.75
CA GLY H 377 -34.54 17.07 -77.57
C GLY H 377 -34.60 16.50 -76.17
N ASN H 378 -33.56 16.75 -75.37
CA ASN H 378 -33.56 16.38 -73.95
C ASN H 378 -33.66 17.59 -73.04
N LEU H 379 -34.10 18.73 -73.58
CA LEU H 379 -34.31 19.95 -72.79
C LEU H 379 -35.77 19.96 -72.36
N ILE H 380 -36.01 19.58 -71.11
CA ILE H 380 -37.36 19.55 -70.55
C ILE H 380 -37.57 20.84 -69.77
N SER H 381 -38.64 21.56 -70.10
CA SER H 381 -38.99 22.76 -69.35
C SER H 381 -39.46 22.37 -67.97
N PRO H 382 -39.25 23.24 -66.96
CA PRO H 382 -39.50 22.84 -65.57
C PRO H 382 -40.99 22.69 -65.31
N VAL H 383 -41.38 21.58 -64.69
CA VAL H 383 -42.77 21.23 -64.48
C VAL H 383 -43.02 21.19 -62.98
N LEU H 384 -43.97 22.00 -62.54
CA LEU H 384 -44.40 22.05 -61.14
C LEU H 384 -45.77 21.40 -61.09
N PHE H 385 -45.92 20.40 -60.23
CA PHE H 385 -47.19 19.71 -60.02
C PHE H 385 -47.70 19.99 -58.63
N ASP H 386 -49.01 20.29 -58.52
CA ASP H 386 -49.71 20.41 -57.26
C ASP H 386 -50.71 19.27 -57.16
N HIS H 387 -51.18 19.05 -55.93
CA HIS H 387 -52.14 17.98 -55.66
C HIS H 387 -51.59 16.61 -56.04
N VAL H 388 -50.30 16.42 -55.76
CA VAL H 388 -49.64 15.15 -56.00
C VAL H 388 -49.98 14.23 -54.84
N THR H 389 -50.27 12.97 -55.16
CA THR H 389 -50.67 11.98 -54.16
C THR H 389 -49.69 10.81 -54.18
N THR H 390 -49.77 9.98 -53.13
CA THR H 390 -48.78 8.93 -52.93
C THR H 390 -48.94 7.77 -53.89
N ASP H 391 -50.02 7.72 -54.67
CA ASP H 391 -50.15 6.72 -55.71
C ASP H 391 -49.36 7.08 -56.96
N MET H 392 -48.72 8.24 -56.97
CA MET H 392 -48.03 8.73 -58.15
C MET H 392 -46.54 8.47 -57.99
N ARG H 393 -45.91 8.06 -59.09
CA ARG H 393 -44.48 7.75 -59.04
C ARG H 393 -43.67 8.98 -58.64
N LEU H 394 -44.13 10.17 -59.03
CA LEU H 394 -43.40 11.41 -58.76
C LEU H 394 -43.33 11.70 -57.28
N ALA H 395 -44.24 11.15 -56.48
CA ALA H 395 -44.15 11.33 -55.04
C ALA H 395 -42.89 10.72 -54.47
N TRP H 396 -42.32 9.72 -55.13
CA TRP H 396 -41.29 8.88 -54.53
C TRP H 396 -40.00 8.78 -55.34
N GLU H 397 -40.12 8.57 -56.64
CA GLU H 397 -38.96 8.25 -57.45
C GLU H 397 -38.12 9.48 -57.74
N GLU H 398 -36.81 9.32 -57.67
CA GLU H 398 -35.90 10.43 -57.95
C GLU H 398 -35.88 10.73 -59.44
N PRO H 399 -36.39 11.88 -59.91
CA PRO H 399 -36.40 12.09 -61.36
C PRO H 399 -35.02 12.35 -61.94
N PHE H 400 -34.17 13.09 -61.24
CA PHE H 400 -32.97 13.66 -61.85
C PHE H 400 -33.36 14.49 -63.07
N GLY H 401 -34.33 15.37 -62.86
CA GLY H 401 -34.83 16.24 -63.90
C GLY H 401 -35.71 17.32 -63.31
N PRO H 402 -36.13 18.27 -64.15
CA PRO H 402 -36.75 19.50 -63.62
C PRO H 402 -38.26 19.33 -63.44
N VAL H 403 -38.64 18.49 -62.49
CA VAL H 403 -40.04 18.28 -62.15
C VAL H 403 -40.16 18.22 -60.63
N LEU H 404 -41.11 18.95 -60.06
CA LEU H 404 -41.22 19.06 -58.60
C LEU H 404 -42.67 18.86 -58.19
N PRO H 405 -42.96 17.88 -57.33
CA PRO H 405 -44.33 17.73 -56.81
C PRO H 405 -44.56 18.45 -55.50
N ILE H 406 -45.77 18.99 -55.38
CA ILE H 406 -46.26 19.56 -54.13
C ILE H 406 -47.29 18.59 -53.58
N ILE H 407 -47.03 18.12 -52.37
CA ILE H 407 -47.89 17.15 -51.68
C ILE H 407 -48.48 17.84 -50.46
N ARG H 408 -49.81 17.84 -50.38
CA ARG H 408 -50.52 18.54 -49.31
C ARG H 408 -50.74 17.59 -48.15
N VAL H 409 -50.48 18.06 -46.94
CA VAL H 409 -50.67 17.30 -45.71
C VAL H 409 -51.51 18.16 -44.77
N THR H 410 -52.05 17.52 -43.73
CA THR H 410 -52.87 18.23 -42.75
C THR H 410 -52.26 18.27 -41.35
N THR H 411 -51.18 17.51 -41.11
CA THR H 411 -50.50 17.55 -39.83
C THR H 411 -48.99 17.39 -40.06
N VAL H 412 -48.21 17.87 -39.10
CA VAL H 412 -46.76 17.65 -39.17
C VAL H 412 -46.49 16.17 -39.06
N GLU H 413 -47.31 15.44 -38.29
CA GLU H 413 -47.10 14.00 -38.14
C GLU H 413 -47.24 13.30 -39.48
N GLU H 414 -48.17 13.76 -40.31
CA GLU H 414 -48.32 13.20 -41.65
C GLU H 414 -47.14 13.57 -42.52
N ALA H 415 -46.60 14.79 -42.37
CA ALA H 415 -45.45 15.17 -43.16
C ALA H 415 -44.24 14.32 -42.79
N ILE H 416 -44.06 14.05 -41.50
CA ILE H 416 -42.94 13.23 -41.05
C ILE H 416 -43.07 11.82 -41.58
N LYS H 417 -44.29 11.24 -41.47
CA LYS H 417 -44.51 9.89 -41.95
C LYS H 417 -44.23 9.77 -43.45
N ILE H 418 -44.80 10.68 -44.25
CA ILE H 418 -44.58 10.62 -45.69
C ILE H 418 -43.10 10.80 -46.00
N SER H 419 -42.44 11.76 -45.35
CA SER H 419 -41.02 11.98 -45.60
C SER H 419 -40.23 10.71 -45.35
N ASN H 420 -40.45 10.07 -44.21
CA ASN H 420 -39.69 8.90 -43.80
C ASN H 420 -40.08 7.65 -44.57
N GLU H 421 -41.26 7.64 -45.19
CA GLU H 421 -41.66 6.51 -46.02
C GLU H 421 -40.76 6.36 -47.24
N SER H 422 -40.08 7.42 -47.65
CA SER H 422 -39.18 7.33 -48.79
C SER H 422 -38.07 6.35 -48.48
N GLU H 423 -37.60 5.65 -49.53
CA GLU H 423 -36.41 4.81 -49.38
C GLU H 423 -35.14 5.64 -49.29
N TYR H 424 -35.21 6.94 -49.62
CA TYR H 424 -34.08 7.84 -49.54
C TYR H 424 -34.12 8.59 -48.22
N GLY H 425 -32.95 9.05 -47.80
CA GLY H 425 -32.88 9.79 -46.55
C GLY H 425 -31.65 10.67 -46.51
N LEU H 426 -31.55 11.58 -47.47
CA LEU H 426 -30.34 12.39 -47.64
C LEU H 426 -30.45 13.63 -46.76
N GLN H 427 -31.28 14.58 -47.16
CA GLN H 427 -31.49 15.81 -46.43
C GLN H 427 -32.97 16.18 -46.44
N ALA H 428 -33.30 17.15 -45.60
CA ALA H 428 -34.65 17.68 -45.54
C ALA H 428 -34.54 19.16 -45.23
N SER H 429 -35.58 19.90 -45.61
CA SER H 429 -35.76 21.30 -45.26
C SER H 429 -37.04 21.42 -44.43
N ILE H 430 -36.99 22.26 -43.40
CA ILE H 430 -38.15 22.61 -42.60
C ILE H 430 -38.30 24.12 -42.58
N PHE H 431 -39.41 24.61 -43.09
CA PHE H 431 -39.71 26.04 -43.11
C PHE H 431 -40.77 26.27 -42.05
N THR H 432 -40.39 27.03 -41.03
CA THR H 432 -41.24 27.37 -39.89
C THR H 432 -40.51 28.43 -39.07
N THR H 433 -41.26 29.14 -38.23
CA THR H 433 -40.68 30.07 -37.29
C THR H 433 -40.51 29.46 -35.90
N ASN H 434 -40.92 28.20 -35.70
CA ASN H 434 -40.80 27.55 -34.40
C ASN H 434 -39.59 26.61 -34.48
N PHE H 435 -38.44 27.13 -34.10
N PHE H 435 -38.43 27.11 -34.07
CA PHE H 435 -37.19 26.38 -34.21
CA PHE H 435 -37.13 26.45 -34.14
C PHE H 435 -37.14 25.24 -33.21
C PHE H 435 -37.01 25.30 -33.17
N PRO H 436 -37.54 25.43 -31.94
CA PRO H 436 -37.60 24.26 -31.05
C PRO H 436 -38.46 23.15 -31.62
N LYS H 437 -39.62 23.49 -32.18
CA LYS H 437 -40.44 22.48 -32.85
C LYS H 437 -39.71 21.90 -34.05
N ALA H 438 -39.06 22.77 -34.85
CA ALA H 438 -38.31 22.27 -36.00
C ALA H 438 -37.23 21.28 -35.59
N PHE H 439 -36.54 21.54 -34.47
CA PHE H 439 -35.53 20.61 -33.99
C PHE H 439 -36.16 19.28 -33.63
N GLY H 440 -37.34 19.31 -33.00
CA GLY H 440 -38.02 18.07 -32.68
C GLY H 440 -38.42 17.30 -33.93
N ILE H 441 -38.84 18.02 -34.96
CA ILE H 441 -39.13 17.35 -36.23
C ILE H 441 -37.85 16.76 -36.79
N ALA H 442 -36.76 17.53 -36.75
CA ALA H 442 -35.50 17.07 -37.30
C ALA H 442 -35.07 15.75 -36.69
N GLU H 443 -35.24 15.60 -35.38
CA GLU H 443 -34.87 14.34 -34.74
C GLU H 443 -35.66 13.17 -35.32
N GLN H 444 -36.89 13.41 -35.74
CA GLN H 444 -37.70 12.32 -36.25
C GLN H 444 -37.44 12.00 -37.72
N LEU H 445 -36.85 12.93 -38.47
CA LEU H 445 -36.65 12.72 -39.89
C LEU H 445 -35.44 11.82 -40.13
N GLU H 446 -35.66 10.77 -40.94
CA GLU H 446 -34.61 9.79 -41.24
C GLU H 446 -33.75 10.31 -42.40
N VAL H 447 -32.93 11.30 -42.08
CA VAL H 447 -32.05 11.95 -43.03
C VAL H 447 -30.73 12.26 -42.36
N GLY H 448 -29.76 12.64 -43.18
CA GLY H 448 -28.47 13.04 -42.66
C GLY H 448 -28.44 14.45 -42.12
N THR H 449 -28.99 15.39 -42.88
CA THR H 449 -28.95 16.80 -42.55
C THR H 449 -30.33 17.41 -42.72
N VAL H 450 -30.72 18.26 -41.79
CA VAL H 450 -31.96 19.04 -41.87
C VAL H 450 -31.57 20.50 -41.90
N HIS H 451 -32.03 21.21 -42.94
CA HIS H 451 -31.78 22.64 -43.07
C HIS H 451 -33.03 23.39 -42.65
N LEU H 452 -32.88 24.36 -41.74
CA LEU H 452 -34.01 25.12 -41.22
C LEU H 452 -34.13 26.42 -42.01
N ASN H 453 -35.31 26.64 -42.57
CA ASN H 453 -35.59 27.85 -43.35
C ASN H 453 -34.57 28.05 -44.47
N ASN H 454 -34.13 26.95 -45.06
CA ASN H 454 -33.20 27.02 -46.18
C ASN H 454 -33.32 25.73 -46.97
N LYS H 455 -33.02 25.83 -48.27
CA LYS H 455 -32.96 24.66 -49.11
C LYS H 455 -31.92 23.67 -48.61
N THR H 456 -32.13 22.40 -48.90
CA THR H 456 -31.09 21.42 -48.62
C THR H 456 -29.86 21.71 -49.50
N GLN H 457 -28.70 21.32 -49.00
CA GLN H 457 -27.45 21.58 -49.71
C GLN H 457 -26.34 20.74 -49.08
N ARG H 458 -25.34 20.43 -49.90
CA ARG H 458 -24.18 19.71 -49.38
C ARG H 458 -23.26 20.63 -48.56
N GLY H 459 -23.24 21.92 -48.87
CA GLY H 459 -22.30 22.83 -48.24
C GLY H 459 -22.77 23.32 -46.88
N THR H 460 -21.90 24.07 -46.21
CA THR H 460 -20.50 24.30 -46.58
C THR H 460 -19.75 22.97 -46.43
N ASP H 461 -18.67 22.81 -47.20
CA ASP H 461 -18.03 21.50 -47.34
C ASP H 461 -17.29 21.04 -46.10
N ASN H 462 -17.16 21.89 -45.08
CA ASN H 462 -16.66 21.42 -43.79
C ASN H 462 -17.74 20.73 -42.97
N PHE H 463 -19.02 20.99 -43.26
CA PHE H 463 -20.11 20.36 -42.55
C PHE H 463 -20.20 18.88 -42.96
N PRO H 464 -20.70 18.03 -42.08
CA PRO H 464 -20.94 16.63 -42.49
C PRO H 464 -21.91 16.58 -43.66
N PHE H 465 -21.68 15.62 -44.55
CA PHE H 465 -22.59 15.30 -45.63
C PHE H 465 -22.79 13.80 -45.65
N LEU H 466 -24.02 13.36 -45.39
CA LEU H 466 -24.32 11.95 -45.31
C LEU H 466 -25.79 11.70 -45.61
N GLY H 467 -26.07 10.51 -46.09
CA GLY H 467 -27.44 10.10 -46.34
C GLY H 467 -27.74 8.78 -45.67
N ALA H 468 -28.94 8.69 -45.11
CA ALA H 468 -29.45 7.49 -44.49
C ALA H 468 -30.12 6.61 -45.54
N LYS H 469 -30.36 5.36 -45.16
CA LYS H 469 -31.16 4.41 -45.98
C LYS H 469 -30.50 4.29 -47.36
N LYS H 470 -31.24 4.40 -48.45
CA LYS H 470 -30.69 4.16 -49.77
C LYS H 470 -29.92 5.38 -50.31
N SER H 471 -29.77 6.44 -49.52
CA SER H 471 -29.02 7.62 -49.95
C SER H 471 -27.51 7.46 -49.78
N GLY H 472 -27.04 6.44 -49.10
CA GLY H 472 -25.62 6.13 -49.13
C GLY H 472 -25.14 5.54 -47.82
N ALA H 473 -23.82 5.63 -47.65
CA ALA H 473 -23.13 5.05 -46.50
C ALA H 473 -21.88 5.88 -46.29
N GLY H 474 -21.55 6.13 -45.04
CA GLY H 474 -20.40 6.93 -44.68
C GLY H 474 -20.75 8.39 -44.50
N VAL H 475 -19.81 9.14 -43.95
CA VAL H 475 -19.98 10.55 -43.66
C VAL H 475 -18.87 11.33 -44.35
N GLN H 476 -19.26 12.26 -45.21
CA GLN H 476 -18.33 13.11 -45.91
C GLN H 476 -18.50 14.54 -45.40
N GLY H 477 -18.05 15.50 -46.19
CA GLY H 477 -17.57 16.73 -45.58
C GLY H 477 -16.11 16.50 -45.25
N VAL H 478 -15.29 17.56 -45.21
CA VAL H 478 -13.85 17.36 -45.37
C VAL H 478 -13.28 16.51 -44.25
N LYS H 479 -13.43 16.94 -43.00
CA LYS H 479 -12.76 16.19 -41.94
C LYS H 479 -13.31 14.79 -41.86
N TYR H 480 -14.60 14.60 -42.15
CA TYR H 480 -15.22 13.29 -42.03
C TYR H 480 -14.69 12.34 -43.10
N SER H 481 -14.48 12.85 -44.32
CA SER H 481 -13.91 12.02 -45.36
C SER H 481 -12.49 11.60 -45.02
N ILE H 482 -11.69 12.53 -44.46
CA ILE H 482 -10.34 12.18 -44.03
C ILE H 482 -10.39 11.08 -42.97
N GLU H 483 -11.27 11.23 -41.99
CA GLU H 483 -11.39 10.22 -40.94
C GLU H 483 -11.76 8.86 -41.53
N ALA H 484 -12.65 8.85 -42.51
CA ALA H 484 -13.11 7.57 -43.07
C ALA H 484 -11.98 6.85 -43.79
N MET H 485 -11.09 7.61 -44.44
CA MET H 485 -10.00 7.04 -45.23
C MET H 485 -8.69 6.99 -44.45
N THR H 486 -8.79 6.90 -43.13
CA THR H 486 -7.64 6.65 -42.28
C THR H 486 -8.02 5.54 -41.31
N THR H 487 -7.02 4.81 -40.84
CA THR H 487 -7.21 3.87 -39.75
C THR H 487 -6.29 4.32 -38.63
N VAL H 488 -6.03 3.44 -37.65
CA VAL H 488 -5.15 3.75 -36.55
C VAL H 488 -4.15 2.62 -36.38
N LYS H 489 -3.00 2.96 -35.82
CA LYS H 489 -1.96 2.02 -35.39
C LYS H 489 -1.71 2.34 -33.93
N SER H 490 -1.90 1.36 -33.05
CA SER H 490 -1.73 1.52 -31.62
C SER H 490 -0.43 0.86 -31.21
N VAL H 491 0.43 1.62 -30.51
CA VAL H 491 1.66 1.11 -29.90
C VAL H 491 1.48 1.21 -28.40
N VAL H 492 1.56 0.07 -27.74
CA VAL H 492 1.27 -0.05 -26.31
C VAL H 492 2.55 -0.47 -25.59
N PHE H 493 2.86 0.22 -24.50
CA PHE H 493 4.03 -0.14 -23.72
C PHE H 493 3.78 0.20 -22.25
N ASP H 494 4.62 -0.38 -21.40
CA ASP H 494 4.53 -0.21 -19.96
C ASP H 494 5.60 0.77 -19.49
N ILE H 495 5.15 1.81 -18.79
CA ILE H 495 6.07 2.76 -18.17
C ILE H 495 6.74 2.10 -16.97
N GLN H 496 8.01 2.42 -16.77
CA GLN H 496 8.76 1.89 -15.62
C GLN H 496 9.34 3.05 -14.83
S SO4 I . 29.48 -27.08 11.53
O1 SO4 I . 28.46 -26.79 10.52
O2 SO4 I . 29.57 -28.52 11.68
O3 SO4 I . 30.77 -26.53 11.11
O4 SO4 I . 29.15 -26.47 12.81
C1 A1JDY J . 22.51 -37.05 3.43
C13 A1JDY J . 21.87 -35.27 4.96
N A1JDY J . 21.78 -34.95 2.67
C A1JDY J . 22.35 -36.58 4.76
O A1JDY J . 22.65 -37.41 5.85
C12 A1JDY J . 22.21 -36.16 2.40
N1 A1JDY J . 21.59 -34.52 3.93
H11 A1JDY J . 22.86 -38.06 3.23
H131 A1JDY J . 21.74 -34.88 5.98
HO1 A1JDY J . 23.30 -38.05 5.59
H121 A1JDY J . 22.33 -36.46 1.38
C1 GOL K . 13.75 -24.89 -8.99
O1 GOL K . 13.19 -24.49 -10.23
C2 GOL K . 13.67 -26.43 -8.93
O2 GOL K . 14.31 -27.03 -10.00
C3 GOL K . 14.29 -26.76 -7.58
O3 GOL K . 14.44 -28.18 -7.54
H11 GOL K . 13.27 -24.51 -8.23
H12 GOL K . 14.68 -24.61 -8.89
HO1 GOL K . 13.20 -25.18 -10.73
H2 GOL K . 12.74 -26.73 -8.99
HO2 GOL K . 14.67 -27.74 -9.71
H31 GOL K . 13.72 -26.42 -6.87
H32 GOL K . 15.13 -26.29 -7.49
HO3 GOL K . 14.63 -28.37 -6.73
C1 A1JDY L . -15.34 -35.10 17.99
C13 A1JDY L . -13.63 -33.85 19.19
N A1JDY L . -14.09 -36.05 19.77
C A1JDY L . -14.61 -33.89 18.19
O A1JDY L . -14.88 -32.76 17.40
C12 A1JDY L . -15.02 -36.18 18.83
N1 A1JDY L . -13.39 -34.91 19.94
H11 A1JDY L . -16.09 -35.18 17.23
H131 A1JDY L . -13.07 -32.93 19.36
HO1 A1JDY L . -14.86 -33.02 16.49
H121 A1JDY L . -15.54 -37.12 18.72
S SO4 M . -14.13 -24.83 28.47
O1 SO4 M . -14.72 -24.41 27.20
O2 SO4 M . -13.62 -26.19 28.33
O3 SO4 M . -13.05 -23.90 28.83
O4 SO4 M . -15.14 -24.78 29.54
C1 A1JDY N . 22.44 -9.81 62.11
C13 A1JDY N . 21.45 -10.45 59.98
N A1JDY N . 20.11 -9.74 61.73
C A1JDY N . 22.61 -10.26 60.76
O A1JDY N . 23.89 -10.54 60.26
C12 A1JDY N . 21.13 -9.55 62.53
N1 A1JDY N . 20.26 -10.18 60.49
H11 A1JDY N . 23.29 -9.66 62.76
H131 A1JDY N . 21.54 -10.81 58.96
HO1 A1JDY N . 24.08 -11.45 60.38
H121 A1JDY N . 20.97 -9.19 63.54
S SO4 O . 18.97 -22.22 54.92
O1 SO4 O . 18.66 -22.53 53.53
O2 SO4 O . 18.73 -23.38 55.78
O3 SO4 O . 20.39 -21.85 54.97
O4 SO4 O . 18.17 -21.09 55.42
S SO4 P . 37.11 0.06 65.67
O1 SO4 P . 36.31 0.34 64.48
O2 SO4 P . 38.26 0.98 65.74
O3 SO4 P . 36.27 0.25 66.85
O4 SO4 P . 37.59 -1.32 65.63
S SO4 Q . 12.44 10.37 21.83
O1 SO4 Q . 12.45 10.95 20.46
O2 SO4 Q . 12.00 8.96 21.70
O3 SO4 Q . 13.79 10.47 22.41
O4 SO4 Q . 11.48 11.10 22.65
C1 A1JDY R . 17.26 18.46 33.14
C13 A1JDY R . 17.06 16.14 32.57
N A1JDY R . 19.07 17.24 32.27
C A1JDY R . 16.47 17.30 33.06
O A1JDY R . 15.15 17.31 33.48
C12 A1JDY R . 18.59 18.38 32.72
N1 A1JDY R . 18.32 16.16 32.20
H11 A1JDY R . 16.85 19.40 33.51
H131 A1JDY R . 16.49 15.21 32.50
HO1 A1JDY R . 14.79 18.18 33.41
H121 A1JDY R . 19.23 19.25 32.76
S SO4 S . 10.47 27.65 46.38
O1 SO4 S . 9.78 27.63 45.08
O2 SO4 S . 11.76 28.35 46.23
O3 SO4 S . 9.66 28.38 47.36
O4 SO4 S . 10.71 26.27 46.80
S SO4 T . 10.38 24.40 42.90
O1 SO4 T . 9.88 25.24 41.80
O2 SO4 T . 11.82 24.61 43.06
O3 SO4 T . 9.71 24.77 44.16
O4 SO4 T . 10.11 22.99 42.58
S SO4 U . -29.19 25.82 -10.64
O1 SO4 U . -30.65 25.79 -10.62
O2 SO4 U . -28.64 25.53 -9.30
O3 SO4 U . -28.69 24.81 -11.57
O4 SO4 U . -28.73 27.17 -11.03
C1 A1JDY V . -22.19 36.14 -2.51
C13 A1JDY V . -21.81 35.05 -4.64
N A1JDY V . -22.57 37.24 -4.57
C A1JDY V . -21.78 35.00 -3.24
O A1JDY V . -21.40 33.82 -2.57
C12 A1JDY V . -22.59 37.27 -3.26
N1 A1JDY V . -22.19 36.15 -5.25
H11 A1JDY V . -22.19 36.15 -1.44
H131 A1JDY V . -21.50 34.19 -5.22
HO1 A1JDY V . -21.88 33.75 -1.76
H121 A1JDY V . -22.92 38.16 -2.74
S SO4 W . 13.46 26.54 -30.06
O1 SO4 W . 12.40 25.63 -30.56
O2 SO4 W . 13.52 26.50 -28.60
O3 SO4 W . 14.73 26.10 -30.63
O4 SO4 W . 13.15 27.90 -30.51
C1 A1JDY X . 14.59 37.00 -19.57
C13 A1JDY X . 13.13 35.21 -20.31
N A1JDY X . 14.59 34.89 -18.54
C A1JDY X . 13.57 36.53 -20.44
O A1JDY X . 13.05 37.37 -21.42
C12 A1JDY X . 15.06 36.11 -18.61
N1 A1JDY X . 13.62 34.44 -19.37
H11 A1JDY X . 14.97 38.02 -19.64
H131 A1JDY X . 12.36 34.82 -20.97
HO1 A1JDY X . 13.53 37.26 -22.23
H121 A1JDY X . 15.82 36.43 -17.90
C1 A1JDY Y . -11.99 -18.64 -35.13
C13 A1JDY Y . -11.50 -16.28 -34.87
N A1JDY Y . -10.00 -17.67 -35.95
C A1JDY Y . -12.38 -17.37 -34.65
O A1JDY Y . -13.59 -17.20 -33.98
C12 A1JDY Y . -10.76 -18.71 -35.80
N1 A1JDY Y . -10.38 -16.46 -35.51
H11 A1JDY Y . -12.61 -19.51 -34.99
H131 A1JDY Y . -11.78 -15.30 -34.52
HO1 A1JDY Y . -13.75 -17.93 -33.42
H121 A1JDY Y . -10.45 -19.67 -36.19
S SO4 Z . -6.93 -10.36 -23.97
O1 SO4 Z . -8.26 -11.00 -23.82
O2 SO4 Z . -5.94 -10.98 -23.07
O3 SO4 Z . -6.48 -10.46 -25.36
O4 SO4 Z . -7.08 -8.92 -23.61
S SO4 AA . -26.94 -27.60 -39.95
O1 SO4 AA . -28.28 -28.16 -40.17
O2 SO4 AA . -26.50 -27.91 -38.59
O3 SO4 AA . -26.00 -28.19 -40.91
O4 SO4 AA . -26.96 -26.14 -40.14
S SO4 BA . -24.57 22.42 -52.83
O1 SO4 BA . -25.47 21.27 -52.66
O2 SO4 BA . -23.75 22.65 -51.63
O3 SO4 BA . -23.70 22.16 -53.98
O4 SO4 BA . -25.37 23.62 -53.11
C1 A1JDY CA . -27.65 9.91 -60.14
C13 A1JDY CA . -26.87 10.44 -57.91
N A1JDY CA . -29.10 9.90 -58.31
C A1JDY CA . -26.58 10.28 -59.27
O A1JDY CA . -25.29 10.45 -59.76
C12 A1JDY CA . -28.91 9.75 -59.59
N1 A1JDY CA . -28.10 10.25 -57.48
H11 A1JDY CA . -27.48 9.75 -61.21
H131 A1JDY CA . -26.08 10.71 -57.21
HO1 A1JDY CA . -25.32 10.68 -60.68
H121 A1JDY CA . -29.75 9.48 -60.22
C1 GOL DA . -19.66 3.12 -69.69
O1 GOL DA . -18.60 3.66 -70.51
C2 GOL DA . -20.21 4.34 -68.95
O2 GOL DA . -21.45 4.73 -69.48
C3 GOL DA . -20.28 3.93 -67.48
O3 GOL DA . -19.79 5.06 -66.70
H11 GOL DA . -19.35 2.46 -69.06
H12 GOL DA . -20.36 2.70 -70.21
HO1 GOL DA . -17.92 3.71 -70.00
H2 GOL DA . -19.63 5.11 -69.03
HO2 GOL DA . -21.73 5.41 -69.06
H31 GOL DA . -19.75 3.12 -67.36
H32 GOL DA . -21.19 3.67 -67.27
HO3 GOL DA . -20.19 5.76 -66.99
S SO4 EA . -20.54 -0.47 -72.56
O1 SO4 EA . -21.89 -1.06 -72.62
O2 SO4 EA . -19.68 -1.23 -73.48
O3 SO4 EA . -20.61 0.93 -72.98
O4 SO4 EA . -20.06 -0.55 -71.17
C1 GOL FA . -41.80 3.78 -51.77
O1 GOL FA . -40.92 4.16 -50.75
C2 GOL FA . -43.15 4.39 -51.42
O2 GOL FA . -44.11 4.18 -52.44
C3 GOL FA . -43.57 3.71 -50.10
O3 GOL FA . -44.98 3.94 -49.97
H11 GOL FA . -41.90 2.81 -51.84
H12 GOL FA . -41.52 4.08 -52.65
HO1 GOL FA . -40.15 4.22 -51.09
H2 GOL FA . -43.06 5.36 -51.31
HO2 GOL FA . -44.72 4.76 -52.33
H31 GOL FA . -43.05 4.08 -49.38
H32 GOL FA . -43.34 2.77 -50.15
HO3 GOL FA . -45.34 3.64 -50.68
#